data_8ZDW
#
_entry.id   8ZDW
#
_cell.length_a   1.00
_cell.length_b   1.00
_cell.length_c   1.00
_cell.angle_alpha   90.00
_cell.angle_beta   90.00
_cell.angle_gamma   90.00
#
_symmetry.space_group_name_H-M   'P 1'
#
loop_
_entity.id
_entity.type
_entity.pdbx_description
1 polymer Hemagglutinin
2 polymer Hemagglutinin
3 polymer 'H5M9 Fab, light chain'
4 polymer 'Anti-H5N1 hemagglutinin monoclonal anitbody H5M9 heavy chain'
5 branched 2-acetamido-2-deoxy-beta-D-glucopyranose-(1-4)-2-acetamido-2-deoxy-beta-D-glucopyranose
6 branched beta-D-mannopyranose-(1-4)-2-acetamido-2-deoxy-beta-D-glucopyranose-(1-4)-2-acetamido-2-deoxy-beta-D-glucopyranose
7 branched 'N-acetyl-alpha-neuraminic acid-(2-3)-beta-D-galactopyranose-(1-4)-2-acetamido-2-deoxy-beta-D-glucopyranose'
8 non-polymer 2-acetamido-2-deoxy-beta-D-glucopyranose
#
loop_
_entity_poly.entity_id
_entity_poly.type
_entity_poly.pdbx_seq_one_letter_code
_entity_poly.pdbx_strand_id
1 'polypeptide(L)'
;MEKIVLLFAIVSLVKSDQICIGYHANNSTEQVDTIMEKNVTVTHAQDILEKKHNGKLCDLDGVKPLILRDCSVAGWLLGN
PMCDEFINVPEWSYIVEKANPVNDLCYPGDFNDYEELKHLLSRINHFEKIQIIPKSSWSSHEASLGVSSACPYQGKSSFF
RNVVWLIKKNSTYPTIKRSYNNTNQEDLLVLWGIHHPNDAAEQTKLYQNPTTYISVGTSTLNQRLVPRIATRSKVNGQSG
RMEFFWTILKPNDAINFESNGNFIAPEYAYKIVKKGDSTIMKSELEYGNCNTKCQTPMGAINSSMPFHNIHPLTIGECPK
YVKSNRLVLATGLRNSP
;
A,C,H
2 'polypeptide(L)'
;QRERRRKKRGLFGAIAGFIEGGWQGMVDGWYGYHHSNEQGSGYAADKESTQKAIDGVTNKVNSIIDKMNTQFEAVGREFN
NLERRIENLNKKMEDGFLDVWTYNAELLVLMENERTLDFHDSNVKNLYDKVRLQLRDNAKELGNGCFEFYHKCDNECMES
VRNGTYDYPQYSEEARLKREEISGVKLESIGIYQILSIYSTVASSLALAIMVAGLSLWMCSNGSLQCR
;
B,D,I
3 'polypeptide(L)'
;DIVLTQSPGSLTVSLGQRATISCRASESVDNFGKSFMHWYQQKPGQSPKLLIYRASNREFGIPARFNGSGSGTDFALTIN
PVEADDVATYFCQQSNEDPRTFGGGTKLEIKRADAAPTVSIFPPSSEQLTSGGASVVCFLNNFYPKDINVKWKIDGSERQ
NGVLNSWTDQDSKDSTYSMSSTLTLTKDEYERHNSYTCEATHKTSTSPIVKSFNRNE
;
R,E,J
4 'polypeptide(L)'
;EVHLQQSGPELVKPGASVKMSCKTSGYTFTEYTIHWMKQSHGKSLEWIGGIFPNNGDTTYNQKFKVRATLTVGRSSSTAY
MDLRSLTSEDSAVYYCVRNYGSSYGYFDVWGAGTTVTVSSAKTTPPSVYPLAPGSAAQTNSMVTLGCLVKGYFPEPVTVT
WNSGSLSSGVHTFPAVLQSDLYTLSSSVTVPSSTWPSETVTCNVAHPASSTKVDKKIVPRDC
;
U,F,L
#
loop_
_chem_comp.id
_chem_comp.type
_chem_comp.name
_chem_comp.formula
BMA D-saccharide, beta linking beta-D-mannopyranose 'C6 H12 O6'
GAL D-saccharide, beta linking beta-D-galactopyranose 'C6 H12 O6'
NAG D-saccharide, beta linking 2-acetamido-2-deoxy-beta-D-glucopyranose 'C8 H15 N O6'
SIA D-saccharide, alpha linking 'N-acetyl-alpha-neuraminic acid' 'C11 H19 N O9'
#
# COMPACT_ATOMS: atom_id res chain seq x y z
N ASP A 17 -54.12 -22.20 -48.70
CA ASP A 17 -52.67 -22.14 -48.56
C ASP A 17 -52.25 -21.11 -47.51
N GLN A 18 -51.12 -21.36 -46.86
CA GLN A 18 -50.72 -20.64 -45.65
C GLN A 18 -49.24 -20.30 -45.70
N ILE A 19 -48.90 -19.14 -45.14
CA ILE A 19 -47.52 -18.71 -44.94
C ILE A 19 -47.41 -18.10 -43.55
N CYS A 20 -46.35 -18.47 -42.83
CA CYS A 20 -46.18 -18.04 -41.45
C CYS A 20 -44.73 -17.61 -41.21
N ILE A 21 -44.47 -17.11 -40.00
CA ILE A 21 -43.16 -16.63 -39.59
C ILE A 21 -42.60 -17.59 -38.55
N GLY A 22 -41.27 -17.69 -38.49
CA GLY A 22 -40.63 -18.60 -37.56
C GLY A 22 -39.17 -18.28 -37.36
N TYR A 23 -38.55 -19.06 -36.47
CA TYR A 23 -37.18 -18.83 -36.04
C TYR A 23 -36.44 -20.15 -35.95
N HIS A 24 -35.11 -20.06 -35.93
CA HIS A 24 -34.27 -21.24 -35.84
C HIS A 24 -34.48 -21.95 -34.50
N ALA A 25 -34.51 -23.28 -34.54
CA ALA A 25 -34.62 -24.10 -33.36
C ALA A 25 -33.62 -25.24 -33.45
N ASN A 26 -33.13 -25.69 -32.30
CA ASN A 26 -32.13 -26.74 -32.24
C ASN A 26 -32.43 -27.66 -31.06
N ASN A 27 -31.89 -28.87 -31.14
CA ASN A 27 -32.04 -29.87 -30.09
C ASN A 27 -30.91 -29.82 -29.06
N SER A 28 -30.02 -28.83 -29.17
CA SER A 28 -28.92 -28.71 -28.23
C SER A 28 -29.43 -28.31 -26.85
N THR A 29 -28.63 -28.64 -25.83
CA THR A 29 -28.99 -28.38 -24.43
C THR A 29 -27.98 -27.48 -23.75
N GLU A 30 -27.32 -26.60 -24.51
CA GLU A 30 -26.36 -25.67 -23.93
C GLU A 30 -27.06 -24.74 -22.94
N GLN A 31 -26.43 -24.57 -21.77
CA GLN A 31 -27.01 -23.78 -20.69
C GLN A 31 -26.27 -22.46 -20.57
N VAL A 32 -27.02 -21.36 -20.56
CA VAL A 32 -26.48 -20.01 -20.37
C VAL A 32 -27.24 -19.39 -19.20
N ASP A 33 -26.61 -18.43 -18.54
CA ASP A 33 -27.19 -17.78 -17.37
C ASP A 33 -27.56 -16.34 -17.67
N THR A 34 -28.56 -15.85 -16.93
CA THR A 34 -28.99 -14.46 -17.02
C THR A 34 -29.59 -14.07 -15.68
N ILE A 35 -29.71 -12.75 -15.46
CA ILE A 35 -30.09 -12.25 -14.15
C ILE A 35 -31.53 -12.62 -13.81
N MET A 36 -32.42 -12.56 -14.80
CA MET A 36 -33.84 -12.80 -14.52
C MET A 36 -34.08 -14.23 -14.07
N GLU A 37 -33.50 -15.20 -14.74
CA GLU A 37 -33.59 -16.60 -14.34
C GLU A 37 -32.27 -17.29 -14.65
N LYS A 38 -31.76 -18.06 -13.68
CA LYS A 38 -30.40 -18.57 -13.76
C LYS A 38 -30.23 -19.62 -14.85
N ASN A 39 -31.30 -20.30 -15.23
CA ASN A 39 -31.22 -21.45 -16.14
C ASN A 39 -32.06 -21.16 -17.38
N VAL A 40 -31.40 -20.91 -18.50
CA VAL A 40 -32.06 -20.79 -19.80
C VAL A 40 -31.24 -21.52 -20.85
N THR A 41 -31.92 -22.24 -21.74
CA THR A 41 -31.28 -23.01 -22.80
C THR A 41 -31.33 -22.21 -24.10
N VAL A 42 -30.22 -22.22 -24.83
CA VAL A 42 -30.10 -21.48 -26.08
C VAL A 42 -29.58 -22.40 -27.18
N THR A 43 -29.85 -22.02 -28.42
CA THR A 43 -29.41 -22.82 -29.56
C THR A 43 -27.89 -22.79 -29.71
N HIS A 44 -27.24 -21.66 -29.44
CA HIS A 44 -25.80 -21.53 -29.57
C HIS A 44 -25.27 -20.76 -28.38
N ALA A 45 -24.29 -21.34 -27.69
CA ALA A 45 -23.66 -20.72 -26.53
C ALA A 45 -22.15 -20.73 -26.70
N GLN A 46 -21.54 -19.60 -26.35
CA GLN A 46 -20.09 -19.46 -26.41
C GLN A 46 -19.54 -19.30 -25.01
N ASP A 47 -18.55 -20.10 -24.67
CA ASP A 47 -17.93 -20.08 -23.35
C ASP A 47 -16.58 -19.39 -23.45
N ILE A 48 -16.33 -18.44 -22.54
CA ILE A 48 -15.04 -17.77 -22.44
C ILE A 48 -14.56 -17.90 -20.99
N LEU A 49 -13.86 -19.00 -20.72
CA LEU A 49 -13.22 -19.25 -19.44
C LEU A 49 -12.33 -20.48 -19.56
N GLU A 50 -11.08 -20.37 -19.12
CA GLU A 50 -10.15 -21.51 -19.18
C GLU A 50 -9.93 -22.05 -17.77
N LYS A 51 -10.33 -23.30 -17.56
CA LYS A 51 -10.19 -23.95 -16.27
C LYS A 51 -9.23 -25.12 -16.30
N LYS A 52 -8.62 -25.41 -17.45
CA LYS A 52 -7.72 -26.56 -17.60
C LYS A 52 -6.31 -26.07 -17.89
N HIS A 53 -5.33 -26.76 -17.31
CA HIS A 53 -3.93 -26.47 -17.53
C HIS A 53 -3.18 -27.77 -17.78
N ASN A 54 -2.07 -27.68 -18.51
CA ASN A 54 -1.29 -28.87 -18.82
C ASN A 54 -0.65 -29.50 -17.59
N GLY A 55 -0.47 -28.74 -16.52
CA GLY A 55 0.09 -29.26 -15.29
C GLY A 55 1.60 -29.28 -15.22
N LYS A 56 2.29 -28.88 -16.28
CA LYS A 56 3.73 -28.84 -16.31
C LYS A 56 4.23 -27.43 -16.03
N LEU A 57 5.55 -27.26 -16.09
CA LEU A 57 6.19 -25.96 -15.87
C LEU A 57 7.37 -25.88 -16.84
N CYS A 58 7.13 -25.26 -18.00
CA CYS A 58 8.14 -25.17 -19.04
C CYS A 58 8.42 -23.69 -19.37
N ASP A 59 9.25 -23.49 -20.38
CA ASP A 59 9.80 -22.18 -20.67
C ASP A 59 8.76 -21.26 -21.31
N LEU A 60 9.06 -19.97 -21.28
CA LEU A 60 8.22 -18.93 -21.85
C LEU A 60 8.97 -18.27 -22.99
N ASP A 61 8.37 -18.27 -24.18
CA ASP A 61 8.96 -17.64 -25.37
C ASP A 61 10.33 -18.23 -25.71
N GLY A 62 10.52 -19.52 -25.45
CA GLY A 62 11.70 -20.23 -25.91
C GLY A 62 12.93 -20.13 -25.02
N VAL A 63 12.87 -19.41 -23.91
CA VAL A 63 14.01 -19.25 -23.01
C VAL A 63 13.70 -19.99 -21.72
N LYS A 64 14.56 -20.94 -21.36
CA LYS A 64 14.30 -21.80 -20.20
C LYS A 64 14.36 -21.01 -18.91
N PRO A 65 13.41 -21.21 -18.00
CA PRO A 65 13.46 -20.48 -16.71
C PRO A 65 14.52 -21.06 -15.79
N LEU A 66 14.91 -20.25 -14.81
CA LEU A 66 15.86 -20.67 -13.78
C LEU A 66 15.07 -21.37 -12.69
N ILE A 67 15.12 -22.71 -12.68
CA ILE A 67 14.36 -23.51 -11.74
C ILE A 67 15.28 -23.82 -10.56
N LEU A 68 15.12 -23.09 -9.46
CA LEU A 68 15.85 -23.38 -8.23
C LEU A 68 15.18 -24.56 -7.55
N ARG A 69 15.89 -25.70 -7.48
CA ARG A 69 15.27 -26.90 -6.93
C ARG A 69 15.06 -26.79 -5.43
N ASP A 70 16.15 -26.67 -4.67
CA ASP A 70 16.07 -26.65 -3.21
C ASP A 70 16.64 -25.38 -2.61
N CYS A 71 17.76 -24.89 -3.11
CA CYS A 71 18.28 -23.63 -2.60
C CYS A 71 17.49 -22.46 -3.19
N SER A 72 17.60 -21.32 -2.53
CA SER A 72 16.80 -20.15 -2.85
C SER A 72 17.71 -19.01 -3.32
N VAL A 73 17.13 -17.82 -3.45
CA VAL A 73 17.86 -16.67 -3.95
C VAL A 73 19.08 -16.39 -3.07
N ALA A 74 18.89 -16.42 -1.75
CA ALA A 74 20.00 -16.21 -0.84
C ALA A 74 21.05 -17.29 -0.99
N GLY A 75 20.63 -18.55 -1.10
CA GLY A 75 21.58 -19.63 -1.26
C GLY A 75 22.30 -19.61 -2.60
N TRP A 76 21.58 -19.30 -3.68
CA TRP A 76 22.18 -19.34 -5.00
C TRP A 76 23.15 -18.18 -5.21
N LEU A 77 22.75 -16.97 -4.81
CA LEU A 77 23.60 -15.80 -5.00
C LEU A 77 24.87 -15.89 -4.16
N LEU A 78 24.76 -16.41 -2.94
CA LEU A 78 25.92 -16.58 -2.08
C LEU A 78 26.75 -17.79 -2.46
N GLY A 79 26.20 -18.71 -3.24
CA GLY A 79 26.95 -19.90 -3.64
C GLY A 79 26.97 -20.98 -2.57
N ASN A 80 25.80 -21.51 -2.24
CA ASN A 80 25.72 -22.58 -1.27
C ASN A 80 26.42 -23.82 -1.82
N PRO A 81 27.28 -24.48 -1.03
CA PRO A 81 27.98 -25.67 -1.55
C PRO A 81 27.05 -26.82 -1.89
N MET A 82 25.83 -26.86 -1.35
CA MET A 82 24.91 -27.93 -1.71
C MET A 82 24.50 -27.86 -3.18
N CYS A 83 24.20 -26.67 -3.69
CA CYS A 83 23.80 -26.49 -5.09
C CYS A 83 24.89 -25.72 -5.83
N ASP A 84 25.79 -26.46 -6.49
CA ASP A 84 26.80 -25.89 -7.37
C ASP A 84 26.43 -26.05 -8.84
N GLU A 85 25.20 -26.46 -9.14
CA GLU A 85 24.73 -26.56 -10.50
C GLU A 85 24.11 -25.26 -11.01
N PHE A 86 24.03 -24.23 -10.16
CA PHE A 86 23.47 -22.94 -10.52
C PHE A 86 24.53 -21.85 -10.65
N ILE A 87 25.78 -22.25 -10.86
CA ILE A 87 26.86 -21.30 -11.13
C ILE A 87 26.97 -21.15 -12.64
N ASN A 88 27.28 -19.92 -13.08
CA ASN A 88 27.41 -19.61 -14.51
C ASN A 88 26.13 -19.92 -15.27
N VAL A 89 24.99 -19.61 -14.64
CA VAL A 89 23.69 -19.94 -15.25
C VAL A 89 23.43 -19.00 -16.43
N PRO A 90 22.93 -19.51 -17.56
CA PRO A 90 22.64 -18.64 -18.70
C PRO A 90 21.35 -17.83 -18.52
N GLU A 91 20.94 -17.13 -19.58
CA GLU A 91 19.75 -16.30 -19.52
C GLU A 91 18.52 -17.14 -19.21
N TRP A 92 17.60 -16.57 -18.44
CA TRP A 92 16.38 -17.26 -18.02
C TRP A 92 15.17 -16.36 -18.25
N SER A 93 13.99 -16.98 -18.20
CA SER A 93 12.74 -16.26 -18.34
C SER A 93 12.17 -15.85 -16.98
N TYR A 94 12.17 -16.76 -16.02
CA TYR A 94 11.67 -16.48 -14.68
C TYR A 94 12.35 -17.43 -13.71
N ILE A 95 12.25 -17.11 -12.42
CA ILE A 95 12.89 -17.88 -11.36
C ILE A 95 11.82 -18.65 -10.61
N VAL A 96 12.03 -19.96 -10.48
CA VAL A 96 11.10 -20.84 -9.78
C VAL A 96 11.80 -21.38 -8.55
N GLU A 97 11.20 -21.16 -7.38
CA GLU A 97 11.74 -21.66 -6.13
C GLU A 97 10.59 -22.17 -5.27
N LYS A 98 10.89 -23.18 -4.46
CA LYS A 98 9.86 -23.79 -3.61
C LYS A 98 9.44 -22.82 -2.51
N ALA A 99 8.26 -23.08 -1.95
CA ALA A 99 7.74 -22.26 -0.87
C ALA A 99 8.64 -22.33 0.36
N ASN A 100 9.13 -23.53 0.69
CA ASN A 100 10.02 -23.75 1.82
C ASN A 100 11.32 -24.35 1.30
N PRO A 101 12.31 -23.53 1.00
CA PRO A 101 13.59 -24.06 0.51
C PRO A 101 14.30 -24.89 1.56
N VAL A 102 15.03 -25.89 1.08
CA VAL A 102 15.74 -26.80 1.98
C VAL A 102 17.12 -26.27 2.36
N ASN A 103 17.87 -25.76 1.38
CA ASN A 103 19.23 -25.27 1.60
C ASN A 103 19.23 -23.76 1.39
N ASP A 104 18.88 -23.01 2.44
CA ASP A 104 18.83 -21.56 2.39
C ASP A 104 19.63 -21.01 3.57
N LEU A 105 20.67 -20.23 3.26
CA LEU A 105 21.55 -19.65 4.28
C LEU A 105 22.09 -20.73 5.22
N CYS A 106 22.92 -21.60 4.61
CA CYS A 106 23.55 -22.71 5.33
C CYS A 106 24.06 -22.30 6.70
N TYR A 107 24.98 -21.35 6.74
CA TYR A 107 25.41 -20.80 8.01
C TYR A 107 24.31 -19.92 8.59
N PRO A 108 24.08 -19.98 9.90
CA PRO A 108 23.01 -19.18 10.50
C PRO A 108 23.24 -17.69 10.30
N GLY A 109 22.15 -16.95 10.16
CA GLY A 109 22.24 -15.51 10.06
C GLY A 109 21.06 -14.95 9.30
N ASP A 110 21.22 -13.69 8.88
CA ASP A 110 20.18 -12.95 8.18
C ASP A 110 20.78 -12.27 6.97
N PHE A 111 19.97 -12.14 5.92
CA PHE A 111 20.35 -11.42 4.70
C PHE A 111 19.74 -10.04 4.78
N ASN A 112 20.59 -9.02 4.92
CA ASN A 112 20.11 -7.65 5.02
C ASN A 112 19.46 -7.21 3.72
N ASP A 113 18.26 -6.62 3.83
CA ASP A 113 17.49 -6.18 2.67
C ASP A 113 17.29 -7.33 1.68
N TYR A 114 16.97 -8.50 2.22
CA TYR A 114 16.81 -9.68 1.38
C TYR A 114 15.65 -9.53 0.41
N GLU A 115 14.52 -9.01 0.88
CA GLU A 115 13.38 -8.79 -0.01
C GLU A 115 13.63 -7.65 -0.99
N GLU A 116 14.50 -6.70 -0.64
CA GLU A 116 14.87 -5.67 -1.59
C GLU A 116 15.63 -6.24 -2.78
N LEU A 117 16.50 -7.22 -2.53
CA LEU A 117 17.29 -7.82 -3.61
C LEU A 117 16.41 -8.66 -4.52
N LYS A 118 15.47 -9.42 -3.95
CA LYS A 118 14.59 -10.26 -4.76
C LYS A 118 13.69 -9.43 -5.67
N HIS A 119 13.38 -8.19 -5.28
CA HIS A 119 12.64 -7.30 -6.17
C HIS A 119 13.48 -6.95 -7.40
N LEU A 120 14.78 -6.74 -7.22
CA LEU A 120 15.64 -6.43 -8.36
C LEU A 120 15.78 -7.63 -9.28
N LEU A 121 15.78 -8.84 -8.73
CA LEU A 121 15.89 -10.03 -9.56
C LEU A 121 14.69 -10.23 -10.47
N SER A 122 13.53 -9.66 -10.12
CA SER A 122 12.39 -9.75 -11.01
C SER A 122 12.63 -9.00 -12.31
N ARG A 123 13.56 -8.05 -12.30
CA ARG A 123 13.74 -7.22 -13.52
C ARG A 123 15.07 -7.52 -14.20
N ILE A 124 15.80 -8.55 -13.79
CA ILE A 124 17.10 -8.91 -14.34
C ILE A 124 16.96 -10.28 -15.00
N ASN A 125 17.45 -10.41 -16.23
CA ASN A 125 17.34 -11.66 -16.98
C ASN A 125 18.70 -12.31 -17.26
N HIS A 126 19.78 -11.81 -16.67
CA HIS A 126 21.09 -12.41 -16.92
C HIS A 126 22.04 -12.03 -15.80
N PHE A 127 22.87 -12.98 -15.39
CA PHE A 127 23.89 -12.76 -14.37
C PHE A 127 25.20 -13.41 -14.82
N GLU A 128 26.31 -12.75 -14.52
CA GLU A 128 27.63 -13.27 -14.88
C GLU A 128 28.59 -13.09 -13.71
N LYS A 129 29.44 -14.10 -13.50
CA LYS A 129 30.43 -14.08 -12.44
C LYS A 129 31.74 -13.49 -12.95
N ILE A 130 32.38 -12.67 -12.12
CA ILE A 130 33.70 -12.12 -12.43
C ILE A 130 34.58 -12.17 -11.19
N GLN A 131 35.88 -12.08 -11.42
CA GLN A 131 36.89 -12.14 -10.37
C GLN A 131 37.12 -10.72 -9.87
N ILE A 132 36.24 -10.25 -8.98
CA ILE A 132 36.39 -8.90 -8.43
C ILE A 132 37.60 -8.82 -7.51
N ILE A 133 37.73 -9.76 -6.58
CA ILE A 133 38.88 -9.82 -5.69
C ILE A 133 39.40 -11.25 -5.70
N PRO A 134 40.43 -11.55 -6.50
CA PRO A 134 40.87 -12.94 -6.64
C PRO A 134 41.37 -13.51 -5.32
N LYS A 135 41.12 -14.80 -5.11
CA LYS A 135 41.68 -15.48 -3.96
C LYS A 135 43.18 -15.70 -4.18
N SER A 136 43.86 -16.12 -3.10
CA SER A 136 45.31 -16.27 -3.05
C SER A 136 45.99 -14.92 -3.13
N SER A 137 45.21 -13.84 -3.25
CA SER A 137 45.73 -12.49 -3.13
C SER A 137 45.79 -12.02 -1.68
N TRP A 138 45.17 -12.75 -0.76
CA TRP A 138 45.24 -12.46 0.67
C TRP A 138 46.49 -13.14 1.23
N SER A 139 47.61 -12.46 1.11
CA SER A 139 48.87 -12.98 1.61
C SER A 139 49.03 -12.75 3.11
N SER A 140 48.48 -11.66 3.63
CA SER A 140 48.56 -11.48 5.10
C SER A 140 47.49 -12.32 5.82
N HIS A 141 46.20 -12.01 5.66
CA HIS A 141 45.11 -12.78 6.29
C HIS A 141 45.09 -14.16 5.65
N GLU A 142 44.41 -15.14 6.22
CA GLU A 142 44.40 -16.53 5.71
C GLU A 142 43.02 -16.83 5.19
N ALA A 143 42.85 -17.22 3.94
CA ALA A 143 41.51 -17.37 3.38
C ALA A 143 41.01 -18.81 3.33
N SER A 144 41.89 -19.76 3.07
CA SER A 144 41.45 -21.18 2.91
C SER A 144 40.86 -21.79 4.17
N LEU A 145 41.41 -21.49 5.35
CA LEU A 145 40.95 -22.19 6.58
C LEU A 145 39.60 -21.67 7.05
N GLY A 146 39.06 -20.67 6.40
CA GLY A 146 37.80 -20.09 6.87
C GLY A 146 36.67 -20.96 6.41
N VAL A 147 36.47 -22.08 7.10
CA VAL A 147 35.44 -23.07 6.72
C VAL A 147 34.69 -23.41 7.99
N SER A 148 33.43 -23.73 7.87
CA SER A 148 32.61 -24.05 9.03
C SER A 148 31.95 -25.41 8.85
N SER A 149 31.73 -26.10 9.97
CA SER A 149 31.09 -27.40 9.95
C SER A 149 29.61 -27.34 9.65
N ALA A 150 29.01 -26.15 9.66
CA ALA A 150 27.58 -26.03 9.35
C ALA A 150 27.28 -26.32 7.88
N CYS A 151 28.28 -26.23 7.00
CA CYS A 151 28.11 -26.43 5.57
C CYS A 151 28.86 -27.68 5.14
N PRO A 152 28.19 -28.82 4.98
CA PRO A 152 28.88 -30.04 4.56
C PRO A 152 28.97 -30.13 3.04
N TYR A 153 30.05 -30.77 2.60
CA TYR A 153 30.28 -30.97 1.16
C TYR A 153 31.16 -32.20 1.01
N GLN A 154 30.57 -33.33 0.62
CA GLN A 154 31.23 -34.64 0.60
C GLN A 154 31.83 -34.98 1.97
N GLY A 155 31.18 -34.56 3.05
CA GLY A 155 31.67 -34.83 4.38
C GLY A 155 32.71 -33.86 4.89
N LYS A 156 33.17 -32.93 4.06
CA LYS A 156 34.08 -31.88 4.47
C LYS A 156 33.30 -30.67 4.97
N SER A 157 33.89 -29.95 5.91
CA SER A 157 33.37 -28.63 6.25
C SER A 157 33.77 -27.65 5.16
N SER A 158 32.80 -26.85 4.71
CA SER A 158 33.02 -25.96 3.58
C SER A 158 32.31 -24.64 3.84
N PHE A 159 32.38 -23.75 2.85
CA PHE A 159 31.78 -22.43 2.96
C PHE A 159 31.16 -22.01 1.63
N PHE A 160 30.65 -20.78 1.56
CA PHE A 160 30.05 -20.29 0.34
C PHE A 160 31.11 -20.03 -0.73
N ARG A 161 30.71 -20.13 -1.99
CA ARG A 161 31.64 -19.93 -3.10
C ARG A 161 31.96 -18.46 -3.32
N ASN A 162 30.95 -17.60 -3.25
CA ASN A 162 31.11 -16.21 -3.64
C ASN A 162 31.56 -15.30 -2.50
N VAL A 163 31.77 -15.83 -1.31
CA VAL A 163 32.35 -15.08 -0.21
C VAL A 163 33.46 -15.91 0.41
N VAL A 164 34.44 -15.24 1.01
CA VAL A 164 35.57 -15.89 1.64
C VAL A 164 35.69 -15.38 3.08
N TRP A 165 35.94 -16.30 3.99
CA TRP A 165 36.03 -16.00 5.42
C TRP A 165 37.51 -15.85 5.79
N LEU A 166 37.92 -14.61 6.08
CA LEU A 166 39.31 -14.31 6.40
C LEU A 166 39.54 -14.40 7.90
N ILE A 167 40.59 -15.12 8.29
CA ILE A 167 40.98 -15.24 9.69
C ILE A 167 42.46 -14.92 9.80
N LYS A 168 42.92 -14.81 11.05
CA LYS A 168 44.32 -14.47 11.29
C LYS A 168 45.23 -15.63 10.88
N LYS A 169 46.47 -15.29 10.55
CA LYS A 169 47.46 -16.26 10.09
C LYS A 169 48.59 -16.44 11.10
N ASN A 170 49.25 -15.35 11.49
CA ASN A 170 50.39 -15.42 12.40
C ASN A 170 50.11 -14.64 13.67
N SER A 171 48.92 -14.84 14.24
CA SER A 171 48.45 -14.12 15.43
C SER A 171 48.39 -12.61 15.22
N THR A 172 48.27 -12.18 13.97
CA THR A 172 48.13 -10.78 13.62
C THR A 172 47.08 -10.63 12.55
N TYR A 173 46.32 -9.54 12.63
CA TYR A 173 45.26 -9.22 11.67
C TYR A 173 45.47 -7.79 11.16
N PRO A 174 46.40 -7.59 10.24
CA PRO A 174 46.65 -6.24 9.71
C PRO A 174 45.41 -5.70 9.00
N THR A 175 45.22 -4.39 9.14
CA THR A 175 44.10 -3.73 8.49
C THR A 175 44.26 -3.80 6.97
N ILE A 176 43.15 -4.04 6.28
CA ILE A 176 43.13 -4.17 4.83
C ILE A 176 42.43 -2.96 4.22
N LYS A 177 42.99 -2.46 3.12
CA LYS A 177 42.41 -1.36 2.36
C LYS A 177 42.28 -1.84 0.92
N ARG A 178 41.18 -2.51 0.61
CA ARG A 178 40.93 -3.07 -0.71
C ARG A 178 39.86 -2.25 -1.41
N SER A 179 40.15 -1.84 -2.64
CA SER A 179 39.22 -1.06 -3.45
C SER A 179 39.12 -1.66 -4.83
N TYR A 180 37.90 -1.73 -5.35
CA TYR A 180 37.64 -2.22 -6.71
C TYR A 180 36.92 -1.14 -7.50
N ASN A 181 37.42 -0.88 -8.70
CA ASN A 181 36.83 0.10 -9.61
C ASN A 181 36.16 -0.67 -10.74
N ASN A 182 34.90 -0.34 -11.01
CA ASN A 182 34.10 -1.05 -12.01
C ASN A 182 34.36 -0.44 -13.38
N THR A 183 35.20 -1.11 -14.18
CA THR A 183 35.43 -0.70 -15.55
C THR A 183 34.39 -1.26 -16.52
N ASN A 184 33.55 -2.19 -16.07
CA ASN A 184 32.53 -2.77 -16.94
C ASN A 184 31.43 -1.75 -17.22
N GLN A 185 30.88 -1.82 -18.43
CA GLN A 185 29.84 -0.86 -18.82
C GLN A 185 28.52 -1.13 -18.10
N GLU A 186 28.18 -2.41 -17.91
CA GLU A 186 26.91 -2.75 -17.28
C GLU A 186 27.01 -2.62 -15.77
N ASP A 187 25.84 -2.52 -15.13
CA ASP A 187 25.79 -2.42 -13.68
C ASP A 187 26.34 -3.68 -13.04
N LEU A 188 27.00 -3.51 -11.90
CA LEU A 188 27.70 -4.59 -11.23
C LEU A 188 27.15 -4.76 -9.82
N LEU A 189 26.99 -6.01 -9.39
CA LEU A 189 26.42 -6.34 -8.08
C LEU A 189 27.49 -6.99 -7.22
N VAL A 190 27.62 -6.50 -5.98
CA VAL A 190 28.56 -7.06 -5.02
C VAL A 190 27.79 -7.41 -3.75
N LEU A 191 28.38 -8.28 -2.94
CA LEU A 191 27.77 -8.66 -1.67
C LEU A 191 28.86 -9.20 -0.75
N TRP A 192 28.78 -8.81 0.52
CA TRP A 192 29.73 -9.23 1.54
C TRP A 192 28.94 -9.61 2.78
N GLY A 193 29.65 -9.80 3.90
CA GLY A 193 28.98 -10.20 5.12
C GLY A 193 29.77 -9.84 6.35
N ILE A 194 29.12 -10.01 7.50
CA ILE A 194 29.70 -9.71 8.80
C ILE A 194 29.53 -10.94 9.68
N HIS A 195 30.56 -11.31 10.41
CA HIS A 195 30.52 -12.46 11.31
C HIS A 195 30.39 -11.98 12.75
N HIS A 196 29.36 -12.48 13.44
CA HIS A 196 29.14 -12.14 14.84
C HIS A 196 29.58 -13.30 15.71
N PRO A 197 30.67 -13.17 16.47
CA PRO A 197 31.15 -14.30 17.26
C PRO A 197 30.25 -14.60 18.44
N ASN A 198 30.42 -15.80 18.99
CA ASN A 198 29.60 -16.24 20.15
C ASN A 198 30.00 -15.42 21.38
N ASP A 199 31.30 -15.31 21.64
CA ASP A 199 31.76 -14.61 22.82
C ASP A 199 33.11 -13.97 22.52
N ALA A 200 33.61 -13.20 23.50
CA ALA A 200 34.89 -12.51 23.32
C ALA A 200 36.06 -13.48 23.18
N ALA A 201 35.92 -14.67 23.74
CA ALA A 201 37.00 -15.69 23.67
C ALA A 201 37.25 -16.03 22.20
N GLU A 202 36.18 -16.19 21.42
CA GLU A 202 36.32 -16.55 19.98
C GLU A 202 36.88 -15.35 19.22
N GLN A 203 36.43 -14.13 19.56
CA GLN A 203 36.90 -12.95 18.83
C GLN A 203 38.41 -12.87 18.81
N THR A 204 39.03 -13.14 19.97
CA THR A 204 40.51 -13.13 20.05
C THR A 204 41.05 -14.39 19.35
N LYS A 205 40.26 -15.49 19.41
CA LYS A 205 40.71 -16.78 18.82
C LYS A 205 40.83 -16.68 17.29
N LEU A 206 39.90 -16.00 16.63
CA LEU A 206 39.90 -16.00 15.14
C LEU A 206 40.41 -14.69 14.52
N TYR A 207 40.28 -13.55 15.22
CA TYR A 207 40.65 -12.29 14.60
C TYR A 207 41.68 -11.48 15.36
N GLN A 208 41.95 -11.82 16.62
CA GLN A 208 43.02 -11.24 17.44
C GLN A 208 42.78 -9.78 17.80
N ASN A 209 41.73 -9.15 17.28
CA ASN A 209 41.43 -7.75 17.59
C ASN A 209 40.24 -7.67 18.51
N PRO A 210 40.40 -7.12 19.73
CA PRO A 210 39.25 -7.05 20.65
C PRO A 210 38.09 -6.25 20.09
N THR A 211 38.36 -5.08 19.52
CA THR A 211 37.34 -4.24 18.91
C THR A 211 37.62 -4.15 17.40
N THR A 212 36.64 -4.52 16.59
CA THR A 212 36.79 -4.58 15.15
C THR A 212 35.70 -3.76 14.47
N TYR A 213 35.98 -3.35 13.24
CA TYR A 213 35.04 -2.57 12.46
C TYR A 213 35.14 -3.01 11.01
N ILE A 214 34.06 -2.77 10.26
CA ILE A 214 34.02 -3.00 8.82
C ILE A 214 33.42 -1.77 8.17
N SER A 215 34.20 -1.11 7.31
CA SER A 215 33.77 0.12 6.65
C SER A 215 33.71 -0.12 5.16
N VAL A 216 32.54 0.11 4.57
CA VAL A 216 32.32 -0.05 3.13
C VAL A 216 31.89 1.31 2.59
N GLY A 217 32.62 1.82 1.60
CA GLY A 217 32.32 3.12 1.06
C GLY A 217 32.33 3.20 -0.45
N THR A 218 31.19 3.55 -1.04
CA THR A 218 31.06 3.82 -2.45
C THR A 218 30.55 5.25 -2.64
N SER A 219 30.19 5.60 -3.87
CA SER A 219 29.75 6.96 -4.16
C SER A 219 28.51 7.33 -3.35
N THR A 220 27.56 6.40 -3.22
CA THR A 220 26.29 6.68 -2.55
C THR A 220 26.03 5.73 -1.38
N LEU A 221 27.08 5.37 -0.63
CA LEU A 221 26.90 4.51 0.53
C LEU A 221 28.12 4.66 1.44
N ASN A 222 27.89 5.14 2.65
CA ASN A 222 28.88 5.14 3.72
C ASN A 222 28.35 4.27 4.85
N GLN A 223 29.22 3.43 5.43
CA GLN A 223 28.72 2.43 6.36
C GLN A 223 29.82 1.94 7.28
N ARG A 224 29.62 2.14 8.59
CA ARG A 224 30.42 1.55 9.65
C ARG A 224 29.66 0.38 10.25
N LEU A 225 30.28 -0.80 10.28
CA LEU A 225 29.65 -2.00 10.81
C LEU A 225 30.46 -2.51 12.00
N VAL A 226 29.76 -2.87 13.07
CA VAL A 226 30.42 -3.40 14.27
C VAL A 226 29.83 -4.76 14.62
N PRO A 227 30.65 -5.69 15.11
CA PRO A 227 30.14 -7.01 15.51
C PRO A 227 29.35 -6.92 16.81
N ARG A 228 28.19 -7.59 16.83
CA ARG A 228 27.24 -7.49 17.93
C ARG A 228 27.26 -8.78 18.75
N ILE A 229 28.21 -8.85 19.67
CA ILE A 229 28.42 -10.08 20.43
C ILE A 229 27.29 -10.27 21.43
N ALA A 230 26.74 -11.48 21.46
CA ALA A 230 25.65 -11.81 22.37
C ALA A 230 25.64 -13.32 22.59
N THR A 231 24.71 -13.80 23.41
CA THR A 231 24.54 -15.23 23.65
C THR A 231 23.26 -15.67 22.97
N ARG A 232 23.38 -16.53 21.97
CA ARG A 232 22.27 -16.91 21.12
C ARG A 232 22.07 -18.42 21.17
N SER A 233 20.95 -18.86 20.61
CA SER A 233 20.64 -20.28 20.53
C SER A 233 21.38 -20.94 19.37
N LYS A 234 21.36 -22.26 19.33
CA LYS A 234 22.15 -22.97 18.31
C LYS A 234 21.26 -23.51 17.22
N VAL A 235 21.26 -22.90 16.05
CA VAL A 235 20.53 -23.34 14.86
C VAL A 235 21.55 -23.80 13.84
N ASN A 236 21.25 -24.90 13.14
CA ASN A 236 22.16 -25.58 12.22
C ASN A 236 23.45 -26.01 12.90
N GLY A 237 23.48 -26.06 14.24
CA GLY A 237 24.64 -26.49 14.97
C GLY A 237 25.67 -25.43 15.27
N GLN A 238 25.43 -24.18 14.90
CA GLN A 238 26.41 -23.11 15.08
C GLN A 238 25.74 -21.93 15.77
N SER A 239 26.33 -21.47 16.87
CA SER A 239 25.73 -20.37 17.62
C SER A 239 25.97 -19.02 16.94
N GLY A 240 27.12 -18.83 16.32
CA GLY A 240 27.40 -17.56 15.67
C GLY A 240 26.50 -17.31 14.48
N ARG A 241 26.32 -16.02 14.17
CA ARG A 241 25.43 -15.61 13.10
C ARG A 241 26.18 -14.73 12.12
N MET A 242 25.70 -14.72 10.88
CA MET A 242 26.31 -13.95 9.79
C MET A 242 25.25 -13.07 9.15
N GLU A 243 25.50 -11.78 9.10
CA GLU A 243 24.60 -10.82 8.47
C GLU A 243 25.25 -10.35 7.17
N PHE A 244 24.75 -10.84 6.04
CA PHE A 244 25.28 -10.49 4.74
C PHE A 244 24.59 -9.23 4.20
N PHE A 245 25.36 -8.44 3.47
CA PHE A 245 24.88 -7.20 2.87
C PHE A 245 25.05 -7.26 1.36
N TRP A 246 24.50 -6.25 0.68
CA TRP A 246 24.61 -6.16 -0.77
C TRP A 246 24.43 -4.71 -1.19
N THR A 247 24.95 -4.39 -2.37
CA THR A 247 24.75 -3.08 -2.96
C THR A 247 25.00 -3.19 -4.46
N ILE A 248 24.48 -2.21 -5.20
CA ILE A 248 24.59 -2.16 -6.65
C ILE A 248 25.67 -1.15 -7.02
N LEU A 249 26.64 -1.60 -7.79
CA LEU A 249 27.77 -0.75 -8.20
C LEU A 249 27.55 -0.31 -9.64
N LYS A 250 27.34 0.99 -9.84
CA LYS A 250 27.14 1.53 -11.16
C LYS A 250 28.46 1.55 -11.93
N PRO A 251 28.41 1.60 -13.26
CA PRO A 251 29.64 1.64 -14.05
C PRO A 251 30.47 2.88 -13.74
N ASN A 252 31.79 2.72 -13.85
CA ASN A 252 32.74 3.79 -13.56
C ASN A 252 32.58 4.30 -12.14
N ASP A 253 32.31 3.39 -11.21
CA ASP A 253 32.21 3.69 -9.79
C ASP A 253 33.01 2.66 -9.01
N ALA A 254 33.50 3.07 -7.84
CA ALA A 254 34.37 2.23 -7.03
C ALA A 254 33.76 2.01 -5.66
N ILE A 255 34.02 0.82 -5.11
CA ILE A 255 33.61 0.45 -3.76
C ILE A 255 34.86 0.10 -2.97
N ASN A 256 35.01 0.71 -1.80
CA ASN A 256 36.21 0.56 -0.98
C ASN A 256 35.88 -0.21 0.28
N PHE A 257 36.63 -1.28 0.53
CA PHE A 257 36.49 -2.10 1.73
C PHE A 257 37.64 -1.82 2.68
N GLU A 258 37.35 -1.83 3.98
CA GLU A 258 38.36 -1.61 5.00
C GLU A 258 37.88 -2.20 6.31
N SER A 259 38.67 -3.09 6.88
CA SER A 259 38.30 -3.75 8.12
C SER A 259 39.54 -4.29 8.82
N ASN A 260 39.38 -4.60 10.10
CA ASN A 260 40.43 -5.23 10.89
C ASN A 260 39.89 -6.41 11.68
N GLY A 261 38.90 -7.09 11.15
CA GLY A 261 38.33 -8.25 11.79
C GLY A 261 36.84 -8.36 11.49
N ASN A 262 36.34 -9.60 11.62
CA ASN A 262 34.92 -9.89 11.40
C ASN A 262 34.47 -9.51 9.99
N PHE A 263 35.37 -9.65 9.03
CA PHE A 263 35.10 -9.25 7.65
C PHE A 263 34.94 -10.49 6.78
N ILE A 264 34.04 -10.39 5.80
CA ILE A 264 33.79 -11.46 4.84
C ILE A 264 33.94 -10.83 3.45
N ALA A 265 35.14 -10.92 2.89
CA ALA A 265 35.42 -10.27 1.62
C ALA A 265 34.69 -10.98 0.48
N PRO A 266 34.16 -10.23 -0.49
CA PRO A 266 33.56 -10.87 -1.65
C PRO A 266 34.59 -11.57 -2.52
N GLU A 267 34.14 -12.62 -3.20
CA GLU A 267 34.99 -13.43 -4.06
C GLU A 267 34.61 -13.33 -5.54
N TYR A 268 33.33 -13.47 -5.85
CA TYR A 268 32.82 -13.28 -7.20
C TYR A 268 31.76 -12.19 -7.18
N ALA A 269 31.77 -11.34 -8.20
CA ALA A 269 30.79 -10.28 -8.36
C ALA A 269 29.83 -10.62 -9.49
N TYR A 270 28.66 -10.01 -9.45
CA TYR A 270 27.55 -10.36 -10.33
C TYR A 270 27.32 -9.22 -11.33
N LYS A 271 27.56 -9.50 -12.61
CA LYS A 271 27.24 -8.56 -13.67
C LYS A 271 25.75 -8.57 -13.96
N ILE A 272 25.24 -7.43 -14.43
CA ILE A 272 23.86 -7.35 -14.87
C ILE A 272 23.84 -7.08 -16.36
N VAL A 273 23.76 -8.14 -17.17
CA VAL A 273 23.89 -8.01 -18.61
C VAL A 273 22.58 -7.52 -19.22
N LYS A 274 21.50 -8.27 -19.04
CA LYS A 274 20.23 -7.97 -19.65
C LYS A 274 19.19 -7.68 -18.57
N LYS A 275 18.42 -6.62 -18.77
CA LYS A 275 17.31 -6.28 -17.88
C LYS A 275 16.00 -6.39 -18.65
N GLY A 276 15.08 -7.18 -18.11
CA GLY A 276 13.78 -7.39 -18.74
C GLY A 276 12.69 -7.50 -17.72
N ASP A 277 11.77 -8.44 -17.95
CA ASP A 277 10.65 -8.69 -17.05
C ASP A 277 10.66 -10.15 -16.64
N SER A 278 10.55 -10.39 -15.32
CA SER A 278 10.52 -11.74 -14.80
C SER A 278 9.83 -11.72 -13.45
N THR A 279 9.44 -12.90 -12.98
CA THR A 279 8.81 -13.04 -11.69
C THR A 279 9.40 -14.22 -10.94
N ILE A 280 9.44 -14.10 -9.63
CA ILE A 280 9.92 -15.18 -8.76
C ILE A 280 8.68 -15.88 -8.21
N MET A 281 8.27 -16.92 -8.91
CA MET A 281 7.07 -17.67 -8.55
C MET A 281 7.41 -18.77 -7.56
N LYS A 282 6.43 -19.11 -6.73
CA LYS A 282 6.52 -20.16 -5.72
C LYS A 282 5.70 -21.36 -6.20
N SER A 283 6.37 -22.47 -6.50
CA SER A 283 5.67 -23.67 -6.90
C SER A 283 6.57 -24.88 -6.68
N GLU A 284 5.94 -26.05 -6.51
CA GLU A 284 6.66 -27.30 -6.34
C GLU A 284 6.70 -28.12 -7.63
N LEU A 285 6.27 -27.54 -8.75
CA LEU A 285 6.26 -28.26 -10.01
C LEU A 285 7.68 -28.41 -10.55
N GLU A 286 7.82 -29.28 -11.54
CA GLU A 286 9.10 -29.56 -12.18
C GLU A 286 9.00 -29.29 -13.67
N TYR A 287 10.16 -29.32 -14.33
CA TYR A 287 10.22 -29.04 -15.75
C TYR A 287 9.44 -30.09 -16.55
N GLY A 288 8.76 -29.64 -17.60
CA GLY A 288 7.88 -30.52 -18.34
C GLY A 288 8.20 -30.65 -19.81
N ASN A 289 9.22 -29.93 -20.29
CA ASN A 289 9.68 -29.99 -21.67
C ASN A 289 8.57 -29.62 -22.65
N CYS A 290 8.05 -28.42 -22.48
CA CYS A 290 7.04 -27.86 -23.39
C CYS A 290 7.41 -26.41 -23.68
N ASN A 291 6.48 -25.68 -24.29
CA ASN A 291 6.69 -24.26 -24.59
C ASN A 291 5.33 -23.59 -24.67
N THR A 292 5.04 -22.72 -23.70
CA THR A 292 3.74 -22.08 -23.59
C THR A 292 3.91 -20.57 -23.51
N LYS A 293 3.03 -19.84 -24.19
CA LYS A 293 3.06 -18.38 -24.17
C LYS A 293 2.75 -17.81 -22.79
N CYS A 294 1.97 -18.51 -21.98
CA CYS A 294 1.64 -18.08 -20.62
C CYS A 294 1.97 -19.20 -19.65
N GLN A 295 2.45 -18.83 -18.48
CA GLN A 295 2.81 -19.81 -17.45
C GLN A 295 2.27 -19.35 -16.10
N THR A 296 1.77 -20.30 -15.32
CA THR A 296 1.18 -20.08 -14.02
C THR A 296 1.79 -21.04 -13.01
N PRO A 297 1.73 -20.71 -11.71
CA PRO A 297 2.34 -21.60 -10.71
C PRO A 297 1.76 -23.00 -10.68
N MET A 298 0.55 -23.19 -11.21
CA MET A 298 -0.09 -24.51 -11.25
C MET A 298 0.05 -25.19 -12.61
N GLY A 299 0.63 -24.54 -13.60
CA GLY A 299 0.77 -25.14 -14.92
C GLY A 299 0.99 -24.09 -15.98
N ALA A 300 0.26 -24.24 -17.08
CA ALA A 300 0.37 -23.34 -18.22
C ALA A 300 -0.95 -23.36 -18.99
N ILE A 301 -1.14 -22.34 -19.82
CA ILE A 301 -2.38 -22.16 -20.55
C ILE A 301 -2.12 -22.15 -22.05
N ASN A 302 -2.80 -23.04 -22.76
CA ASN A 302 -3.01 -22.98 -24.20
C ASN A 302 -4.44 -22.53 -24.46
N SER A 303 -4.62 -21.27 -24.85
CA SER A 303 -5.93 -20.81 -25.28
C SER A 303 -5.82 -19.42 -25.88
N SER A 304 -6.93 -18.97 -26.47
CA SER A 304 -7.10 -17.59 -26.91
C SER A 304 -8.29 -16.94 -26.23
N MET A 305 -8.94 -17.63 -25.29
CA MET A 305 -10.05 -17.07 -24.55
C MET A 305 -9.57 -15.92 -23.67
N PRO A 306 -10.45 -14.95 -23.38
CA PRO A 306 -10.04 -13.77 -22.60
C PRO A 306 -10.15 -13.91 -21.10
N PHE A 307 -10.45 -15.10 -20.57
CA PHE A 307 -10.63 -15.26 -19.13
C PHE A 307 -10.10 -16.63 -18.69
N HIS A 308 -9.67 -16.69 -17.43
CA HIS A 308 -9.23 -17.94 -16.81
C HIS A 308 -9.33 -17.78 -15.30
N ASN A 309 -9.38 -18.91 -14.61
CA ASN A 309 -9.53 -18.92 -13.15
C ASN A 309 -8.55 -19.90 -12.52
N ILE A 310 -7.30 -19.88 -12.99
CA ILE A 310 -6.29 -20.79 -12.49
C ILE A 310 -5.50 -20.14 -11.36
N HIS A 311 -4.82 -19.03 -11.66
CA HIS A 311 -3.98 -18.38 -10.66
C HIS A 311 -3.77 -16.92 -11.05
N PRO A 312 -3.78 -16.00 -10.09
CA PRO A 312 -3.59 -14.58 -10.46
C PRO A 312 -2.15 -14.25 -10.85
N LEU A 313 -1.17 -14.87 -10.21
CA LEU A 313 0.23 -14.55 -10.45
C LEU A 313 0.71 -15.28 -11.71
N THR A 314 0.32 -14.74 -12.85
CA THR A 314 0.69 -15.30 -14.16
C THR A 314 1.75 -14.43 -14.80
N ILE A 315 2.53 -15.04 -15.69
CA ILE A 315 3.59 -14.36 -16.42
C ILE A 315 3.40 -14.58 -17.91
N GLY A 316 3.53 -13.52 -18.69
CA GLY A 316 3.34 -13.56 -20.13
C GLY A 316 2.00 -13.01 -20.55
N GLU A 317 1.88 -12.77 -21.85
CA GLU A 317 0.65 -12.23 -22.43
C GLU A 317 -0.35 -13.36 -22.58
N CYS A 318 -1.39 -13.35 -21.75
CA CYS A 318 -2.35 -14.44 -21.70
C CYS A 318 -3.60 -13.94 -20.98
N PRO A 319 -4.70 -14.71 -21.05
CA PRO A 319 -5.96 -14.25 -20.46
C PRO A 319 -5.82 -13.76 -19.02
N LYS A 320 -6.71 -12.83 -18.65
CA LYS A 320 -6.75 -12.28 -17.31
C LYS A 320 -7.45 -13.26 -16.35
N TYR A 321 -7.31 -12.99 -15.06
CA TYR A 321 -7.82 -13.88 -14.02
C TYR A 321 -9.08 -13.31 -13.41
N VAL A 322 -10.14 -14.12 -13.38
CA VAL A 322 -11.38 -13.81 -12.69
C VAL A 322 -11.79 -15.02 -11.87
N LYS A 323 -12.19 -14.80 -10.63
CA LYS A 323 -12.56 -15.90 -9.74
C LYS A 323 -14.03 -16.26 -9.93
N SER A 324 -14.31 -16.84 -11.09
CA SER A 324 -15.64 -17.28 -11.46
C SER A 324 -15.59 -18.71 -11.97
N ASN A 325 -16.67 -19.46 -11.72
CA ASN A 325 -16.73 -20.85 -12.17
C ASN A 325 -17.21 -20.96 -13.61
N ARG A 326 -18.12 -20.08 -14.02
CA ARG A 326 -18.75 -20.17 -15.32
C ARG A 326 -18.99 -18.78 -15.87
N LEU A 327 -18.58 -18.54 -17.12
CA LEU A 327 -18.80 -17.27 -17.81
C LEU A 327 -19.05 -17.59 -19.28
N VAL A 328 -20.30 -17.50 -19.70
CA VAL A 328 -20.71 -17.86 -21.07
C VAL A 328 -21.49 -16.70 -21.66
N LEU A 329 -21.24 -16.44 -22.95
CA LEU A 329 -21.97 -15.43 -23.69
C LEU A 329 -22.96 -16.12 -24.63
N ALA A 330 -24.23 -15.75 -24.53
CA ALA A 330 -25.25 -16.35 -25.38
C ALA A 330 -25.25 -15.70 -26.75
N THR A 331 -25.18 -16.52 -27.80
CA THR A 331 -25.17 -16.07 -29.18
C THR A 331 -26.26 -16.77 -29.98
N GLY A 332 -27.42 -16.98 -29.37
CA GLY A 332 -28.50 -17.66 -30.05
C GLY A 332 -29.81 -17.50 -29.32
N LEU A 333 -30.88 -17.93 -29.98
CA LEU A 333 -32.22 -17.83 -29.43
C LEU A 333 -32.44 -18.89 -28.35
N ARG A 334 -33.36 -18.58 -27.43
CA ARG A 334 -33.80 -19.58 -26.48
C ARG A 334 -34.75 -20.55 -27.18
N ASN A 335 -34.48 -21.84 -27.02
CA ASN A 335 -35.18 -22.87 -27.79
C ASN A 335 -36.20 -23.59 -26.91
N SER A 336 -37.43 -23.68 -27.41
CA SER A 336 -38.46 -24.45 -26.73
C SER A 336 -38.12 -25.93 -26.63
N PRO A 337 -37.65 -26.62 -27.68
CA PRO A 337 -37.31 -28.04 -27.53
C PRO A 337 -36.25 -28.31 -26.46
N GLY B 10 -39.09 -13.00 -22.21
CA GLY B 10 -39.40 -12.39 -23.49
C GLY B 10 -40.28 -11.16 -23.36
N LEU B 11 -39.65 -9.99 -23.27
CA LEU B 11 -40.40 -8.75 -23.11
C LEU B 11 -41.22 -8.44 -24.35
N PHE B 12 -40.62 -8.58 -25.54
CA PHE B 12 -41.35 -8.27 -26.76
C PHE B 12 -42.38 -9.33 -27.09
N GLY B 13 -42.23 -10.54 -26.54
CA GLY B 13 -43.22 -11.58 -26.69
C GLY B 13 -43.16 -12.37 -27.97
N ALA B 14 -42.22 -12.07 -28.87
CA ALA B 14 -42.13 -12.81 -30.12
C ALA B 14 -41.74 -14.26 -29.87
N ILE B 15 -40.69 -14.49 -29.08
CA ILE B 15 -40.39 -15.85 -28.63
C ILE B 15 -41.44 -16.28 -27.61
N ALA B 16 -41.97 -17.48 -27.79
CA ALA B 16 -43.20 -17.93 -27.13
C ALA B 16 -44.29 -16.93 -27.54
N GLY B 17 -45.22 -16.59 -26.66
CA GLY B 17 -46.25 -15.62 -27.01
C GLY B 17 -47.00 -16.02 -28.26
N PHE B 18 -46.79 -15.25 -29.33
CA PHE B 18 -47.43 -15.56 -30.60
C PHE B 18 -46.92 -16.89 -31.17
N ILE B 19 -45.60 -17.05 -31.28
CA ILE B 19 -45.01 -18.26 -31.82
C ILE B 19 -44.26 -18.99 -30.71
N GLU B 20 -44.89 -20.04 -30.16
CA GLU B 20 -44.30 -20.79 -29.06
C GLU B 20 -43.55 -22.04 -29.52
N GLY B 21 -43.54 -22.33 -30.81
CA GLY B 21 -42.85 -23.51 -31.30
C GLY B 21 -41.78 -23.21 -32.33
N GLY B 22 -40.54 -23.60 -32.03
CA GLY B 22 -39.45 -23.40 -32.97
C GLY B 22 -39.47 -24.41 -34.10
N TRP B 23 -38.67 -24.12 -35.12
CA TRP B 23 -38.57 -24.96 -36.31
C TRP B 23 -37.22 -25.65 -36.30
N GLN B 24 -37.22 -26.97 -36.07
CA GLN B 24 -35.99 -27.73 -36.10
C GLN B 24 -35.48 -27.91 -37.53
N GLY B 25 -36.37 -27.85 -38.52
CA GLY B 25 -35.96 -27.99 -39.90
C GLY B 25 -35.30 -26.77 -40.48
N MET B 26 -35.29 -25.67 -39.74
CA MET B 26 -34.67 -24.43 -40.20
C MET B 26 -33.22 -24.41 -39.73
N VAL B 27 -32.32 -24.86 -40.59
CA VAL B 27 -30.89 -24.84 -40.31
C VAL B 27 -30.14 -23.85 -41.19
N ASP B 28 -30.76 -23.33 -42.26
CA ASP B 28 -30.07 -22.41 -43.15
C ASP B 28 -29.73 -21.10 -42.45
N GLY B 29 -30.66 -20.58 -41.65
CA GLY B 29 -30.46 -19.31 -40.98
C GLY B 29 -31.18 -19.23 -39.66
N TRP B 30 -31.31 -18.02 -39.11
CA TRP B 30 -32.00 -17.85 -37.83
C TRP B 30 -33.49 -17.57 -38.01
N TYR B 31 -33.82 -16.59 -38.84
CA TYR B 31 -35.21 -16.20 -39.07
C TYR B 31 -35.60 -16.52 -40.51
N GLY B 32 -36.81 -17.04 -40.68
CA GLY B 32 -37.27 -17.39 -42.01
C GLY B 32 -38.78 -17.55 -42.06
N TYR B 33 -39.26 -17.97 -43.22
CA TYR B 33 -40.68 -18.11 -43.48
C TYR B 33 -40.99 -19.55 -43.91
N HIS B 34 -42.12 -20.06 -43.44
CA HIS B 34 -42.63 -21.37 -43.85
C HIS B 34 -43.80 -21.17 -44.80
N HIS B 35 -43.72 -21.74 -45.99
CA HIS B 35 -44.75 -21.62 -47.00
C HIS B 35 -45.44 -22.97 -47.22
N SER B 36 -46.76 -22.95 -47.22
CA SER B 36 -47.56 -24.16 -47.46
C SER B 36 -48.59 -23.82 -48.53
N ASN B 37 -48.21 -24.00 -49.80
CA ASN B 37 -49.09 -23.65 -50.91
C ASN B 37 -49.26 -24.83 -51.86
N GLU B 38 -49.87 -24.58 -53.02
CA GLU B 38 -50.12 -25.66 -53.97
C GLU B 38 -48.82 -26.25 -54.49
N GLN B 39 -47.79 -25.42 -54.68
CA GLN B 39 -46.50 -25.89 -55.18
C GLN B 39 -45.61 -26.36 -54.02
N GLY B 40 -46.10 -27.39 -53.34
CA GLY B 40 -45.35 -28.01 -52.26
C GLY B 40 -45.27 -27.14 -51.02
N SER B 41 -44.30 -27.50 -50.16
CA SER B 41 -44.09 -26.79 -48.91
C SER B 41 -42.62 -26.95 -48.51
N GLY B 42 -42.17 -26.03 -47.66
CA GLY B 42 -40.80 -26.08 -47.20
C GLY B 42 -40.46 -24.84 -46.39
N TYR B 43 -39.18 -24.76 -46.01
CA TYR B 43 -38.65 -23.66 -45.22
C TYR B 43 -37.67 -22.85 -46.07
N ALA B 44 -37.72 -21.53 -45.93
CA ALA B 44 -36.81 -20.65 -46.65
C ALA B 44 -36.39 -19.51 -45.73
N ALA B 45 -35.26 -18.90 -46.05
CA ALA B 45 -34.64 -17.90 -45.20
C ALA B 45 -34.52 -16.57 -45.92
N ASP B 46 -34.52 -15.50 -45.13
CA ASP B 46 -34.26 -14.15 -45.63
C ASP B 46 -32.96 -13.66 -45.01
N LYS B 47 -32.02 -13.22 -45.87
CA LYS B 47 -30.67 -12.93 -45.40
C LYS B 47 -30.58 -11.60 -44.67
N GLU B 48 -31.42 -10.62 -45.02
CA GLU B 48 -31.29 -9.28 -44.45
C GLU B 48 -31.55 -9.26 -42.95
N SER B 49 -32.29 -10.24 -42.42
CA SER B 49 -32.58 -10.27 -40.99
C SER B 49 -31.52 -11.03 -40.20
N THR B 50 -31.12 -12.20 -40.67
CA THR B 50 -30.16 -13.01 -39.93
C THR B 50 -28.74 -12.47 -40.04
N GLN B 51 -28.41 -11.76 -41.12
CA GLN B 51 -27.07 -11.20 -41.26
C GLN B 51 -26.83 -10.09 -40.25
N LYS B 52 -27.83 -9.22 -40.04
CA LYS B 52 -27.68 -8.14 -39.07
C LYS B 52 -27.56 -8.69 -37.66
N ALA B 53 -28.31 -9.76 -37.35
CA ALA B 53 -28.18 -10.40 -36.05
C ALA B 53 -26.80 -11.01 -35.87
N ILE B 54 -26.25 -11.64 -36.91
CA ILE B 54 -24.91 -12.21 -36.82
C ILE B 54 -23.88 -11.10 -36.58
N ASP B 55 -23.98 -10.01 -37.35
CA ASP B 55 -23.04 -8.91 -37.19
C ASP B 55 -23.19 -8.25 -35.83
N GLY B 56 -24.42 -8.06 -35.36
CA GLY B 56 -24.63 -7.43 -34.07
C GLY B 56 -24.11 -8.27 -32.91
N VAL B 57 -24.37 -9.58 -32.94
CA VAL B 57 -23.92 -10.46 -31.87
C VAL B 57 -22.40 -10.59 -31.88
N THR B 58 -21.81 -10.75 -33.08
CA THR B 58 -20.36 -10.87 -33.18
C THR B 58 -19.67 -9.60 -32.69
N ASN B 59 -20.25 -8.43 -32.99
CA ASN B 59 -19.71 -7.18 -32.47
C ASN B 59 -19.80 -7.14 -30.95
N LYS B 60 -20.91 -7.65 -30.39
CA LYS B 60 -21.04 -7.71 -28.94
C LYS B 60 -19.99 -8.64 -28.32
N VAL B 61 -19.77 -9.80 -28.94
CA VAL B 61 -18.80 -10.75 -28.39
C VAL B 61 -17.41 -10.15 -28.38
N ASN B 62 -17.01 -9.48 -29.47
CA ASN B 62 -15.71 -8.81 -29.50
C ASN B 62 -15.67 -7.69 -28.47
N SER B 63 -16.77 -6.96 -28.30
CA SER B 63 -16.78 -5.82 -27.40
C SER B 63 -16.49 -6.23 -25.96
N ILE B 64 -16.97 -7.41 -25.54
CA ILE B 64 -16.65 -7.90 -24.21
C ILE B 64 -15.15 -8.14 -24.09
N ILE B 65 -14.56 -8.75 -25.11
CA ILE B 65 -13.12 -9.00 -25.09
C ILE B 65 -12.34 -7.70 -25.21
N ASP B 66 -12.77 -6.80 -26.10
CA ASP B 66 -12.03 -5.56 -26.32
C ASP B 66 -12.04 -4.67 -25.08
N LYS B 67 -13.19 -4.56 -24.42
CA LYS B 67 -13.28 -3.70 -23.24
C LYS B 67 -12.48 -4.26 -22.07
N MET B 68 -12.43 -5.59 -21.95
CA MET B 68 -11.73 -6.23 -20.85
C MET B 68 -10.22 -6.35 -21.06
N ASN B 69 -9.68 -5.67 -22.08
CA ASN B 69 -8.25 -5.74 -22.34
C ASN B 69 -7.44 -5.18 -21.17
N THR B 70 -7.85 -4.02 -20.64
CA THR B 70 -7.16 -3.44 -19.51
C THR B 70 -7.75 -3.91 -18.19
N GLN B 71 -6.95 -4.62 -17.41
CA GLN B 71 -7.41 -5.22 -16.18
C GLN B 71 -6.24 -5.23 -15.20
N PHE B 72 -6.54 -5.36 -13.92
CA PHE B 72 -5.50 -5.49 -12.93
C PHE B 72 -4.73 -6.78 -13.13
N GLU B 73 -3.41 -6.70 -13.02
CA GLU B 73 -2.52 -7.85 -13.13
C GLU B 73 -1.77 -7.99 -11.81
N ALA B 74 -2.00 -9.09 -11.10
CA ALA B 74 -1.34 -9.32 -9.83
C ALA B 74 0.14 -9.60 -10.02
N VAL B 75 0.96 -9.06 -9.12
CA VAL B 75 2.40 -9.25 -9.14
C VAL B 75 2.85 -9.68 -7.75
N GLY B 76 3.97 -10.40 -7.69
CA GLY B 76 4.44 -10.94 -6.43
C GLY B 76 5.33 -9.97 -5.68
N ARG B 77 5.01 -9.75 -4.40
CA ARG B 77 5.83 -8.95 -3.50
C ARG B 77 6.01 -9.73 -2.20
N GLU B 78 7.19 -9.57 -1.58
CA GLU B 78 7.57 -10.35 -0.42
C GLU B 78 8.06 -9.43 0.69
N PHE B 79 7.88 -9.89 1.93
CA PHE B 79 8.20 -9.10 3.11
C PHE B 79 8.88 -10.00 4.14
N ASN B 80 9.55 -9.36 5.10
CA ASN B 80 10.59 -10.00 5.91
C ASN B 80 10.15 -10.34 7.33
N ASN B 81 8.86 -10.62 7.51
CA ASN B 81 8.27 -11.08 8.76
C ASN B 81 8.30 -10.02 9.86
N LEU B 82 8.89 -8.86 9.64
CA LEU B 82 8.82 -7.76 10.59
C LEU B 82 7.94 -6.63 10.11
N GLU B 83 7.48 -6.68 8.86
CA GLU B 83 6.56 -5.71 8.29
C GLU B 83 5.33 -6.46 7.77
N ARG B 84 4.39 -6.69 8.69
CA ARG B 84 3.16 -7.40 8.37
C ARG B 84 2.00 -6.47 8.05
N ARG B 85 2.04 -5.22 8.52
CA ARG B 85 1.02 -4.26 8.12
C ARG B 85 1.08 -4.00 6.62
N ILE B 86 2.29 -3.90 6.07
CA ILE B 86 2.42 -3.70 4.63
C ILE B 86 2.03 -4.97 3.88
N GLU B 87 2.40 -6.14 4.40
CA GLU B 87 2.03 -7.39 3.75
C GLU B 87 0.52 -7.58 3.76
N ASN B 88 -0.13 -7.25 4.87
CA ASN B 88 -1.58 -7.29 4.91
C ASN B 88 -2.18 -6.25 3.96
N LEU B 89 -1.57 -5.07 3.89
CA LEU B 89 -2.05 -4.05 2.96
C LEU B 89 -1.93 -4.53 1.52
N ASN B 90 -0.81 -5.15 1.17
CA ASN B 90 -0.64 -5.68 -0.18
C ASN B 90 -1.60 -6.82 -0.46
N LYS B 91 -1.80 -7.71 0.52
CA LYS B 91 -2.71 -8.84 0.31
C LYS B 91 -4.14 -8.38 0.13
N LYS B 92 -4.59 -7.41 0.94
CA LYS B 92 -5.96 -6.91 0.82
C LYS B 92 -6.16 -6.10 -0.45
N MET B 93 -5.09 -5.46 -0.95
CA MET B 93 -5.21 -4.68 -2.17
C MET B 93 -5.31 -5.58 -3.40
N GLU B 94 -4.50 -6.64 -3.45
CA GLU B 94 -4.46 -7.49 -4.64
C GLU B 94 -5.77 -8.27 -4.80
N ASP B 95 -6.24 -8.91 -3.73
CA ASP B 95 -7.48 -9.67 -3.84
C ASP B 95 -8.69 -8.73 -3.89
N GLY B 96 -8.57 -7.52 -3.34
CA GLY B 96 -9.65 -6.55 -3.46
C GLY B 96 -9.88 -6.12 -4.90
N PHE B 97 -8.80 -5.91 -5.65
CA PHE B 97 -8.93 -5.57 -7.05
C PHE B 97 -9.51 -6.73 -7.85
N LEU B 98 -9.11 -7.96 -7.53
CA LEU B 98 -9.67 -9.12 -8.20
C LEU B 98 -11.16 -9.26 -7.93
N ASP B 99 -11.58 -8.98 -6.69
CA ASP B 99 -13.00 -9.02 -6.36
C ASP B 99 -13.77 -7.96 -7.13
N VAL B 100 -13.20 -6.78 -7.30
CA VAL B 100 -13.86 -5.74 -8.09
C VAL B 100 -13.97 -6.15 -9.55
N TRP B 101 -12.89 -6.72 -10.10
CA TRP B 101 -12.89 -7.05 -11.52
C TRP B 101 -13.72 -8.28 -11.84
N THR B 102 -13.79 -9.25 -10.92
CA THR B 102 -14.63 -10.42 -11.16
C THR B 102 -16.11 -10.08 -11.07
N TYR B 103 -16.47 -9.01 -10.35
CA TYR B 103 -17.85 -8.55 -10.33
C TYR B 103 -18.22 -7.86 -11.63
N ASN B 104 -17.32 -7.05 -12.18
CA ASN B 104 -17.59 -6.39 -13.46
C ASN B 104 -17.75 -7.40 -14.58
N ALA B 105 -16.90 -8.43 -14.61
CA ALA B 105 -17.00 -9.45 -15.66
C ALA B 105 -18.30 -10.24 -15.54
N GLU B 106 -18.69 -10.61 -14.32
CA GLU B 106 -19.93 -11.36 -14.14
C GLU B 106 -21.15 -10.50 -14.43
N LEU B 107 -21.14 -9.25 -13.97
CA LEU B 107 -22.26 -8.36 -14.24
C LEU B 107 -22.39 -8.06 -15.73
N LEU B 108 -21.26 -7.85 -16.40
CA LEU B 108 -21.29 -7.58 -17.83
C LEU B 108 -21.84 -8.78 -18.60
N VAL B 109 -21.39 -9.99 -18.26
CA VAL B 109 -21.89 -11.18 -18.91
C VAL B 109 -23.38 -11.37 -18.63
N LEU B 110 -23.79 -11.13 -17.38
CA LEU B 110 -25.20 -11.32 -17.02
C LEU B 110 -26.11 -10.37 -17.78
N MET B 111 -25.71 -9.10 -17.91
CA MET B 111 -26.55 -8.12 -18.61
C MET B 111 -26.56 -8.37 -20.11
N GLU B 112 -25.40 -8.66 -20.71
CA GLU B 112 -25.34 -8.87 -22.15
C GLU B 112 -26.04 -10.15 -22.57
N ASN B 113 -26.16 -11.14 -21.69
CA ASN B 113 -26.98 -12.30 -22.00
C ASN B 113 -28.45 -11.90 -22.18
N GLU B 114 -28.93 -11.00 -21.32
CA GLU B 114 -30.30 -10.52 -21.45
C GLU B 114 -30.48 -9.70 -22.72
N ARG B 115 -29.46 -8.93 -23.11
CA ARG B 115 -29.55 -8.12 -24.32
C ARG B 115 -29.72 -9.00 -25.55
N THR B 116 -28.91 -10.05 -25.66
CA THR B 116 -28.97 -10.91 -26.85
C THR B 116 -30.32 -11.59 -26.97
N LEU B 117 -30.86 -12.10 -25.87
CA LEU B 117 -32.18 -12.73 -25.91
C LEU B 117 -33.26 -11.73 -26.28
N ASP B 118 -33.18 -10.51 -25.74
CA ASP B 118 -34.17 -9.49 -26.06
C ASP B 118 -33.94 -8.92 -27.46
N PHE B 119 -32.69 -8.84 -27.90
CA PHE B 119 -32.41 -8.38 -29.26
C PHE B 119 -32.97 -9.35 -30.28
N HIS B 120 -32.88 -10.66 -30.01
CA HIS B 120 -33.46 -11.64 -30.91
C HIS B 120 -34.99 -11.57 -30.90
N ASP B 121 -35.58 -11.17 -29.77
CA ASP B 121 -37.03 -11.03 -29.71
C ASP B 121 -37.52 -9.99 -30.71
N SER B 122 -36.85 -8.84 -30.76
CA SER B 122 -37.30 -7.75 -31.63
C SER B 122 -37.17 -8.12 -33.09
N ASN B 123 -36.08 -8.79 -33.47
CA ASN B 123 -35.83 -9.07 -34.88
C ASN B 123 -36.92 -9.98 -35.46
N VAL B 124 -37.28 -11.05 -34.74
CA VAL B 124 -38.35 -11.91 -35.20
C VAL B 124 -39.71 -11.22 -35.05
N LYS B 125 -39.87 -10.41 -34.00
CA LYS B 125 -41.11 -9.64 -33.85
C LYS B 125 -41.28 -8.65 -34.99
N ASN B 126 -40.23 -7.90 -35.32
CA ASN B 126 -40.33 -6.94 -36.42
C ASN B 126 -40.46 -7.65 -37.77
N LEU B 127 -39.89 -8.85 -37.89
CA LEU B 127 -40.08 -9.64 -39.09
C LEU B 127 -41.55 -10.01 -39.26
N TYR B 128 -42.21 -10.38 -38.16
CA TYR B 128 -43.65 -10.62 -38.20
C TYR B 128 -44.42 -9.33 -38.50
N ASP B 129 -43.98 -8.21 -37.93
CA ASP B 129 -44.73 -6.97 -38.08
C ASP B 129 -44.80 -6.52 -39.54
N LYS B 130 -43.70 -6.65 -40.28
CA LYS B 130 -43.69 -6.19 -41.67
C LYS B 130 -44.52 -7.11 -42.57
N VAL B 131 -44.59 -8.40 -42.25
CA VAL B 131 -45.39 -9.32 -43.06
C VAL B 131 -46.88 -9.04 -42.85
N ARG B 132 -47.29 -8.80 -41.60
CA ARG B 132 -48.65 -8.36 -41.34
C ARG B 132 -48.92 -7.02 -42.01
N LEU B 133 -47.93 -6.13 -41.98
CA LEU B 133 -48.09 -4.80 -42.58
C LEU B 133 -48.14 -4.87 -44.09
N GLN B 134 -47.56 -5.90 -44.71
CA GLN B 134 -47.68 -6.05 -46.15
C GLN B 134 -48.97 -6.76 -46.54
N LEU B 135 -49.27 -7.89 -45.89
CA LEU B 135 -50.46 -8.65 -46.27
C LEU B 135 -51.74 -7.91 -45.90
N ARG B 136 -51.83 -7.42 -44.66
CA ARG B 136 -52.96 -6.60 -44.19
C ARG B 136 -54.28 -7.33 -44.42
N ASP B 137 -55.19 -6.80 -45.23
CA ASP B 137 -56.54 -7.35 -45.34
C ASP B 137 -56.53 -8.66 -46.11
N ASN B 138 -55.50 -8.89 -46.94
CA ASN B 138 -55.50 -10.06 -47.81
C ASN B 138 -55.49 -11.35 -47.02
N ALA B 139 -54.71 -11.41 -45.95
CA ALA B 139 -54.61 -12.61 -45.13
C ALA B 139 -55.35 -12.43 -43.81
N LYS B 140 -55.54 -13.54 -43.10
CA LYS B 140 -56.13 -13.55 -41.77
C LYS B 140 -55.07 -13.96 -40.75
N GLU B 141 -55.13 -13.36 -39.57
CA GLU B 141 -54.20 -13.68 -38.49
C GLU B 141 -54.78 -14.80 -37.64
N LEU B 142 -54.09 -15.94 -37.59
CA LEU B 142 -54.56 -17.10 -36.85
C LEU B 142 -54.24 -17.00 -35.37
N GLY B 143 -52.99 -16.64 -35.04
CA GLY B 143 -52.60 -16.53 -33.65
C GLY B 143 -51.21 -17.05 -33.36
N ASN B 144 -50.77 -18.04 -34.13
CA ASN B 144 -49.43 -18.62 -33.99
C ASN B 144 -48.48 -18.14 -35.08
N GLY B 145 -48.70 -16.92 -35.58
CA GLY B 145 -47.87 -16.38 -36.63
C GLY B 145 -48.28 -16.75 -38.03
N CYS B 146 -49.39 -17.47 -38.20
CA CYS B 146 -49.80 -17.95 -39.51
C CYS B 146 -50.66 -16.91 -40.22
N PHE B 147 -50.41 -16.76 -41.52
CA PHE B 147 -51.19 -15.88 -42.38
C PHE B 147 -51.81 -16.70 -43.50
N GLU B 148 -53.12 -16.55 -43.69
CA GLU B 148 -53.86 -17.28 -44.71
C GLU B 148 -54.45 -16.27 -45.70
N PHE B 149 -53.73 -16.03 -46.78
CA PHE B 149 -54.13 -15.09 -47.82
C PHE B 149 -55.16 -15.71 -48.76
N TYR B 150 -55.71 -14.88 -49.64
CA TYR B 150 -56.86 -15.26 -50.46
C TYR B 150 -56.47 -15.61 -51.90
N HIS B 151 -55.62 -14.79 -52.52
CA HIS B 151 -55.30 -14.96 -53.93
C HIS B 151 -54.63 -16.30 -54.21
N LYS B 152 -54.94 -16.88 -55.36
CA LYS B 152 -54.37 -18.17 -55.77
C LYS B 152 -53.21 -17.93 -56.73
N CYS B 153 -52.14 -17.35 -56.21
CA CYS B 153 -50.94 -17.07 -56.99
C CYS B 153 -49.92 -18.19 -56.82
N ASP B 154 -48.81 -18.06 -57.54
CA ASP B 154 -47.80 -19.11 -57.55
C ASP B 154 -46.81 -18.92 -56.39
N ASN B 155 -45.79 -19.77 -56.39
CA ASN B 155 -44.78 -19.71 -55.33
C ASN B 155 -43.95 -18.44 -55.41
N GLU B 156 -43.95 -17.77 -56.57
CA GLU B 156 -43.20 -16.52 -56.71
C GLU B 156 -43.77 -15.46 -55.78
N CYS B 157 -45.09 -15.44 -55.58
CA CYS B 157 -45.68 -14.52 -54.63
C CYS B 157 -45.15 -14.74 -53.22
N MET B 158 -44.86 -15.99 -52.88
CA MET B 158 -44.20 -16.25 -51.60
C MET B 158 -42.82 -15.62 -51.55
N GLU B 159 -42.06 -15.73 -52.65
CA GLU B 159 -40.78 -15.06 -52.74
C GLU B 159 -40.96 -13.54 -52.71
N SER B 160 -42.04 -13.05 -53.31
CA SER B 160 -42.32 -11.62 -53.26
C SER B 160 -42.52 -11.15 -51.82
N VAL B 161 -43.21 -11.96 -51.01
CA VAL B 161 -43.29 -11.68 -49.58
C VAL B 161 -41.90 -11.76 -48.96
N ARG B 162 -41.03 -12.61 -49.51
CA ARG B 162 -39.73 -12.83 -48.90
C ARG B 162 -38.72 -11.71 -49.17
N ASN B 163 -38.85 -11.07 -50.33
CA ASN B 163 -37.96 -9.93 -50.68
C ASN B 163 -38.59 -8.62 -50.20
N GLY B 164 -39.68 -8.70 -49.44
CA GLY B 164 -40.34 -7.52 -48.92
C GLY B 164 -40.95 -6.61 -49.97
N THR B 165 -41.17 -7.11 -51.18
CA THR B 165 -41.78 -6.33 -52.25
C THR B 165 -43.16 -6.92 -52.54
N TYR B 166 -44.15 -6.46 -51.80
CA TYR B 166 -45.54 -6.89 -51.96
C TYR B 166 -46.34 -5.72 -52.49
N ASP B 167 -46.61 -5.72 -53.80
CA ASP B 167 -47.49 -4.71 -54.37
C ASP B 167 -48.93 -5.06 -54.01
N TYR B 168 -49.66 -4.10 -53.49
CA TYR B 168 -51.00 -4.31 -52.96
C TYR B 168 -52.12 -4.28 -54.00
N PRO B 169 -52.17 -3.28 -54.89
CA PRO B 169 -53.43 -3.03 -55.62
C PRO B 169 -54.01 -4.21 -56.39
N GLN B 170 -53.19 -4.82 -57.26
CA GLN B 170 -53.65 -5.94 -58.11
C GLN B 170 -54.25 -7.03 -57.22
N TYR B 171 -53.50 -7.45 -56.20
CA TYR B 171 -53.99 -8.52 -55.33
C TYR B 171 -55.23 -8.11 -54.52
N SER B 172 -55.51 -6.82 -54.41
CA SER B 172 -56.67 -6.40 -53.63
C SER B 172 -57.97 -6.79 -54.32
N GLU B 173 -58.06 -6.66 -55.65
CA GLU B 173 -59.32 -6.91 -56.33
C GLU B 173 -59.73 -8.38 -56.22
N GLU B 174 -58.80 -9.30 -56.47
CA GLU B 174 -59.13 -10.71 -56.31
C GLU B 174 -59.45 -11.04 -54.85
N ALA B 175 -58.73 -10.45 -53.91
CA ALA B 175 -59.00 -10.69 -52.50
C ALA B 175 -60.34 -10.10 -52.06
N ARG B 176 -60.69 -8.91 -52.57
CA ARG B 176 -61.97 -8.32 -52.19
C ARG B 176 -63.14 -9.06 -52.82
N LEU B 177 -62.92 -9.67 -54.00
CA LEU B 177 -63.89 -10.64 -54.50
C LEU B 177 -63.96 -11.86 -53.59
N LYS B 178 -62.88 -12.12 -52.85
CA LYS B 178 -62.89 -13.22 -51.87
C LYS B 178 -63.32 -12.73 -50.50
N ARG B 179 -63.45 -11.45 -50.30
CA ARG B 179 -63.99 -10.96 -49.01
C ARG B 179 -65.52 -10.88 -49.12
N GLU B 180 -66.05 -10.83 -50.38
CA GLU B 180 -67.49 -10.76 -50.55
C GLU B 180 -68.15 -12.11 -50.76
N GLU B 181 -67.42 -13.12 -51.20
CA GLU B 181 -68.01 -14.45 -51.36
C GLU B 181 -68.12 -15.22 -50.04
N ILE B 182 -67.23 -14.95 -49.08
CA ILE B 182 -67.39 -15.54 -47.75
C ILE B 182 -68.32 -14.75 -46.86
N SER B 183 -68.69 -13.53 -47.25
CA SER B 183 -69.61 -12.71 -46.48
C SER B 183 -70.99 -12.73 -47.13
N ASP C 1 11.66 -28.10 -42.68
CA ASP C 1 13.03 -28.62 -42.77
C ASP C 1 13.99 -27.56 -43.28
N ILE C 2 14.54 -26.77 -42.36
CA ILE C 2 15.50 -25.74 -42.74
C ILE C 2 16.82 -26.41 -43.12
N VAL C 3 17.33 -26.09 -44.30
CA VAL C 3 18.66 -26.53 -44.72
C VAL C 3 19.60 -25.33 -44.63
N LEU C 4 20.76 -25.55 -44.00
CA LEU C 4 21.70 -24.47 -43.74
C LEU C 4 22.82 -24.52 -44.78
N THR C 5 23.02 -23.41 -45.47
CA THR C 5 24.14 -23.25 -46.39
C THR C 5 25.08 -22.19 -45.82
N GLN C 6 26.34 -22.57 -45.65
CA GLN C 6 27.33 -21.71 -44.99
C GLN C 6 28.45 -21.38 -45.95
N SER C 7 28.71 -20.09 -46.11
CA SER C 7 29.75 -19.59 -47.00
C SER C 7 30.55 -18.53 -46.27
N PRO C 8 31.87 -18.45 -46.52
CA PRO C 8 32.66 -19.30 -47.41
C PRO C 8 32.93 -20.69 -46.84
N GLY C 9 33.21 -21.66 -47.71
CA GLY C 9 33.50 -23.01 -47.24
C GLY C 9 34.79 -23.07 -46.44
N SER C 10 35.81 -22.33 -46.86
CA SER C 10 37.08 -22.27 -46.15
C SER C 10 37.49 -20.81 -46.04
N LEU C 11 37.75 -20.35 -44.82
CA LEU C 11 38.11 -18.97 -44.56
C LEU C 11 39.58 -18.90 -44.16
N THR C 12 40.28 -17.90 -44.69
CA THR C 12 41.70 -17.72 -44.42
C THR C 12 41.98 -16.28 -44.05
N VAL C 13 42.36 -16.05 -42.80
CA VAL C 13 42.77 -14.73 -42.33
C VAL C 13 44.01 -14.89 -41.46
N SER C 14 44.93 -13.95 -41.59
CA SER C 14 46.12 -13.94 -40.75
C SER C 14 45.75 -13.45 -39.35
N LEU C 15 46.77 -13.28 -38.50
CA LEU C 15 46.53 -12.81 -37.14
C LEU C 15 46.14 -11.33 -37.15
N GLY C 16 45.02 -11.02 -36.49
CA GLY C 16 44.65 -9.64 -36.21
C GLY C 16 43.58 -9.03 -37.09
N GLN C 17 43.19 -9.73 -38.16
CA GLN C 17 42.23 -9.15 -39.12
C GLN C 17 40.84 -9.73 -38.87
N ARG C 18 39.79 -8.91 -39.02
CA ARG C 18 38.43 -9.39 -38.68
C ARG C 18 38.14 -10.63 -39.54
N ALA C 19 37.52 -11.66 -38.95
CA ALA C 19 37.12 -12.86 -39.72
C ALA C 19 35.60 -13.00 -39.62
N THR C 20 34.88 -12.83 -40.72
CA THR C 20 33.44 -12.88 -40.85
C THR C 20 33.01 -14.23 -41.41
N ILE C 21 32.15 -14.93 -40.67
CA ILE C 21 31.57 -16.19 -41.13
C ILE C 21 30.04 -16.05 -41.13
N SER C 22 29.40 -16.57 -42.17
CA SER C 22 27.98 -16.35 -42.41
C SER C 22 27.33 -17.62 -42.95
N CYS C 23 26.03 -17.76 -42.66
CA CYS C 23 25.22 -18.84 -43.20
C CYS C 23 23.77 -18.37 -43.29
N ARG C 24 23.04 -18.91 -44.26
CA ARG C 24 21.67 -18.50 -44.55
C ARG C 24 20.72 -19.68 -44.41
N ALA C 25 19.44 -19.37 -44.21
CA ALA C 25 18.39 -20.35 -44.00
C ALA C 25 17.32 -20.25 -45.09
N SER C 26 16.58 -21.33 -45.26
CA SER C 26 15.54 -21.37 -46.29
C SER C 26 14.37 -20.46 -45.93
N GLU C 27 13.68 -20.74 -44.83
CA GLU C 27 12.71 -19.80 -44.28
C GLU C 27 13.32 -19.10 -43.07
N SER C 28 12.54 -18.22 -42.46
CA SER C 28 13.02 -17.50 -41.30
C SER C 28 13.10 -18.41 -40.08
N VAL C 29 14.21 -18.32 -39.36
CA VAL C 29 14.39 -19.05 -38.12
C VAL C 29 14.02 -18.18 -36.92
N ASP C 30 13.32 -17.08 -37.14
CA ASP C 30 12.93 -16.14 -36.10
C ASP C 30 11.48 -16.40 -35.73
N ASN C 31 11.24 -16.66 -34.44
CA ASN C 31 9.89 -16.88 -33.94
C ASN C 31 9.84 -16.46 -32.48
N PHE C 32 8.65 -16.08 -32.03
CA PHE C 32 8.41 -15.62 -30.66
C PHE C 32 9.22 -14.37 -30.32
N GLY C 33 9.70 -13.65 -31.32
CA GLY C 33 10.44 -12.42 -31.13
C GLY C 33 11.94 -12.56 -31.11
N LYS C 34 12.45 -13.79 -30.98
CA LYS C 34 13.90 -14.02 -30.94
C LYS C 34 14.27 -15.07 -31.98
N SER C 35 15.37 -14.81 -32.69
CA SER C 35 15.84 -15.71 -33.72
C SER C 35 16.60 -16.86 -33.07
N PHE C 36 16.21 -18.09 -33.39
CA PHE C 36 16.78 -19.28 -32.76
C PHE C 36 17.78 -19.91 -33.72
N MET C 37 19.01 -19.39 -33.69
CA MET C 37 20.14 -20.00 -34.38
C MET C 37 21.35 -19.95 -33.48
N HIS C 38 21.97 -21.12 -33.25
CA HIS C 38 23.09 -21.25 -32.35
C HIS C 38 24.37 -21.54 -33.13
N TRP C 39 25.48 -20.98 -32.66
CA TRP C 39 26.77 -21.11 -33.31
C TRP C 39 27.65 -22.07 -32.52
N TYR C 40 28.24 -23.04 -33.23
CA TYR C 40 29.05 -24.08 -32.62
C TYR C 40 30.47 -24.03 -33.18
N GLN C 41 31.44 -24.37 -32.34
CA GLN C 41 32.83 -24.46 -32.75
C GLN C 41 33.39 -25.82 -32.37
N GLN C 42 34.07 -26.48 -33.31
CA GLN C 42 34.69 -27.78 -33.06
C GLN C 42 36.18 -27.69 -33.40
N LYS C 43 37.01 -27.69 -32.37
CA LYS C 43 38.45 -27.74 -32.56
C LYS C 43 38.85 -29.11 -33.10
N PRO C 44 39.98 -29.21 -33.80
CA PRO C 44 40.41 -30.51 -34.32
C PRO C 44 40.66 -31.50 -33.19
N GLY C 45 40.19 -32.73 -33.39
CA GLY C 45 40.35 -33.77 -32.39
C GLY C 45 39.66 -33.48 -31.07
N GLN C 46 38.55 -32.74 -31.11
CA GLN C 46 37.84 -32.38 -29.90
C GLN C 46 36.35 -32.30 -30.20
N SER C 47 35.55 -32.44 -29.15
CA SER C 47 34.11 -32.34 -29.29
C SER C 47 33.69 -30.87 -29.46
N PRO C 48 32.63 -30.62 -30.23
CA PRO C 48 32.17 -29.24 -30.42
C PRO C 48 31.69 -28.62 -29.12
N LYS C 49 31.85 -27.31 -29.02
CA LYS C 49 31.41 -26.54 -27.86
C LYS C 49 30.57 -25.35 -28.30
N LEU C 50 29.64 -24.94 -27.44
CA LEU C 50 28.76 -23.83 -27.76
C LEU C 50 29.50 -22.50 -27.68
N LEU C 51 29.33 -21.67 -28.71
CA LEU C 51 29.88 -20.31 -28.73
C LEU C 51 28.80 -19.27 -28.53
N ILE C 52 27.78 -19.26 -29.39
CA ILE C 52 26.71 -18.27 -29.36
C ILE C 52 25.38 -19.01 -29.36
N TYR C 53 24.50 -18.64 -28.44
CA TYR C 53 23.17 -19.22 -28.36
C TYR C 53 22.13 -18.13 -28.61
N ARG C 54 21.13 -18.45 -29.43
CA ARG C 54 20.08 -17.56 -29.89
C ARG C 54 20.61 -16.44 -30.78
N ALA C 55 21.81 -16.62 -31.34
CA ALA C 55 22.47 -15.80 -32.36
C ALA C 55 22.96 -14.46 -31.84
N SER C 56 22.65 -14.10 -30.60
CA SER C 56 23.15 -12.85 -30.04
C SER C 56 23.94 -13.06 -28.76
N ASN C 57 23.37 -13.84 -27.84
CA ASN C 57 23.98 -14.01 -26.53
C ASN C 57 25.19 -14.92 -26.62
N ARG C 58 26.21 -14.61 -25.81
CA ARG C 58 27.45 -15.37 -25.79
C ARG C 58 27.57 -16.13 -24.48
N GLU C 59 28.00 -17.39 -24.58
CA GLU C 59 28.18 -18.24 -23.40
C GLU C 59 29.27 -17.68 -22.50
N PHE C 60 29.11 -17.88 -21.19
CA PHE C 60 30.19 -17.59 -20.26
C PHE C 60 31.38 -18.50 -20.55
N GLY C 61 32.57 -17.96 -20.35
CA GLY C 61 33.80 -18.67 -20.66
C GLY C 61 34.30 -18.49 -22.07
N ILE C 62 33.45 -18.02 -22.97
CA ILE C 62 33.84 -17.72 -24.34
C ILE C 62 34.37 -16.29 -24.37
N PRO C 63 35.57 -16.05 -24.90
CA PRO C 63 36.13 -14.69 -24.91
C PRO C 63 35.25 -13.74 -25.70
N ALA C 64 35.25 -12.48 -25.27
CA ALA C 64 34.42 -11.45 -25.88
C ALA C 64 34.80 -11.14 -27.32
N ARG C 65 35.86 -11.76 -27.85
CA ARG C 65 36.25 -11.52 -29.23
C ARG C 65 35.20 -12.05 -30.21
N PHE C 66 34.45 -13.07 -29.80
CA PHE C 66 33.43 -13.65 -30.65
C PHE C 66 32.19 -12.76 -30.63
N ASN C 67 31.81 -12.23 -31.78
CA ASN C 67 30.59 -11.46 -31.94
C ASN C 67 29.69 -12.09 -32.99
N GLY C 68 28.43 -12.28 -32.62
CA GLY C 68 27.42 -12.77 -33.54
C GLY C 68 26.24 -11.82 -33.65
N SER C 69 25.88 -11.48 -34.88
CA SER C 69 24.72 -10.66 -35.17
C SER C 69 23.97 -11.25 -36.35
N GLY C 70 22.68 -10.95 -36.41
CA GLY C 70 21.87 -11.42 -37.53
C GLY C 70 20.40 -11.20 -37.24
N SER C 71 19.61 -11.33 -38.30
CA SER C 71 18.17 -11.13 -38.20
C SER C 71 17.51 -11.73 -39.43
N GLY C 72 16.43 -12.48 -39.22
CA GLY C 72 15.68 -13.05 -40.31
C GLY C 72 16.24 -14.37 -40.82
N THR C 73 16.88 -14.33 -41.99
CA THR C 73 17.42 -15.53 -42.60
C THR C 73 18.94 -15.55 -42.67
N ASP C 74 19.61 -14.41 -42.50
CA ASP C 74 21.06 -14.31 -42.59
C ASP C 74 21.65 -13.95 -41.23
N PHE C 75 22.71 -14.66 -40.84
CA PHE C 75 23.39 -14.42 -39.58
C PHE C 75 24.89 -14.45 -39.81
N ALA C 76 25.62 -13.64 -39.05
CA ALA C 76 27.06 -13.52 -39.20
C ALA C 76 27.75 -13.60 -37.85
N LEU C 77 28.96 -14.12 -37.85
CA LEU C 77 29.81 -14.22 -36.66
C LEU C 77 31.17 -13.61 -36.96
N THR C 78 31.62 -12.70 -36.10
CA THR C 78 32.87 -11.98 -36.31
C THR C 78 33.77 -12.16 -35.09
N ILE C 79 35.07 -12.29 -35.35
CA ILE C 79 36.07 -12.58 -34.31
C ILE C 79 37.17 -11.52 -34.38
N ASN C 80 37.34 -10.79 -33.27
CA ASN C 80 38.29 -9.67 -33.21
C ASN C 80 39.01 -9.70 -31.88
N PRO C 81 40.33 -9.95 -31.84
CA PRO C 81 41.12 -10.32 -33.01
C PRO C 81 41.20 -11.83 -33.17
N VAL C 82 42.06 -12.29 -34.09
CA VAL C 82 42.24 -13.71 -34.36
C VAL C 82 43.69 -14.06 -34.07
N GLU C 83 43.90 -15.11 -33.27
CA GLU C 83 45.23 -15.60 -32.94
C GLU C 83 45.38 -17.02 -33.46
N ALA C 84 46.51 -17.64 -33.11
CA ALA C 84 46.76 -19.01 -33.55
C ALA C 84 45.79 -20.00 -32.91
N ASP C 85 45.28 -19.69 -31.72
CA ASP C 85 44.36 -20.59 -31.02
C ASP C 85 42.91 -20.28 -31.42
N ASP C 86 42.67 -20.30 -32.73
CA ASP C 86 41.34 -20.10 -33.26
C ASP C 86 41.00 -21.03 -34.41
N VAL C 87 41.91 -21.89 -34.85
CA VAL C 87 41.62 -22.78 -35.96
C VAL C 87 40.65 -23.86 -35.49
N ALA C 88 39.53 -24.00 -36.21
CA ALA C 88 38.48 -24.94 -35.87
C ALA C 88 37.47 -24.94 -37.01
N THR C 89 36.44 -25.75 -36.86
CA THR C 89 35.32 -25.81 -37.81
C THR C 89 34.08 -25.29 -37.11
N TYR C 90 33.40 -24.34 -37.73
CA TYR C 90 32.26 -23.64 -37.13
C TYR C 90 30.97 -24.07 -37.81
N PHE C 91 29.93 -24.28 -36.99
CA PHE C 91 28.61 -24.66 -37.49
C PHE C 91 27.56 -23.73 -36.92
N CYS C 92 26.52 -23.49 -37.72
CA CYS C 92 25.34 -22.75 -37.28
C CYS C 92 24.15 -23.70 -37.30
N GLN C 93 23.39 -23.73 -36.20
CA GLN C 93 22.28 -24.65 -36.04
C GLN C 93 20.99 -23.88 -35.85
N GLN C 94 19.92 -24.34 -36.48
CA GLN C 94 18.59 -23.81 -36.27
C GLN C 94 17.80 -24.74 -35.37
N SER C 95 16.84 -24.15 -34.65
CA SER C 95 15.99 -24.92 -33.74
C SER C 95 14.54 -24.47 -33.80
N ASN C 96 14.10 -23.94 -34.95
CA ASN C 96 12.72 -23.48 -35.06
C ASN C 96 11.73 -24.63 -34.92
N GLU C 97 11.96 -25.74 -35.63
CA GLU C 97 11.19 -26.95 -35.42
C GLU C 97 12.03 -28.15 -35.82
N ASP C 98 11.68 -29.31 -35.27
CA ASP C 98 12.41 -30.54 -35.54
C ASP C 98 12.20 -30.99 -36.99
N PRO C 99 13.17 -31.68 -37.58
CA PRO C 99 14.47 -32.03 -36.99
C PRO C 99 15.49 -30.89 -37.06
N ARG C 100 16.44 -30.89 -36.12
CA ARG C 100 17.50 -29.90 -36.14
C ARG C 100 18.48 -30.19 -37.27
N THR C 101 19.01 -29.13 -37.87
CA THR C 101 19.94 -29.26 -38.98
C THR C 101 21.17 -28.41 -38.71
N PHE C 102 22.30 -28.85 -39.26
CA PHE C 102 23.58 -28.20 -39.08
C PHE C 102 24.08 -27.63 -40.40
N GLY C 103 25.05 -26.74 -40.32
CA GLY C 103 25.70 -26.23 -41.51
C GLY C 103 26.68 -27.21 -42.08
N GLY C 104 27.25 -26.85 -43.23
CA GLY C 104 28.23 -27.69 -43.88
C GLY C 104 29.62 -27.61 -43.32
N GLY C 105 29.84 -26.76 -42.32
CA GLY C 105 31.15 -26.59 -41.73
C GLY C 105 31.98 -25.56 -42.48
N THR C 106 32.97 -25.02 -41.78
CA THR C 106 33.88 -24.06 -42.37
C THR C 106 35.23 -24.13 -41.66
N LYS C 107 36.26 -24.53 -42.40
CA LYS C 107 37.61 -24.49 -41.87
C LYS C 107 38.10 -23.04 -41.81
N LEU C 108 38.73 -22.68 -40.70
CA LEU C 108 39.27 -21.33 -40.49
C LEU C 108 40.79 -21.44 -40.61
N GLU C 109 41.31 -21.04 -41.76
CA GLU C 109 42.73 -21.10 -42.02
C GLU C 109 43.42 -19.82 -41.55
N ILE C 110 44.73 -19.91 -41.36
CA ILE C 110 45.53 -18.81 -40.82
C ILE C 110 46.66 -18.51 -41.79
N LYS C 111 46.81 -17.23 -42.14
CA LYS C 111 47.91 -16.77 -42.99
C LYS C 111 49.07 -16.32 -42.12
N ARG C 112 50.29 -16.66 -42.53
CA ARG C 112 51.48 -16.28 -41.79
C ARG C 112 52.68 -16.31 -42.73
N ALA C 113 53.86 -16.04 -42.16
CA ALA C 113 55.08 -16.04 -42.96
C ALA C 113 55.41 -17.46 -43.40
N ASP C 114 55.90 -17.59 -44.62
CA ASP C 114 56.27 -18.89 -45.16
C ASP C 114 57.46 -19.46 -44.40
N ALA C 115 57.42 -20.77 -44.16
CA ALA C 115 58.47 -21.46 -43.42
C ALA C 115 59.02 -22.61 -44.26
N ALA C 116 60.34 -22.70 -44.32
CA ALA C 116 60.99 -23.77 -45.06
C ALA C 116 60.87 -25.08 -44.28
N PRO C 117 60.39 -26.16 -44.90
CA PRO C 117 60.26 -27.42 -44.17
C PRO C 117 61.61 -27.98 -43.74
N THR C 118 61.60 -28.66 -42.60
CA THR C 118 62.83 -29.26 -42.05
C THR C 118 62.83 -30.74 -42.38
N VAL C 119 63.31 -31.07 -43.56
CA VAL C 119 63.34 -32.45 -44.05
C VAL C 119 64.52 -33.18 -43.42
N SER C 120 64.27 -34.39 -42.96
CA SER C 120 65.32 -35.26 -42.44
C SER C 120 65.07 -36.67 -42.98
N ILE C 121 66.13 -37.31 -43.46
CA ILE C 121 66.03 -38.61 -44.11
C ILE C 121 66.31 -39.70 -43.06
N PHE C 122 65.52 -40.77 -43.10
CA PHE C 122 65.61 -41.82 -42.09
C PHE C 122 65.72 -43.19 -42.73
N PRO C 123 66.64 -44.03 -42.26
CA PRO C 123 66.75 -45.39 -42.82
C PRO C 123 65.85 -46.36 -42.06
N PRO C 124 65.38 -47.41 -42.72
CA PRO C 124 64.66 -48.47 -42.00
C PRO C 124 65.55 -49.14 -40.96
N SER C 125 64.94 -49.53 -39.85
CA SER C 125 65.68 -50.11 -38.73
C SER C 125 65.94 -51.59 -38.94
N SER C 126 66.82 -52.14 -38.10
CA SER C 126 67.17 -53.55 -38.19
C SER C 126 66.03 -54.44 -37.75
N GLU C 127 65.20 -53.97 -36.81
CA GLU C 127 64.05 -54.76 -36.40
C GLU C 127 63.11 -55.00 -37.58
N GLN C 128 63.03 -54.05 -38.52
CA GLN C 128 62.12 -54.20 -39.65
C GLN C 128 62.55 -55.34 -40.57
N LEU C 129 63.86 -55.56 -40.70
CA LEU C 129 64.34 -56.64 -41.54
C LEU C 129 63.93 -58.00 -40.99
N THR C 130 63.90 -58.14 -39.65
CA THR C 130 63.46 -59.39 -39.04
C THR C 130 62.01 -59.67 -39.36
N SER C 131 61.17 -58.63 -39.40
CA SER C 131 59.76 -58.80 -39.74
C SER C 131 59.54 -59.15 -41.21
N GLY C 132 60.56 -59.04 -42.05
CA GLY C 132 60.43 -59.35 -43.46
C GLY C 132 59.98 -58.22 -44.35
N GLY C 133 59.88 -57.00 -43.83
CA GLY C 133 59.47 -55.88 -44.64
C GLY C 133 60.46 -54.73 -44.63
N ALA C 134 60.05 -53.58 -45.15
CA ALA C 134 60.88 -52.39 -45.15
C ALA C 134 59.99 -51.17 -45.24
N SER C 135 60.42 -50.09 -44.59
CA SER C 135 59.69 -48.82 -44.65
C SER C 135 60.67 -47.69 -44.45
N VAL C 136 60.88 -46.89 -45.49
CA VAL C 136 61.65 -45.66 -45.40
C VAL C 136 60.67 -44.49 -45.46
N VAL C 137 60.78 -43.58 -44.49
CA VAL C 137 59.82 -42.51 -44.29
C VAL C 137 60.56 -41.18 -44.18
N CYS C 138 60.00 -40.15 -44.81
CA CYS C 138 60.60 -38.83 -44.85
C CYS C 138 59.77 -37.86 -44.01
N PHE C 139 60.43 -37.13 -43.12
CA PHE C 139 59.76 -36.27 -42.15
C PHE C 139 59.86 -34.81 -42.59
N LEU C 140 58.73 -34.12 -42.61
CA LEU C 140 58.65 -32.72 -43.01
C LEU C 140 57.84 -31.96 -41.95
N ASN C 141 58.50 -31.11 -41.19
CA ASN C 141 57.88 -30.43 -40.06
C ASN C 141 58.09 -28.92 -40.15
N ASN C 142 57.14 -28.18 -39.59
CA ASN C 142 57.24 -26.73 -39.41
C ASN C 142 57.46 -26.01 -40.74
N PHE C 143 56.44 -26.08 -41.59
CA PHE C 143 56.47 -25.40 -42.88
C PHE C 143 55.12 -24.73 -43.10
N TYR C 144 55.11 -23.72 -43.98
CA TYR C 144 53.89 -23.03 -44.35
C TYR C 144 54.04 -22.50 -45.77
N PRO C 145 53.00 -22.56 -46.60
CA PRO C 145 51.67 -23.16 -46.32
C PRO C 145 51.62 -24.67 -46.47
N LYS C 146 50.40 -25.22 -46.44
CA LYS C 146 50.20 -26.65 -46.60
C LYS C 146 50.48 -27.14 -48.02
N ASP C 147 50.56 -26.23 -48.99
CA ASP C 147 50.76 -26.62 -50.39
C ASP C 147 52.21 -27.06 -50.58
N ILE C 148 52.41 -28.37 -50.70
CA ILE C 148 53.74 -28.92 -50.92
C ILE C 148 53.58 -30.23 -51.67
N ASN C 149 54.59 -30.57 -52.47
CA ASN C 149 54.64 -31.83 -53.19
C ASN C 149 55.90 -32.57 -52.77
N VAL C 150 55.75 -33.83 -52.40
CA VAL C 150 56.87 -34.68 -51.99
C VAL C 150 57.20 -35.64 -53.12
N LYS C 151 58.48 -35.83 -53.38
CA LYS C 151 58.93 -36.66 -54.48
C LYS C 151 59.90 -37.73 -53.97
N TRP C 152 60.00 -38.82 -54.72
CA TRP C 152 60.84 -39.95 -54.34
C TRP C 152 61.82 -40.25 -55.46
N LYS C 153 63.09 -40.40 -55.11
CA LYS C 153 64.14 -40.78 -56.06
C LYS C 153 64.74 -42.10 -55.62
N ILE C 154 64.84 -43.05 -56.55
CA ILE C 154 65.36 -44.39 -56.28
C ILE C 154 66.50 -44.62 -57.25
N ASP C 155 67.74 -44.35 -56.81
CA ASP C 155 68.93 -44.45 -57.66
C ASP C 155 68.78 -43.63 -58.93
N GLY C 156 68.24 -42.43 -58.79
CA GLY C 156 68.00 -41.56 -59.92
C GLY C 156 66.75 -41.87 -60.71
N SER C 157 65.96 -42.85 -60.28
CA SER C 157 64.72 -43.20 -60.96
C SER C 157 63.53 -42.78 -60.11
N GLU C 158 62.69 -41.91 -60.67
CA GLU C 158 61.42 -41.57 -60.06
C GLU C 158 60.59 -42.82 -59.86
N ARG C 159 59.91 -42.92 -58.71
CA ARG C 159 59.03 -44.09 -58.44
C ARG C 159 57.74 -43.56 -57.81
N GLN C 160 56.60 -44.24 -58.02
CA GLN C 160 55.35 -43.62 -57.51
C GLN C 160 54.51 -44.50 -56.56
N ASN C 161 54.72 -45.81 -56.49
CA ASN C 161 53.81 -46.61 -55.66
C ASN C 161 54.18 -46.51 -54.18
N GLY C 162 53.28 -47.02 -53.34
CA GLY C 162 53.53 -47.11 -51.92
C GLY C 162 53.64 -45.77 -51.24
N VAL C 163 53.13 -44.73 -51.86
CA VAL C 163 53.21 -43.38 -51.30
C VAL C 163 52.10 -43.23 -50.26
N LEU C 164 52.51 -42.95 -49.03
CA LEU C 164 51.57 -42.77 -47.91
C LEU C 164 51.87 -41.43 -47.25
N ASN C 165 51.08 -40.42 -47.60
CA ASN C 165 51.23 -39.08 -47.04
C ASN C 165 50.09 -38.81 -46.08
N SER C 166 50.42 -38.46 -44.85
CA SER C 166 49.44 -38.19 -43.82
C SER C 166 49.41 -36.69 -43.55
N TRP C 167 48.23 -36.09 -43.71
CA TRP C 167 48.06 -34.68 -43.44
C TRP C 167 47.87 -34.45 -41.94
N THR C 168 47.89 -33.18 -41.55
CA THR C 168 47.72 -32.82 -40.15
C THR C 168 47.08 -31.45 -40.06
N ASP C 169 46.51 -31.15 -38.90
CA ASP C 169 45.87 -29.87 -38.65
C ASP C 169 46.93 -28.77 -38.46
N GLN C 170 46.47 -27.53 -38.55
CA GLN C 170 47.35 -26.40 -38.29
C GLN C 170 47.64 -26.30 -36.79
N ASP C 171 48.91 -26.01 -36.47
CA ASP C 171 49.31 -25.92 -35.07
C ASP C 171 48.67 -24.71 -34.40
N SER C 172 48.37 -24.86 -33.11
CA SER C 172 47.70 -23.82 -32.34
C SER C 172 48.68 -22.84 -31.71
N LYS C 173 49.98 -23.02 -31.90
CA LYS C 173 50.98 -22.13 -31.32
C LYS C 173 51.74 -21.34 -32.38
N ASP C 174 52.31 -22.01 -33.39
CA ASP C 174 53.04 -21.34 -34.45
C ASP C 174 52.36 -21.39 -35.81
N SER C 175 51.26 -22.13 -35.92
CA SER C 175 50.47 -22.20 -37.15
C SER C 175 51.31 -22.73 -38.32
N THR C 176 51.83 -23.94 -38.15
CA THR C 176 52.60 -24.61 -39.18
C THR C 176 52.12 -26.05 -39.32
N TYR C 177 52.29 -26.61 -40.52
CA TYR C 177 51.85 -27.96 -40.82
C TYR C 177 53.01 -28.94 -40.68
N SER C 178 52.69 -30.22 -40.82
CA SER C 178 53.68 -31.29 -40.74
C SER C 178 53.30 -32.38 -41.75
N MET C 179 54.31 -33.04 -42.30
CA MET C 179 54.10 -34.08 -43.28
C MET C 179 54.95 -35.31 -42.94
N SER C 180 54.50 -36.45 -43.44
CA SER C 180 55.24 -37.71 -43.24
C SER C 180 54.95 -38.61 -44.44
N SER C 181 55.89 -38.67 -45.37
CA SER C 181 55.76 -39.49 -46.57
C SER C 181 56.35 -40.87 -46.29
N THR C 182 55.50 -41.89 -46.27
CA THR C 182 55.89 -43.25 -45.95
C THR C 182 55.86 -44.10 -47.22
N LEU C 183 56.93 -44.84 -47.46
CA LEU C 183 57.03 -45.74 -48.61
C LEU C 183 57.15 -47.17 -48.08
N THR C 184 56.06 -47.93 -48.16
CA THR C 184 56.10 -49.32 -47.77
C THR C 184 56.94 -50.12 -48.74
N LEU C 185 57.79 -51.00 -48.21
CA LEU C 185 58.71 -51.79 -49.01
C LEU C 185 58.82 -53.18 -48.38
N THR C 186 59.51 -54.07 -49.07
CA THR C 186 59.69 -55.44 -48.59
C THR C 186 60.97 -56.01 -49.21
N LYS C 187 61.11 -57.33 -49.12
CA LYS C 187 62.40 -57.99 -49.34
C LYS C 187 62.68 -58.32 -50.80
N ASP C 188 61.82 -57.94 -51.74
CA ASP C 188 62.14 -58.16 -53.15
C ASP C 188 62.34 -56.88 -53.94
N GLU C 189 62.38 -55.71 -53.30
CA GLU C 189 62.80 -54.49 -53.98
C GLU C 189 63.80 -53.64 -53.20
N TYR C 190 63.93 -53.83 -51.89
CA TYR C 190 64.86 -53.01 -51.12
C TYR C 190 66.31 -53.40 -51.39
N GLU C 191 66.60 -54.70 -51.56
CA GLU C 191 68.02 -55.16 -51.66
C GLU C 191 68.62 -55.04 -53.06
N ARG C 192 68.02 -54.25 -53.96
CA ARG C 192 68.59 -54.02 -55.27
C ARG C 192 68.74 -52.54 -55.58
N HIS C 193 68.62 -51.68 -54.57
CA HIS C 193 68.81 -50.25 -54.73
C HIS C 193 69.56 -49.72 -53.51
N ASN C 194 70.36 -48.69 -53.74
CA ASN C 194 71.23 -48.16 -52.71
C ASN C 194 70.90 -46.75 -52.28
N SER C 195 70.55 -45.86 -53.22
CA SER C 195 70.32 -44.46 -52.93
C SER C 195 68.82 -44.21 -52.78
N TYR C 196 68.42 -43.64 -51.65
CA TYR C 196 67.04 -43.26 -51.39
C TYR C 196 67.02 -41.86 -50.80
N THR C 197 66.12 -41.02 -51.30
CA THR C 197 66.06 -39.64 -50.86
C THR C 197 64.66 -39.08 -51.11
N CYS C 198 64.36 -37.97 -50.44
CA CYS C 198 63.11 -37.24 -50.62
C CYS C 198 63.42 -35.78 -50.90
N GLU C 199 62.81 -35.24 -51.94
CA GLU C 199 62.89 -33.82 -52.26
C GLU C 199 61.49 -33.26 -52.31
N ALA C 200 61.30 -32.09 -51.70
CA ALA C 200 59.99 -31.44 -51.62
C ALA C 200 60.11 -30.04 -52.21
N THR C 201 59.30 -29.77 -53.24
CA THR C 201 59.25 -28.45 -53.83
C THR C 201 58.29 -27.56 -53.04
N HIS C 202 58.68 -26.31 -52.86
CA HIS C 202 57.89 -25.36 -52.07
C HIS C 202 58.04 -23.98 -52.66
N LYS C 203 56.98 -23.17 -52.51
CA LYS C 203 57.03 -21.80 -52.99
C LYS C 203 57.91 -20.92 -52.11
N THR C 204 58.21 -21.34 -50.88
CA THR C 204 59.09 -20.58 -50.02
C THR C 204 60.49 -20.49 -50.60
N SER C 205 61.01 -21.59 -51.11
CA SER C 205 62.34 -21.66 -51.69
C SER C 205 62.24 -21.81 -53.21
N THR C 206 63.40 -21.98 -53.84
CA THR C 206 63.49 -22.15 -55.29
C THR C 206 63.91 -23.56 -55.68
N SER C 207 64.93 -24.11 -55.02
CA SER C 207 65.36 -25.46 -55.33
C SER C 207 64.85 -26.44 -54.28
N PRO C 208 64.50 -27.66 -54.69
CA PRO C 208 64.02 -28.65 -53.71
C PRO C 208 65.15 -29.10 -52.80
N ILE C 209 64.92 -29.02 -51.49
CA ILE C 209 65.90 -29.47 -50.53
C ILE C 209 65.95 -31.00 -50.52
N VAL C 210 67.16 -31.55 -50.58
CA VAL C 210 67.37 -32.97 -50.77
C VAL C 210 68.14 -33.53 -49.57
N LYS C 211 67.60 -34.59 -48.97
CA LYS C 211 68.28 -35.33 -47.91
C LYS C 211 68.33 -36.80 -48.32
N SER C 212 69.53 -37.37 -48.34
CA SER C 212 69.75 -38.70 -48.88
C SER C 212 70.57 -39.54 -47.92
N PHE C 213 70.43 -40.86 -48.04
CA PHE C 213 71.20 -41.82 -47.27
C PHE C 213 71.53 -43.01 -48.18
N ASN C 214 72.50 -43.80 -47.73
CA ASN C 214 72.88 -45.03 -48.43
C ASN C 214 72.94 -46.18 -47.45
N ARG C 215 72.66 -47.39 -47.95
CA ARG C 215 72.71 -48.57 -47.10
C ARG C 215 74.13 -48.83 -46.59
N ASN C 216 75.12 -48.75 -47.47
CA ASN C 216 76.49 -49.09 -47.13
C ASN C 216 77.13 -47.90 -46.42
N GLU C 217 76.79 -47.77 -45.13
CA GLU C 217 77.30 -46.67 -44.31
C GLU C 217 77.75 -47.19 -42.95
N GLU D 1 30.52 -28.95 -12.44
CA GLU D 1 30.82 -29.62 -13.69
C GLU D 1 29.74 -30.63 -14.06
N VAL D 2 29.38 -30.67 -15.34
CA VAL D 2 28.32 -31.54 -15.82
C VAL D 2 28.88 -32.49 -16.87
N HIS D 3 30.14 -32.88 -16.68
CA HIS D 3 30.83 -33.73 -17.66
C HIS D 3 30.10 -35.05 -17.85
N LEU D 4 29.93 -35.43 -19.12
CA LEU D 4 29.24 -36.65 -19.52
C LEU D 4 30.22 -37.56 -20.22
N GLN D 5 30.16 -38.88 -19.79
CA GLN D 5 31.10 -39.82 -20.41
C GLN D 5 30.41 -40.52 -21.54
N GLN D 6 30.96 -41.61 -22.05
CA GLN D 6 30.38 -42.55 -23.00
C GLN D 6 31.12 -43.88 -22.84
N SER D 7 30.80 -44.85 -23.69
CA SER D 7 31.55 -46.09 -23.67
C SER D 7 32.74 -46.00 -24.62
N GLY D 8 33.52 -47.09 -24.68
CA GLY D 8 34.69 -47.14 -25.53
C GLY D 8 34.34 -47.46 -26.96
N PRO D 9 35.38 -47.54 -27.79
CA PRO D 9 35.18 -47.84 -29.21
C PRO D 9 34.57 -49.22 -29.42
N GLU D 10 33.80 -49.34 -30.50
CA GLU D 10 33.01 -50.54 -30.75
C GLU D 10 33.31 -51.11 -32.13
N LEU D 11 33.45 -52.43 -32.18
CA LEU D 11 33.64 -53.17 -33.43
C LEU D 11 32.60 -54.27 -33.52
N VAL D 12 32.03 -54.46 -34.72
CA VAL D 12 30.98 -55.44 -34.92
C VAL D 12 30.84 -55.69 -36.41
N LYS D 13 30.45 -56.91 -36.78
CA LYS D 13 30.15 -57.21 -38.17
C LYS D 13 28.86 -56.51 -38.59
N PRO D 14 28.75 -56.12 -39.86
CA PRO D 14 27.53 -55.45 -40.32
C PRO D 14 26.31 -56.34 -40.21
N GLY D 15 25.16 -55.71 -39.96
CA GLY D 15 23.91 -56.42 -39.82
C GLY D 15 23.56 -56.84 -38.41
N ALA D 16 24.46 -56.67 -37.46
CA ALA D 16 24.21 -57.01 -36.06
C ALA D 16 23.65 -55.77 -35.34
N SER D 17 23.60 -55.81 -34.01
CA SER D 17 23.09 -54.71 -33.21
C SER D 17 24.14 -54.29 -32.19
N VAL D 18 24.12 -52.99 -31.85
CA VAL D 18 25.04 -52.42 -30.87
C VAL D 18 24.24 -51.63 -29.85
N LYS D 19 24.85 -51.41 -28.69
CA LYS D 19 24.20 -50.70 -27.60
C LYS D 19 25.25 -49.79 -26.96
N MET D 20 25.13 -48.48 -27.22
CA MET D 20 26.05 -47.51 -26.65
C MET D 20 25.51 -46.97 -25.33
N SER D 21 26.39 -46.34 -24.55
CA SER D 21 26.04 -45.87 -23.22
C SER D 21 26.54 -44.44 -23.01
N CYS D 22 25.88 -43.74 -22.10
CA CYS D 22 26.27 -42.38 -21.73
C CYS D 22 26.02 -42.18 -20.24
N LYS D 23 27.05 -41.76 -19.53
CA LYS D 23 26.99 -41.57 -18.09
C LYS D 23 26.88 -40.09 -17.77
N THR D 24 25.92 -39.74 -16.91
CA THR D 24 25.67 -38.35 -16.52
C THR D 24 25.99 -38.17 -15.05
N SER D 25 26.57 -37.03 -14.71
CA SER D 25 26.91 -36.71 -13.33
C SER D 25 27.06 -35.20 -13.19
N GLY D 26 26.97 -34.73 -11.95
CA GLY D 26 27.14 -33.32 -11.65
C GLY D 26 25.92 -32.47 -11.86
N TYR D 27 24.79 -33.05 -12.27
CA TYR D 27 23.57 -32.29 -12.50
C TYR D 27 22.38 -33.22 -12.39
N THR D 28 21.19 -32.63 -12.32
CA THR D 28 19.97 -33.40 -12.17
C THR D 28 19.60 -34.05 -13.50
N PHE D 29 19.51 -35.38 -13.50
CA PHE D 29 19.25 -36.11 -14.73
C PHE D 29 17.83 -35.92 -15.24
N THR D 30 16.89 -35.59 -14.36
CA THR D 30 15.49 -35.53 -14.76
C THR D 30 15.19 -34.27 -15.57
N GLU D 31 15.76 -33.13 -15.18
CA GLU D 31 15.38 -31.86 -15.79
C GLU D 31 15.74 -31.82 -17.28
N TYR D 32 16.98 -32.11 -17.60
CA TYR D 32 17.51 -31.84 -18.93
C TYR D 32 17.43 -33.08 -19.81
N THR D 33 16.84 -32.93 -20.98
CA THR D 33 16.76 -34.02 -21.93
C THR D 33 18.14 -34.32 -22.52
N ILE D 34 18.31 -35.57 -22.96
CA ILE D 34 19.57 -36.03 -23.54
C ILE D 34 19.35 -36.28 -25.02
N HIS D 35 20.20 -35.68 -25.85
CA HIS D 35 20.12 -35.84 -27.30
C HIS D 35 21.37 -36.53 -27.80
N TRP D 36 21.29 -37.03 -29.03
CA TRP D 36 22.38 -37.74 -29.66
C TRP D 36 22.57 -37.25 -31.09
N MET D 37 23.80 -37.37 -31.59
CA MET D 37 24.14 -36.89 -32.92
C MET D 37 25.16 -37.82 -33.56
N LYS D 38 25.26 -37.72 -34.88
CA LYS D 38 26.16 -38.55 -35.67
C LYS D 38 27.02 -37.65 -36.54
N GLN D 39 28.31 -37.97 -36.64
CA GLN D 39 29.26 -37.21 -37.43
C GLN D 39 30.06 -38.17 -38.30
N SER D 40 29.83 -38.11 -39.62
CA SER D 40 30.51 -38.98 -40.57
C SER D 40 31.81 -38.31 -40.99
N HIS D 41 32.93 -38.76 -40.40
CA HIS D 41 34.27 -38.24 -40.61
C HIS D 41 34.31 -36.72 -40.75
N GLY D 42 33.54 -36.03 -39.92
CA GLY D 42 33.58 -34.59 -39.86
C GLY D 42 32.99 -33.85 -41.05
N LYS D 43 32.25 -34.55 -41.93
CA LYS D 43 31.66 -33.86 -43.07
C LYS D 43 30.53 -32.93 -42.65
N SER D 44 29.70 -33.36 -41.70
CA SER D 44 28.54 -32.60 -41.25
C SER D 44 27.97 -33.30 -40.02
N LEU D 45 26.84 -32.79 -39.54
CA LEU D 45 26.17 -33.33 -38.36
C LEU D 45 24.68 -33.49 -38.65
N GLU D 46 24.12 -34.63 -38.24
CA GLU D 46 22.69 -34.83 -38.25
C GLU D 46 22.21 -35.03 -36.82
N TRP D 47 20.99 -34.58 -36.52
CA TRP D 47 20.36 -34.85 -35.24
C TRP D 47 19.62 -36.17 -35.30
N ILE D 48 19.92 -37.07 -34.38
CA ILE D 48 19.33 -38.41 -34.39
C ILE D 48 18.02 -38.38 -33.62
N GLY D 49 18.09 -38.02 -32.35
CA GLY D 49 16.88 -37.95 -31.53
C GLY D 49 17.21 -37.50 -30.13
N GLY D 50 16.17 -37.38 -29.33
CA GLY D 50 16.33 -36.98 -27.94
C GLY D 50 15.31 -37.69 -27.08
N ILE D 51 15.66 -37.85 -25.80
CA ILE D 51 14.82 -38.55 -24.83
C ILE D 51 14.72 -37.69 -23.58
N PHE D 52 13.53 -37.67 -22.98
CA PHE D 52 13.30 -36.93 -21.76
C PHE D 52 13.32 -37.89 -20.58
N PRO D 53 14.34 -37.85 -19.72
CA PRO D 53 14.42 -38.82 -18.62
C PRO D 53 13.30 -38.71 -17.61
N ASN D 54 12.59 -37.58 -17.54
CA ASN D 54 11.56 -37.41 -16.52
C ASN D 54 10.43 -38.42 -16.70
N ASN D 55 9.98 -38.64 -17.94
CA ASN D 55 8.89 -39.56 -18.19
C ASN D 55 9.15 -40.49 -19.37
N GLY D 56 10.38 -40.54 -19.88
CA GLY D 56 10.67 -41.42 -20.99
C GLY D 56 10.12 -40.98 -22.33
N ASP D 57 9.78 -39.70 -22.48
CA ASP D 57 9.29 -39.20 -23.75
C ASP D 57 10.42 -39.18 -24.77
N THR D 58 10.19 -39.75 -25.94
CA THR D 58 11.21 -39.91 -26.96
C THR D 58 10.76 -39.24 -28.26
N THR D 59 11.69 -38.55 -28.92
CA THR D 59 11.48 -37.99 -30.24
C THR D 59 12.62 -38.41 -31.14
N TYR D 60 12.31 -38.65 -32.41
CA TYR D 60 13.30 -39.17 -33.35
C TYR D 60 13.22 -38.41 -34.66
N ASN D 61 14.34 -38.41 -35.39
CA ASN D 61 14.36 -37.89 -36.73
C ASN D 61 13.88 -38.96 -37.71
N GLN D 62 13.25 -38.52 -38.80
CA GLN D 62 12.70 -39.45 -39.77
C GLN D 62 13.79 -40.26 -40.46
N LYS D 63 15.04 -39.80 -40.45
CA LYS D 63 16.12 -40.55 -41.08
C LYS D 63 16.55 -41.76 -40.26
N PHE D 64 16.29 -41.76 -38.95
CA PHE D 64 16.71 -42.86 -38.09
C PHE D 64 15.55 -43.45 -37.28
N LYS D 65 14.31 -43.07 -37.58
CA LYS D 65 13.18 -43.57 -36.79
C LYS D 65 13.03 -45.09 -36.92
N VAL D 66 13.52 -45.67 -38.03
CA VAL D 66 13.30 -47.09 -38.28
C VAL D 66 14.08 -47.95 -37.29
N ARG D 67 15.30 -47.54 -36.93
CA ARG D 67 16.17 -48.39 -36.14
C ARG D 67 16.69 -47.77 -34.85
N ALA D 68 16.66 -46.45 -34.69
CA ALA D 68 17.16 -45.83 -33.47
C ALA D 68 16.19 -46.06 -32.32
N THR D 69 16.75 -46.39 -31.15
CA THR D 69 15.96 -46.60 -29.95
C THR D 69 16.68 -45.95 -28.78
N LEU D 70 15.95 -45.16 -27.99
CA LEU D 70 16.52 -44.45 -26.85
C LEU D 70 15.88 -44.94 -25.57
N THR D 71 16.70 -45.24 -24.57
CA THR D 71 16.23 -45.70 -23.27
C THR D 71 17.10 -45.08 -22.19
N VAL D 72 16.47 -44.72 -21.08
CA VAL D 72 17.17 -44.13 -19.93
C VAL D 72 16.88 -44.97 -18.71
N GLY D 73 17.90 -45.16 -17.87
CA GLY D 73 17.71 -45.80 -16.57
C GLY D 73 17.90 -44.79 -15.46
N ARG D 74 16.80 -44.37 -14.84
CA ARG D 74 16.88 -43.34 -13.78
C ARG D 74 17.75 -43.84 -12.62
N SER D 75 17.66 -45.13 -12.27
CA SER D 75 18.41 -45.61 -11.13
C SER D 75 19.90 -45.30 -11.29
N SER D 76 20.45 -45.51 -12.49
CA SER D 76 21.87 -45.29 -12.74
C SER D 76 22.16 -43.95 -13.41
N SER D 77 21.13 -43.18 -13.76
CA SER D 77 21.28 -41.88 -14.42
C SER D 77 22.12 -42.00 -15.69
N THR D 78 21.75 -42.96 -16.54
CA THR D 78 22.47 -43.24 -17.77
C THR D 78 21.50 -43.30 -18.95
N ALA D 79 22.01 -43.00 -20.14
CA ALA D 79 21.24 -43.04 -21.37
C ALA D 79 21.91 -43.97 -22.36
N TYR D 80 21.09 -44.77 -23.07
CA TYR D 80 21.60 -45.75 -24.02
C TYR D 80 20.88 -45.60 -25.35
N MET D 81 21.52 -46.05 -26.42
CA MET D 81 20.89 -46.16 -27.72
C MET D 81 21.11 -47.56 -28.29
N ASP D 82 20.14 -48.02 -29.07
CA ASP D 82 20.21 -49.31 -29.76
C ASP D 82 20.18 -49.05 -31.26
N LEU D 83 21.06 -49.73 -31.99
CA LEU D 83 21.14 -49.64 -33.44
C LEU D 83 20.80 -51.00 -34.05
N ARG D 84 20.04 -50.98 -35.15
CA ARG D 84 19.61 -52.19 -35.82
C ARG D 84 20.05 -52.15 -37.28
N SER D 85 20.47 -53.30 -37.80
CA SER D 85 20.92 -53.45 -39.18
C SER D 85 22.07 -52.50 -39.49
N LEU D 86 23.18 -52.72 -38.80
CA LEU D 86 24.37 -51.91 -39.00
C LEU D 86 24.93 -52.09 -40.41
N THR D 87 25.46 -51.01 -40.98
CA THR D 87 25.96 -50.99 -42.34
C THR D 87 27.24 -50.16 -42.36
N SER D 88 28.06 -50.37 -43.39
CA SER D 88 29.28 -49.58 -43.54
C SER D 88 28.99 -48.09 -43.66
N GLU D 89 27.76 -47.72 -44.04
CA GLU D 89 27.36 -46.32 -44.04
C GLU D 89 27.40 -45.74 -42.63
N ASP D 90 27.17 -46.56 -41.61
CA ASP D 90 27.05 -46.11 -40.24
C ASP D 90 28.40 -45.99 -39.52
N SER D 91 29.50 -46.25 -40.22
CA SER D 91 30.83 -46.15 -39.60
C SER D 91 31.18 -44.69 -39.35
N ALA D 92 30.90 -44.19 -38.16
CA ALA D 92 31.11 -42.79 -37.83
C ALA D 92 31.24 -42.66 -36.32
N VAL D 93 31.21 -41.42 -35.82
CA VAL D 93 31.30 -41.14 -34.40
C VAL D 93 29.96 -40.56 -33.94
N TYR D 94 29.68 -40.73 -32.64
CA TYR D 94 28.43 -40.27 -32.06
C TYR D 94 28.72 -39.46 -30.81
N TYR D 95 27.86 -38.47 -30.55
CA TYR D 95 28.04 -37.56 -29.42
C TYR D 95 26.81 -37.59 -28.53
N CYS D 96 27.04 -37.62 -27.22
CA CYS D 96 25.98 -37.60 -26.22
C CYS D 96 25.92 -36.19 -25.64
N VAL D 97 24.84 -35.49 -25.92
CA VAL D 97 24.68 -34.09 -25.54
C VAL D 97 23.36 -33.91 -24.82
N ARG D 98 23.26 -32.82 -24.05
CA ARG D 98 22.06 -32.48 -23.32
C ARG D 98 21.53 -31.14 -23.81
N ASN D 99 20.28 -31.14 -24.27
CA ASN D 99 19.66 -29.91 -24.72
C ASN D 99 19.18 -29.11 -23.51
N TYR D 100 19.54 -27.82 -23.48
CA TYR D 100 19.18 -26.98 -22.35
C TYR D 100 17.70 -26.62 -22.37
N GLY D 101 17.17 -26.26 -23.52
CA GLY D 101 15.80 -25.79 -23.65
C GLY D 101 14.82 -26.92 -23.88
N SER D 102 13.69 -26.59 -24.53
CA SER D 102 12.62 -27.54 -24.82
C SER D 102 12.19 -27.37 -26.27
N SER D 103 12.83 -28.13 -27.16
CA SER D 103 12.61 -28.15 -28.61
C SER D 103 12.95 -26.82 -29.26
N TYR D 104 13.39 -25.83 -28.49
CA TYR D 104 13.84 -24.55 -29.03
C TYR D 104 15.22 -24.15 -28.52
N GLY D 105 15.77 -24.83 -27.53
CA GLY D 105 17.02 -24.43 -26.92
C GLY D 105 18.22 -24.97 -27.66
N TYR D 106 19.36 -24.89 -26.98
CA TYR D 106 20.66 -25.23 -27.53
C TYR D 106 21.27 -26.39 -26.76
N PHE D 107 22.27 -27.02 -27.37
CA PHE D 107 22.99 -28.12 -26.74
C PHE D 107 24.22 -27.55 -26.03
N ASP D 108 24.20 -27.59 -24.70
CA ASP D 108 25.21 -26.90 -23.91
C ASP D 108 26.53 -27.64 -23.91
N VAL D 109 26.53 -28.89 -23.44
CA VAL D 109 27.76 -29.64 -23.20
C VAL D 109 27.73 -30.91 -24.06
N TRP D 110 28.88 -31.23 -24.64
CA TRP D 110 29.03 -32.40 -25.49
C TRP D 110 29.93 -33.42 -24.82
N GLY D 111 29.67 -34.70 -25.10
CA GLY D 111 30.44 -35.77 -24.55
C GLY D 111 31.77 -35.96 -25.24
N ALA D 112 32.54 -36.95 -24.75
CA ALA D 112 33.84 -37.24 -25.34
C ALA D 112 33.70 -37.69 -26.79
N GLY D 113 32.71 -38.55 -27.06
CA GLY D 113 32.49 -39.03 -28.42
C GLY D 113 32.95 -40.45 -28.65
N THR D 114 32.01 -41.37 -28.77
CA THR D 114 32.31 -42.77 -29.02
C THR D 114 32.20 -43.05 -30.51
N THR D 115 33.29 -43.51 -31.11
CA THR D 115 33.32 -43.85 -32.52
C THR D 115 33.04 -45.33 -32.72
N VAL D 116 32.37 -45.66 -33.81
CA VAL D 116 32.04 -47.04 -34.14
C VAL D 116 32.48 -47.32 -35.57
N THR D 117 32.69 -48.60 -35.86
CA THR D 117 33.07 -49.04 -37.18
C THR D 117 32.64 -50.49 -37.36
N VAL D 118 32.35 -50.85 -38.60
CA VAL D 118 31.93 -52.21 -38.94
C VAL D 118 32.84 -52.72 -40.05
N SER D 119 33.34 -53.95 -39.87
CA SER D 119 34.19 -54.59 -40.85
C SER D 119 34.21 -56.08 -40.56
N SER D 120 34.26 -56.87 -41.63
CA SER D 120 34.41 -58.30 -41.48
C SER D 120 35.80 -58.68 -40.98
N ALA D 121 36.73 -57.73 -40.97
CA ALA D 121 38.11 -58.00 -40.59
C ALA D 121 38.24 -58.13 -39.08
N LYS D 122 39.02 -59.14 -38.67
CA LYS D 122 39.23 -59.38 -37.22
C LYS D 122 40.23 -58.34 -36.72
N THR D 123 40.55 -58.37 -35.43
CA THR D 123 41.46 -57.38 -34.88
C THR D 123 42.91 -57.86 -34.93
N THR D 124 43.83 -56.91 -34.96
CA THR D 124 45.26 -57.15 -35.05
C THR D 124 45.98 -56.31 -34.01
N PRO D 125 46.82 -56.93 -33.17
CA PRO D 125 47.60 -56.17 -32.19
C PRO D 125 48.62 -55.28 -32.87
N PRO D 126 48.88 -54.10 -32.32
CA PRO D 126 49.84 -53.18 -32.93
C PRO D 126 51.27 -53.71 -32.83
N SER D 127 52.09 -53.28 -33.78
CA SER D 127 53.50 -53.64 -33.84
C SER D 127 54.31 -52.36 -34.06
N VAL D 128 54.98 -51.90 -33.01
CA VAL D 128 55.81 -50.70 -33.09
C VAL D 128 57.21 -51.10 -33.51
N TYR D 129 57.85 -50.25 -34.33
CA TYR D 129 59.18 -50.52 -34.84
C TYR D 129 60.09 -49.34 -34.55
N PRO D 130 61.37 -49.59 -34.29
CA PRO D 130 62.30 -48.50 -34.01
C PRO D 130 62.52 -47.61 -35.22
N LEU D 131 62.78 -46.33 -34.94
CA LEU D 131 63.11 -45.34 -35.97
C LEU D 131 64.21 -44.45 -35.39
N ALA D 132 65.45 -44.87 -35.60
CA ALA D 132 66.60 -44.16 -35.04
C ALA D 132 66.95 -42.94 -35.90
N PRO D 133 67.44 -41.87 -35.27
CA PRO D 133 67.88 -40.71 -36.06
C PRO D 133 69.12 -41.01 -36.87
N GLY D 134 69.24 -40.32 -37.99
CA GLY D 134 70.40 -40.46 -38.86
C GLY D 134 71.70 -40.04 -38.18
N SER D 135 72.72 -40.89 -38.28
CA SER D 135 74.01 -40.59 -37.67
C SER D 135 74.87 -39.65 -38.51
N ALA D 136 74.51 -39.42 -39.77
CA ALA D 136 75.30 -38.54 -40.62
C ALA D 136 74.96 -37.08 -40.38
N ALA D 137 73.70 -36.69 -40.59
CA ALA D 137 73.26 -35.32 -40.38
C ALA D 137 72.90 -35.14 -38.91
N GLN D 138 73.93 -34.99 -38.09
CA GLN D 138 73.78 -34.82 -36.65
C GLN D 138 74.14 -33.37 -36.29
N THR D 139 73.11 -32.60 -35.93
CA THR D 139 73.32 -31.20 -35.51
C THR D 139 73.45 -31.16 -33.99
N ASN D 140 74.42 -30.42 -33.47
CA ASN D 140 74.66 -30.37 -32.03
C ASN D 140 73.52 -29.73 -31.27
N SER D 141 72.64 -29.00 -31.96
CA SER D 141 71.56 -28.29 -31.28
C SER D 141 70.20 -28.93 -31.48
N MET D 142 70.03 -29.77 -32.49
CA MET D 142 68.70 -30.23 -32.86
C MET D 142 68.75 -31.66 -33.39
N VAL D 143 67.85 -32.50 -32.91
CA VAL D 143 67.77 -33.88 -33.36
C VAL D 143 66.32 -34.37 -33.23
N THR D 144 65.89 -35.22 -34.16
CA THR D 144 64.52 -35.72 -34.21
C THR D 144 64.48 -37.21 -33.91
N LEU D 145 63.40 -37.64 -33.26
CA LEU D 145 63.20 -39.02 -32.84
C LEU D 145 61.75 -39.41 -33.10
N GLY D 146 61.51 -40.69 -33.28
CA GLY D 146 60.16 -41.19 -33.49
C GLY D 146 60.11 -42.70 -33.53
N CYS D 147 58.88 -43.20 -33.53
CA CYS D 147 58.61 -44.62 -33.71
C CYS D 147 57.26 -44.76 -34.39
N LEU D 148 57.16 -45.73 -35.31
CA LEU D 148 55.99 -45.89 -36.15
C LEU D 148 55.24 -47.16 -35.77
N VAL D 149 53.91 -47.10 -35.83
CA VAL D 149 53.05 -48.22 -35.51
C VAL D 149 52.48 -48.79 -36.81
N LYS D 150 52.65 -50.08 -37.02
CA LYS D 150 52.22 -50.74 -38.24
C LYS D 150 51.45 -52.01 -37.92
N GLY D 151 50.36 -52.24 -38.66
CA GLY D 151 49.60 -53.47 -38.53
C GLY D 151 48.75 -53.56 -37.28
N TYR D 152 47.75 -52.70 -37.16
CA TYR D 152 46.80 -52.77 -36.06
C TYR D 152 45.40 -52.50 -36.59
N PHE D 153 44.41 -52.95 -35.83
CA PHE D 153 42.99 -52.81 -36.20
C PHE D 153 42.13 -53.12 -34.98
N PRO D 154 41.09 -52.32 -34.70
CA PRO D 154 40.74 -51.09 -35.42
C PRO D 154 41.15 -49.81 -34.70
N GLU D 155 40.70 -48.67 -35.23
CA GLU D 155 40.88 -47.39 -34.55
C GLU D 155 40.13 -47.36 -33.22
N PRO D 156 40.60 -46.56 -32.26
CA PRO D 156 41.85 -45.80 -32.33
C PRO D 156 42.95 -46.33 -31.41
N VAL D 157 44.14 -45.73 -31.50
CA VAL D 157 45.24 -46.03 -30.60
C VAL D 157 45.83 -44.73 -30.09
N THR D 158 46.04 -44.66 -28.78
CA THR D 158 46.68 -43.50 -28.15
C THR D 158 48.14 -43.81 -27.87
N VAL D 159 49.00 -42.83 -28.12
CA VAL D 159 50.43 -42.99 -27.98
C VAL D 159 50.99 -41.87 -27.10
N THR D 160 51.82 -42.23 -26.14
CA THR D 160 52.52 -41.27 -25.29
C THR D 160 53.88 -41.84 -24.93
N TRP D 161 54.87 -40.95 -24.84
CA TRP D 161 56.25 -41.35 -24.65
C TRP D 161 56.75 -40.86 -23.30
N ASN D 162 57.52 -41.72 -22.62
CA ASN D 162 58.10 -41.41 -21.31
C ASN D 162 57.02 -41.01 -20.31
N SER D 163 55.88 -41.69 -20.37
CA SER D 163 54.73 -41.42 -19.50
C SER D 163 54.29 -39.95 -19.63
N GLY D 164 54.36 -39.43 -20.85
CA GLY D 164 53.98 -38.05 -21.09
C GLY D 164 54.83 -37.02 -20.38
N SER D 165 56.13 -37.29 -20.24
CA SER D 165 57.01 -36.34 -19.58
C SER D 165 57.23 -35.10 -20.42
N LEU D 166 57.33 -35.26 -21.74
CA LEU D 166 57.55 -34.16 -22.66
C LEU D 166 56.33 -33.95 -23.54
N SER D 167 55.96 -32.67 -23.73
CA SER D 167 54.81 -32.32 -24.56
C SER D 167 55.11 -31.10 -25.42
N SER D 168 56.37 -30.90 -25.80
CA SER D 168 56.76 -29.75 -26.61
C SER D 168 56.62 -30.03 -28.09
N GLY D 169 57.32 -31.06 -28.58
CA GLY D 169 57.30 -31.37 -30.00
C GLY D 169 56.44 -32.57 -30.34
N VAL D 170 55.48 -32.90 -29.48
CA VAL D 170 54.64 -34.06 -29.72
C VAL D 170 53.79 -33.83 -30.98
N HIS D 171 54.01 -34.66 -31.99
CA HIS D 171 53.27 -34.61 -33.25
C HIS D 171 52.71 -35.99 -33.55
N THR D 172 51.40 -36.12 -33.59
CA THR D 172 50.73 -37.37 -33.96
C THR D 172 50.13 -37.24 -35.35
N PHE D 173 50.00 -38.38 -36.03
CA PHE D 173 49.52 -38.39 -37.40
C PHE D 173 48.35 -39.36 -37.54
N PRO D 174 47.31 -38.96 -38.27
CA PRO D 174 46.18 -39.87 -38.50
C PRO D 174 46.57 -41.04 -39.38
N ALA D 175 45.86 -42.16 -39.17
CA ALA D 175 46.14 -43.38 -39.92
C ALA D 175 45.61 -43.27 -41.35
N VAL D 176 46.21 -44.05 -42.24
CA VAL D 176 45.87 -44.04 -43.66
C VAL D 176 45.55 -45.47 -44.10
N LEU D 177 44.57 -45.60 -44.98
CA LEU D 177 44.21 -46.90 -45.54
C LEU D 177 45.37 -47.47 -46.32
N GLN D 178 45.65 -48.76 -46.13
CA GLN D 178 46.67 -49.46 -46.90
C GLN D 178 46.32 -50.95 -46.90
N SER D 179 45.70 -51.42 -47.98
CA SER D 179 45.26 -52.81 -48.10
C SER D 179 44.34 -53.18 -46.93
N ASP D 180 43.46 -52.25 -46.55
CA ASP D 180 42.54 -52.42 -45.42
C ASP D 180 43.32 -52.61 -44.11
N LEU D 181 44.50 -52.02 -44.03
CA LEU D 181 45.29 -51.99 -42.82
C LEU D 181 45.48 -50.56 -42.35
N TYR D 182 45.77 -50.40 -41.06
CA TYR D 182 45.74 -49.11 -40.39
C TYR D 182 47.12 -48.85 -39.81
N THR D 183 47.76 -47.74 -40.22
CA THR D 183 49.11 -47.43 -39.80
C THR D 183 49.27 -45.93 -39.57
N LEU D 184 50.10 -45.57 -38.58
CA LEU D 184 50.36 -44.17 -38.28
C LEU D 184 51.77 -44.03 -37.75
N SER D 185 52.24 -42.79 -37.66
CA SER D 185 53.57 -42.47 -37.18
C SER D 185 53.51 -41.28 -36.23
N SER D 186 54.54 -41.16 -35.40
CA SER D 186 54.64 -40.07 -34.43
C SER D 186 56.10 -39.65 -34.27
N SER D 187 56.31 -38.41 -33.86
CA SER D 187 57.65 -37.87 -33.68
C SER D 187 57.61 -36.69 -32.73
N VAL D 188 58.70 -36.49 -31.99
CA VAL D 188 58.86 -35.37 -31.09
C VAL D 188 60.21 -34.71 -31.34
N THR D 189 60.43 -33.57 -30.69
CA THR D 189 61.67 -32.82 -30.78
C THR D 189 62.42 -32.92 -29.47
N VAL D 190 63.69 -33.31 -29.53
CA VAL D 190 64.51 -33.50 -28.34
C VAL D 190 65.85 -32.80 -28.55
N PRO D 191 66.41 -32.16 -27.52
CA PRO D 191 67.76 -31.59 -27.66
C PRO D 191 68.80 -32.65 -27.90
N SER D 192 69.83 -32.30 -28.69
CA SER D 192 70.88 -33.25 -29.01
C SER D 192 71.73 -33.61 -27.80
N SER D 193 71.96 -32.63 -26.92
CA SER D 193 72.80 -32.90 -25.74
C SER D 193 72.15 -33.89 -24.80
N THR D 194 70.83 -33.79 -24.62
CA THR D 194 70.12 -34.67 -23.69
C THR D 194 69.99 -36.10 -24.20
N TRP D 195 70.31 -36.36 -25.46
CA TRP D 195 70.20 -37.69 -26.02
C TRP D 195 71.58 -38.21 -26.42
N PRO D 196 71.94 -39.46 -26.08
CA PRO D 196 71.11 -40.38 -25.31
C PRO D 196 71.45 -40.39 -23.82
N SER D 197 71.56 -39.20 -23.22
CA SER D 197 71.90 -39.11 -21.80
C SER D 197 70.85 -39.79 -20.93
N GLU D 198 69.57 -39.57 -21.25
CA GLU D 198 68.48 -40.22 -20.53
C GLU D 198 67.73 -41.14 -21.49
N THR D 199 67.15 -42.20 -20.94
CA THR D 199 66.44 -43.18 -21.75
C THR D 199 65.17 -42.57 -22.35
N VAL D 200 64.85 -42.97 -23.56
CA VAL D 200 63.64 -42.54 -24.26
C VAL D 200 62.85 -43.79 -24.65
N THR D 201 61.56 -43.78 -24.31
CA THR D 201 60.67 -44.90 -24.59
C THR D 201 59.36 -44.38 -25.12
N CYS D 202 58.88 -44.96 -26.22
CA CYS D 202 57.58 -44.63 -26.78
C CYS D 202 56.62 -45.78 -26.53
N ASN D 203 55.45 -45.47 -25.98
CA ASN D 203 54.47 -46.46 -25.53
C ASN D 203 53.20 -46.31 -26.33
N VAL D 204 52.64 -47.44 -26.75
CA VAL D 204 51.41 -47.50 -27.52
C VAL D 204 50.40 -48.35 -26.78
N ALA D 205 49.16 -47.87 -26.71
CA ALA D 205 48.08 -48.57 -26.00
C ALA D 205 46.95 -48.84 -26.98
N HIS D 206 46.50 -50.09 -27.03
CA HIS D 206 45.38 -50.50 -27.88
C HIS D 206 44.26 -51.03 -27.01
N PRO D 207 43.23 -50.22 -26.70
CA PRO D 207 42.16 -50.70 -25.83
C PRO D 207 41.41 -51.90 -26.38
N ALA D 208 41.25 -51.99 -27.70
CA ALA D 208 40.53 -53.12 -28.28
C ALA D 208 41.24 -54.43 -28.04
N SER D 209 42.57 -54.46 -28.24
CA SER D 209 43.35 -55.67 -28.03
C SER D 209 43.94 -55.77 -26.64
N SER D 210 43.81 -54.72 -25.82
CA SER D 210 44.34 -54.69 -24.45
C SER D 210 45.83 -55.03 -24.43
N THR D 211 46.59 -54.36 -25.29
CA THR D 211 48.02 -54.59 -25.42
C THR D 211 48.78 -53.37 -24.94
N LYS D 212 49.72 -53.59 -24.01
CA LYS D 212 50.61 -52.54 -23.50
C LYS D 212 52.03 -52.91 -23.90
N VAL D 213 52.61 -52.13 -24.80
CA VAL D 213 53.93 -52.41 -25.37
C VAL D 213 54.90 -51.36 -24.86
N ASP D 214 55.98 -51.81 -24.22
CA ASP D 214 57.07 -50.94 -23.79
C ASP D 214 58.25 -51.15 -24.74
N LYS D 215 58.67 -50.06 -25.37
CA LYS D 215 59.70 -50.13 -26.41
C LYS D 215 60.76 -49.06 -26.16
N LYS D 216 62.02 -49.42 -26.43
CA LYS D 216 63.16 -48.54 -26.22
C LYS D 216 63.78 -48.18 -27.56
N ILE D 217 64.05 -46.89 -27.76
CA ILE D 217 64.64 -46.40 -29.01
C ILE D 217 66.15 -46.55 -28.88
N VAL D 218 66.69 -47.61 -29.47
CA VAL D 218 68.14 -47.85 -29.44
C VAL D 218 68.82 -46.91 -30.43
N PRO D 219 69.92 -46.27 -30.05
CA PRO D 219 70.65 -45.43 -31.01
C PRO D 219 71.23 -46.27 -32.14
N ARG D 220 71.29 -45.67 -33.32
CA ARG D 220 71.84 -46.35 -34.48
C ARG D 220 73.36 -46.41 -34.39
N ASP D 221 73.92 -47.59 -34.69
CA ASP D 221 75.36 -47.81 -34.66
C ASP D 221 75.83 -48.24 -36.03
N CYS D 222 76.97 -47.71 -36.46
CA CYS D 222 77.54 -48.04 -37.76
C CYS D 222 78.17 -49.42 -37.75
N GLY E 10 -42.37 4.32 -19.39
CA GLY E 10 -43.00 3.15 -19.97
C GLY E 10 -42.70 2.98 -21.45
N LEU E 11 -41.65 2.23 -21.76
CA LEU E 11 -41.27 2.03 -23.15
C LEU E 11 -42.31 1.23 -23.91
N PHE E 12 -42.80 0.14 -23.32
CA PHE E 12 -43.79 -0.69 -24.00
C PHE E 12 -45.15 -0.01 -24.05
N GLY E 13 -45.40 0.95 -23.16
CA GLY E 13 -46.62 1.74 -23.20
C GLY E 13 -47.83 1.10 -22.56
N ALA E 14 -47.71 -0.11 -22.02
CA ALA E 14 -48.86 -0.74 -21.40
C ALA E 14 -49.32 0.01 -20.15
N ILE E 15 -48.38 0.33 -19.26
CA ILE E 15 -48.69 1.24 -18.15
C ILE E 15 -48.86 2.63 -18.70
N ALA E 16 -49.94 3.30 -18.28
CA ALA E 16 -50.45 4.51 -18.93
C ALA E 16 -50.73 4.13 -20.39
N GLY E 17 -50.49 5.00 -21.35
CA GLY E 17 -50.72 4.65 -22.75
C GLY E 17 -52.13 4.18 -22.99
N PHE E 18 -52.26 2.88 -23.28
CA PHE E 18 -53.58 2.29 -23.49
C PHE E 18 -54.41 2.32 -22.20
N ILE E 19 -53.85 1.79 -21.11
CA ILE E 19 -54.55 1.73 -19.84
C ILE E 19 -53.86 2.67 -18.85
N GLU E 20 -54.44 3.85 -18.64
CA GLU E 20 -53.86 4.85 -17.75
C GLU E 20 -54.43 4.81 -16.35
N GLY E 21 -55.40 3.94 -16.08
CA GLY E 21 -56.00 3.89 -14.76
C GLY E 21 -55.89 2.52 -14.11
N GLY E 22 -55.25 2.46 -12.95
CA GLY E 22 -55.14 1.21 -12.22
C GLY E 22 -56.41 0.84 -11.50
N TRP E 23 -56.46 -0.41 -11.05
CA TRP E 23 -57.62 -0.97 -10.37
C TRP E 23 -57.27 -1.14 -8.89
N GLN E 24 -57.87 -0.31 -8.03
CA GLN E 24 -57.65 -0.45 -6.60
C GLN E 24 -58.37 -1.66 -6.03
N GLY E 25 -59.44 -2.11 -6.69
CA GLY E 25 -60.16 -3.28 -6.22
C GLY E 25 -59.48 -4.59 -6.51
N MET E 26 -58.39 -4.56 -7.27
CA MET E 26 -57.65 -5.78 -7.61
C MET E 26 -56.56 -5.97 -6.56
N VAL E 27 -56.87 -6.78 -5.56
CA VAL E 27 -55.89 -7.13 -4.53
C VAL E 27 -55.49 -8.59 -4.58
N ASP E 28 -56.20 -9.43 -5.34
CA ASP E 28 -55.87 -10.85 -5.39
C ASP E 28 -54.51 -11.08 -6.04
N GLY E 29 -54.22 -10.36 -7.12
CA GLY E 29 -52.98 -10.54 -7.85
C GLY E 29 -52.50 -9.26 -8.50
N TRP E 30 -51.55 -9.39 -9.43
CA TRP E 30 -51.02 -8.21 -10.12
C TRP E 30 -51.79 -7.91 -11.40
N TYR E 31 -51.94 -8.91 -12.26
CA TYR E 31 -52.62 -8.74 -13.55
C TYR E 31 -53.90 -9.55 -13.56
N GLY E 32 -54.97 -8.96 -14.10
CA GLY E 32 -56.25 -9.64 -14.14
C GLY E 32 -57.18 -9.02 -15.16
N TYR E 33 -58.40 -9.53 -15.19
CA TYR E 33 -59.42 -9.10 -16.14
C TYR E 33 -60.66 -8.61 -15.40
N HIS E 34 -61.26 -7.55 -15.92
CA HIS E 34 -62.54 -7.03 -15.40
C HIS E 34 -63.64 -7.40 -16.37
N HIS E 35 -64.66 -8.08 -15.86
CA HIS E 35 -65.80 -8.53 -16.66
C HIS E 35 -67.05 -7.76 -16.27
N SER E 36 -67.77 -7.26 -17.26
CA SER E 36 -69.03 -6.54 -17.05
C SER E 36 -70.06 -7.14 -17.99
N ASN E 37 -70.75 -8.19 -17.52
CA ASN E 37 -71.74 -8.88 -18.35
C ASN E 37 -73.07 -8.98 -17.65
N GLU E 38 -73.99 -9.76 -18.22
CA GLU E 38 -75.33 -9.88 -17.63
C GLU E 38 -75.28 -10.49 -16.24
N GLN E 39 -74.37 -11.45 -16.02
CA GLN E 39 -74.24 -12.12 -14.73
C GLN E 39 -73.31 -11.32 -13.81
N GLY E 40 -73.72 -10.09 -13.52
CA GLY E 40 -72.99 -9.25 -12.60
C GLY E 40 -71.68 -8.73 -13.18
N SER E 41 -70.82 -8.27 -12.26
CA SER E 41 -69.53 -7.73 -12.64
C SER E 41 -68.57 -7.91 -11.46
N GLY E 42 -67.28 -7.86 -11.77
CA GLY E 42 -66.27 -8.02 -10.74
C GLY E 42 -64.89 -8.13 -11.35
N TYR E 43 -63.91 -8.37 -10.47
CA TYR E 43 -62.52 -8.52 -10.85
C TYR E 43 -62.06 -9.94 -10.61
N ALA E 44 -61.27 -10.47 -11.53
CA ALA E 44 -60.72 -11.82 -11.41
C ALA E 44 -59.28 -11.83 -11.90
N ALA E 45 -58.53 -12.82 -11.44
CA ALA E 45 -57.10 -12.88 -11.70
C ALA E 45 -56.74 -14.15 -12.45
N ASP E 46 -55.65 -14.08 -13.20
CA ASP E 46 -55.06 -15.22 -13.88
C ASP E 46 -53.69 -15.50 -13.26
N LYS E 47 -53.48 -16.74 -12.82
CA LYS E 47 -52.29 -17.05 -12.03
C LYS E 47 -51.03 -17.15 -12.89
N GLU E 48 -51.16 -17.60 -14.14
CA GLU E 48 -49.98 -17.85 -14.97
C GLU E 48 -49.17 -16.60 -15.25
N SER E 49 -49.79 -15.42 -15.17
CA SER E 49 -49.07 -14.18 -15.44
C SER E 49 -48.42 -13.60 -14.19
N THR E 50 -49.16 -13.54 -13.08
CA THR E 50 -48.63 -12.94 -11.87
C THR E 50 -47.63 -13.84 -11.16
N GLN E 51 -47.73 -15.17 -11.34
CA GLN E 51 -46.77 -16.07 -10.70
C GLN E 51 -45.38 -15.94 -11.32
N LYS E 52 -45.32 -15.81 -12.64
CA LYS E 52 -44.02 -15.64 -13.30
C LYS E 52 -43.38 -14.31 -12.91
N ALA E 53 -44.19 -13.26 -12.78
CA ALA E 53 -43.66 -11.98 -12.31
C ALA E 53 -43.14 -12.08 -10.89
N ILE E 54 -43.85 -12.79 -10.02
CA ILE E 54 -43.38 -12.96 -8.64
C ILE E 54 -42.06 -13.71 -8.62
N ASP E 55 -41.99 -14.81 -9.39
CA ASP E 55 -40.76 -15.60 -9.42
C ASP E 55 -39.61 -14.81 -10.04
N GLY E 56 -39.89 -14.06 -11.10
CA GLY E 56 -38.84 -13.27 -11.74
C GLY E 56 -38.30 -12.16 -10.85
N VAL E 57 -39.20 -11.44 -10.18
CA VAL E 57 -38.77 -10.36 -9.30
C VAL E 57 -38.03 -10.89 -8.09
N THR E 58 -38.55 -11.97 -7.48
CA THR E 58 -37.89 -12.55 -6.32
C THR E 58 -36.50 -13.06 -6.68
N ASN E 59 -36.35 -13.66 -7.87
CA ASN E 59 -35.03 -14.07 -8.32
C ASN E 59 -34.11 -12.88 -8.49
N LYS E 60 -34.64 -11.76 -9.00
CA LYS E 60 -33.84 -10.55 -9.13
C LYS E 60 -33.40 -10.02 -7.77
N VAL E 61 -34.32 -10.01 -6.79
CA VAL E 61 -33.99 -9.49 -5.47
C VAL E 61 -32.89 -10.32 -4.83
N ASN E 62 -32.98 -11.64 -4.93
CA ASN E 62 -31.92 -12.51 -4.41
C ASN E 62 -30.62 -12.28 -5.17
N SER E 63 -30.70 -12.08 -6.49
CA SER E 63 -29.50 -11.93 -7.29
C SER E 63 -28.68 -10.73 -6.87
N ILE E 64 -29.33 -9.63 -6.47
CA ILE E 64 -28.60 -8.47 -5.98
C ILE E 64 -27.85 -8.85 -4.70
N ILE E 65 -28.51 -9.58 -3.80
CA ILE E 65 -27.86 -10.00 -2.56
C ILE E 65 -26.78 -11.04 -2.85
N ASP E 66 -27.06 -12.01 -3.72
CA ASP E 66 -26.10 -13.07 -3.98
C ASP E 66 -24.84 -12.54 -4.64
N LYS E 67 -24.98 -11.63 -5.61
CA LYS E 67 -23.82 -11.10 -6.30
C LYS E 67 -22.96 -10.23 -5.39
N MET E 68 -23.60 -9.50 -4.47
CA MET E 68 -22.90 -8.60 -3.58
C MET E 68 -22.28 -9.30 -2.37
N ASN E 69 -22.24 -10.64 -2.37
CA ASN E 69 -21.67 -11.35 -1.23
C ASN E 69 -20.19 -11.03 -1.07
N THR E 70 -19.42 -11.03 -2.17
CA THR E 70 -18.01 -10.71 -2.09
C THR E 70 -17.77 -9.22 -2.29
N GLN E 71 -17.26 -8.58 -1.24
CA GLN E 71 -17.06 -7.14 -1.27
C GLN E 71 -15.83 -6.84 -0.43
N PHE E 72 -15.26 -5.65 -0.64
CA PHE E 72 -14.14 -5.23 0.18
C PHE E 72 -14.58 -5.04 1.62
N GLU E 73 -13.75 -5.51 2.55
CA GLU E 73 -13.98 -5.37 3.98
C GLU E 73 -12.83 -4.58 4.58
N ALA E 74 -13.13 -3.39 5.10
CA ALA E 74 -12.10 -2.53 5.68
C ALA E 74 -11.58 -3.13 6.98
N VAL E 75 -10.26 -3.01 7.18
CA VAL E 75 -9.61 -3.50 8.39
C VAL E 75 -8.73 -2.38 8.93
N GLY E 76 -8.50 -2.40 10.25
CA GLY E 76 -7.75 -1.34 10.90
C GLY E 76 -6.25 -1.59 10.88
N ARG E 77 -5.51 -0.57 10.43
CA ARG E 77 -4.05 -0.58 10.46
C ARG E 77 -3.57 0.74 11.05
N GLU E 78 -2.47 0.69 11.80
CA GLU E 78 -1.97 1.84 12.54
C GLU E 78 -0.49 2.06 12.24
N PHE E 79 -0.07 3.31 12.35
CA PHE E 79 1.29 3.72 12.01
C PHE E 79 1.80 4.69 13.05
N ASN E 80 3.12 4.86 13.09
CA ASN E 80 3.84 5.41 14.25
C ASN E 80 4.29 6.85 14.07
N ASN E 81 3.55 7.63 13.29
CA ASN E 81 3.75 9.06 13.10
C ASN E 81 5.05 9.39 12.36
N LEU E 82 5.88 8.41 12.04
CA LEU E 82 7.06 8.64 11.21
C LEU E 82 6.91 8.04 9.83
N GLU E 83 5.85 7.27 9.58
CA GLU E 83 5.55 6.71 8.27
C GLU E 83 4.14 7.15 7.88
N ARG E 84 4.07 8.35 7.29
CA ARG E 84 2.81 8.93 6.86
C ARG E 84 2.49 8.68 5.39
N ARG E 85 3.51 8.41 4.57
CA ARG E 85 3.25 8.03 3.19
C ARG E 85 2.49 6.70 3.13
N ILE E 86 2.85 5.75 4.00
CA ILE E 86 2.14 4.48 4.04
C ILE E 86 0.74 4.67 4.62
N GLU E 87 0.61 5.51 5.66
CA GLU E 87 -0.69 5.77 6.24
C GLU E 87 -1.62 6.46 5.24
N ASN E 88 -1.08 7.42 4.48
CA ASN E 88 -1.87 8.03 3.42
C ASN E 88 -2.21 7.01 2.34
N LEU E 89 -1.26 6.14 2.01
CA LEU E 89 -1.53 5.10 1.02
C LEU E 89 -2.63 4.15 1.50
N ASN E 90 -2.59 3.76 2.76
CA ASN E 90 -3.64 2.90 3.30
C ASN E 90 -4.98 3.63 3.36
N LYS E 91 -4.98 4.90 3.76
CA LYS E 91 -6.23 5.65 3.84
C LYS E 91 -6.85 5.84 2.46
N LYS E 92 -6.05 6.16 1.46
CA LYS E 92 -6.59 6.36 0.11
C LYS E 92 -7.03 5.04 -0.51
N MET E 93 -6.41 3.93 -0.12
CA MET E 93 -6.80 2.64 -0.67
C MET E 93 -8.14 2.16 -0.08
N GLU E 94 -8.32 2.33 1.23
CA GLU E 94 -9.52 1.82 1.88
C GLU E 94 -10.76 2.57 1.43
N ASP E 95 -10.71 3.91 1.46
CA ASP E 95 -11.88 4.68 1.04
C ASP E 95 -12.04 4.66 -0.48
N GLY E 96 -10.95 4.44 -1.22
CA GLY E 96 -11.07 4.29 -2.66
C GLY E 96 -11.85 3.05 -3.05
N PHE E 97 -11.61 1.93 -2.35
CA PHE E 97 -12.38 0.73 -2.61
C PHE E 97 -13.84 0.91 -2.23
N LEU E 98 -14.11 1.60 -1.13
CA LEU E 98 -15.49 1.87 -0.74
C LEU E 98 -16.20 2.73 -1.78
N ASP E 99 -15.49 3.72 -2.34
CA ASP E 99 -16.07 4.55 -3.38
C ASP E 99 -16.39 3.73 -4.62
N VAL E 100 -15.52 2.79 -4.97
CA VAL E 100 -15.79 1.92 -6.11
C VAL E 100 -16.99 1.03 -5.85
N TRP E 101 -17.08 0.46 -4.65
CA TRP E 101 -18.15 -0.49 -4.36
C TRP E 101 -19.49 0.20 -4.14
N THR E 102 -19.49 1.42 -3.59
CA THR E 102 -20.75 2.13 -3.42
C THR E 102 -21.30 2.61 -4.77
N TYR E 103 -20.45 2.78 -5.77
CA TYR E 103 -20.93 3.11 -7.11
C TYR E 103 -21.56 1.91 -7.78
N ASN E 104 -20.96 0.72 -7.62
CA ASN E 104 -21.54 -0.49 -8.20
C ASN E 104 -22.89 -0.80 -7.59
N ALA E 105 -23.03 -0.64 -6.27
CA ALA E 105 -24.31 -0.91 -5.62
C ALA E 105 -25.38 0.07 -6.07
N GLU E 106 -25.04 1.35 -6.17
CA GLU E 106 -26.02 2.35 -6.60
C GLU E 106 -26.37 2.17 -8.07
N LEU E 107 -25.38 1.91 -8.92
CA LEU E 107 -25.66 1.69 -10.34
C LEU E 107 -26.49 0.44 -10.55
N LEU E 108 -26.18 -0.63 -9.82
CA LEU E 108 -26.95 -1.87 -9.95
C LEU E 108 -28.40 -1.66 -9.53
N VAL E 109 -28.62 -0.98 -8.41
CA VAL E 109 -29.97 -0.69 -7.95
C VAL E 109 -30.71 0.20 -8.95
N LEU E 110 -30.01 1.20 -9.48
CA LEU E 110 -30.66 2.13 -10.42
C LEU E 110 -31.09 1.43 -11.69
N MET E 111 -30.24 0.55 -12.24
CA MET E 111 -30.59 -0.16 -13.47
C MET E 111 -31.67 -1.20 -13.24
N GLU E 112 -31.58 -1.97 -12.16
CA GLU E 112 -32.57 -3.02 -11.90
C GLU E 112 -33.93 -2.44 -11.55
N ASN E 113 -33.99 -1.22 -11.02
CA ASN E 113 -35.29 -0.57 -10.85
C ASN E 113 -35.97 -0.33 -12.20
N GLU E 114 -35.18 0.08 -13.20
CA GLU E 114 -35.74 0.26 -14.54
C GLU E 114 -36.17 -1.06 -15.15
N ARG E 115 -35.43 -2.14 -14.88
CA ARG E 115 -35.78 -3.43 -15.43
C ARG E 115 -37.14 -3.90 -14.91
N THR E 116 -37.37 -3.78 -13.59
CA THR E 116 -38.62 -4.26 -13.02
C THR E 116 -39.81 -3.50 -13.56
N LEU E 117 -39.70 -2.18 -13.68
CA LEU E 117 -40.79 -1.39 -14.23
C LEU E 117 -41.05 -1.75 -15.70
N ASP E 118 -39.98 -1.96 -16.47
CA ASP E 118 -40.14 -2.33 -17.87
C ASP E 118 -40.58 -3.78 -18.01
N PHE E 119 -40.13 -4.65 -17.11
CA PHE E 119 -40.57 -6.04 -17.13
C PHE E 119 -42.06 -6.15 -16.87
N HIS E 120 -42.57 -5.33 -15.94
CA HIS E 120 -44.00 -5.31 -15.68
C HIS E 120 -44.79 -4.74 -16.86
N ASP E 121 -44.17 -3.83 -17.63
CA ASP E 121 -44.85 -3.29 -18.81
C ASP E 121 -45.15 -4.39 -19.82
N SER E 122 -44.18 -5.26 -20.07
CA SER E 122 -44.36 -6.29 -21.09
C SER E 122 -45.41 -7.31 -20.68
N ASN E 123 -45.43 -7.69 -19.40
CA ASN E 123 -46.34 -8.74 -18.96
C ASN E 123 -47.79 -8.32 -19.14
N VAL E 124 -48.13 -7.10 -18.74
CA VAL E 124 -49.49 -6.62 -18.93
C VAL E 124 -49.75 -6.31 -20.41
N LYS E 125 -48.72 -5.84 -21.12
CA LYS E 125 -48.87 -5.61 -22.56
C LYS E 125 -49.12 -6.91 -23.30
N ASN E 126 -48.34 -7.96 -22.99
CA ASN E 126 -48.54 -9.24 -23.65
C ASN E 126 -49.85 -9.90 -23.22
N LEU E 127 -50.29 -9.62 -21.99
CA LEU E 127 -51.60 -10.09 -21.54
C LEU E 127 -52.70 -9.47 -22.38
N TYR E 128 -52.58 -8.18 -22.68
CA TYR E 128 -53.51 -7.53 -23.60
C TYR E 128 -53.40 -8.09 -25.01
N ASP E 129 -52.17 -8.38 -25.46
CA ASP E 129 -51.97 -8.81 -26.83
C ASP E 129 -52.68 -10.14 -27.11
N LYS E 130 -52.62 -11.08 -26.17
CA LYS E 130 -53.23 -12.39 -26.39
C LYS E 130 -54.75 -12.33 -26.37
N VAL E 131 -55.32 -11.41 -25.56
CA VAL E 131 -56.78 -11.28 -25.52
C VAL E 131 -57.29 -10.67 -26.82
N ARG E 132 -56.60 -9.66 -27.34
CA ARG E 132 -56.92 -9.15 -28.67
C ARG E 132 -56.74 -10.23 -29.72
N LEU E 133 -55.68 -11.03 -29.59
CA LEU E 133 -55.40 -12.08 -30.56
C LEU E 133 -56.41 -13.21 -30.48
N GLN E 134 -57.06 -13.39 -29.32
CA GLN E 134 -58.11 -14.40 -29.24
C GLN E 134 -59.46 -13.86 -29.71
N LEU E 135 -59.84 -12.67 -29.22
CA LEU E 135 -61.15 -12.13 -29.58
C LEU E 135 -61.20 -11.71 -31.05
N ARG E 136 -60.20 -10.95 -31.50
CA ARG E 136 -60.06 -10.55 -32.90
C ARG E 136 -61.32 -9.86 -33.39
N ASP E 137 -62.03 -10.41 -34.39
CA ASP E 137 -63.14 -9.69 -35.02
C ASP E 137 -64.35 -9.64 -34.10
N ASN E 138 -64.44 -10.57 -33.15
CA ASN E 138 -65.63 -10.68 -32.32
C ASN E 138 -65.86 -9.42 -31.49
N ALA E 139 -64.80 -8.86 -30.93
CA ALA E 139 -64.91 -7.67 -30.09
C ALA E 139 -64.39 -6.45 -30.83
N LYS E 140 -64.67 -5.28 -30.27
CA LYS E 140 -64.16 -4.01 -30.77
C LYS E 140 -63.18 -3.43 -29.75
N GLU E 141 -62.14 -2.78 -30.25
CA GLU E 141 -61.13 -2.14 -29.40
C GLU E 141 -61.55 -0.70 -29.13
N LEU E 142 -61.78 -0.37 -27.86
CA LEU E 142 -62.22 0.96 -27.47
C LEU E 142 -61.06 1.93 -27.38
N GLY E 143 -59.98 1.53 -26.70
CA GLY E 143 -58.83 2.40 -26.55
C GLY E 143 -58.19 2.35 -25.19
N ASN E 144 -58.99 2.06 -24.15
CA ASN E 144 -58.50 1.95 -22.78
C ASN E 144 -58.40 0.49 -22.34
N GLY E 145 -58.14 -0.42 -23.29
CA GLY E 145 -58.05 -1.82 -22.98
C GLY E 145 -59.36 -2.58 -22.98
N CYS E 146 -60.47 -1.91 -23.30
CA CYS E 146 -61.78 -2.55 -23.24
C CYS E 146 -62.11 -3.27 -24.53
N PHE E 147 -62.71 -4.46 -24.38
CA PHE E 147 -63.17 -5.27 -25.51
C PHE E 147 -64.67 -5.47 -25.36
N GLU E 148 -65.41 -5.20 -26.44
CA GLU E 148 -66.86 -5.34 -26.45
C GLU E 148 -67.23 -6.37 -27.51
N PHE E 149 -67.39 -7.62 -27.08
CA PHE E 149 -67.73 -8.73 -27.96
C PHE E 149 -69.22 -8.77 -28.26
N TYR E 150 -69.60 -9.65 -29.18
CA TYR E 150 -70.96 -9.65 -29.74
C TYR E 150 -71.83 -10.75 -29.16
N HIS E 151 -71.30 -11.97 -29.03
CA HIS E 151 -72.11 -13.10 -28.61
C HIS E 151 -72.67 -12.91 -27.21
N LYS E 152 -73.89 -13.40 -27.00
CA LYS E 152 -74.56 -13.32 -25.70
C LYS E 152 -74.40 -14.64 -24.94
N CYS E 153 -73.16 -14.92 -24.56
CA CYS E 153 -72.84 -16.14 -23.81
C CYS E 153 -72.82 -15.85 -22.31
N ASP E 154 -72.60 -16.90 -21.54
CA ASP E 154 -72.64 -16.78 -20.09
C ASP E 154 -71.27 -16.37 -19.53
N ASN E 155 -71.19 -16.34 -18.21
CA ASN E 155 -69.95 -15.94 -17.55
C ASN E 155 -68.84 -16.96 -17.76
N GLU E 156 -69.19 -18.19 -18.15
CA GLU E 156 -68.17 -19.20 -18.42
C GLU E 156 -67.30 -18.79 -19.60
N CYS E 157 -67.88 -18.13 -20.60
CA CYS E 157 -67.09 -17.61 -21.70
C CYS E 157 -66.04 -16.61 -21.23
N MET E 158 -66.36 -15.84 -20.20
CA MET E 158 -65.35 -14.97 -19.60
C MET E 158 -64.23 -15.78 -18.99
N GLU E 159 -64.57 -16.87 -18.29
CA GLU E 159 -63.55 -17.77 -17.78
C GLU E 159 -62.78 -18.43 -18.92
N SER E 160 -63.46 -18.72 -20.04
CA SER E 160 -62.78 -19.27 -21.20
C SER E 160 -61.72 -18.31 -21.73
N VAL E 161 -62.04 -17.02 -21.75
CA VAL E 161 -61.04 -16.01 -22.06
C VAL E 161 -59.95 -16.02 -21.00
N ARG E 162 -60.30 -16.37 -19.77
CA ARG E 162 -59.33 -16.29 -18.68
C ARG E 162 -58.32 -17.44 -18.65
N ASN E 163 -58.76 -18.62 -19.12
CA ASN E 163 -57.85 -19.79 -19.20
C ASN E 163 -57.17 -19.82 -20.57
N GLY E 164 -57.33 -18.77 -21.35
CA GLY E 164 -56.70 -18.68 -22.66
C GLY E 164 -57.17 -19.71 -23.66
N THR E 165 -58.33 -20.32 -23.44
CA THR E 165 -58.89 -21.31 -24.36
C THR E 165 -60.16 -20.71 -24.98
N TYR E 166 -59.97 -19.97 -26.06
CA TYR E 166 -61.06 -19.34 -26.80
C TYR E 166 -61.17 -20.02 -28.16
N ASP E 167 -62.13 -20.94 -28.29
CA ASP E 167 -62.41 -21.54 -29.59
C ASP E 167 -63.16 -20.52 -30.45
N TYR E 168 -62.68 -20.31 -31.66
CA TYR E 168 -63.19 -19.27 -32.54
C TYR E 168 -64.43 -19.66 -33.34
N PRO E 169 -64.46 -20.83 -34.01
CA PRO E 169 -65.46 -21.02 -35.07
C PRO E 169 -66.92 -20.81 -34.68
N GLN E 170 -67.36 -21.52 -33.63
CA GLN E 170 -68.78 -21.44 -33.18
C GLN E 170 -69.15 -19.98 -32.94
N TYR E 171 -68.34 -19.28 -32.16
CA TYR E 171 -68.67 -17.87 -31.86
C TYR E 171 -68.60 -16.96 -33.09
N SER E 172 -67.96 -17.40 -34.16
CA SER E 172 -67.86 -16.56 -35.34
C SER E 172 -69.22 -16.39 -36.02
N GLU E 173 -70.02 -17.46 -36.11
CA GLU E 173 -71.28 -17.38 -36.85
C GLU E 173 -72.25 -16.41 -36.18
N GLU E 174 -72.42 -16.50 -34.86
CA GLU E 174 -73.29 -15.56 -34.18
C GLU E 174 -72.74 -14.14 -34.26
N ALA E 175 -71.42 -13.98 -34.17
CA ALA E 175 -70.83 -12.65 -34.28
C ALA E 175 -70.94 -12.09 -35.69
N ARG E 176 -70.78 -12.93 -36.72
CA ARG E 176 -70.91 -12.43 -38.08
C ARG E 176 -72.35 -12.11 -38.43
N LEU E 177 -73.32 -12.80 -37.81
CA LEU E 177 -74.70 -12.34 -37.86
C LEU E 177 -74.85 -11.01 -37.15
N LYS E 178 -73.95 -10.71 -36.20
CA LYS E 178 -73.96 -9.41 -35.52
C LYS E 178 -73.06 -8.41 -36.24
N ARG E 179 -72.28 -8.83 -37.19
CA ARG E 179 -71.50 -7.86 -37.99
C ARG E 179 -72.35 -7.40 -39.17
N GLU E 180 -73.40 -8.19 -39.54
CA GLU E 180 -74.24 -7.80 -40.66
C GLU E 180 -75.49 -7.05 -40.24
N GLU E 181 -75.94 -7.17 -39.00
CA GLU E 181 -77.10 -6.41 -38.55
C GLU E 181 -76.76 -4.97 -38.19
N ILE E 182 -75.53 -4.69 -37.75
CA ILE E 182 -75.12 -3.31 -37.54
C ILE E 182 -74.62 -2.64 -38.81
N SER E 183 -74.38 -3.40 -39.87
CA SER E 183 -73.94 -2.84 -41.13
C SER E 183 -75.10 -2.81 -42.13
N GLY F 10 -32.67 -0.74 -33.49
CA GLY F 10 -34.03 -0.37 -33.15
C GLY F 10 -34.90 -1.55 -32.75
N LEU F 11 -34.94 -1.84 -31.44
CA LEU F 11 -35.71 -2.97 -30.96
C LEU F 11 -37.20 -2.76 -31.17
N PHE F 12 -37.71 -1.57 -30.84
CA PHE F 12 -39.13 -1.31 -31.00
C PHE F 12 -39.52 -1.15 -32.46
N GLY F 13 -38.57 -0.83 -33.33
CA GLY F 13 -38.81 -0.78 -34.75
C GLY F 13 -39.42 0.50 -35.27
N ALA F 14 -39.70 1.48 -34.40
CA ALA F 14 -40.29 2.72 -34.86
C ALA F 14 -39.33 3.49 -35.76
N ILE F 15 -38.08 3.66 -35.32
CA ILE F 15 -37.05 4.21 -36.21
C ILE F 15 -36.70 3.16 -37.25
N ALA F 16 -36.65 3.57 -38.51
CA ALA F 16 -36.66 2.66 -39.66
C ALA F 16 -37.94 1.83 -39.54
N GLY F 17 -37.92 0.55 -39.91
CA GLY F 17 -39.11 -0.27 -39.78
C GLY F 17 -40.30 0.34 -40.49
N PHE F 18 -41.28 0.79 -39.72
CA PHE F 18 -42.45 1.44 -40.30
C PHE F 18 -42.08 2.74 -40.99
N ILE F 19 -41.38 3.63 -40.28
CA ILE F 19 -41.00 4.93 -40.83
C ILE F 19 -39.49 4.97 -40.98
N GLU F 20 -39.01 4.77 -42.21
CA GLU F 20 -37.58 4.73 -42.48
C GLU F 20 -37.02 6.07 -42.96
N GLY F 21 -37.87 7.09 -43.12
CA GLY F 21 -37.41 8.38 -43.59
C GLY F 21 -37.71 9.52 -42.62
N GLY F 22 -36.67 10.20 -42.17
CA GLY F 22 -36.84 11.34 -41.29
C GLY F 22 -37.30 12.57 -42.03
N TRP F 23 -37.75 13.56 -41.26
CA TRP F 23 -38.26 14.82 -41.79
C TRP F 23 -37.24 15.92 -41.49
N GLN F 24 -36.56 16.41 -42.52
CA GLN F 24 -35.62 17.51 -42.34
C GLN F 24 -36.34 18.82 -42.09
N GLY F 25 -37.58 18.95 -42.55
CA GLY F 25 -38.33 20.17 -42.34
C GLY F 25 -38.88 20.33 -40.95
N MET F 26 -38.75 19.31 -40.12
CA MET F 26 -39.24 19.34 -38.74
C MET F 26 -38.11 19.83 -37.85
N VAL F 27 -38.10 21.14 -37.59
CA VAL F 27 -37.12 21.73 -36.68
C VAL F 27 -37.76 22.25 -35.40
N ASP F 28 -39.09 22.35 -35.34
CA ASP F 28 -39.74 22.88 -34.15
C ASP F 28 -39.53 21.96 -32.96
N GLY F 29 -39.65 20.66 -33.16
CA GLY F 29 -39.53 19.70 -32.09
C GLY F 29 -38.97 18.36 -32.54
N TRP F 30 -39.10 17.33 -31.70
CA TRP F 30 -38.59 16.02 -32.06
C TRP F 30 -39.64 15.17 -32.77
N TYR F 31 -40.82 15.05 -32.17
CA TYR F 31 -41.90 14.23 -32.73
C TYR F 31 -43.06 15.12 -33.14
N GLY F 32 -43.63 14.82 -34.30
CA GLY F 32 -44.74 15.62 -34.80
C GLY F 32 -45.53 14.88 -35.87
N TYR F 33 -46.49 15.60 -36.44
CA TYR F 33 -47.41 15.04 -37.43
C TYR F 33 -47.33 15.86 -38.72
N HIS F 34 -47.40 15.17 -39.84
CA HIS F 34 -47.47 15.79 -41.16
C HIS F 34 -48.89 15.66 -41.69
N HIS F 35 -49.50 16.79 -42.03
CA HIS F 35 -50.86 16.83 -42.54
C HIS F 35 -50.87 17.25 -44.00
N SER F 36 -51.60 16.50 -44.82
CA SER F 36 -51.74 16.80 -46.25
C SER F 36 -53.23 16.77 -46.57
N ASN F 37 -53.90 17.92 -46.41
CA ASN F 37 -55.34 17.99 -46.64
C ASN F 37 -55.68 19.11 -47.61
N GLU F 38 -56.97 19.42 -47.75
CA GLU F 38 -57.40 20.44 -48.68
C GLU F 38 -56.84 21.81 -48.31
N GLN F 39 -56.75 22.11 -47.01
CA GLN F 39 -56.24 23.38 -46.54
C GLN F 39 -54.72 23.35 -46.41
N GLY F 40 -54.07 23.12 -47.55
CA GLY F 40 -52.62 23.14 -47.62
C GLY F 40 -51.99 21.93 -46.96
N SER F 41 -50.69 22.08 -46.66
CA SER F 41 -49.92 21.02 -46.04
C SER F 41 -48.77 21.65 -45.27
N GLY F 42 -48.24 20.88 -44.32
CA GLY F 42 -47.13 21.36 -43.52
C GLY F 42 -46.83 20.41 -42.38
N TYR F 43 -45.89 20.84 -41.54
CA TYR F 43 -45.44 20.07 -40.38
C TYR F 43 -45.85 20.78 -39.11
N ALA F 44 -46.30 20.01 -38.11
CA ALA F 44 -46.67 20.57 -36.83
C ALA F 44 -46.21 19.63 -35.72
N ALA F 45 -46.07 20.18 -34.52
CA ALA F 45 -45.49 19.46 -33.40
C ALA F 45 -46.48 19.36 -32.25
N ASP F 46 -46.31 18.30 -31.45
CA ASP F 46 -47.07 18.11 -30.21
C ASP F 46 -46.09 18.20 -29.05
N LYS F 47 -46.38 19.07 -28.09
CA LYS F 47 -45.42 19.37 -27.03
C LYS F 47 -45.34 18.27 -25.98
N GLU F 48 -46.45 17.56 -25.72
CA GLU F 48 -46.46 16.59 -24.63
C GLU F 48 -45.50 15.43 -24.85
N SER F 49 -45.13 15.16 -26.10
CA SER F 49 -44.20 14.06 -26.38
C SER F 49 -42.74 14.50 -26.34
N THR F 50 -42.42 15.62 -26.98
CA THR F 50 -41.04 16.07 -27.04
C THR F 50 -40.56 16.66 -25.73
N GLN F 51 -41.47 17.21 -24.91
CA GLN F 51 -41.06 17.79 -23.64
C GLN F 51 -40.61 16.70 -22.67
N LYS F 52 -41.33 15.57 -22.63
CA LYS F 52 -40.95 14.49 -21.74
C LYS F 52 -39.62 13.88 -22.17
N ALA F 53 -39.38 13.79 -23.48
CA ALA F 53 -38.09 13.30 -23.96
C ALA F 53 -36.96 14.25 -23.58
N ILE F 54 -37.20 15.56 -23.67
CA ILE F 54 -36.19 16.54 -23.28
C ILE F 54 -35.88 16.41 -21.80
N ASP F 55 -36.94 16.33 -20.97
CA ASP F 55 -36.73 16.21 -19.53
C ASP F 55 -36.05 14.90 -19.18
N GLY F 56 -36.44 13.80 -19.83
CA GLY F 56 -35.84 12.51 -19.53
C GLY F 56 -34.37 12.45 -19.91
N VAL F 57 -34.03 12.97 -21.10
CA VAL F 57 -32.64 12.94 -21.55
C VAL F 57 -31.78 13.87 -20.70
N THR F 58 -32.29 15.06 -20.40
CA THR F 58 -31.53 16.00 -19.57
C THR F 58 -31.28 15.43 -18.18
N ASN F 59 -32.28 14.76 -17.62
CA ASN F 59 -32.08 14.08 -16.33
C ASN F 59 -31.02 13.01 -16.43
N LYS F 60 -31.00 12.27 -17.55
CA LYS F 60 -29.97 11.25 -17.75
C LYS F 60 -28.58 11.88 -17.84
N VAL F 61 -28.47 13.00 -18.57
CA VAL F 61 -27.16 13.65 -18.74
C VAL F 61 -26.63 14.12 -17.40
N ASN F 62 -27.49 14.74 -16.58
CA ASN F 62 -27.07 15.15 -15.25
C ASN F 62 -26.72 13.94 -14.39
N SER F 63 -27.47 12.85 -14.52
CA SER F 63 -27.25 11.67 -13.68
C SER F 63 -25.86 11.10 -13.90
N ILE F 64 -25.35 11.12 -15.13
CA ILE F 64 -23.99 10.65 -15.39
C ILE F 64 -22.99 11.54 -14.64
N ILE F 65 -23.20 12.86 -14.69
CA ILE F 65 -22.31 13.78 -13.98
C ILE F 65 -22.48 13.65 -12.48
N ASP F 66 -23.72 13.56 -12.00
CA ASP F 66 -23.97 13.51 -10.56
C ASP F 66 -23.39 12.23 -9.94
N LYS F 67 -23.57 11.09 -10.61
CA LYS F 67 -23.07 9.84 -10.06
C LYS F 67 -21.55 9.79 -10.04
N MET F 68 -20.92 10.39 -11.05
CA MET F 68 -19.47 10.37 -11.17
C MET F 68 -18.77 11.41 -10.30
N ASN F 69 -19.50 12.05 -9.39
CA ASN F 69 -18.88 13.07 -8.53
C ASN F 69 -17.79 12.45 -7.66
N THR F 70 -18.07 11.31 -7.03
CA THR F 70 -17.08 10.65 -6.19
C THR F 70 -16.23 9.68 -6.99
N GLN F 71 -14.94 9.98 -7.09
CA GLN F 71 -14.04 9.18 -7.91
C GLN F 71 -12.68 9.20 -7.22
N PHE F 72 -11.84 8.23 -7.59
CA PHE F 72 -10.48 8.22 -7.07
C PHE F 72 -9.71 9.43 -7.59
N GLU F 73 -8.94 10.04 -6.70
CA GLU F 73 -8.09 11.18 -7.04
C GLU F 73 -6.65 10.81 -6.75
N ALA F 74 -5.82 10.75 -7.78
CA ALA F 74 -4.43 10.38 -7.61
C ALA F 74 -3.66 11.47 -6.89
N VAL F 75 -2.76 11.07 -6.00
CA VAL F 75 -1.92 11.99 -5.24
C VAL F 75 -0.47 11.52 -5.36
N GLY F 76 0.46 12.47 -5.23
CA GLY F 76 1.87 12.16 -5.43
C GLY F 76 2.53 11.68 -4.14
N ARG F 77 3.22 10.55 -4.23
CA ARG F 77 4.03 10.01 -3.14
C ARG F 77 5.39 9.63 -3.69
N GLU F 78 6.44 9.80 -2.87
CA GLU F 78 7.81 9.63 -3.30
C GLU F 78 8.55 8.72 -2.33
N PHE F 79 9.55 8.02 -2.86
CA PHE F 79 10.30 7.01 -2.10
C PHE F 79 11.78 7.16 -2.42
N ASN F 80 12.61 6.58 -1.55
CA ASN F 80 14.03 6.94 -1.44
C ASN F 80 14.98 5.91 -2.05
N ASN F 81 14.52 5.20 -3.08
CA ASN F 81 15.31 4.27 -3.87
C ASN F 81 15.74 3.04 -3.09
N LEU F 82 15.44 2.95 -1.80
CA LEU F 82 15.69 1.73 -1.04
C LEU F 82 14.41 1.00 -0.68
N GLU F 83 13.25 1.60 -0.95
CA GLU F 83 11.95 0.98 -0.73
C GLU F 83 11.19 1.00 -2.07
N ARG F 84 11.45 -0.02 -2.88
CA ARG F 84 10.82 -0.14 -4.19
C ARG F 84 9.60 -1.04 -4.18
N ARG F 85 9.49 -1.95 -3.21
CA ARG F 85 8.26 -2.73 -3.07
C ARG F 85 7.07 -1.84 -2.76
N ILE F 86 7.28 -0.83 -1.90
CA ILE F 86 6.20 0.10 -1.59
C ILE F 86 5.92 1.00 -2.79
N GLU F 87 6.96 1.45 -3.49
CA GLU F 87 6.77 2.29 -4.66
C GLU F 87 6.03 1.53 -5.75
N ASN F 88 6.38 0.26 -5.96
CA ASN F 88 5.63 -0.56 -6.90
C ASN F 88 4.20 -0.78 -6.43
N LEU F 89 4.02 -0.96 -5.13
CA LEU F 89 2.66 -1.12 -4.58
C LEU F 89 1.84 0.14 -4.80
N ASN F 90 2.43 1.31 -4.57
CA ASN F 90 1.72 2.56 -4.81
C ASN F 90 1.44 2.77 -6.29
N LYS F 91 2.41 2.45 -7.15
CA LYS F 91 2.20 2.63 -8.59
C LYS F 91 1.11 1.71 -9.11
N LYS F 92 1.09 0.45 -8.68
CA LYS F 92 0.06 -0.48 -9.15
C LYS F 92 -1.31 -0.14 -8.57
N MET F 93 -1.34 0.46 -7.38
CA MET F 93 -2.62 0.83 -6.80
C MET F 93 -3.25 2.04 -7.50
N GLU F 94 -2.43 3.04 -7.81
CA GLU F 94 -2.96 4.27 -8.39
C GLU F 94 -3.49 4.04 -9.81
N ASP F 95 -2.70 3.38 -10.65
CA ASP F 95 -3.16 3.13 -12.01
C ASP F 95 -4.21 2.01 -12.05
N GLY F 96 -4.20 1.13 -11.05
CA GLY F 96 -5.25 0.13 -10.97
C GLY F 96 -6.62 0.74 -10.71
N PHE F 97 -6.68 1.74 -9.84
CA PHE F 97 -7.93 2.43 -9.58
C PHE F 97 -8.39 3.21 -10.80
N LEU F 98 -7.45 3.83 -11.53
CA LEU F 98 -7.81 4.53 -12.75
C LEU F 98 -8.36 3.57 -13.80
N ASP F 99 -7.77 2.38 -13.90
CA ASP F 99 -8.27 1.39 -14.84
C ASP F 99 -9.68 0.94 -14.47
N VAL F 100 -9.96 0.80 -13.17
CA VAL F 100 -11.30 0.43 -12.74
C VAL F 100 -12.29 1.55 -13.06
N TRP F 101 -11.90 2.81 -12.80
CA TRP F 101 -12.83 3.92 -12.99
C TRP F 101 -13.03 4.26 -14.46
N THR F 102 -12.01 4.10 -15.29
CA THR F 102 -12.19 4.35 -16.71
C THR F 102 -13.06 3.29 -17.37
N TYR F 103 -13.14 2.09 -16.80
CA TYR F 103 -14.04 1.07 -17.32
C TYR F 103 -15.49 1.39 -16.95
N ASN F 104 -15.72 1.87 -15.73
CA ASN F 104 -17.07 2.24 -15.32
C ASN F 104 -17.60 3.40 -16.16
N ALA F 105 -16.76 4.39 -16.43
CA ALA F 105 -17.21 5.54 -17.23
C ALA F 105 -17.51 5.11 -18.66
N GLU F 106 -16.67 4.28 -19.25
CA GLU F 106 -16.92 3.83 -20.63
C GLU F 106 -18.12 2.91 -20.70
N LEU F 107 -18.27 1.99 -19.75
CA LEU F 107 -19.43 1.10 -19.74
C LEU F 107 -20.72 1.88 -19.51
N LEU F 108 -20.69 2.86 -18.60
CA LEU F 108 -21.88 3.66 -18.35
C LEU F 108 -22.28 4.45 -19.59
N VAL F 109 -21.32 5.07 -20.26
CA VAL F 109 -21.61 5.81 -21.48
C VAL F 109 -22.14 4.88 -22.57
N LEU F 110 -21.52 3.70 -22.70
CA LEU F 110 -21.94 2.76 -23.75
C LEU F 110 -23.37 2.29 -23.54
N MET F 111 -23.74 1.98 -22.29
CA MET F 111 -25.09 1.49 -22.02
C MET F 111 -26.12 2.61 -22.15
N GLU F 112 -25.83 3.80 -21.62
CA GLU F 112 -26.79 4.89 -21.68
C GLU F 112 -26.99 5.42 -23.09
N ASN F 113 -26.00 5.25 -23.98
CA ASN F 113 -26.23 5.56 -25.38
C ASN F 113 -27.31 4.66 -25.98
N GLU F 114 -27.29 3.38 -25.62
CA GLU F 114 -28.32 2.45 -26.09
C GLU F 114 -29.67 2.80 -25.51
N ARG F 115 -29.71 3.25 -24.26
CA ARG F 115 -30.97 3.60 -23.62
C ARG F 115 -31.64 4.76 -24.35
N THR F 116 -30.88 5.81 -24.66
CA THR F 116 -31.46 6.99 -25.30
C THR F 116 -32.03 6.66 -26.67
N LEU F 117 -31.30 5.87 -27.46
CA LEU F 117 -31.79 5.46 -28.78
C LEU F 117 -33.05 4.61 -28.65
N ASP F 118 -33.07 3.70 -27.69
CA ASP F 118 -34.24 2.86 -27.49
C ASP F 118 -35.38 3.64 -26.84
N PHE F 119 -35.07 4.58 -25.97
CA PHE F 119 -36.10 5.42 -25.37
C PHE F 119 -36.80 6.27 -26.43
N HIS F 120 -36.03 6.77 -27.40
CA HIS F 120 -36.64 7.53 -28.49
C HIS F 120 -37.48 6.64 -29.39
N ASP F 121 -37.12 5.35 -29.50
CA ASP F 121 -37.92 4.43 -30.31
C ASP F 121 -39.33 4.30 -29.75
N SER F 122 -39.45 4.15 -28.43
CA SER F 122 -40.77 3.94 -27.83
C SER F 122 -41.65 5.18 -27.96
N ASN F 123 -41.08 6.36 -27.78
CA ASN F 123 -41.88 7.58 -27.78
C ASN F 123 -42.55 7.80 -29.13
N VAL F 124 -41.79 7.64 -30.22
CA VAL F 124 -42.38 7.78 -31.55
C VAL F 124 -43.27 6.57 -31.87
N LYS F 125 -42.90 5.38 -31.38
CA LYS F 125 -43.75 4.21 -31.58
C LYS F 125 -45.08 4.38 -30.85
N ASN F 126 -45.04 4.83 -29.60
CA ASN F 126 -46.29 5.03 -28.86
C ASN F 126 -47.10 6.20 -29.42
N LEU F 127 -46.41 7.19 -29.99
CA LEU F 127 -47.10 8.28 -30.68
C LEU F 127 -47.88 7.75 -31.87
N TYR F 128 -47.27 6.82 -32.63
CA TYR F 128 -47.99 6.16 -33.71
C TYR F 128 -49.13 5.30 -33.18
N ASP F 129 -48.91 4.62 -32.05
CA ASP F 129 -49.91 3.68 -31.54
C ASP F 129 -51.21 4.39 -31.17
N LYS F 130 -51.11 5.56 -30.55
CA LYS F 130 -52.31 6.26 -30.13
C LYS F 130 -53.08 6.85 -31.31
N VAL F 131 -52.38 7.24 -32.37
CA VAL F 131 -53.06 7.77 -33.55
C VAL F 131 -53.82 6.67 -34.27
N ARG F 132 -53.20 5.49 -34.40
CA ARG F 132 -53.91 4.34 -34.93
C ARG F 132 -55.08 3.97 -34.02
N LEU F 133 -54.87 4.06 -32.70
CA LEU F 133 -55.92 3.71 -31.75
C LEU F 133 -57.05 4.74 -31.76
N GLN F 134 -56.79 5.97 -32.17
CA GLN F 134 -57.87 6.95 -32.29
C GLN F 134 -58.59 6.83 -33.63
N LEU F 135 -57.83 6.78 -34.72
CA LEU F 135 -58.45 6.74 -36.04
C LEU F 135 -59.17 5.42 -36.29
N ARG F 136 -58.48 4.30 -36.03
CA ARG F 136 -59.06 2.95 -36.12
C ARG F 136 -59.66 2.71 -37.49
N ASP F 137 -60.97 2.48 -37.61
CA ASP F 137 -61.56 2.07 -38.88
C ASP F 137 -61.63 3.24 -39.86
N ASN F 138 -61.59 4.47 -39.36
CA ASN F 138 -61.79 5.64 -40.21
C ASN F 138 -60.68 5.75 -41.26
N ALA F 139 -59.44 5.50 -40.88
CA ALA F 139 -58.31 5.61 -41.79
C ALA F 139 -57.80 4.23 -42.18
N LYS F 140 -56.95 4.20 -43.19
CA LYS F 140 -56.27 2.98 -43.63
C LYS F 140 -54.78 3.10 -43.33
N GLU F 141 -54.17 1.99 -42.97
CA GLU F 141 -52.73 1.95 -42.68
C GLU F 141 -51.98 1.61 -43.97
N LEU F 142 -51.12 2.53 -44.42
CA LEU F 142 -50.37 2.34 -45.66
C LEU F 142 -49.14 1.48 -45.44
N GLY F 143 -48.36 1.79 -44.40
CA GLY F 143 -47.16 1.03 -44.13
C GLY F 143 -45.98 1.87 -43.69
N ASN F 144 -45.93 3.12 -44.15
CA ASN F 144 -44.87 4.06 -43.77
C ASN F 144 -45.35 5.08 -42.74
N GLY F 145 -46.32 4.70 -41.90
CA GLY F 145 -46.87 5.59 -40.91
C GLY F 145 -47.99 6.48 -41.39
N CYS F 146 -48.43 6.32 -42.64
CA CYS F 146 -49.45 7.20 -43.20
C CYS F 146 -50.84 6.68 -42.90
N PHE F 147 -51.74 7.61 -42.56
CA PHE F 147 -53.15 7.31 -42.32
C PHE F 147 -53.99 8.11 -43.30
N GLU F 148 -54.90 7.43 -43.99
CA GLU F 148 -55.79 8.05 -44.97
C GLU F 148 -57.23 7.87 -44.50
N PHE F 149 -57.75 8.88 -43.81
CA PHE F 149 -59.10 8.89 -43.28
C PHE F 149 -60.11 9.25 -44.36
N TYR F 150 -61.39 9.11 -44.02
CA TYR F 150 -62.48 9.20 -44.99
C TYR F 150 -63.21 10.54 -44.94
N HIS F 151 -63.52 11.04 -43.75
CA HIS F 151 -64.33 12.24 -43.61
C HIS F 151 -63.66 13.45 -44.23
N LYS F 152 -64.45 14.33 -44.82
CA LYS F 152 -63.96 15.55 -45.43
C LYS F 152 -64.14 16.73 -44.47
N CYS F 153 -63.39 16.69 -43.38
CA CYS F 153 -63.43 17.75 -42.38
C CYS F 153 -62.32 18.77 -42.62
N ASP F 154 -62.30 19.81 -41.79
CA ASP F 154 -61.35 20.89 -41.97
C ASP F 154 -60.02 20.58 -41.27
N ASN F 155 -59.14 21.57 -41.28
CA ASN F 155 -57.83 21.41 -40.66
C ASN F 155 -57.93 21.31 -39.14
N GLU F 156 -59.05 21.75 -38.57
CA GLU F 156 -59.24 21.64 -37.12
C GLU F 156 -59.27 20.19 -36.69
N CYS F 157 -59.85 19.31 -37.51
CA CYS F 157 -59.82 17.88 -37.21
C CYS F 157 -58.39 17.35 -37.12
N MET F 158 -57.49 17.89 -37.92
CA MET F 158 -56.07 17.54 -37.79
C MET F 158 -55.54 17.97 -36.42
N GLU F 159 -55.90 19.18 -36.00
CA GLU F 159 -55.54 19.63 -34.65
C GLU F 159 -56.20 18.77 -33.59
N SER F 160 -57.43 18.31 -33.85
CA SER F 160 -58.10 17.41 -32.92
C SER F 160 -57.31 16.12 -32.75
N VAL F 161 -56.78 15.59 -33.85
CA VAL F 161 -55.86 14.46 -33.75
C VAL F 161 -54.61 14.86 -32.98
N ARG F 162 -54.23 16.14 -33.07
CA ARG F 162 -52.97 16.56 -32.46
C ARG F 162 -53.06 16.76 -30.95
N ASN F 163 -54.25 17.14 -30.47
CA ASN F 163 -54.47 17.31 -29.00
C ASN F 163 -54.97 16.00 -28.40
N GLY F 164 -54.96 14.92 -29.18
CA GLY F 164 -55.39 13.63 -28.71
C GLY F 164 -56.85 13.53 -28.32
N THR F 165 -57.68 14.46 -28.79
CA THR F 165 -59.11 14.45 -28.52
C THR F 165 -59.85 14.16 -29.82
N TYR F 166 -60.01 12.88 -30.12
CA TYR F 166 -60.71 12.42 -31.32
C TYR F 166 -62.00 11.75 -30.87
N ASP F 167 -63.12 12.47 -30.98
CA ASP F 167 -64.42 11.85 -30.72
C ASP F 167 -64.79 10.98 -31.92
N TYR F 168 -65.17 9.75 -31.64
CA TYR F 168 -65.42 8.75 -32.67
C TYR F 168 -66.81 8.80 -33.30
N PRO F 169 -67.90 8.87 -32.51
CA PRO F 169 -69.22 8.52 -33.07
C PRO F 169 -69.65 9.29 -34.32
N GLN F 170 -69.62 10.64 -34.23
CA GLN F 170 -70.06 11.49 -35.35
C GLN F 170 -69.30 11.10 -36.61
N TYR F 171 -67.97 11.04 -36.52
CA TYR F 171 -67.17 10.72 -37.71
C TYR F 171 -67.40 9.29 -38.21
N SER F 172 -67.97 8.42 -37.38
CA SER F 172 -68.18 7.05 -37.82
C SER F 172 -69.25 6.97 -38.91
N GLU F 173 -70.34 7.74 -38.79
CA GLU F 173 -71.44 7.61 -39.74
C GLU F 173 -71.01 8.03 -41.14
N GLU F 174 -70.32 9.17 -41.27
CA GLU F 174 -69.84 9.57 -42.59
C GLU F 174 -68.79 8.59 -43.12
N ALA F 175 -67.94 8.07 -42.24
CA ALA F 175 -66.93 7.10 -42.68
C ALA F 175 -67.56 5.77 -43.07
N ARG F 176 -68.59 5.32 -42.34
CA ARG F 176 -69.24 4.06 -42.70
C ARG F 176 -70.05 4.19 -43.97
N LEU F 177 -70.57 5.40 -44.26
CA LEU F 177 -71.10 5.66 -45.59
C LEU F 177 -69.98 5.63 -46.63
N LYS F 178 -68.74 5.87 -46.20
CA LYS F 178 -67.59 5.75 -47.11
C LYS F 178 -66.99 4.36 -47.06
N ARG F 179 -67.41 3.52 -46.16
CA ARG F 179 -66.92 2.11 -46.19
C ARG F 179 -67.88 1.30 -47.06
N GLU F 180 -69.12 1.81 -47.30
CA GLU F 180 -70.05 1.08 -48.14
C GLU F 180 -70.05 1.52 -49.59
N GLU F 181 -69.58 2.72 -49.90
CA GLU F 181 -69.50 3.13 -51.29
C GLU F 181 -68.29 2.58 -52.02
N ILE F 182 -67.18 2.30 -51.30
CA ILE F 182 -66.05 1.63 -51.94
C ILE F 182 -66.21 0.12 -51.94
N SER F 183 -67.17 -0.41 -51.20
CA SER F 183 -67.41 -1.86 -51.19
C SER F 183 -68.64 -2.19 -52.03
N GLU G 1 -7.48 -7.28 42.60
CA GLU G 1 -8.48 -8.05 43.33
C GLU G 1 -9.86 -7.41 43.22
N VAL G 2 -10.88 -8.25 43.03
CA VAL G 2 -12.25 -7.79 42.85
C VAL G 2 -13.13 -8.36 43.95
N HIS G 3 -12.55 -8.51 45.14
CA HIS G 3 -13.26 -9.11 46.27
C HIS G 3 -14.51 -8.33 46.60
N LEU G 4 -15.62 -9.06 46.80
CA LEU G 4 -16.92 -8.50 47.11
C LEU G 4 -17.35 -8.98 48.49
N GLN G 5 -17.84 -7.97 49.30
CA GLN G 5 -18.25 -8.36 50.65
C GLN G 5 -19.73 -8.62 50.67
N GLN G 6 -20.36 -8.70 51.83
CA GLN G 6 -21.79 -8.75 52.06
C GLN G 6 -22.04 -8.26 53.48
N SER G 7 -23.28 -8.31 53.93
CA SER G 7 -23.57 -7.98 55.32
C SER G 7 -23.47 -9.22 56.20
N GLY G 8 -23.69 -9.04 57.50
CA GLY G 8 -23.61 -10.12 58.45
C GLY G 8 -24.88 -10.96 58.47
N PRO G 9 -24.88 -11.95 59.35
CA PRO G 9 -26.04 -12.84 59.45
C PRO G 9 -27.28 -12.09 59.93
N GLU G 10 -28.44 -12.57 59.50
CA GLU G 10 -29.70 -11.86 59.71
C GLU G 10 -30.72 -12.77 60.39
N LEU G 11 -31.43 -12.22 61.38
CA LEU G 11 -32.51 -12.90 62.06
C LEU G 11 -33.75 -12.02 62.02
N VAL G 12 -34.91 -12.64 61.79
CA VAL G 12 -36.17 -11.90 61.67
C VAL G 12 -37.31 -12.89 61.80
N LYS G 13 -38.44 -12.41 62.33
CA LYS G 13 -39.64 -13.23 62.39
C LYS G 13 -40.21 -13.40 60.97
N PRO G 14 -40.85 -14.55 60.70
CA PRO G 14 -41.41 -14.76 59.36
C PRO G 14 -42.51 -13.76 59.05
N GLY G 15 -42.63 -13.43 57.76
CA GLY G 15 -43.61 -12.48 57.29
C GLY G 15 -43.15 -11.05 57.24
N ALA G 16 -41.97 -10.74 57.75
CA ALA G 16 -41.42 -9.39 57.72
C ALA G 16 -40.59 -9.21 56.45
N SER G 17 -39.80 -8.15 56.38
CA SER G 17 -38.96 -7.87 55.22
C SER G 17 -37.51 -7.69 55.67
N VAL G 18 -36.58 -8.05 54.78
CA VAL G 18 -35.16 -7.92 55.04
C VAL G 18 -34.50 -7.20 53.86
N LYS G 19 -33.32 -6.66 54.11
CA LYS G 19 -32.59 -5.91 53.10
C LYS G 19 -31.11 -6.27 53.24
N MET G 20 -30.61 -7.07 52.31
CA MET G 20 -29.20 -7.46 52.31
C MET G 20 -28.37 -6.48 51.49
N SER G 21 -27.05 -6.54 51.68
CA SER G 21 -26.15 -5.60 51.05
C SER G 21 -24.95 -6.33 50.46
N CYS G 22 -24.34 -5.72 49.46
CA CYS G 22 -23.13 -6.25 48.82
C CYS G 22 -22.23 -5.09 48.44
N LYS G 23 -20.98 -5.14 48.88
CA LYS G 23 -20.01 -4.09 48.64
C LYS G 23 -19.03 -4.52 47.56
N THR G 24 -18.83 -3.66 46.57
CA THR G 24 -17.94 -3.94 45.46
C THR G 24 -16.74 -3.00 45.48
N SER G 25 -15.57 -3.54 45.15
CA SER G 25 -14.35 -2.75 45.12
C SER G 25 -13.34 -3.45 44.22
N GLY G 26 -12.34 -2.68 43.78
CA GLY G 26 -11.27 -3.20 42.95
C GLY G 26 -11.58 -3.30 41.48
N TYR G 27 -12.78 -2.91 41.06
CA TYR G 27 -13.15 -2.99 39.65
C TYR G 27 -14.26 -1.98 39.37
N THR G 28 -14.52 -1.76 38.09
CA THR G 28 -15.52 -0.78 37.69
C THR G 28 -16.92 -1.35 37.91
N PHE G 29 -17.72 -0.66 38.73
CA PHE G 29 -19.04 -1.16 39.08
C PHE G 29 -20.02 -1.09 37.92
N THR G 30 -19.80 -0.20 36.96
CA THR G 30 -20.77 0.00 35.89
C THR G 30 -20.73 -1.13 34.87
N GLU G 31 -19.53 -1.62 34.51
CA GLU G 31 -19.41 -2.58 33.42
C GLU G 31 -20.13 -3.88 33.73
N TYR G 32 -19.83 -4.48 34.88
CA TYR G 32 -20.21 -5.86 35.15
C TYR G 32 -21.50 -5.89 35.96
N THR G 33 -22.47 -6.65 35.47
CA THR G 33 -23.72 -6.83 36.19
C THR G 33 -23.51 -7.67 37.45
N ILE G 34 -24.39 -7.47 38.42
CA ILE G 34 -24.33 -8.17 39.69
C ILE G 34 -25.52 -9.12 39.78
N HIS G 35 -25.25 -10.39 40.05
CA HIS G 35 -26.29 -11.40 40.17
C HIS G 35 -26.31 -11.94 41.59
N TRP G 36 -27.40 -12.63 41.91
CA TRP G 36 -27.61 -13.19 43.24
C TRP G 36 -28.11 -14.62 43.11
N MET G 37 -27.83 -15.43 44.14
CA MET G 37 -28.21 -16.83 44.13
C MET G 37 -28.58 -17.27 45.54
N LYS G 38 -29.29 -18.38 45.61
CA LYS G 38 -29.77 -18.94 46.88
C LYS G 38 -29.34 -20.40 46.96
N GLN G 39 -28.89 -20.81 48.15
CA GLN G 39 -28.44 -22.18 48.39
C GLN G 39 -29.09 -22.70 49.66
N SER G 40 -30.01 -23.66 49.51
CA SER G 40 -30.72 -24.23 50.65
C SER G 40 -29.90 -25.39 51.19
N HIS G 41 -29.18 -25.14 52.29
CA HIS G 41 -28.29 -26.09 52.96
C HIS G 41 -27.50 -26.96 51.97
N GLY G 42 -27.01 -26.36 50.90
CA GLY G 42 -26.14 -27.05 49.97
C GLY G 42 -26.80 -28.09 49.10
N LYS G 43 -28.14 -28.15 49.06
CA LYS G 43 -28.79 -29.15 48.22
C LYS G 43 -28.62 -28.84 46.74
N SER G 44 -28.72 -27.57 46.36
CA SER G 44 -28.63 -27.14 44.96
C SER G 44 -28.56 -25.62 44.94
N LEU G 45 -28.59 -25.05 43.73
CA LEU G 45 -28.52 -23.61 43.55
C LEU G 45 -29.60 -23.17 42.55
N GLU G 46 -30.29 -22.08 42.88
CA GLU G 46 -31.18 -21.42 41.95
C GLU G 46 -30.66 -20.02 41.66
N TRP G 47 -30.88 -19.55 40.43
CA TRP G 47 -30.56 -18.17 40.07
C TRP G 47 -31.75 -17.29 40.40
N ILE G 48 -31.51 -16.24 41.18
CA ILE G 48 -32.59 -15.37 41.63
C ILE G 48 -32.80 -14.27 40.60
N GLY G 49 -31.76 -13.48 40.35
CA GLY G 49 -31.88 -12.41 39.36
C GLY G 49 -30.56 -11.67 39.24
N GLY G 50 -30.56 -10.69 38.35
CA GLY G 50 -29.38 -9.87 38.13
C GLY G 50 -29.79 -8.45 37.81
N ILE G 51 -28.89 -7.53 38.11
CA ILE G 51 -29.13 -6.10 37.90
C ILE G 51 -27.92 -5.50 37.19
N PHE G 52 -28.18 -4.58 36.26
CA PHE G 52 -27.12 -3.90 35.53
C PHE G 52 -26.91 -2.53 36.14
N PRO G 53 -25.80 -2.28 36.82
CA PRO G 53 -25.62 -0.97 37.47
C PRO G 53 -25.53 0.21 36.52
N ASN G 54 -25.23 -0.03 35.24
CA ASN G 54 -25.05 1.08 34.30
C ASN G 54 -26.34 1.88 34.13
N ASN G 55 -27.49 1.19 34.01
CA ASN G 55 -28.75 1.88 33.82
C ASN G 55 -29.87 1.32 34.70
N GLY G 56 -29.55 0.46 35.67
CA GLY G 56 -30.59 -0.08 36.53
C GLY G 56 -31.47 -1.11 35.89
N ASP G 57 -31.04 -1.73 34.79
CA ASP G 57 -31.82 -2.79 34.16
C ASP G 57 -31.82 -4.03 35.03
N THR G 58 -33.00 -4.57 35.30
CA THR G 58 -33.18 -5.68 36.21
C THR G 58 -33.87 -6.84 35.51
N THR G 59 -33.39 -8.05 35.77
CA THR G 59 -34.01 -9.28 35.30
C THR G 59 -34.19 -10.21 36.48
N TYR G 60 -35.29 -10.97 36.47
CA TYR G 60 -35.63 -11.82 37.59
C TYR G 60 -36.07 -13.19 37.09
N ASN G 61 -35.91 -14.18 37.95
CA ASN G 61 -36.45 -15.51 37.70
C ASN G 61 -37.93 -15.56 38.10
N GLN G 62 -38.70 -16.37 37.39
CA GLN G 62 -40.14 -16.45 37.65
C GLN G 62 -40.44 -17.01 39.04
N LYS G 63 -39.49 -17.72 39.66
CA LYS G 63 -39.71 -18.26 40.99
C LYS G 63 -39.65 -17.19 42.07
N PHE G 64 -38.98 -16.07 41.82
CA PHE G 64 -38.82 -15.02 42.82
C PHE G 64 -39.27 -13.65 42.31
N LYS G 65 -39.92 -13.58 41.15
CA LYS G 65 -40.33 -12.29 40.61
C LYS G 65 -41.34 -11.59 41.51
N VAL G 66 -42.08 -12.35 42.31
CA VAL G 66 -43.16 -11.76 43.10
C VAL G 66 -42.60 -10.87 44.21
N ARG G 67 -41.48 -11.27 44.83
CA ARG G 67 -41.00 -10.57 46.01
C ARG G 67 -39.56 -10.08 45.92
N ALA G 68 -38.74 -10.59 45.01
CA ALA G 68 -37.36 -10.13 44.91
C ALA G 68 -37.28 -8.76 44.28
N THR G 69 -36.44 -7.90 44.86
CA THR G 69 -36.23 -6.55 44.34
C THR G 69 -34.74 -6.23 44.40
N LEU G 70 -34.20 -5.73 43.30
CA LEU G 70 -32.78 -5.42 43.19
C LEU G 70 -32.60 -3.93 42.97
N THR G 71 -31.71 -3.32 43.74
CA THR G 71 -31.40 -1.90 43.63
C THR G 71 -29.91 -1.71 43.81
N VAL G 72 -29.35 -0.77 43.05
CA VAL G 72 -27.92 -0.45 43.12
C VAL G 72 -27.79 1.04 43.40
N GLY G 73 -26.81 1.40 44.25
CA GLY G 73 -26.46 2.78 44.47
C GLY G 73 -25.09 3.08 43.89
N ARG G 74 -25.07 3.79 42.75
CA ARG G 74 -23.78 4.06 42.08
C ARG G 74 -22.87 4.88 42.99
N SER G 75 -23.42 5.82 43.78
CA SER G 75 -22.57 6.65 44.59
C SER G 75 -21.68 5.80 45.51
N SER G 76 -22.25 4.76 46.11
CA SER G 76 -21.52 3.90 47.03
C SER G 76 -21.04 2.60 46.41
N SER G 77 -21.38 2.35 45.14
CA SER G 77 -20.99 1.14 44.42
C SER G 77 -21.39 -0.11 45.19
N THR G 78 -22.66 -0.16 45.59
CA THR G 78 -23.19 -1.26 46.37
C THR G 78 -24.49 -1.76 45.75
N ALA G 79 -24.80 -3.04 45.99
CA ALA G 79 -26.00 -3.67 45.49
C ALA G 79 -26.79 -4.25 46.67
N TYR G 80 -28.12 -4.09 46.63
CA TYR G 80 -28.99 -4.55 47.70
C TYR G 80 -30.13 -5.38 47.13
N MET G 81 -30.70 -6.24 47.96
CA MET G 81 -31.92 -6.94 47.62
C MET G 81 -32.94 -6.79 48.75
N ASP G 82 -34.21 -6.79 48.37
CA ASP G 82 -35.33 -6.72 49.31
C ASP G 82 -36.14 -8.00 49.19
N LEU G 83 -36.50 -8.58 50.34
CA LEU G 83 -37.31 -9.78 50.40
C LEU G 83 -38.64 -9.45 51.08
N ARG G 84 -39.73 -10.03 50.56
CA ARG G 84 -41.06 -9.78 51.08
C ARG G 84 -41.71 -11.11 51.45
N SER G 85 -42.45 -11.11 52.56
CA SER G 85 -43.16 -12.29 53.05
C SER G 85 -42.20 -13.45 53.30
N LEU G 86 -41.29 -13.23 54.24
CA LEU G 86 -40.31 -14.26 54.59
C LEU G 86 -41.00 -15.47 55.20
N THR G 87 -40.46 -16.65 54.91
CA THR G 87 -41.03 -17.92 55.33
C THR G 87 -39.88 -18.84 55.73
N SER G 88 -40.20 -19.87 56.54
CA SER G 88 -39.20 -20.84 56.93
C SER G 88 -38.59 -21.56 55.72
N GLU G 89 -39.29 -21.55 54.58
CA GLU G 89 -38.71 -22.09 53.36
C GLU G 89 -37.48 -21.29 52.92
N ASP G 90 -37.43 -20.00 53.25
CA ASP G 90 -36.38 -19.11 52.79
C ASP G 90 -35.14 -19.14 53.68
N SER G 91 -35.12 -19.99 54.71
CA SER G 91 -33.96 -20.07 55.60
C SER G 91 -32.79 -20.73 54.88
N ALA G 92 -31.92 -19.93 54.29
CA ALA G 92 -30.81 -20.45 53.49
C ALA G 92 -29.73 -19.39 53.44
N VAL G 93 -28.74 -19.61 52.56
CA VAL G 93 -27.64 -18.67 52.36
C VAL G 93 -27.75 -18.08 50.97
N TYR G 94 -27.19 -16.88 50.80
CA TYR G 94 -27.25 -16.16 49.54
C TYR G 94 -25.85 -15.71 49.14
N TYR G 95 -25.60 -15.66 47.84
CA TYR G 95 -24.28 -15.29 47.31
C TYR G 95 -24.41 -14.10 46.38
N CYS G 96 -23.48 -13.16 46.50
CA CYS G 96 -23.42 -11.98 45.66
C CYS G 96 -22.30 -12.19 44.64
N VAL G 97 -22.66 -12.34 43.37
CA VAL G 97 -21.72 -12.68 42.31
C VAL G 97 -21.90 -11.69 41.17
N ARG G 98 -20.86 -11.60 40.35
CA ARG G 98 -20.86 -10.72 39.18
C ARG G 98 -20.70 -11.55 37.92
N ASN G 99 -21.66 -11.44 37.01
CA ASN G 99 -21.58 -12.14 35.74
C ASN G 99 -20.64 -11.42 34.79
N TYR G 100 -19.71 -12.17 34.21
CA TYR G 100 -18.72 -11.55 33.33
C TYR G 100 -19.34 -11.18 31.98
N GLY G 101 -20.14 -12.05 31.40
CA GLY G 101 -20.71 -11.85 30.08
C GLY G 101 -22.02 -11.09 30.12
N SER G 102 -22.84 -11.32 29.09
CA SER G 102 -24.14 -10.65 28.93
C SER G 102 -25.19 -11.70 28.58
N SER G 103 -25.82 -12.27 29.59
CA SER G 103 -26.86 -13.30 29.52
C SER G 103 -26.33 -14.59 28.91
N TYR G 104 -25.06 -14.65 28.55
CA TYR G 104 -24.43 -15.88 28.07
C TYR G 104 -23.14 -16.23 28.79
N GLY G 105 -22.60 -15.32 29.61
CA GLY G 105 -21.33 -15.53 30.25
C GLY G 105 -21.44 -16.31 31.54
N TYR G 106 -20.35 -16.26 32.30
CA TYR G 106 -20.19 -17.03 33.52
C TYR G 106 -20.01 -16.10 34.71
N PHE G 107 -20.22 -16.65 35.90
CA PHE G 107 -20.05 -15.90 37.14
C PHE G 107 -18.62 -16.10 37.65
N ASP G 108 -17.82 -15.04 37.59
CA ASP G 108 -16.39 -15.16 37.85
C ASP G 108 -16.09 -15.31 39.33
N VAL G 109 -16.49 -14.32 40.13
CA VAL G 109 -16.10 -14.24 41.53
C VAL G 109 -17.36 -14.28 42.40
N TRP G 110 -17.29 -15.02 43.50
CA TRP G 110 -18.39 -15.17 44.43
C TRP G 110 -18.06 -14.49 45.74
N GLY G 111 -19.09 -13.97 46.41
CA GLY G 111 -18.93 -13.31 47.68
C GLY G 111 -18.75 -14.28 48.83
N ALA G 112 -18.58 -13.71 50.03
CA ALA G 112 -18.41 -14.54 51.22
C ALA G 112 -19.65 -15.38 51.49
N GLY G 113 -20.83 -14.79 51.34
CA GLY G 113 -22.07 -15.53 51.56
C GLY G 113 -22.76 -15.17 52.86
N THR G 114 -23.86 -14.44 52.77
CA THR G 114 -24.64 -14.07 53.94
C THR G 114 -25.79 -15.05 54.11
N THR G 115 -25.84 -15.71 55.27
CA THR G 115 -26.89 -16.66 55.58
C THR G 115 -27.99 -15.97 56.37
N VAL G 116 -29.23 -16.40 56.15
CA VAL G 116 -30.39 -15.85 56.83
C VAL G 116 -31.20 -16.99 57.42
N THR G 117 -31.99 -16.66 58.44
CA THR G 117 -32.86 -17.63 59.09
C THR G 117 -34.01 -16.89 59.73
N VAL G 118 -35.15 -17.56 59.81
CA VAL G 118 -36.35 -17.01 60.42
C VAL G 118 -36.84 -17.95 61.50
N SER G 119 -37.14 -17.41 62.67
CA SER G 119 -37.65 -18.19 63.78
C SER G 119 -38.30 -17.24 64.77
N SER G 120 -39.38 -17.70 65.39
CA SER G 120 -40.01 -16.93 66.45
C SER G 120 -39.16 -16.90 67.71
N ALA G 121 -38.12 -17.72 67.77
CA ALA G 121 -37.28 -17.83 68.95
C ALA G 121 -36.34 -16.63 69.07
N LYS G 122 -36.23 -16.12 70.30
CA LYS G 122 -35.34 -14.96 70.55
C LYS G 122 -33.90 -15.46 70.57
N THR G 123 -32.94 -14.57 70.77
CA THR G 123 -31.54 -14.99 70.76
C THR G 123 -31.07 -15.35 72.17
N THR G 124 -30.05 -16.21 72.22
CA THR G 124 -29.46 -16.71 73.45
C THR G 124 -27.95 -16.60 73.38
N PRO G 125 -27.32 -15.97 74.37
CA PRO G 125 -25.86 -15.88 74.40
C PRO G 125 -25.23 -17.25 74.60
N PRO G 126 -24.08 -17.50 73.98
CA PRO G 126 -23.43 -18.80 74.12
C PRO G 126 -22.89 -19.01 75.53
N SER G 127 -22.79 -20.30 75.90
CA SER G 127 -22.27 -20.71 77.20
C SER G 127 -21.25 -21.83 76.96
N VAL G 128 -19.97 -21.50 77.11
CA VAL G 128 -18.90 -22.47 76.92
C VAL G 128 -18.63 -23.15 78.25
N TYR G 129 -18.32 -24.44 78.21
CA TYR G 129 -18.07 -25.23 79.40
C TYR G 129 -16.73 -25.95 79.28
N PRO G 130 -16.02 -26.11 80.39
CA PRO G 130 -14.72 -26.79 80.34
C PRO G 130 -14.86 -28.26 79.98
N LEU G 131 -13.84 -28.77 79.30
CA LEU G 131 -13.74 -30.19 78.94
C LEU G 131 -12.29 -30.60 79.15
N ALA G 132 -11.98 -31.05 80.36
CA ALA G 132 -10.60 -31.40 80.70
C ALA G 132 -10.27 -32.82 80.21
N PRO G 133 -9.02 -33.05 79.83
CA PRO G 133 -8.61 -34.40 79.42
C PRO G 133 -8.62 -35.37 80.58
N GLY G 134 -8.87 -36.63 80.27
CA GLY G 134 -8.86 -37.69 81.27
C GLY G 134 -7.50 -37.87 81.92
N SER G 135 -7.49 -37.93 83.25
CA SER G 135 -6.24 -38.10 83.99
C SER G 135 -5.77 -39.55 84.04
N ALA G 136 -6.62 -40.50 83.68
CA ALA G 136 -6.23 -41.90 83.73
C ALA G 136 -5.45 -42.31 82.49
N ALA G 137 -6.05 -42.17 81.31
CA ALA G 137 -5.38 -42.51 80.05
C ALA G 137 -4.55 -41.31 79.59
N GLN G 138 -3.40 -41.16 80.22
CA GLN G 138 -2.48 -40.06 79.93
C GLN G 138 -1.26 -40.64 79.22
N THR G 139 -1.16 -40.33 77.91
CA THR G 139 0.02 -40.79 77.12
C THR G 139 1.05 -39.67 77.11
N ASN G 140 2.32 -40.00 77.32
CA ASN G 140 3.38 -39.00 77.40
C ASN G 140 3.60 -38.28 76.08
N SER G 141 3.10 -38.83 74.98
CA SER G 141 3.33 -38.24 73.67
C SER G 141 2.11 -37.54 73.08
N MET G 142 0.92 -37.85 73.58
CA MET G 142 -0.29 -37.39 72.89
C MET G 142 -1.39 -37.12 73.91
N VAL G 143 -2.06 -35.98 73.78
CA VAL G 143 -3.17 -35.62 74.67
C VAL G 143 -4.13 -34.72 73.90
N THR G 144 -5.43 -34.85 74.20
CA THR G 144 -6.47 -34.11 73.50
C THR G 144 -7.15 -33.13 74.45
N LEU G 145 -7.57 -32.00 73.90
CA LEU G 145 -8.19 -30.91 74.65
C LEU G 145 -9.35 -30.35 73.84
N GLY G 146 -10.32 -29.77 74.52
CA GLY G 146 -11.46 -29.17 73.86
C GLY G 146 -12.35 -28.43 74.82
N CYS G 147 -13.31 -27.70 74.24
CA CYS G 147 -14.37 -27.04 75.00
C CYS G 147 -15.60 -26.97 74.12
N LEU G 148 -16.77 -27.18 74.73
CA LEU G 148 -18.02 -27.29 74.01
C LEU G 148 -18.90 -26.08 74.28
N VAL G 149 -19.62 -25.64 73.24
CA VAL G 149 -20.52 -24.50 73.33
C VAL G 149 -21.95 -25.01 73.35
N LYS G 150 -22.73 -24.61 74.35
CA LYS G 150 -24.09 -25.06 74.53
C LYS G 150 -25.01 -23.89 74.78
N GLY G 151 -26.20 -23.92 74.16
CA GLY G 151 -27.22 -22.93 74.40
C GLY G 151 -26.96 -21.58 73.78
N TYR G 152 -26.94 -21.52 72.45
CA TYR G 152 -26.80 -20.26 71.74
C TYR G 152 -27.74 -20.26 70.53
N PHE G 153 -28.05 -19.05 70.06
CA PHE G 153 -28.97 -18.87 68.93
C PHE G 153 -28.86 -17.43 68.43
N PRO G 154 -28.80 -17.21 67.11
CA PRO G 154 -28.75 -18.23 66.07
C PRO G 154 -27.35 -18.47 65.49
N GLU G 155 -27.29 -19.26 64.42
CA GLU G 155 -26.05 -19.43 63.67
C GLU G 155 -25.61 -18.12 63.03
N PRO G 156 -24.30 -17.96 62.80
CA PRO G 156 -23.24 -18.88 63.23
C PRO G 156 -22.37 -18.32 64.36
N VAL G 157 -21.44 -19.14 64.85
CA VAL G 157 -20.45 -18.72 65.83
C VAL G 157 -19.07 -19.19 65.36
N THR G 158 -18.11 -18.30 65.42
CA THR G 158 -16.72 -18.62 65.08
C THR G 158 -15.93 -18.83 66.37
N VAL G 159 -15.06 -19.84 66.37
CA VAL G 159 -14.29 -20.21 67.54
C VAL G 159 -12.81 -20.29 67.16
N THR G 160 -11.96 -19.69 67.99
CA THR G 160 -10.51 -19.76 67.81
C THR G 160 -9.87 -19.74 69.19
N TRP G 161 -8.78 -20.49 69.34
CA TRP G 161 -8.14 -20.68 70.63
C TRP G 161 -6.74 -20.07 70.60
N ASN G 162 -6.39 -19.41 71.71
CA ASN G 162 -5.08 -18.78 71.87
C ASN G 162 -4.81 -17.77 70.75
N SER G 163 -5.85 -17.03 70.36
CA SER G 163 -5.77 -16.05 69.28
C SER G 163 -5.27 -16.70 67.98
N GLY G 164 -5.70 -17.94 67.75
CA GLY G 164 -5.28 -18.66 66.55
C GLY G 164 -3.81 -18.94 66.48
N SER G 165 -3.16 -19.20 67.62
CA SER G 165 -1.74 -19.49 67.61
C SER G 165 -1.45 -20.85 66.98
N LEU G 166 -2.31 -21.83 67.22
CA LEU G 166 -2.15 -23.18 66.71
C LEU G 166 -3.24 -23.49 65.69
N SER G 167 -2.85 -24.13 64.59
CA SER G 167 -3.79 -24.51 63.54
C SER G 167 -3.49 -25.89 62.99
N SER G 168 -2.93 -26.77 63.82
CA SER G 168 -2.57 -28.11 63.38
C SER G 168 -3.74 -29.09 63.54
N GLY G 169 -4.24 -29.23 64.76
CA GLY G 169 -5.32 -30.17 65.03
C GLY G 169 -6.67 -29.52 65.20
N VAL G 170 -6.84 -28.31 64.66
CA VAL G 170 -8.10 -27.59 64.82
C VAL G 170 -9.21 -28.35 64.09
N HIS G 171 -10.20 -28.82 64.86
CA HIS G 171 -11.35 -29.54 64.33
C HIS G 171 -12.62 -28.88 64.86
N THR G 172 -13.43 -28.33 63.96
CA THR G 172 -14.72 -27.75 64.32
C THR G 172 -15.84 -28.66 63.85
N PHE G 173 -16.98 -28.57 64.54
CA PHE G 173 -18.10 -29.45 64.26
C PHE G 173 -19.37 -28.63 64.04
N PRO G 174 -20.17 -28.99 63.04
CA PRO G 174 -21.43 -28.27 62.81
C PRO G 174 -22.43 -28.53 63.93
N ALA G 175 -23.31 -27.54 64.13
CA ALA G 175 -24.31 -27.64 65.19
C ALA G 175 -25.43 -28.60 64.79
N VAL G 176 -26.10 -29.13 65.80
CA VAL G 176 -27.17 -30.11 65.62
C VAL G 176 -28.42 -29.63 66.34
N LEU G 177 -29.57 -29.87 65.74
CA LEU G 177 -30.84 -29.52 66.36
C LEU G 177 -31.03 -30.31 67.65
N GLN G 178 -31.49 -29.62 68.70
CA GLN G 178 -31.81 -30.29 69.97
C GLN G 178 -32.82 -29.40 70.69
N SER G 179 -34.10 -29.78 70.61
CA SER G 179 -35.19 -29.01 71.20
C SER G 179 -35.17 -27.56 70.71
N ASP G 180 -34.89 -27.38 69.41
CA ASP G 180 -34.77 -26.07 68.78
C ASP G 180 -33.64 -25.25 69.43
N LEU G 181 -32.62 -25.94 69.91
CA LEU G 181 -31.41 -25.31 70.42
C LEU G 181 -30.22 -25.74 69.59
N TYR G 182 -29.16 -24.91 69.64
CA TYR G 182 -28.04 -25.02 68.72
C TYR G 182 -26.78 -25.23 69.55
N THR G 183 -26.07 -26.35 69.31
CA THR G 183 -24.89 -26.71 70.08
C THR G 183 -23.83 -27.32 69.19
N LEU G 184 -22.56 -27.05 69.53
CA LEU G 184 -21.44 -27.62 68.77
C LEU G 184 -20.26 -27.81 69.70
N SER G 185 -19.26 -28.54 69.22
CA SER G 185 -18.05 -28.84 69.98
C SER G 185 -16.82 -28.66 69.09
N SER G 186 -15.68 -28.48 69.74
CA SER G 186 -14.41 -28.30 69.04
C SER G 186 -13.29 -28.95 69.85
N SER G 187 -12.21 -29.32 69.15
CA SER G 187 -11.08 -29.97 69.79
C SER G 187 -9.84 -29.80 68.92
N VAL G 188 -8.68 -29.74 69.58
CA VAL G 188 -7.40 -29.65 68.89
C VAL G 188 -6.45 -30.71 69.49
N THR G 189 -5.30 -30.83 68.86
CA THR G 189 -4.25 -31.77 69.29
C THR G 189 -3.08 -30.98 69.85
N VAL G 190 -2.65 -31.34 71.05
CA VAL G 190 -1.56 -30.64 71.74
C VAL G 190 -0.57 -31.66 72.27
N PRO G 191 0.73 -31.40 72.21
CA PRO G 191 1.70 -32.32 72.84
C PRO G 191 1.50 -32.38 74.36
N SER G 192 1.77 -33.57 74.91
CA SER G 192 1.60 -33.77 76.35
C SER G 192 2.63 -32.96 77.15
N SER G 193 3.85 -32.86 76.65
CA SER G 193 4.89 -32.14 77.38
C SER G 193 4.57 -30.66 77.51
N THR G 194 4.02 -30.05 76.46
CA THR G 194 3.73 -28.62 76.46
C THR G 194 2.54 -28.26 77.35
N TRP G 195 1.77 -29.23 77.81
CA TRP G 195 0.61 -28.98 78.65
C TRP G 195 0.83 -29.57 80.04
N PRO G 196 0.54 -28.82 81.11
CA PRO G 196 0.05 -27.45 81.08
C PRO G 196 1.16 -26.42 81.27
N SER G 197 2.26 -26.58 80.53
CA SER G 197 3.39 -25.65 80.65
C SER G 197 2.98 -24.23 80.28
N GLU G 198 2.21 -24.09 79.20
CA GLU G 198 1.70 -22.79 78.78
C GLU G 198 0.18 -22.79 78.87
N THR G 199 -0.38 -21.61 79.13
CA THR G 199 -1.83 -21.48 79.28
C THR G 199 -2.54 -21.76 77.96
N VAL G 200 -3.71 -22.38 78.06
CA VAL G 200 -4.56 -22.66 76.91
C VAL G 200 -5.92 -22.05 77.16
N THR G 201 -6.41 -21.29 76.18
CA THR G 201 -7.69 -20.60 76.27
C THR G 201 -8.44 -20.75 74.97
N CYS G 202 -9.71 -21.15 75.05
CA CYS G 202 -10.58 -21.23 73.89
C CYS G 202 -11.60 -20.11 73.94
N ASN G 203 -11.71 -19.38 72.83
CA ASN G 203 -12.51 -18.16 72.73
C ASN G 203 -13.62 -18.36 71.72
N VAL G 204 -14.82 -17.91 72.08
CA VAL G 204 -16.01 -18.01 71.24
C VAL G 204 -16.57 -16.61 71.03
N ALA G 205 -16.92 -16.31 69.77
CA ALA G 205 -17.45 -15.00 69.39
C ALA G 205 -18.83 -15.19 68.78
N HIS G 206 -19.81 -14.43 69.28
CA HIS G 206 -21.18 -14.46 68.77
C HIS G 206 -21.54 -13.08 68.24
N PRO G 207 -21.45 -12.85 66.92
CA PRO G 207 -21.75 -11.51 66.39
C PRO G 207 -23.18 -11.06 66.66
N ALA G 208 -24.14 -11.98 66.67
CA ALA G 208 -25.53 -11.59 66.91
C ALA G 208 -25.73 -11.03 68.31
N SER G 209 -25.15 -11.70 69.32
CA SER G 209 -25.27 -11.24 70.70
C SER G 209 -24.13 -10.34 71.14
N SER G 210 -23.10 -10.18 70.30
CA SER G 210 -21.95 -9.31 70.61
C SER G 210 -21.32 -9.71 71.94
N THR G 211 -21.07 -11.00 72.11
CA THR G 211 -20.51 -11.55 73.33
C THR G 211 -19.10 -12.07 73.06
N LYS G 212 -18.14 -11.62 73.86
CA LYS G 212 -16.76 -12.08 73.80
C LYS G 212 -16.44 -12.76 75.12
N VAL G 213 -16.24 -14.08 75.08
CA VAL G 213 -16.04 -14.89 76.28
C VAL G 213 -14.61 -15.39 76.28
N ASP G 214 -13.88 -15.09 77.35
CA ASP G 214 -12.54 -15.60 77.57
C ASP G 214 -12.60 -16.70 78.63
N LYS G 215 -12.16 -17.90 78.26
CA LYS G 215 -12.29 -19.07 79.11
C LYS G 215 -10.96 -19.81 79.19
N LYS G 216 -10.65 -20.34 80.37
CA LYS G 216 -9.40 -21.05 80.62
C LYS G 216 -9.71 -22.52 80.92
N ILE G 217 -8.96 -23.41 80.27
CA ILE G 217 -9.15 -24.85 80.44
C ILE G 217 -8.34 -25.27 81.67
N VAL G 218 -9.01 -25.41 82.80
CA VAL G 218 -8.34 -25.82 84.03
C VAL G 218 -8.06 -27.32 83.97
N PRO G 219 -6.87 -27.77 84.34
CA PRO G 219 -6.60 -29.22 84.38
C PRO G 219 -7.46 -29.90 85.42
N ARG G 220 -7.83 -31.15 85.12
CA ARG G 220 -8.64 -31.94 86.04
C ARG G 220 -7.80 -32.41 87.21
N ASP G 221 -8.34 -32.29 88.42
CA ASP G 221 -7.67 -32.72 89.64
C ASP G 221 -8.52 -33.76 90.35
N CYS G 222 -7.87 -34.79 90.86
CA CYS G 222 -8.55 -35.87 91.57
C CYS G 222 -8.98 -35.43 92.96
N GLU H 1 18.52 39.66 -2.82
CA GLU H 1 18.02 41.00 -3.09
C GLU H 1 17.55 41.13 -4.53
N VAL H 2 16.41 41.79 -4.72
CA VAL H 2 15.82 41.95 -6.05
C VAL H 2 15.71 43.44 -6.38
N HIS H 3 16.69 44.22 -5.91
CA HIS H 3 16.67 45.66 -6.09
C HIS H 3 16.63 46.03 -7.56
N LEU H 4 15.75 46.97 -7.90
CA LEU H 4 15.55 47.44 -9.27
C LEU H 4 15.91 48.93 -9.33
N GLN H 5 16.72 49.24 -10.42
CA GLN H 5 17.13 50.65 -10.51
C GLN H 5 16.18 51.36 -11.45
N GLN H 6 16.53 52.55 -11.92
CA GLN H 6 15.87 53.31 -12.97
C GLN H 6 16.91 54.28 -13.55
N SER H 7 16.48 55.13 -14.47
CA SER H 7 17.38 56.16 -14.96
C SER H 7 17.28 57.42 -14.10
N GLY H 8 18.08 58.42 -14.46
CA GLY H 8 18.11 59.67 -13.72
C GLY H 8 16.98 60.59 -14.12
N PRO H 9 16.96 61.77 -13.50
CA PRO H 9 15.90 62.74 -13.78
C PRO H 9 15.95 63.23 -15.23
N GLU H 10 14.78 63.58 -15.75
CA GLU H 10 14.63 63.88 -17.17
C GLU H 10 13.99 65.25 -17.35
N LEU H 11 14.53 66.02 -18.29
CA LEU H 11 13.99 67.31 -18.69
C LEU H 11 13.79 67.33 -20.19
N VAL H 12 12.67 67.91 -20.64
CA VAL H 12 12.33 67.93 -22.05
C VAL H 12 11.23 68.97 -22.25
N LYS H 13 11.22 69.59 -23.43
CA LYS H 13 10.14 70.50 -23.78
C LYS H 13 8.86 69.71 -24.03
N PRO H 14 7.70 70.31 -23.73
CA PRO H 14 6.44 69.59 -23.94
C PRO H 14 6.20 69.28 -25.41
N GLY H 15 5.52 68.16 -25.66
CA GLY H 15 5.23 67.71 -27.00
C GLY H 15 6.25 66.78 -27.61
N ALA H 16 7.38 66.57 -26.96
CA ALA H 16 8.42 65.67 -27.44
C ALA H 16 8.17 64.27 -26.88
N SER H 17 9.15 63.38 -26.99
CA SER H 17 9.04 62.02 -26.49
C SER H 17 10.20 61.71 -25.56
N VAL H 18 9.95 60.84 -24.59
CA VAL H 18 10.95 60.42 -23.62
C VAL H 18 10.98 58.91 -23.56
N LYS H 19 12.08 58.37 -23.05
CA LYS H 19 12.27 56.92 -22.96
C LYS H 19 12.95 56.64 -21.62
N MET H 20 12.19 56.11 -20.67
CA MET H 20 12.74 55.76 -19.36
C MET H 20 13.22 54.31 -19.35
N SER H 21 14.02 53.98 -18.34
CA SER H 21 14.64 52.66 -18.26
C SER H 21 14.52 52.11 -16.85
N CYS H 22 14.56 50.77 -16.76
CA CYS H 22 14.52 50.09 -15.47
C CYS H 22 15.42 48.86 -15.55
N LYS H 23 16.35 48.75 -14.61
CA LYS H 23 17.31 47.66 -14.57
C LYS H 23 16.92 46.66 -13.50
N THR H 24 16.89 45.37 -13.88
CA THR H 24 16.52 44.30 -12.97
C THR H 24 17.71 43.39 -12.70
N SER H 25 17.83 42.94 -11.46
CA SER H 25 18.92 42.06 -11.07
C SER H 25 18.52 41.30 -9.82
N GLY H 26 19.21 40.20 -9.56
CA GLY H 26 18.99 39.40 -8.38
C GLY H 26 17.83 38.43 -8.46
N TYR H 27 17.14 38.36 -9.60
CA TYR H 27 16.01 37.46 -9.75
C TYR H 27 15.81 37.17 -11.24
N THR H 28 14.99 36.16 -11.52
CA THR H 28 14.74 35.76 -12.90
C THR H 28 13.80 36.76 -13.57
N PHE H 29 14.27 37.36 -14.66
CA PHE H 29 13.49 38.40 -15.33
C PHE H 29 12.27 37.84 -16.05
N THR H 30 12.30 36.57 -16.43
CA THR H 30 11.21 36.02 -17.23
C THR H 30 9.96 35.77 -16.41
N GLU H 31 10.11 35.27 -15.17
CA GLU H 31 8.96 34.83 -14.39
C GLU H 31 8.03 36.00 -14.07
N TYR H 32 8.57 37.08 -13.50
CA TYR H 32 7.76 38.11 -12.89
C TYR H 32 7.55 39.26 -13.86
N THR H 33 6.30 39.63 -14.06
CA THR H 33 5.97 40.76 -14.91
C THR H 33 6.40 42.07 -14.26
N ILE H 34 6.64 43.08 -15.09
CA ILE H 34 7.08 44.40 -14.64
C ILE H 34 5.95 45.38 -14.90
N HIS H 35 5.56 46.11 -13.87
CA HIS H 35 4.50 47.11 -13.97
C HIS H 35 5.07 48.50 -13.69
N TRP H 36 4.30 49.51 -14.07
CA TRP H 36 4.70 50.90 -13.91
C TRP H 36 3.55 51.71 -13.34
N MET H 37 3.89 52.79 -12.64
CA MET H 37 2.90 53.62 -11.98
C MET H 37 3.33 55.08 -12.04
N LYS H 38 2.37 55.96 -11.84
CA LYS H 38 2.59 57.41 -11.88
C LYS H 38 2.05 58.03 -10.60
N GLN H 39 2.81 58.97 -10.04
CA GLN H 39 2.44 59.66 -8.81
C GLN H 39 2.59 61.16 -9.01
N SER H 40 1.46 61.87 -9.05
CA SER H 40 1.46 63.31 -9.25
C SER H 40 1.60 63.99 -7.90
N HIS H 41 2.82 64.44 -7.58
CA HIS H 41 3.18 65.10 -6.32
C HIS H 41 2.51 64.44 -5.11
N GLY H 42 2.44 63.12 -5.09
CA GLY H 42 1.94 62.40 -3.94
C GLY H 42 0.45 62.49 -3.69
N LYS H 43 -0.33 63.01 -4.65
CA LYS H 43 -1.77 63.11 -4.42
C LYS H 43 -2.43 61.73 -4.44
N SER H 44 -2.00 60.85 -5.33
CA SER H 44 -2.60 59.52 -5.49
C SER H 44 -1.72 58.72 -6.44
N LEU H 45 -2.17 57.51 -6.78
CA LEU H 45 -1.45 56.63 -7.68
C LEU H 45 -2.40 56.06 -8.73
N GLU H 46 -1.96 56.04 -9.98
CA GLU H 46 -2.66 55.34 -11.03
C GLU H 46 -1.78 54.21 -11.56
N TRP H 47 -2.39 53.12 -11.98
CA TRP H 47 -1.67 52.04 -12.64
C TRP H 47 -1.61 52.32 -14.13
N ILE H 48 -0.40 52.32 -14.70
CA ILE H 48 -0.22 52.65 -16.10
C ILE H 48 -0.36 51.39 -16.95
N GLY H 49 0.48 50.40 -16.68
CA GLY H 49 0.40 49.16 -17.42
C GLY H 49 1.45 48.19 -16.93
N GLY H 50 1.44 47.01 -17.53
CA GLY H 50 2.41 45.98 -17.19
C GLY H 50 2.78 45.18 -18.42
N ILE H 51 3.98 44.61 -18.39
CA ILE H 51 4.51 43.84 -19.50
C ILE H 51 5.06 42.52 -18.97
N PHE H 52 4.85 41.44 -19.72
CA PHE H 52 5.35 40.13 -19.34
C PHE H 52 6.61 39.85 -20.14
N PRO H 53 7.79 39.82 -19.51
CA PRO H 53 9.03 39.62 -20.28
C PRO H 53 9.14 38.25 -20.95
N ASN H 54 8.37 37.26 -20.51
CA ASN H 54 8.50 35.92 -21.07
C ASN H 54 8.15 35.89 -22.55
N ASN H 55 7.06 36.57 -22.93
CA ASN H 55 6.64 36.58 -24.33
C ASN H 55 6.27 37.98 -24.83
N GLY H 56 6.58 39.03 -24.08
CA GLY H 56 6.24 40.37 -24.53
C GLY H 56 4.79 40.73 -24.47
N ASP H 57 3.99 40.01 -23.68
CA ASP H 57 2.58 40.34 -23.53
C ASP H 57 2.43 41.64 -22.75
N THR H 58 1.65 42.57 -23.29
CA THR H 58 1.50 43.90 -22.71
C THR H 58 0.04 44.18 -22.42
N THR H 59 -0.22 44.79 -21.28
CA THR H 59 -1.54 45.27 -20.90
C THR H 59 -1.43 46.73 -20.47
N TYR H 60 -2.45 47.52 -20.78
CA TYR H 60 -2.41 48.95 -20.53
C TYR H 60 -3.73 49.40 -19.91
N ASN H 61 -3.66 50.51 -19.19
CA ASN H 61 -4.86 51.17 -18.69
C ASN H 61 -5.43 52.08 -19.78
N GLN H 62 -6.75 52.22 -19.78
CA GLN H 62 -7.41 53.03 -20.81
C GLN H 62 -7.02 54.51 -20.72
N LYS H 63 -6.52 54.96 -19.58
CA LYS H 63 -6.11 56.35 -19.45
C LYS H 63 -4.79 56.65 -20.17
N PHE H 64 -3.96 55.63 -20.40
CA PHE H 64 -2.66 55.83 -21.03
C PHE H 64 -2.46 54.94 -22.25
N LYS H 65 -3.49 54.25 -22.73
CA LYS H 65 -3.33 53.36 -23.86
C LYS H 65 -2.92 54.10 -25.12
N VAL H 66 -3.25 55.38 -25.22
CA VAL H 66 -3.01 56.13 -26.45
C VAL H 66 -1.51 56.34 -26.68
N ARG H 67 -0.74 56.58 -25.61
CA ARG H 67 0.65 56.97 -25.76
C ARG H 67 1.65 56.09 -25.03
N ALA H 68 1.24 55.32 -24.03
CA ALA H 68 2.18 54.49 -23.29
C ALA H 68 2.60 53.28 -24.13
N THR H 69 3.90 52.98 -24.10
CA THR H 69 4.45 51.84 -24.81
C THR H 69 5.47 51.15 -23.91
N LEU H 70 5.35 49.83 -23.79
CA LEU H 70 6.23 49.05 -22.94
C LEU H 70 7.03 48.06 -23.78
N THR H 71 8.34 48.02 -23.56
CA THR H 71 9.22 47.12 -24.27
C THR H 71 10.26 46.58 -23.30
N VAL H 72 10.61 45.30 -23.46
CA VAL H 72 11.61 44.65 -22.63
C VAL H 72 12.69 44.08 -23.52
N GLY H 73 13.95 44.19 -23.07
CA GLY H 73 15.06 43.54 -23.75
C GLY H 73 15.60 42.41 -22.90
N ARG H 74 15.30 41.17 -23.29
CA ARG H 74 15.73 40.00 -22.48
C ARG H 74 17.25 39.96 -22.39
N SER H 75 17.97 40.32 -23.47
CA SER H 75 19.42 40.21 -23.43
C SER H 75 19.99 41.00 -22.24
N SER H 76 19.47 42.21 -22.01
CA SER H 76 19.96 43.07 -20.93
C SER H 76 19.10 43.02 -19.68
N SER H 77 17.98 42.29 -19.71
CA SER H 77 17.06 42.18 -18.57
C SER H 77 16.63 43.55 -18.08
N THR H 78 16.17 44.38 -19.01
CA THR H 78 15.75 45.74 -18.71
C THR H 78 14.37 46.01 -19.31
N ALA H 79 13.64 46.94 -18.70
CA ALA H 79 12.32 47.34 -19.16
C ALA H 79 12.31 48.83 -19.42
N TYR H 80 11.65 49.24 -20.51
CA TYR H 80 11.59 50.65 -20.91
C TYR H 80 10.16 51.04 -21.18
N MET H 81 9.89 52.35 -21.08
CA MET H 81 8.61 52.91 -21.50
C MET H 81 8.86 54.10 -22.41
N ASP H 82 7.93 54.31 -23.34
CA ASP H 82 7.95 55.44 -24.26
C ASP H 82 6.72 56.29 -24.01
N LEU H 83 6.91 57.61 -23.95
CA LEU H 83 5.84 58.57 -23.77
C LEU H 83 5.73 59.45 -25.01
N ARG H 84 4.50 59.74 -25.41
CA ARG H 84 4.23 60.56 -26.59
C ARG H 84 3.37 61.74 -26.21
N SER H 85 3.66 62.90 -26.82
CA SER H 85 2.93 64.14 -26.59
C SER H 85 2.95 64.52 -25.11
N LEU H 86 4.15 64.81 -24.62
CA LEU H 86 4.32 65.21 -23.22
C LEU H 86 3.65 66.54 -22.96
N THR H 87 3.10 66.69 -21.75
CA THR H 87 2.35 67.86 -21.37
C THR H 87 2.70 68.18 -19.91
N SER H 88 2.47 69.43 -19.51
CA SER H 88 2.70 69.83 -18.13
C SER H 88 1.88 69.00 -17.14
N GLU H 89 0.78 68.40 -17.61
CA GLU H 89 0.03 67.47 -16.76
C GLU H 89 0.87 66.26 -16.36
N ASP H 90 1.82 65.87 -17.19
CA ASP H 90 2.61 64.66 -16.98
C ASP H 90 3.83 64.89 -16.09
N SER H 91 4.00 66.09 -15.55
CA SER H 91 5.15 66.37 -14.69
C SER H 91 4.95 65.70 -13.34
N ALA H 92 5.50 64.49 -13.19
CA ALA H 92 5.31 63.70 -11.98
C ALA H 92 6.47 62.71 -11.87
N VAL H 93 6.33 61.76 -10.95
CA VAL H 93 7.32 60.72 -10.74
C VAL H 93 6.72 59.38 -11.15
N TYR H 94 7.60 58.44 -11.52
CA TYR H 94 7.17 57.13 -11.98
C TYR H 94 7.94 56.06 -11.22
N TYR H 95 7.29 54.91 -11.00
CA TYR H 95 7.87 53.81 -10.23
C TYR H 95 7.89 52.54 -11.08
N CYS H 96 9.00 51.82 -11.02
CA CYS H 96 9.17 50.56 -11.72
C CYS H 96 9.02 49.44 -10.70
N VAL H 97 7.94 48.67 -10.80
CA VAL H 97 7.60 47.64 -9.83
C VAL H 97 7.35 46.33 -10.56
N ARG H 98 7.45 45.23 -9.80
CA ARG H 98 7.21 43.89 -10.34
C ARG H 98 6.03 43.27 -9.60
N ASN H 99 5.01 42.87 -10.35
CA ASN H 99 3.86 42.20 -9.76
C ASN H 99 4.19 40.74 -9.49
N TYR H 100 3.91 40.30 -8.27
CA TYR H 100 4.23 38.93 -7.90
C TYR H 100 3.27 37.92 -8.54
N GLY H 101 1.99 38.22 -8.54
CA GLY H 101 0.96 37.31 -9.02
C GLY H 101 0.70 37.47 -10.51
N SER H 102 -0.52 37.10 -10.91
CA SER H 102 -0.94 37.16 -12.32
C SER H 102 -2.33 37.81 -12.38
N SER H 103 -2.35 39.13 -12.53
CA SER H 103 -3.54 39.98 -12.62
C SER H 103 -4.36 39.94 -11.33
N TYR H 104 -3.93 39.20 -10.32
CA TYR H 104 -4.58 39.17 -9.02
C TYR H 104 -3.62 39.42 -7.87
N GLY H 105 -2.31 39.40 -8.11
CA GLY H 105 -1.33 39.50 -7.04
C GLY H 105 -1.02 40.93 -6.68
N TYR H 106 0.06 41.08 -5.92
CA TYR H 106 0.48 42.34 -5.35
C TYR H 106 1.85 42.74 -5.91
N PHE H 107 2.18 44.01 -5.74
CA PHE H 107 3.47 44.54 -6.19
C PHE H 107 4.44 44.49 -5.00
N ASP H 108 5.43 43.61 -5.11
CA ASP H 108 6.31 43.31 -3.98
C ASP H 108 7.31 44.42 -3.74
N VAL H 109 8.15 44.71 -4.73
CA VAL H 109 9.28 45.62 -4.57
C VAL H 109 9.12 46.80 -5.51
N TRP H 110 9.44 47.98 -5.03
CA TRP H 110 9.34 49.22 -5.79
C TRP H 110 10.72 49.78 -6.06
N GLY H 111 10.86 50.45 -7.20
CA GLY H 111 12.12 51.04 -7.59
C GLY H 111 12.39 52.35 -6.87
N ALA H 112 13.55 52.93 -7.17
CA ALA H 112 13.93 54.19 -6.55
C ALA H 112 12.96 55.30 -6.93
N GLY H 113 12.55 55.36 -8.20
CA GLY H 113 11.61 56.36 -8.64
C GLY H 113 12.24 57.48 -9.45
N THR H 114 11.99 57.48 -10.76
CA THR H 114 12.52 58.50 -11.65
C THR H 114 11.45 59.57 -11.86
N THR H 115 11.78 60.82 -11.51
CA THR H 115 10.88 61.94 -11.68
C THR H 115 11.16 62.65 -13.00
N VAL H 116 10.10 63.16 -13.62
CA VAL H 116 10.21 63.86 -14.88
C VAL H 116 9.50 65.20 -14.76
N THR H 117 9.90 66.14 -15.61
CA THR H 117 9.29 67.46 -15.65
C THR H 117 9.48 68.04 -17.04
N VAL H 118 8.54 68.89 -17.44
CA VAL H 118 8.58 69.55 -18.73
C VAL H 118 8.46 71.05 -18.52
N SER H 119 9.33 71.81 -19.16
CA SER H 119 9.32 73.26 -19.08
C SER H 119 10.12 73.81 -20.24
N SER H 120 9.66 74.94 -20.78
CA SER H 120 10.41 75.64 -21.81
C SER H 120 11.68 76.26 -21.25
N ALA H 121 11.82 76.30 -19.93
CA ALA H 121 12.96 76.96 -19.30
C ALA H 121 14.21 76.10 -19.39
N LYS H 122 15.33 76.76 -19.72
CA LYS H 122 16.62 76.03 -19.83
C LYS H 122 17.13 75.74 -18.42
N THR H 123 18.27 75.08 -18.31
CA THR H 123 18.79 74.74 -16.99
C THR H 123 19.72 75.83 -16.47
N THR H 124 19.83 75.89 -15.14
CA THR H 124 20.64 76.88 -14.43
C THR H 124 21.48 76.17 -13.38
N PRO H 125 22.79 76.38 -13.38
CA PRO H 125 23.65 75.80 -12.36
C PRO H 125 23.35 76.38 -10.99
N PRO H 126 23.45 75.57 -9.93
CA PRO H 126 23.15 76.07 -8.58
C PRO H 126 24.21 77.07 -8.10
N SER H 127 23.77 77.95 -7.21
CA SER H 127 24.63 78.96 -6.59
C SER H 127 24.41 78.93 -5.09
N VAL H 128 25.38 78.39 -4.36
CA VAL H 128 25.30 78.31 -2.91
C VAL H 128 25.90 79.57 -2.31
N TYR H 129 25.31 80.05 -1.22
CA TYR H 129 25.76 81.26 -0.57
C TYR H 129 26.01 81.01 0.90
N PRO H 130 26.99 81.67 1.49
CA PRO H 130 27.28 81.47 2.92
C PRO H 130 26.15 81.97 3.81
N LEU H 131 26.00 81.29 4.94
CA LEU H 131 25.03 81.67 5.97
C LEU H 131 25.71 81.48 7.33
N ALA H 132 26.39 82.52 7.80
CA ALA H 132 27.15 82.43 9.04
C ALA H 132 26.23 82.60 10.25
N PRO H 133 26.55 81.93 11.35
CA PRO H 133 25.75 82.12 12.57
C PRO H 133 25.94 83.51 13.15
N GLY H 134 24.89 83.99 13.83
CA GLY H 134 24.93 85.28 14.48
C GLY H 134 25.97 85.36 15.59
N SER H 135 26.78 86.40 15.57
CA SER H 135 27.82 86.58 16.58
C SER H 135 27.30 87.16 17.88
N ALA H 136 26.08 87.68 17.90
CA ALA H 136 25.53 88.26 19.12
C ALA H 136 24.95 87.17 20.04
N ALA H 137 23.97 86.42 19.56
CA ALA H 137 23.35 85.36 20.34
C ALA H 137 24.18 84.09 20.18
N GLN H 138 25.29 84.05 20.91
CA GLN H 138 26.21 82.92 20.88
C GLN H 138 26.11 82.17 22.21
N THR H 139 25.52 80.98 22.15
CA THR H 139 25.40 80.12 23.36
C THR H 139 26.59 79.17 23.39
N ASN H 140 27.22 79.01 24.55
CA ASN H 140 28.40 78.16 24.67
C ASN H 140 28.10 76.70 24.42
N SER H 141 26.83 76.30 24.46
CA SER H 141 26.47 74.90 24.31
C SER H 141 25.84 74.58 22.96
N MET H 142 25.31 75.57 22.26
CA MET H 142 24.49 75.29 21.08
C MET H 142 24.69 76.37 20.03
N VAL H 143 24.88 75.97 18.78
CA VAL H 143 25.04 76.90 17.68
C VAL H 143 24.54 76.25 16.40
N THR H 144 23.95 77.05 15.51
CA THR H 144 23.37 76.55 14.26
C THR H 144 24.14 77.07 13.06
N LEU H 145 24.21 76.23 12.02
CA LEU H 145 24.95 76.53 10.80
C LEU H 145 24.12 76.07 9.61
N GLY H 146 24.35 76.70 8.46
CA GLY H 146 23.66 76.32 7.24
C GLY H 146 24.19 77.05 6.03
N CYS H 147 23.72 76.62 4.88
CA CYS H 147 23.99 77.30 3.61
C CYS H 147 22.81 77.06 2.68
N LEU H 148 22.45 78.09 1.92
CA LEU H 148 21.25 78.07 1.10
C LEU H 148 21.62 78.02 -0.37
N VAL H 149 20.83 77.28 -1.16
CA VAL H 149 21.04 77.14 -2.59
C VAL H 149 19.99 77.97 -3.32
N LYS H 150 20.42 78.84 -4.21
CA LYS H 150 19.53 79.74 -4.93
C LYS H 150 19.86 79.71 -6.42
N GLY H 151 18.80 79.71 -7.24
CA GLY H 151 18.96 79.80 -8.68
C GLY H 151 19.47 78.55 -9.35
N TYR H 152 18.68 77.48 -9.31
CA TYR H 152 19.01 76.25 -10.01
C TYR H 152 17.75 75.68 -10.65
N PHE H 153 17.96 74.84 -11.66
CA PHE H 153 16.87 74.23 -12.42
C PHE H 153 17.42 73.08 -13.26
N PRO H 154 16.75 71.91 -13.30
CA PRO H 154 15.55 71.60 -12.53
C PRO H 154 15.81 70.72 -11.30
N GLU H 155 14.73 70.25 -10.68
CA GLU H 155 14.83 69.28 -9.60
C GLU H 155 15.41 67.96 -10.11
N PRO H 156 16.06 67.18 -9.24
CA PRO H 156 16.40 67.57 -7.86
C PRO H 156 17.88 67.82 -7.63
N VAL H 157 18.23 68.26 -6.42
CA VAL H 157 19.62 68.42 -6.01
C VAL H 157 19.81 67.77 -4.65
N THR H 158 20.87 66.98 -4.53
CA THR H 158 21.23 66.35 -3.26
C THR H 158 22.35 67.14 -2.59
N VAL H 159 22.25 67.29 -1.28
CA VAL H 159 23.19 68.10 -0.51
C VAL H 159 23.71 67.27 0.66
N THR H 160 25.03 67.28 0.85
CA THR H 160 25.67 66.62 1.98
C THR H 160 26.89 67.43 2.38
N TRP H 161 27.15 67.49 3.69
CA TRP H 161 28.20 68.33 4.24
C TRP H 161 29.28 67.48 4.86
N ASN H 162 30.54 67.88 4.64
CA ASN H 162 31.70 67.18 5.19
C ASN H 162 31.71 65.71 4.77
N SER H 163 31.31 65.45 3.53
CA SER H 163 31.23 64.09 2.98
C SER H 163 30.33 63.20 3.84
N GLY H 164 29.25 63.80 4.37
CA GLY H 164 28.33 63.06 5.21
C GLY H 164 28.92 62.56 6.50
N SER H 165 29.84 63.33 7.10
CA SER H 165 30.44 62.92 8.36
C SER H 165 29.44 62.99 9.50
N LEU H 166 28.58 63.99 9.50
CA LEU H 166 27.59 64.19 10.55
C LEU H 166 26.18 63.98 9.99
N SER H 167 25.35 63.28 10.76
CA SER H 167 23.97 63.02 10.36
C SER H 167 23.02 63.16 11.54
N SER H 168 23.34 64.01 12.50
CA SER H 168 22.50 64.19 13.68
C SER H 168 21.43 65.25 13.45
N GLY H 169 21.84 66.47 13.11
CA GLY H 169 20.90 67.55 12.92
C GLY H 169 20.64 67.90 11.46
N VAL H 170 20.89 66.94 10.57
CA VAL H 170 20.70 67.21 9.14
C VAL H 170 19.22 67.44 8.86
N HIS H 171 18.90 68.66 8.40
CA HIS H 171 17.55 69.04 8.04
C HIS H 171 17.57 69.63 6.62
N THR H 172 16.87 68.98 5.70
CA THR H 172 16.72 69.47 4.34
C THR H 172 15.31 69.99 4.12
N PHE H 173 15.17 70.93 3.19
CA PHE H 173 13.89 71.57 2.95
C PHE H 173 13.53 71.49 1.48
N PRO H 174 12.27 71.20 1.17
CA PRO H 174 11.84 71.17 -0.24
C PRO H 174 11.86 72.54 -0.87
N ALA H 175 12.06 72.56 -2.19
CA ALA H 175 12.13 73.81 -2.92
C ALA H 175 10.73 74.41 -3.10
N VAL H 176 10.70 75.73 -3.29
CA VAL H 176 9.45 76.49 -3.43
C VAL H 176 9.51 77.28 -4.72
N LEU H 177 8.36 77.40 -5.38
CA LEU H 177 8.27 78.20 -6.60
C LEU H 177 8.53 79.67 -6.27
N GLN H 178 9.33 80.32 -7.13
CA GLN H 178 9.57 81.76 -6.98
C GLN H 178 9.97 82.28 -8.36
N SER H 179 9.01 82.91 -9.07
CA SER H 179 9.23 83.40 -10.42
C SER H 179 9.74 82.30 -11.34
N ASP H 180 9.18 81.09 -11.18
CA ASP H 180 9.59 79.91 -11.94
C ASP H 180 11.07 79.57 -11.68
N LEU H 181 11.53 79.89 -10.47
CA LEU H 181 12.86 79.51 -10.02
C LEU H 181 12.75 78.60 -8.81
N TYR H 182 13.80 77.83 -8.57
CA TYR H 182 13.79 76.73 -7.62
C TYR H 182 14.87 76.99 -6.57
N THR H 183 14.48 77.07 -5.30
CA THR H 183 15.40 77.40 -4.22
C THR H 183 15.08 76.60 -2.97
N LEU H 184 16.12 76.23 -2.22
CA LEU H 184 15.94 75.48 -0.98
C LEU H 184 17.05 75.85 -0.01
N SER H 185 16.88 75.45 1.25
CA SER H 185 17.84 75.71 2.30
C SER H 185 18.05 74.46 3.15
N SER H 186 19.18 74.41 3.84
CA SER H 186 19.54 73.30 4.70
C SER H 186 20.28 73.81 5.93
N SER H 187 20.22 73.03 7.01
CA SER H 187 20.87 73.41 8.26
C SER H 187 21.10 72.17 9.11
N VAL H 188 22.17 72.20 9.91
CA VAL H 188 22.48 71.12 10.84
C VAL H 188 22.78 71.74 12.21
N THR H 189 22.93 70.86 13.20
CA THR H 189 23.25 71.25 14.57
C THR H 189 24.67 70.84 14.89
N VAL H 190 25.46 71.78 15.39
CA VAL H 190 26.87 71.55 15.70
C VAL H 190 27.17 72.10 17.09
N PRO H 191 27.98 71.41 17.89
CA PRO H 191 28.39 71.97 19.18
C PRO H 191 29.19 73.26 19.01
N SER H 192 29.02 74.16 19.97
CA SER H 192 29.72 75.45 19.91
C SER H 192 31.22 75.29 20.10
N SER H 193 31.63 74.36 20.97
CA SER H 193 33.05 74.18 21.23
C SER H 193 33.80 73.67 20.00
N THR H 194 33.18 72.77 19.23
CA THR H 194 33.82 72.18 18.07
C THR H 194 33.94 73.15 16.90
N TRP H 195 33.27 74.29 16.95
CA TRP H 195 33.31 75.27 15.88
C TRP H 195 33.96 76.56 16.36
N PRO H 196 34.89 77.14 15.60
CA PRO H 196 35.38 76.63 14.32
C PRO H 196 36.68 75.83 14.46
N SER H 197 36.72 74.91 15.42
CA SER H 197 37.93 74.11 15.64
C SER H 197 38.27 73.28 14.40
N GLU H 198 37.26 72.66 13.78
CA GLU H 198 37.44 71.90 12.57
C GLU H 198 36.69 72.56 11.43
N THR H 199 37.20 72.40 10.22
CA THR H 199 36.59 73.01 9.04
C THR H 199 35.22 72.41 8.76
N VAL H 200 34.29 73.24 8.30
CA VAL H 200 32.96 72.80 7.91
C VAL H 200 32.72 73.22 6.47
N THR H 201 32.27 72.28 5.65
CA THR H 201 32.01 72.52 4.24
C THR H 201 30.71 71.87 3.84
N CYS H 202 29.85 72.63 3.15
CA CYS H 202 28.60 72.10 2.62
C CYS H 202 28.72 71.98 1.11
N ASN H 203 28.37 70.80 0.59
CA ASN H 203 28.56 70.44 -0.81
C ASN H 203 27.22 70.18 -1.46
N VAL H 204 27.04 70.70 -2.66
CA VAL H 204 25.82 70.56 -3.44
C VAL H 204 26.16 69.92 -4.77
N ALA H 205 25.35 68.93 -5.18
CA ALA H 205 25.56 68.20 -6.43
C ALA H 205 24.33 68.36 -7.30
N HIS H 206 24.53 68.75 -8.56
CA HIS H 206 23.45 68.89 -9.53
C HIS H 206 23.70 67.95 -10.69
N PRO H 207 23.05 66.77 -10.71
CA PRO H 207 23.31 65.82 -11.81
C PRO H 207 22.96 66.35 -13.18
N ALA H 208 21.93 67.19 -13.29
CA ALA H 208 21.54 67.73 -14.59
C ALA H 208 22.62 68.62 -15.18
N SER H 209 23.20 69.50 -14.36
CA SER H 209 24.25 70.40 -14.81
C SER H 209 25.65 69.86 -14.59
N SER H 210 25.78 68.73 -13.89
CA SER H 210 27.08 68.09 -13.62
C SER H 210 28.04 69.08 -12.96
N THR H 211 27.55 69.75 -11.92
CA THR H 211 28.31 70.75 -11.19
C THR H 211 28.61 70.24 -9.78
N LYS H 212 29.88 70.27 -9.40
CA LYS H 212 30.34 69.92 -8.06
C LYS H 212 30.96 71.16 -7.44
N VAL H 213 30.29 71.70 -6.42
CA VAL H 213 30.70 72.95 -5.78
C VAL H 213 31.20 72.65 -4.39
N ASP H 214 32.43 73.06 -4.09
CA ASP H 214 33.01 72.94 -2.76
C ASP H 214 33.02 74.34 -2.13
N LYS H 215 32.35 74.47 -0.99
CA LYS H 215 32.16 75.76 -0.35
C LYS H 215 32.52 75.67 1.12
N LYS H 216 33.13 76.73 1.65
CA LYS H 216 33.56 76.80 3.04
C LYS H 216 32.76 77.86 3.78
N ILE H 217 32.26 77.51 4.95
CA ILE H 217 31.45 78.42 5.77
C ILE H 217 32.43 79.27 6.59
N VAL H 218 32.69 80.48 6.13
CA VAL H 218 33.60 81.38 6.85
C VAL H 218 32.86 81.97 8.05
N PRO H 219 33.50 82.01 9.22
CA PRO H 219 32.85 82.65 10.38
C PRO H 219 32.65 84.13 10.15
N ARG H 220 31.56 84.65 10.72
CA ARG H 220 31.26 86.07 10.59
C ARG H 220 32.18 86.90 11.48
N ASP H 221 32.72 87.99 10.93
CA ASP H 221 33.60 88.88 11.66
C ASP H 221 33.01 90.28 11.68
N CYS H 222 33.10 90.94 12.83
CA CYS H 222 32.56 92.29 13.00
C CYS H 222 33.45 93.32 12.31
N ASP I 1 -36.16 -23.91 29.48
CA ASP I 1 -35.76 -24.25 30.84
C ASP I 1 -34.96 -25.54 30.87
N ILE I 2 -33.64 -25.44 30.71
CA ILE I 2 -32.78 -26.61 30.76
C ILE I 2 -32.68 -27.08 32.21
N VAL I 3 -32.96 -28.36 32.44
CA VAL I 3 -32.76 -28.99 33.74
C VAL I 3 -31.52 -29.87 33.64
N LEU I 4 -30.62 -29.74 34.61
CA LEU I 4 -29.34 -30.43 34.58
C LEU I 4 -29.41 -31.64 35.51
N THR I 5 -29.12 -32.81 34.95
CA THR I 5 -28.99 -34.04 35.72
C THR I 5 -27.53 -34.49 35.69
N GLN I 6 -26.95 -34.65 36.87
CA GLN I 6 -25.53 -34.94 37.00
C GLN I 6 -25.33 -36.29 37.66
N SER I 7 -24.57 -37.16 37.02
CA SER I 7 -24.28 -38.50 37.50
C SER I 7 -22.80 -38.77 37.35
N PRO I 8 -22.19 -39.52 38.29
CA PRO I 8 -22.80 -40.09 39.50
C PRO I 8 -23.07 -39.07 40.59
N GLY I 9 -24.01 -39.38 41.48
CA GLY I 9 -24.32 -38.46 42.58
C GLY I 9 -23.15 -38.30 43.54
N SER I 10 -22.45 -39.39 43.83
CA SER I 10 -21.28 -39.37 44.69
C SER I 10 -20.17 -40.17 44.03
N LEU I 11 -19.01 -39.53 43.85
CA LEU I 11 -17.87 -40.15 43.19
C LEU I 11 -16.79 -40.45 44.22
N THR I 12 -16.18 -41.63 44.10
CA THR I 12 -15.14 -42.06 45.04
C THR I 12 -13.95 -42.59 44.26
N VAL I 13 -12.83 -41.88 44.33
CA VAL I 13 -11.58 -42.33 43.74
C VAL I 13 -10.45 -42.05 44.73
N SER I 14 -9.50 -42.97 44.79
CA SER I 14 -8.33 -42.78 45.62
C SER I 14 -7.37 -41.79 44.95
N LEU I 15 -6.20 -41.62 45.56
CA LEU I 15 -5.21 -40.69 45.00
C LEU I 15 -4.61 -41.27 43.74
N GLY I 16 -4.62 -40.48 42.65
CA GLY I 16 -3.87 -40.79 41.45
C GLY I 16 -4.66 -41.37 40.29
N GLN I 17 -5.93 -41.69 40.52
CA GLN I 17 -6.73 -42.36 39.46
C GLN I 17 -7.65 -41.34 38.80
N ARG I 18 -7.86 -41.46 37.49
CA ARG I 18 -8.65 -40.44 36.78
C ARG I 18 -10.04 -40.38 37.43
N ALA I 19 -10.59 -39.17 37.62
CA ALA I 19 -11.95 -39.02 38.15
C ALA I 19 -12.80 -38.29 37.11
N THR I 20 -13.78 -38.94 36.52
CA THR I 20 -14.67 -38.45 35.48
C THR I 20 -16.01 -38.06 36.08
N ILE I 21 -16.41 -36.80 35.88
CA ILE I 21 -17.71 -36.31 36.30
C ILE I 21 -18.46 -35.78 35.07
N SER I 22 -19.75 -36.09 34.99
CA SER I 22 -20.55 -35.83 33.81
C SER I 22 -21.96 -35.37 34.18
N CYS I 23 -22.55 -34.58 33.29
CA CYS I 23 -23.94 -34.16 33.43
C CYS I 23 -24.51 -33.89 32.04
N ARG I 24 -25.82 -34.09 31.91
CA ARG I 24 -26.51 -33.98 30.63
C ARG I 24 -27.60 -32.92 30.70
N ALA I 25 -28.00 -32.43 29.53
CA ALA I 25 -28.98 -31.37 29.39
C ALA I 25 -30.18 -31.86 28.58
N SER I 26 -31.30 -31.16 28.75
CA SER I 26 -32.53 -31.54 28.06
C SER I 26 -32.43 -31.26 26.56
N GLU I 27 -32.28 -29.99 26.18
CA GLU I 27 -31.93 -29.66 24.82
C GLU I 27 -30.46 -29.29 24.75
N SER I 28 -30.00 -28.95 23.54
CA SER I 28 -28.60 -28.59 23.36
C SER I 28 -28.31 -27.22 23.96
N VAL I 29 -27.21 -27.14 24.70
CA VAL I 29 -26.74 -25.87 25.26
C VAL I 29 -25.70 -25.23 24.34
N ASP I 30 -25.60 -25.68 23.10
CA ASP I 30 -24.64 -25.18 22.14
C ASP I 30 -25.34 -24.19 21.22
N ASN I 31 -24.81 -22.97 21.14
CA ASN I 31 -25.35 -21.94 20.26
C ASN I 31 -24.22 -21.00 19.87
N PHE I 32 -24.37 -20.37 18.70
CA PHE I 32 -23.39 -19.44 18.15
C PHE I 32 -22.04 -20.10 17.91
N GLY I 33 -22.00 -21.43 17.84
CA GLY I 33 -20.79 -22.17 17.55
C GLY I 33 -20.04 -22.67 18.77
N LYS I 34 -20.37 -22.17 19.96
CA LYS I 34 -19.70 -22.57 21.20
C LYS I 34 -20.73 -23.01 22.22
N SER I 35 -20.43 -24.12 22.89
CA SER I 35 -21.33 -24.67 23.91
C SER I 35 -21.16 -23.90 25.20
N PHE I 36 -22.26 -23.37 25.74
CA PHE I 36 -22.22 -22.53 26.93
C PHE I 36 -22.63 -23.35 28.15
N MET I 37 -21.66 -24.06 28.70
CA MET I 37 -21.82 -24.75 29.99
C MET I 37 -20.58 -24.52 30.82
N HIS I 38 -20.75 -24.03 32.04
CA HIS I 38 -19.65 -23.69 32.92
C HIS I 38 -19.60 -24.66 34.10
N TRP I 39 -18.40 -24.99 34.54
CA TRP I 39 -18.18 -25.95 35.62
C TRP I 39 -17.75 -25.20 36.88
N TYR I 40 -18.41 -25.50 37.99
CA TYR I 40 -18.17 -24.82 39.25
C TYR I 40 -17.74 -25.83 40.31
N GLN I 41 -16.88 -25.39 41.22
CA GLN I 41 -16.43 -26.22 42.34
C GLN I 41 -16.64 -25.45 43.63
N GLN I 42 -17.23 -26.12 44.63
CA GLN I 42 -17.47 -25.53 45.94
C GLN I 42 -16.83 -26.42 47.00
N LYS I 43 -15.74 -25.95 47.59
CA LYS I 43 -15.10 -26.64 48.69
C LYS I 43 -15.99 -26.52 49.93
N PRO I 44 -15.87 -27.47 50.87
CA PRO I 44 -16.69 -27.38 52.08
C PRO I 44 -16.40 -26.12 52.87
N GLY I 45 -17.48 -25.49 53.35
CA GLY I 45 -17.35 -24.26 54.11
C GLY I 45 -16.73 -23.11 53.34
N GLN I 46 -16.94 -23.07 52.02
CA GLN I 46 -16.36 -22.03 51.19
C GLN I 46 -17.32 -21.72 50.05
N SER I 47 -17.17 -20.52 49.49
CA SER I 47 -17.98 -20.12 48.35
C SER I 47 -17.49 -20.82 47.08
N PRO I 48 -18.41 -21.14 46.16
CA PRO I 48 -18.00 -21.79 44.91
C PRO I 48 -17.11 -20.89 44.07
N LYS I 49 -16.22 -21.52 43.31
CA LYS I 49 -15.30 -20.82 42.42
C LYS I 49 -15.37 -21.43 41.02
N LEU I 50 -15.10 -20.60 40.02
CA LEU I 50 -15.15 -21.05 38.64
C LEU I 50 -13.96 -21.94 38.31
N LEU I 51 -14.23 -23.08 37.67
CA LEU I 51 -13.19 -23.97 37.19
C LEU I 51 -13.05 -23.91 35.67
N ILE I 52 -14.14 -24.19 34.95
CA ILE I 52 -14.15 -24.24 33.50
C ILE I 52 -15.29 -23.36 32.99
N TYR I 53 -14.98 -22.48 32.04
CA TYR I 53 -15.98 -21.61 31.43
C TYR I 53 -16.08 -21.94 29.95
N ARG I 54 -17.32 -22.04 29.46
CA ARG I 54 -17.67 -22.43 28.10
C ARG I 54 -17.31 -23.87 27.80
N ALA I 55 -17.11 -24.69 28.84
CA ALA I 55 -16.94 -26.14 28.83
C ALA I 55 -15.60 -26.59 28.28
N SER I 56 -14.78 -25.68 27.75
CA SER I 56 -13.46 -26.07 27.25
C SER I 56 -12.35 -25.27 27.93
N ASN I 57 -12.52 -23.94 27.98
CA ASN I 57 -11.47 -23.08 28.48
C ASN I 57 -11.38 -23.16 30.00
N ARG I 58 -10.15 -23.08 30.51
CA ARG I 58 -9.88 -23.18 31.94
C ARG I 58 -9.43 -21.83 32.47
N GLU I 59 -9.96 -21.44 33.63
CA GLU I 59 -9.60 -20.19 34.27
C GLU I 59 -8.13 -20.18 34.67
N PHE I 60 -7.52 -19.00 34.62
CA PHE I 60 -6.19 -18.84 35.19
C PHE I 60 -6.23 -19.08 36.69
N GLY I 61 -5.16 -19.66 37.22
CA GLY I 61 -5.08 -20.03 38.62
C GLY I 61 -5.60 -21.41 38.94
N ILE I 62 -6.36 -22.01 38.04
CA ILE I 62 -6.83 -23.39 38.19
C ILE I 62 -5.76 -24.31 37.63
N PRO I 63 -5.30 -25.31 38.40
CA PRO I 63 -4.25 -26.20 37.91
C PRO I 63 -4.69 -26.94 36.66
N ALA I 64 -3.71 -27.23 35.80
CA ALA I 64 -3.97 -27.89 34.52
C ALA I 64 -4.48 -29.31 34.68
N ARG I 65 -4.59 -29.83 35.90
CA ARG I 65 -5.11 -31.17 36.11
C ARG I 65 -6.59 -31.27 35.72
N PHE I 66 -7.31 -30.15 35.82
CA PHE I 66 -8.72 -30.13 35.48
C PHE I 66 -8.89 -30.06 33.97
N ASN I 67 -9.51 -31.09 33.39
CA ASN I 67 -9.84 -31.11 31.97
C ASN I 67 -11.33 -31.27 31.77
N GLY I 68 -11.90 -30.40 30.94
CA GLY I 68 -13.29 -30.48 30.56
C GLY I 68 -13.47 -30.57 29.06
N SER I 69 -14.25 -31.56 28.63
CA SER I 69 -14.59 -31.73 27.23
C SER I 69 -16.07 -32.07 27.12
N GLY I 70 -16.64 -31.77 25.97
CA GLY I 70 -18.04 -32.09 25.72
C GLY I 70 -18.54 -31.40 24.48
N SER I 71 -19.70 -31.86 24.03
CA SER I 71 -20.30 -31.32 22.81
C SER I 71 -21.77 -31.73 22.78
N GLY I 72 -22.64 -30.77 22.46
CA GLY I 72 -24.06 -31.05 22.34
C GLY I 72 -24.81 -31.01 23.65
N THR I 73 -25.17 -32.19 24.17
CA THR I 73 -25.93 -32.28 25.40
C THR I 73 -25.16 -32.92 26.55
N ASP I 74 -24.05 -33.60 26.27
CA ASP I 74 -23.27 -34.29 27.30
C ASP I 74 -21.90 -33.64 27.43
N PHE I 75 -21.48 -33.40 28.67
CA PHE I 75 -20.18 -32.80 28.96
C PHE I 75 -19.53 -33.55 30.10
N ALA I 76 -18.21 -33.64 30.08
CA ALA I 76 -17.45 -34.39 31.07
C ALA I 76 -16.28 -33.55 31.57
N LEU I 77 -15.91 -33.77 32.82
CA LEU I 77 -14.76 -33.12 33.46
C LEU I 77 -13.88 -34.19 34.09
N THR I 78 -12.58 -34.15 33.77
CA THR I 78 -11.63 -35.13 34.23
C THR I 78 -10.48 -34.46 34.97
N ILE I 79 -10.01 -35.10 36.03
CA ILE I 79 -8.98 -34.54 36.92
C ILE I 79 -7.83 -35.53 37.03
N ASN I 80 -6.65 -35.10 36.63
CA ASN I 80 -5.46 -35.97 36.58
C ASN I 80 -4.24 -35.21 37.06
N PRO I 81 -3.66 -35.57 38.22
CA PRO I 81 -4.16 -36.60 39.12
C PRO I 81 -5.07 -36.01 40.19
N VAL I 82 -5.44 -36.84 41.18
CA VAL I 82 -6.30 -36.41 42.27
C VAL I 82 -5.54 -36.58 43.57
N GLU I 83 -5.51 -35.53 44.38
CA GLU I 83 -4.85 -35.55 45.69
C GLU I 83 -5.90 -35.30 46.77
N ALA I 84 -5.41 -35.17 48.01
CA ALA I 84 -6.31 -34.93 49.13
C ALA I 84 -7.00 -33.58 49.03
N ASP I 85 -6.36 -32.59 48.39
CA ASP I 85 -6.93 -31.25 48.27
C ASP I 85 -7.78 -31.15 47.00
N ASP I 86 -8.74 -32.07 46.90
CA ASP I 86 -9.69 -32.06 45.80
C ASP I 86 -11.11 -32.36 46.22
N VAL I 87 -11.38 -32.65 47.49
CA VAL I 87 -12.73 -32.95 47.92
C VAL I 87 -13.57 -31.67 47.89
N ALA I 88 -14.70 -31.74 47.19
CA ALA I 88 -15.59 -30.59 47.01
C ALA I 88 -16.85 -31.09 46.33
N THR I 89 -17.77 -30.16 46.09
CA THR I 89 -19.00 -30.44 45.33
C THR I 89 -18.94 -29.66 44.03
N TYR I 90 -19.16 -30.37 42.92
CA TYR I 90 -19.02 -29.80 41.58
C TYR I 90 -20.38 -29.61 40.93
N PHE I 91 -20.55 -28.47 40.26
CA PHE I 91 -21.79 -28.15 39.55
C PHE I 91 -21.48 -27.77 38.12
N CYS I 92 -22.41 -28.10 37.23
CA CYS I 92 -22.36 -27.65 35.84
C CYS I 92 -23.55 -26.75 35.59
N GLN I 93 -23.29 -25.59 34.99
CA GLN I 93 -24.31 -24.57 34.76
C GLN I 93 -24.45 -24.30 33.28
N GLN I 94 -25.69 -24.16 32.82
CA GLN I 94 -25.98 -23.74 31.46
C GLN I 94 -26.37 -22.26 31.44
N SER I 95 -26.11 -21.62 30.31
CA SER I 95 -26.43 -20.20 30.15
C SER I 95 -27.00 -19.90 28.76
N ASN I 96 -27.66 -20.89 28.14
CA ASN I 96 -28.21 -20.67 26.81
C ASN I 96 -29.31 -19.60 26.83
N GLU I 97 -30.25 -19.71 27.78
CA GLU I 97 -31.22 -18.65 28.00
C GLU I 97 -31.68 -18.69 29.44
N ASP I 98 -32.19 -17.55 29.92
CA ASP I 98 -32.64 -17.44 31.29
C ASP I 98 -33.91 -18.27 31.50
N PRO I 99 -34.15 -18.76 32.72
CA PRO I 99 -33.28 -18.64 33.90
C PRO I 99 -32.13 -19.64 33.90
N ARG I 100 -31.02 -19.28 34.57
CA ARG I 100 -29.90 -20.20 34.70
C ARG I 100 -30.25 -21.31 35.68
N THR I 101 -29.74 -22.51 35.39
CA THR I 101 -29.99 -23.67 36.22
C THR I 101 -28.68 -24.37 36.56
N PHE I 102 -28.67 -25.01 37.72
CA PHE I 102 -27.49 -25.70 38.23
C PHE I 102 -27.74 -27.19 38.30
N GLY I 103 -26.65 -27.95 38.42
CA GLY I 103 -26.76 -29.38 38.62
C GLY I 103 -27.14 -29.73 40.05
N GLY I 104 -27.34 -31.01 40.28
CA GLY I 104 -27.69 -31.49 41.60
C GLY I 104 -26.55 -31.63 42.55
N GLY I 105 -25.33 -31.35 42.10
CA GLY I 105 -24.15 -31.49 42.94
C GLY I 105 -23.59 -32.90 42.91
N THR I 106 -22.31 -33.01 43.26
CA THR I 106 -21.64 -34.31 43.32
C THR I 106 -20.52 -34.24 44.34
N LYS I 107 -20.64 -35.02 45.40
CA LYS I 107 -19.56 -35.15 46.36
C LYS I 107 -18.44 -36.01 45.76
N LEU I 108 -17.20 -35.57 45.93
CA LEU I 108 -16.02 -36.27 45.44
C LEU I 108 -15.34 -36.91 46.64
N GLU I 109 -15.55 -38.21 46.82
CA GLU I 109 -14.97 -38.93 47.93
C GLU I 109 -13.59 -39.46 47.57
N ILE I 110 -12.81 -39.78 48.59
CA ILE I 110 -11.42 -40.21 48.43
C ILE I 110 -11.25 -41.55 49.12
N LYS I 111 -10.67 -42.52 48.40
CA LYS I 111 -10.35 -43.82 48.95
C LYS I 111 -8.92 -43.82 49.48
N ARG I 112 -8.71 -44.45 50.62
CA ARG I 112 -7.39 -44.52 51.23
C ARG I 112 -7.34 -45.71 52.19
N ALA I 113 -6.20 -45.87 52.86
CA ALA I 113 -6.04 -46.95 53.81
C ALA I 113 -6.93 -46.72 55.02
N ASP I 114 -7.50 -47.81 55.54
CA ASP I 114 -8.37 -47.72 56.70
C ASP I 114 -7.57 -47.32 57.93
N ALA I 115 -8.17 -46.47 58.77
CA ALA I 115 -7.53 -45.96 59.97
C ALA I 115 -8.39 -46.26 61.17
N ALA I 116 -7.77 -46.78 62.22
CA ALA I 116 -8.49 -47.08 63.46
C ALA I 116 -8.79 -45.77 64.19
N PRO I 117 -10.04 -45.54 64.59
CA PRO I 117 -10.37 -44.30 65.30
C PRO I 117 -9.69 -44.22 66.66
N THR I 118 -9.35 -42.99 67.05
CA THR I 118 -8.68 -42.74 68.32
C THR I 118 -9.72 -42.27 69.34
N VAL I 119 -10.38 -43.22 69.97
CA VAL I 119 -11.44 -42.92 70.92
C VAL I 119 -10.82 -42.54 72.26
N SER I 120 -11.34 -41.48 72.86
CA SER I 120 -10.94 -41.05 74.20
C SER I 120 -12.20 -40.69 74.98
N ILE I 121 -12.29 -41.16 76.21
CA ILE I 121 -13.48 -40.97 77.04
C ILE I 121 -13.28 -39.74 77.91
N PHE I 122 -14.33 -38.93 78.05
CA PHE I 122 -14.24 -37.66 78.76
C PHE I 122 -15.35 -37.54 79.79
N PRO I 123 -15.04 -37.11 81.01
CA PRO I 123 -16.08 -36.91 82.01
C PRO I 123 -16.64 -35.50 81.96
N PRO I 124 -17.90 -35.31 82.34
CA PRO I 124 -18.43 -33.95 82.47
C PRO I 124 -17.67 -33.16 83.53
N SER I 125 -17.53 -31.86 83.28
CA SER I 125 -16.75 -30.99 84.15
C SER I 125 -17.58 -30.53 85.36
N SER I 126 -16.88 -29.94 86.33
CA SER I 126 -17.54 -29.46 87.54
C SER I 126 -18.38 -28.23 87.25
N GLU I 127 -17.98 -27.41 86.28
CA GLU I 127 -18.79 -26.25 85.93
C GLU I 127 -20.17 -26.69 85.44
N GLN I 128 -20.27 -27.86 84.81
CA GLN I 128 -21.55 -28.31 84.28
C GLN I 128 -22.53 -28.62 85.40
N LEU I 129 -22.03 -29.13 86.53
CA LEU I 129 -22.90 -29.44 87.66
C LEU I 129 -23.54 -28.17 88.21
N THR I 130 -22.79 -27.06 88.22
CA THR I 130 -23.34 -25.80 88.70
C THR I 130 -24.50 -25.34 87.82
N SER I 131 -24.39 -25.56 86.50
CA SER I 131 -25.47 -25.19 85.59
C SER I 131 -26.70 -26.08 85.72
N GLY I 132 -26.61 -27.19 86.44
CA GLY I 132 -27.74 -28.08 86.64
C GLY I 132 -27.91 -29.15 85.59
N GLY I 133 -26.95 -29.31 84.68
CA GLY I 133 -27.05 -30.34 83.66
C GLY I 133 -25.87 -31.27 83.64
N ALA I 134 -25.77 -32.09 82.60
CA ALA I 134 -24.64 -33.00 82.42
C ALA I 134 -24.50 -33.32 80.94
N SER I 135 -23.25 -33.52 80.52
CA SER I 135 -22.98 -33.91 79.13
C SER I 135 -21.69 -34.68 79.10
N VAL I 136 -21.77 -35.97 78.77
CA VAL I 136 -20.61 -36.80 78.52
C VAL I 136 -20.53 -37.05 77.02
N VAL I 137 -19.35 -36.80 76.46
CA VAL I 137 -19.15 -36.78 75.02
C VAL I 137 -17.93 -37.64 74.68
N CYS I 138 -18.05 -38.41 73.60
CA CYS I 138 -17.01 -39.34 73.18
C CYS I 138 -16.39 -38.85 71.87
N PHE I 139 -15.07 -38.76 71.83
CA PHE I 139 -14.34 -38.17 70.71
C PHE I 139 -13.74 -39.28 69.84
N LEU I 140 -13.98 -39.19 68.54
CA LEU I 140 -13.48 -40.16 67.56
C LEU I 140 -12.84 -39.40 66.42
N ASN I 141 -11.52 -39.48 66.29
CA ASN I 141 -10.77 -38.69 65.33
C ASN I 141 -9.87 -39.59 64.48
N ASN I 142 -9.62 -39.15 63.25
CA ASN I 142 -8.63 -39.77 62.36
C ASN I 142 -8.94 -41.24 62.10
N PHE I 143 -10.07 -41.47 61.44
CA PHE I 143 -10.48 -42.82 61.06
C PHE I 143 -10.97 -42.80 59.62
N TYR I 144 -10.97 -43.98 58.99
CA TYR I 144 -11.47 -44.13 57.64
C TYR I 144 -11.98 -45.55 57.47
N PRO I 145 -13.10 -45.75 56.77
CA PRO I 145 -13.98 -44.74 56.17
C PRO I 145 -14.95 -44.10 57.14
N LYS I 146 -15.90 -43.32 56.60
CA LYS I 146 -16.91 -42.66 57.41
C LYS I 146 -17.92 -43.64 58.01
N ASP I 147 -17.97 -44.86 57.51
CA ASP I 147 -18.96 -45.84 57.98
C ASP I 147 -18.54 -46.34 59.37
N ILE I 148 -19.24 -45.87 60.41
CA ILE I 148 -18.96 -46.27 61.77
C ILE I 148 -20.26 -46.16 62.56
N ASN I 149 -20.40 -47.01 63.57
CA ASN I 149 -21.53 -46.97 64.48
C ASN I 149 -21.00 -46.76 65.89
N VAL I 150 -21.56 -45.79 66.61
CA VAL I 150 -21.17 -45.49 67.98
C VAL I 150 -22.24 -46.02 68.92
N LYS I 151 -21.82 -46.64 70.02
CA LYS I 151 -22.72 -47.26 70.96
C LYS I 151 -22.47 -46.71 72.36
N TRP I 152 -23.50 -46.79 73.21
CA TRP I 152 -23.44 -46.28 74.56
C TRP I 152 -23.79 -47.37 75.55
N LYS I 153 -22.96 -47.52 76.58
CA LYS I 153 -23.20 -48.48 77.66
C LYS I 153 -23.34 -47.71 78.97
N ILE I 154 -24.39 -48.02 79.71
CA ILE I 154 -24.70 -47.34 80.98
C ILE I 154 -24.82 -48.44 82.04
N ASP I 155 -23.72 -48.71 82.75
CA ASP I 155 -23.67 -49.77 83.75
C ASP I 155 -24.08 -51.11 83.16
N GLY I 156 -23.61 -51.39 81.94
CA GLY I 156 -23.96 -52.60 81.25
C GLY I 156 -25.31 -52.58 80.57
N SER I 157 -26.02 -51.45 80.60
CA SER I 157 -27.32 -51.32 79.95
C SER I 157 -27.19 -50.41 78.73
N GLU I 158 -27.50 -50.95 77.56
CA GLU I 158 -27.62 -50.15 76.35
C GLU I 158 -28.64 -49.05 76.56
N ARG I 159 -28.35 -47.85 76.06
CA ARG I 159 -29.31 -46.71 76.17
C ARG I 159 -29.32 -45.98 74.82
N GLN I 160 -30.45 -45.37 74.44
CA GLN I 160 -30.46 -44.79 73.07
C GLN I 160 -30.82 -43.29 72.98
N ASN I 161 -31.40 -42.67 74.01
CA ASN I 161 -31.82 -41.28 73.83
C ASN I 161 -30.64 -40.32 73.95
N GLY I 162 -30.88 -39.07 73.59
CA GLY I 162 -29.91 -38.01 73.77
C GLY I 162 -28.67 -38.18 72.92
N VAL I 163 -28.75 -38.98 71.87
CA VAL I 163 -27.60 -39.24 71.01
C VAL I 163 -27.46 -38.08 70.03
N LEU I 164 -26.32 -37.40 70.09
CA LEU I 164 -26.03 -36.26 69.22
C LEU I 164 -24.70 -36.53 68.52
N ASN I 165 -24.78 -36.99 67.28
CA ASN I 165 -23.60 -37.28 66.47
C ASN I 165 -23.47 -36.22 65.40
N SER I 166 -22.32 -35.57 65.34
CA SER I 166 -22.05 -34.51 64.38
C SER I 166 -21.06 -35.03 63.35
N TRP I 167 -21.46 -34.99 62.08
CA TRP I 167 -20.59 -35.41 61.00
C TRP I 167 -19.62 -34.28 60.63
N THR I 168 -18.66 -34.61 59.79
CA THR I 168 -17.67 -33.63 59.35
C THR I 168 -17.19 -33.99 57.96
N ASP I 169 -16.61 -33.01 57.28
CA ASP I 169 -16.09 -33.21 55.94
C ASP I 169 -14.78 -34.00 55.99
N GLN I 170 -14.38 -34.51 54.82
CA GLN I 170 -13.12 -35.20 54.72
C GLN I 170 -11.96 -34.20 54.80
N ASP I 171 -10.91 -34.58 55.53
CA ASP I 171 -9.77 -33.71 55.70
C ASP I 171 -9.02 -33.53 54.39
N SER I 172 -8.46 -32.34 54.20
CA SER I 172 -7.75 -31.98 52.97
C SER I 172 -6.27 -32.36 53.01
N LYS I 173 -5.79 -32.92 54.11
CA LYS I 173 -4.39 -33.31 54.24
C LYS I 173 -4.19 -34.81 54.33
N ASP I 174 -4.89 -35.48 55.24
CA ASP I 174 -4.78 -36.93 55.40
C ASP I 174 -6.03 -37.69 54.98
N SER I 175 -7.11 -37.00 54.67
CA SER I 175 -8.36 -37.60 54.19
C SER I 175 -8.93 -38.58 55.22
N THR I 176 -9.21 -38.05 56.41
CA THR I 176 -9.82 -38.82 57.48
C THR I 176 -10.98 -38.03 58.08
N TYR I 177 -11.94 -38.75 58.64
CA TYR I 177 -13.13 -38.16 59.23
C TYR I 177 -12.97 -38.02 60.74
N SER I 178 -13.94 -37.37 61.36
CA SER I 178 -13.96 -37.17 62.80
C SER I 178 -15.40 -37.26 63.29
N MET I 179 -15.57 -37.76 64.52
CA MET I 179 -16.88 -37.92 65.10
C MET I 179 -16.90 -37.39 66.52
N SER I 180 -18.11 -37.05 66.99
CA SER I 180 -18.28 -36.55 68.35
C SER I 180 -19.69 -36.92 68.80
N SER I 181 -19.80 -37.99 69.59
CA SER I 181 -21.08 -38.47 70.09
C SER I 181 -21.36 -37.80 71.44
N THR I 182 -22.37 -36.95 71.48
CA THR I 182 -22.73 -36.18 72.67
C THR I 182 -24.01 -36.74 73.27
N LEU I 183 -24.00 -36.97 74.57
CA LEU I 183 -25.17 -37.46 75.30
C LEU I 183 -25.58 -36.40 76.31
N THR I 184 -26.65 -35.67 76.00
CA THR I 184 -27.16 -34.68 76.95
C THR I 184 -27.77 -35.38 78.16
N LEU I 185 -27.46 -34.85 79.34
CA LEU I 185 -27.91 -35.45 80.59
C LEU I 185 -28.23 -34.32 81.56
N THR I 186 -28.79 -34.68 82.71
CA THR I 186 -29.16 -33.70 83.73
C THR I 186 -29.18 -34.40 85.09
N LYS I 187 -29.78 -33.74 86.07
CA LYS I 187 -29.58 -34.09 87.47
C LYS I 187 -30.53 -35.17 87.98
N ASP I 188 -31.38 -35.75 87.13
CA ASP I 188 -32.21 -36.87 87.59
C ASP I 188 -31.88 -38.20 86.92
N GLU I 189 -30.80 -38.29 86.15
CA GLU I 189 -30.31 -39.59 85.68
C GLU I 189 -28.81 -39.79 85.82
N TYR I 190 -28.03 -38.72 85.98
CA TYR I 190 -26.58 -38.88 86.10
C TYR I 190 -26.18 -39.48 87.44
N GLU I 191 -26.86 -39.08 88.53
CA GLU I 191 -26.42 -39.47 89.90
C GLU I 191 -26.90 -40.86 90.34
N ARG I 192 -27.33 -41.71 89.41
CA ARG I 192 -27.72 -43.07 89.74
C ARG I 192 -27.00 -44.10 88.88
N HIS I 193 -25.95 -43.68 88.18
CA HIS I 193 -25.15 -44.58 87.37
C HIS I 193 -23.68 -44.20 87.52
N ASN I 194 -22.81 -45.20 87.44
CA ASN I 194 -21.40 -45.00 87.69
C ASN I 194 -20.52 -45.22 86.47
N SER I 195 -20.80 -46.25 85.68
CA SER I 195 -19.95 -46.62 84.55
C SER I 195 -20.53 -46.06 83.26
N TYR I 196 -19.72 -45.30 82.53
CA TYR I 196 -20.09 -44.74 81.24
C TYR I 196 -18.95 -44.98 80.26
N THR I 197 -19.28 -45.43 79.06
CA THR I 197 -18.26 -45.74 78.07
C THR I 197 -18.87 -45.67 76.68
N CYS I 198 -17.99 -45.57 75.68
CA CYS I 198 -18.37 -45.58 74.28
C CYS I 198 -17.56 -46.65 73.55
N GLU I 199 -18.24 -47.48 72.79
CA GLU I 199 -17.60 -48.47 71.92
C GLU I 199 -18.07 -48.24 70.49
N ALA I 200 -17.13 -48.26 69.54
CA ALA I 200 -17.43 -48.02 68.14
C ALA I 200 -16.95 -49.21 67.33
N THR I 201 -17.88 -49.83 66.59
CA THR I 201 -17.54 -50.93 65.70
C THR I 201 -17.06 -50.37 64.36
N HIS I 202 -16.04 -50.99 63.81
CA HIS I 202 -15.44 -50.54 62.56
C HIS I 202 -14.96 -51.74 61.77
N LYS I 203 -14.98 -51.62 60.44
CA LYS I 203 -14.48 -52.68 59.58
C LYS I 203 -12.96 -52.77 59.61
N THR I 204 -12.27 -51.73 60.06
CA THR I 204 -10.82 -51.77 60.15
C THR I 204 -10.37 -52.81 61.17
N SER I 205 -11.04 -52.87 62.32
CA SER I 205 -10.72 -53.80 63.39
C SER I 205 -11.81 -54.88 63.48
N THR I 206 -11.67 -55.74 64.49
CA THR I 206 -12.62 -56.81 64.74
C THR I 206 -13.43 -56.57 66.02
N SER I 207 -12.77 -56.20 67.10
CA SER I 207 -13.49 -55.93 68.35
C SER I 207 -13.66 -54.44 68.56
N PRO I 208 -14.79 -54.01 69.13
CA PRO I 208 -14.99 -52.58 69.38
C PRO I 208 -14.06 -52.09 70.48
N ILE I 209 -13.32 -51.02 70.19
CA ILE I 209 -12.44 -50.43 71.18
C ILE I 209 -13.26 -49.71 72.23
N VAL I 210 -12.95 -49.94 73.50
CA VAL I 210 -13.76 -49.46 74.62
C VAL I 210 -12.90 -48.55 75.50
N LYS I 211 -13.41 -47.35 75.77
CA LYS I 211 -12.80 -46.43 76.72
C LYS I 211 -13.85 -46.05 77.75
N SER I 212 -13.53 -46.25 79.03
CA SER I 212 -14.51 -46.09 80.10
C SER I 212 -13.92 -45.25 81.23
N PHE I 213 -14.82 -44.64 82.00
CA PHE I 213 -14.46 -43.88 83.18
C PHE I 213 -15.50 -44.12 84.26
N ASN I 214 -15.16 -43.75 85.49
CA ASN I 214 -16.07 -43.85 86.62
C ASN I 214 -16.08 -42.53 87.39
N ARG I 215 -17.21 -42.22 88.00
CA ARG I 215 -17.31 -41.00 88.79
C ARG I 215 -16.37 -41.02 89.99
N ASN I 216 -16.34 -42.14 90.72
CA ASN I 216 -15.58 -42.24 91.96
C ASN I 216 -14.12 -42.51 91.59
N GLU I 217 -13.42 -41.46 91.19
CA GLU I 217 -12.03 -41.55 90.81
C GLU I 217 -11.21 -40.41 91.42
N ASP J 1 -14.56 48.79 -12.48
CA ASP J 1 -13.67 49.86 -12.02
C ASP J 1 -13.95 50.22 -10.57
N ILE J 2 -13.27 49.54 -9.65
CA ILE J 2 -13.44 49.81 -8.23
C ILE J 2 -12.74 51.13 -7.91
N VAL J 3 -13.47 52.05 -7.28
CA VAL J 3 -12.90 53.29 -6.77
C VAL J 3 -12.78 53.17 -5.26
N LEU J 4 -11.61 53.50 -4.73
CA LEU J 4 -11.32 53.33 -3.32
C LEU J 4 -11.46 54.67 -2.61
N THR J 5 -12.30 54.70 -1.58
CA THR J 5 -12.44 55.86 -0.71
C THR J 5 -11.92 55.49 0.67
N GLN J 6 -10.96 56.27 1.16
CA GLN J 6 -10.27 55.96 2.41
C GLN J 6 -10.50 57.06 3.41
N SER J 7 -10.99 56.68 4.60
CA SER J 7 -11.28 57.61 5.68
C SER J 7 -10.72 57.05 6.98
N PRO J 8 -10.22 57.92 7.88
CA PRO J 8 -10.13 59.37 7.75
C PRO J 8 -9.01 59.83 6.81
N GLY J 9 -9.13 61.04 6.26
CA GLY J 9 -8.10 61.56 5.38
C GLY J 9 -6.78 61.78 6.10
N SER J 10 -6.83 62.26 7.33
CA SER J 10 -5.64 62.47 8.14
C SER J 10 -5.89 61.91 9.53
N LEU J 11 -5.02 61.01 9.98
CA LEU J 11 -5.17 60.37 11.27
C LEU J 11 -4.11 60.89 12.23
N THR J 12 -4.51 61.14 13.47
CA THR J 12 -3.60 61.68 14.49
C THR J 12 -3.74 60.87 15.76
N VAL J 13 -2.69 60.14 16.12
CA VAL J 13 -2.64 59.41 17.38
C VAL J 13 -1.25 59.61 17.99
N SER J 14 -1.21 59.74 19.30
CA SER J 14 0.05 59.84 20.01
C SER J 14 0.70 58.46 20.10
N LEU J 15 1.82 58.38 20.83
CA LEU J 15 2.52 57.12 20.98
C LEU J 15 1.73 56.18 21.88
N GLY J 16 1.49 54.95 21.39
CA GLY J 16 0.97 53.88 22.21
C GLY J 16 -0.51 53.57 22.08
N GLN J 17 -1.24 54.40 21.33
CA GLN J 17 -2.71 54.22 21.22
C GLN J 17 -3.05 53.56 19.90
N ARG J 18 -4.05 52.68 19.88
CA ARG J 18 -4.35 51.93 18.65
C ARG J 18 -4.66 52.94 17.54
N ALA J 19 -4.16 52.71 16.32
CA ALA J 19 -4.48 53.58 15.18
C ALA J 19 -5.17 52.73 14.11
N THR J 20 -6.45 52.99 13.84
CA THR J 20 -7.31 52.27 12.91
C THR J 20 -7.44 53.07 11.62
N ILE J 21 -7.08 52.45 10.50
CA ILE J 21 -7.24 53.04 9.17
C ILE J 21 -8.13 52.12 8.33
N SER J 22 -9.04 52.72 7.57
CA SER J 22 -10.08 51.96 6.87
C SER J 22 -10.34 52.58 5.49
N CYS J 23 -10.77 51.73 4.57
CA CYS J 23 -11.20 52.17 3.24
C CYS J 23 -12.23 51.18 2.71
N ARG J 24 -13.14 51.68 1.87
CA ARG J 24 -14.25 50.90 1.35
C ARG J 24 -14.21 50.86 -0.18
N ALA J 25 -14.88 49.86 -0.73
CA ALA J 25 -14.90 49.62 -2.17
C ALA J 25 -16.33 49.69 -2.70
N SER J 26 -16.44 49.92 -4.01
CA SER J 26 -17.76 50.04 -4.63
C SER J 26 -18.48 48.69 -4.67
N GLU J 27 -17.92 47.72 -5.39
CA GLU J 27 -18.40 46.35 -5.28
C GLU J 27 -17.44 45.54 -4.42
N SER J 28 -17.76 44.26 -4.25
CA SER J 28 -16.91 43.39 -3.44
C SER J 28 -15.61 43.08 -4.16
N VAL J 29 -14.50 43.19 -3.43
CA VAL J 29 -13.19 42.82 -3.95
C VAL J 29 -12.84 41.38 -3.56
N ASP J 30 -13.81 40.60 -3.13
CA ASP J 30 -13.61 39.22 -2.70
C ASP J 30 -14.01 38.29 -3.83
N ASN J 31 -13.10 37.43 -4.24
CA ASN J 31 -13.36 36.45 -5.29
C ASN J 31 -12.46 35.24 -5.06
N PHE J 32 -12.93 34.09 -5.53
CA PHE J 32 -12.21 32.82 -5.39
C PHE J 32 -12.01 32.43 -3.92
N GLY J 33 -12.77 33.00 -3.01
CA GLY J 33 -12.71 32.68 -1.60
C GLY J 33 -11.82 33.59 -0.78
N LYS J 34 -10.98 34.39 -1.41
CA LYS J 34 -10.06 35.29 -0.71
C LYS J 34 -10.24 36.70 -1.22
N SER J 35 -10.27 37.67 -0.31
CA SER J 35 -10.43 39.07 -0.65
C SER J 35 -9.09 39.63 -1.10
N PHE J 36 -9.06 40.21 -2.30
CA PHE J 36 -7.82 40.71 -2.90
C PHE J 36 -7.74 42.22 -2.72
N MET J 37 -7.26 42.63 -1.55
CA MET J 37 -6.93 44.03 -1.28
C MET J 37 -5.62 44.09 -0.53
N HIS J 38 -4.66 44.86 -1.05
CA HIS J 38 -3.33 44.95 -0.50
C HIS J 38 -3.10 46.32 0.12
N TRP J 39 -2.37 46.36 1.23
CA TRP J 39 -2.11 47.58 1.96
C TRP J 39 -0.67 48.03 1.73
N TYR J 40 -0.50 49.30 1.38
CA TYR J 40 0.80 49.86 1.05
C TYR J 40 1.13 51.00 1.99
N GLN J 41 2.42 51.17 2.29
CA GLN J 41 2.90 52.27 3.12
C GLN J 41 4.02 52.99 2.39
N GLN J 42 3.94 54.32 2.35
CA GLN J 42 4.97 55.14 1.71
C GLN J 42 5.49 56.16 2.73
N LYS J 43 6.71 55.95 3.20
CA LYS J 43 7.36 56.91 4.08
C LYS J 43 7.72 58.15 3.28
N PRO J 44 7.83 59.30 3.95
CA PRO J 44 8.19 60.53 3.23
C PRO J 44 9.55 60.41 2.56
N GLY J 45 9.63 60.88 1.32
CA GLY J 45 10.86 60.82 0.56
C GLY J 45 11.36 59.41 0.29
N GLN J 46 10.45 58.45 0.17
CA GLN J 46 10.81 57.07 -0.05
C GLN J 46 9.76 56.40 -0.91
N SER J 47 10.16 55.32 -1.57
CA SER J 47 9.23 54.55 -2.38
C SER J 47 8.32 53.71 -1.50
N PRO J 48 7.06 53.51 -1.93
CA PRO J 48 6.14 52.70 -1.13
C PRO J 48 6.60 51.26 -1.01
N LYS J 49 6.25 50.63 0.11
CA LYS J 49 6.58 49.24 0.36
C LYS J 49 5.33 48.47 0.80
N LEU J 50 5.31 47.18 0.50
CA LEU J 50 4.17 46.34 0.82
C LEU J 50 4.11 46.06 2.31
N LEU J 51 2.93 46.23 2.90
CA LEU J 51 2.69 45.89 4.30
C LEU J 51 1.84 44.63 4.43
N ILE J 52 0.64 44.63 3.84
CA ILE J 52 -0.30 43.52 3.94
C ILE J 52 -0.73 43.15 2.53
N TYR J 53 -0.67 41.85 2.22
CA TYR J 53 -1.11 41.34 0.93
C TYR J 53 -2.27 40.39 1.15
N ARG J 54 -3.31 40.52 0.31
CA ARG J 54 -4.57 39.80 0.37
C ARG J 54 -5.37 40.15 1.61
N ALA J 55 -5.07 41.27 2.26
CA ALA J 55 -5.80 41.92 3.35
C ALA J 55 -5.66 41.18 4.68
N SER J 56 -5.04 40.00 4.71
CA SER J 56 -4.85 39.30 5.97
C SER J 56 -3.38 39.01 6.23
N ASN J 57 -2.70 38.45 5.23
CA ASN J 57 -1.33 38.00 5.41
C ASN J 57 -0.38 39.20 5.46
N ARG J 58 0.65 39.08 6.29
CA ARG J 58 1.64 40.12 6.49
C ARG J 58 2.97 39.70 5.90
N GLU J 59 3.62 40.63 5.20
CA GLU J 59 4.93 40.36 4.60
C GLU J 59 5.97 40.11 5.66
N PHE J 60 6.94 39.24 5.34
CA PHE J 60 8.11 39.09 6.20
C PHE J 60 8.89 40.39 6.24
N GLY J 61 9.47 40.67 7.41
CA GLY J 61 10.19 41.91 7.64
C GLY J 61 9.33 43.04 8.16
N ILE J 62 8.02 42.93 8.04
CA ILE J 62 7.09 43.91 8.59
C ILE J 62 6.80 43.52 10.04
N PRO J 63 6.97 44.43 10.99
CA PRO J 63 6.73 44.08 12.40
C PRO J 63 5.30 43.64 12.63
N ALA J 64 5.13 42.73 13.59
CA ALA J 64 3.82 42.17 13.90
C ALA J 64 2.84 43.18 14.46
N ARG J 65 3.26 44.44 14.66
CA ARG J 65 2.34 45.46 15.16
C ARG J 65 1.26 45.77 14.13
N PHE J 66 1.55 45.60 12.85
CA PHE J 66 0.58 45.86 11.80
C PHE J 66 -0.41 44.72 11.71
N ASN J 67 -1.69 45.02 11.95
CA ASN J 67 -2.77 44.05 11.80
C ASN J 67 -3.79 44.55 10.80
N GLY J 68 -4.13 43.70 9.84
CA GLY J 68 -5.17 43.98 8.87
C GLY J 68 -6.25 42.94 8.87
N SER J 69 -7.50 43.38 8.97
CA SER J 69 -8.67 42.52 8.90
C SER J 69 -9.72 43.17 8.03
N GLY J 70 -10.58 42.35 7.46
CA GLY J 70 -11.67 42.86 6.64
C GLY J 70 -12.33 41.74 5.87
N SER J 71 -13.51 42.07 5.33
CA SER J 71 -14.29 41.09 4.59
C SER J 71 -15.33 41.83 3.77
N GLY J 72 -15.46 41.45 2.49
CA GLY J 72 -16.47 42.04 1.63
C GLY J 72 -16.03 43.34 0.98
N THR J 73 -16.56 44.47 1.47
CA THR J 73 -16.27 45.77 0.91
C THR J 73 -15.48 46.68 1.84
N ASP J 74 -15.43 46.37 3.15
CA ASP J 74 -14.75 47.20 4.12
C ASP J 74 -13.57 46.45 4.72
N PHE J 75 -12.43 47.13 4.81
CA PHE J 75 -11.21 46.56 5.36
C PHE J 75 -10.55 47.57 6.29
N ALA J 76 -9.91 47.08 7.34
CA ALA J 76 -9.29 47.93 8.35
C ALA J 76 -7.88 47.44 8.64
N LEU J 77 -7.02 48.39 9.00
CA LEU J 77 -5.63 48.12 9.39
C LEU J 77 -5.36 48.78 10.73
N THR J 78 -4.83 48.01 11.68
CA THR J 78 -4.58 48.49 13.03
C THR J 78 -3.12 48.28 13.40
N ILE J 79 -2.55 49.24 14.12
CA ILE J 79 -1.13 49.26 14.47
C ILE J 79 -0.99 49.39 15.98
N ASN J 80 -0.36 48.40 16.61
CA ASN J 80 -0.24 48.34 18.07
C ASN J 80 1.15 47.86 18.44
N PRO J 81 2.00 48.70 19.06
CA PRO J 81 1.70 50.11 19.32
C PRO J 81 2.21 51.01 18.21
N VAL J 82 2.17 52.32 18.43
CA VAL J 82 2.62 53.31 17.45
C VAL J 82 3.76 54.10 18.07
N GLU J 83 4.87 54.19 17.36
CA GLU J 83 6.03 54.96 17.79
C GLU J 83 6.28 56.10 16.80
N ALA J 84 7.39 56.80 17.00
CA ALA J 84 7.74 57.91 16.12
C ALA J 84 8.07 57.44 14.71
N ASP J 85 8.56 56.20 14.57
CA ASP J 85 8.93 55.67 13.26
C ASP J 85 7.73 54.97 12.62
N ASP J 86 6.63 55.71 12.51
CA ASP J 86 5.44 55.22 11.86
C ASP J 86 4.76 56.25 10.98
N VAL J 87 5.25 57.48 10.91
CA VAL J 87 4.62 58.50 10.08
C VAL J 87 4.86 58.17 8.60
N ALA J 88 3.78 58.09 7.84
CA ALA J 88 3.82 57.74 6.43
C ALA J 88 2.43 57.93 5.86
N THR J 89 2.30 57.66 4.56
CA THR J 89 1.01 57.68 3.87
C THR J 89 0.66 56.26 3.46
N TYR J 90 -0.55 55.83 3.81
CA TYR J 90 -0.99 54.45 3.61
C TYR J 90 -2.03 54.39 2.51
N PHE J 91 -1.90 53.37 1.65
CA PHE J 91 -2.84 53.14 0.55
C PHE J 91 -3.35 51.71 0.60
N CYS J 92 -4.60 51.55 0.17
CA CYS J 92 -5.20 50.23 -0.02
C CYS J 92 -5.49 50.04 -1.50
N GLN J 93 -5.07 48.91 -2.05
CA GLN J 93 -5.19 48.63 -3.48
C GLN J 93 -6.05 47.39 -3.69
N GLN J 94 -6.92 47.44 -4.69
CA GLN J 94 -7.70 46.29 -5.11
C GLN J 94 -7.09 45.70 -6.38
N SER J 95 -7.30 44.40 -6.56
CA SER J 95 -6.79 43.70 -7.73
C SER J 95 -7.79 42.71 -8.29
N ASN J 96 -9.09 42.96 -8.10
CA ASN J 96 -10.10 42.03 -8.59
C ASN J 96 -10.09 41.95 -10.12
N GLU J 97 -10.06 43.10 -10.79
CA GLU J 97 -9.85 43.12 -12.23
C GLU J 97 -9.22 44.46 -12.62
N ASP J 98 -8.56 44.46 -13.78
CA ASP J 98 -7.89 45.65 -14.25
C ASP J 98 -8.90 46.72 -14.67
N PRO J 99 -8.54 48.01 -14.57
CA PRO J 99 -7.27 48.52 -14.05
C PRO J 99 -7.20 48.56 -12.54
N ARG J 100 -5.99 48.48 -11.98
CA ARG J 100 -5.82 48.60 -10.55
C ARG J 100 -6.02 50.04 -10.11
N THR J 101 -6.59 50.21 -8.92
CA THR J 101 -6.86 51.53 -8.38
C THR J 101 -6.33 51.63 -6.96
N PHE J 102 -5.95 52.84 -6.57
CA PHE J 102 -5.38 53.12 -5.27
C PHE J 102 -6.31 54.00 -4.45
N GLY J 103 -6.07 54.05 -3.15
CA GLY J 103 -6.80 54.95 -2.29
C GLY J 103 -6.31 56.37 -2.41
N GLY J 104 -7.00 57.27 -1.72
CA GLY J 104 -6.63 58.68 -1.73
C GLY J 104 -5.49 59.04 -0.83
N GLY J 105 -4.96 58.08 -0.07
CA GLY J 105 -3.87 58.34 0.85
C GLY J 105 -4.38 58.79 2.20
N THR J 106 -3.53 58.62 3.21
CA THR J 106 -3.85 59.05 4.56
C THR J 106 -2.57 59.37 5.31
N LYS J 107 -2.40 60.64 5.68
CA LYS J 107 -1.30 61.01 6.54
C LYS J 107 -1.55 60.54 7.97
N LEU J 108 -0.52 59.98 8.59
CA LEU J 108 -0.59 59.49 9.96
C LEU J 108 0.18 60.46 10.83
N GLU J 109 -0.55 61.33 11.53
CA GLU J 109 0.05 62.32 12.38
C GLU J 109 0.28 61.76 13.79
N ILE J 110 1.17 62.41 14.53
CA ILE J 110 1.57 61.96 15.86
C ILE J 110 1.35 63.09 16.85
N LYS J 111 0.67 62.78 17.95
CA LYS J 111 0.45 63.73 19.04
C LYS J 111 1.56 63.59 20.08
N ARG J 112 2.04 64.71 20.60
CA ARG J 112 3.10 64.69 21.59
C ARG J 112 3.05 66.01 22.37
N ALA J 113 4.00 66.16 23.30
CA ALA J 113 4.08 67.38 24.09
C ALA J 113 4.48 68.56 23.22
N ASP J 114 3.88 69.72 23.49
CA ASP J 114 4.19 70.91 22.73
C ASP J 114 5.62 71.36 23.00
N ALA J 115 6.29 71.82 21.94
CA ALA J 115 7.67 72.26 22.02
C ALA J 115 7.79 73.69 21.52
N ALA J 116 8.49 74.52 22.28
CA ALA J 116 8.72 75.90 21.88
C ALA J 116 9.75 75.95 20.75
N PRO J 117 9.44 76.63 19.64
CA PRO J 117 10.40 76.70 18.54
C PRO J 117 11.67 77.45 18.93
N THR J 118 12.79 77.02 18.34
CA THR J 118 14.09 77.62 18.61
C THR J 118 14.43 78.58 17.48
N VAL J 119 13.93 79.81 17.59
CA VAL J 119 14.12 80.81 16.55
C VAL J 119 15.51 81.43 16.70
N SER J 120 16.19 81.57 15.56
CA SER J 120 17.49 82.25 15.52
C SER J 120 17.49 83.17 14.30
N ILE J 121 17.96 84.39 14.49
CA ILE J 121 17.94 85.41 13.44
C ILE J 121 19.29 85.40 12.72
N PHE J 122 19.25 85.52 11.39
CA PHE J 122 20.45 85.41 10.58
C PHE J 122 20.57 86.58 9.62
N PRO J 123 21.74 87.19 9.51
CA PRO J 123 21.92 88.29 8.55
C PRO J 123 22.37 87.77 7.21
N PRO J 124 22.04 88.46 6.11
CA PRO J 124 22.59 88.10 4.81
C PRO J 124 24.11 88.23 4.80
N SER J 125 24.76 87.35 4.05
CA SER J 125 26.22 87.30 4.01
C SER J 125 26.78 88.32 3.03
N SER J 126 28.09 88.52 3.12
CA SER J 126 28.76 89.48 2.24
C SER J 126 28.82 88.98 0.80
N GLU J 127 28.90 87.67 0.60
CA GLU J 127 28.88 87.14 -0.75
C GLU J 127 27.58 87.51 -1.47
N GLN J 128 26.47 87.63 -0.73
CA GLN J 128 25.20 87.94 -1.36
C GLN J 128 25.19 89.35 -1.93
N LEU J 129 25.88 90.28 -1.27
CA LEU J 129 25.94 91.65 -1.78
C LEU J 129 26.66 91.71 -3.12
N THR J 130 27.69 90.87 -3.31
CA THR J 130 28.39 90.84 -4.58
C THR J 130 27.48 90.37 -5.71
N SER J 131 26.59 89.42 -5.41
CA SER J 131 25.64 88.95 -6.42
C SER J 131 24.55 89.96 -6.74
N GLY J 132 24.44 91.05 -5.98
CA GLY J 132 23.45 92.06 -6.24
C GLY J 132 22.10 91.84 -5.60
N GLY J 133 21.96 90.85 -4.73
CA GLY J 133 20.69 90.59 -4.07
C GLY J 133 20.79 90.58 -2.56
N ALA J 134 19.73 90.13 -1.90
CA ALA J 134 19.73 90.00 -0.46
C ALA J 134 18.69 88.96 -0.05
N SER J 135 19.00 88.24 1.02
CA SER J 135 18.06 87.25 1.55
C SER J 135 18.30 87.10 3.04
N VAL J 136 17.33 87.51 3.84
CA VAL J 136 17.33 87.28 5.27
C VAL J 136 16.30 86.20 5.57
N VAL J 137 16.73 85.18 6.31
CA VAL J 137 15.95 83.97 6.52
C VAL J 137 15.91 83.65 8.02
N CYS J 138 14.74 83.25 8.50
CA CYS J 138 14.52 82.96 9.91
C CYS J 138 14.32 81.46 10.10
N PHE J 139 15.06 80.88 11.04
CA PHE J 139 15.07 79.43 11.25
C PHE J 139 14.24 79.06 12.47
N LEU J 140 13.34 78.10 12.30
CA LEU J 140 12.45 77.63 13.36
C LEU J 140 12.51 76.11 13.38
N ASN J 141 13.11 75.54 14.43
CA ASN J 141 13.35 74.11 14.51
C ASN J 141 12.81 73.54 15.82
N ASN J 142 12.42 72.28 15.78
CA ASN J 142 12.05 71.50 16.96
C ASN J 142 10.90 72.15 17.72
N PHE J 143 9.74 72.18 17.07
CA PHE J 143 8.53 72.72 17.68
C PHE J 143 7.37 71.78 17.37
N TYR J 144 6.32 71.87 18.19
CA TYR J 144 5.11 71.08 17.99
C TYR J 144 3.93 71.85 18.56
N PRO J 145 2.77 71.84 17.89
CA PRO J 145 2.49 71.21 16.59
C PRO J 145 2.94 72.03 15.39
N LYS J 146 2.51 71.59 14.20
CA LYS J 146 2.84 72.30 12.96
C LYS J 146 2.12 73.63 12.83
N ASP J 147 1.10 73.87 13.64
CA ASP J 147 0.31 75.11 13.53
C ASP J 147 1.13 76.27 14.09
N ILE J 148 1.66 77.10 13.21
CA ILE J 148 2.43 78.27 13.62
C ILE J 148 2.29 79.33 12.55
N ASN J 149 2.37 80.59 12.96
CA ASN J 149 2.35 81.72 12.04
C ASN J 149 3.63 82.51 12.23
N VAL J 150 4.32 82.80 11.13
CA VAL J 150 5.56 83.57 11.16
C VAL J 150 5.28 84.98 10.66
N LYS J 151 5.85 85.97 11.34
CA LYS J 151 5.60 87.37 11.02
C LYS J 151 6.91 88.09 10.78
N TRP J 152 6.84 89.18 10.02
CA TRP J 152 8.01 89.96 9.66
C TRP J 152 7.82 91.41 10.09
N LYS J 153 8.83 91.97 10.75
CA LYS J 153 8.85 93.36 11.16
C LYS J 153 10.02 94.06 10.48
N ILE J 154 9.74 95.20 9.85
CA ILE J 154 10.75 95.97 9.13
C ILE J 154 10.73 97.38 9.71
N ASP J 155 11.62 97.65 10.67
CA ASP J 155 11.68 98.93 11.37
C ASP J 155 10.33 99.29 11.98
N GLY J 156 9.68 98.29 12.58
CA GLY J 156 8.37 98.49 13.15
C GLY J 156 7.22 98.47 12.17
N SER J 157 7.49 98.22 10.89
CA SER J 157 6.45 98.15 9.87
C SER J 157 6.27 96.70 9.42
N GLU J 158 5.07 96.18 9.60
CA GLU J 158 4.69 94.89 9.03
C GLU J 158 4.89 94.92 7.53
N ARG J 159 5.41 93.82 6.97
CA ARG J 159 5.59 93.71 5.50
C ARG J 159 5.15 92.31 5.07
N GLN J 160 4.64 92.15 3.84
CA GLN J 160 4.11 90.79 3.51
C GLN J 160 4.69 90.12 2.26
N ASN J 161 5.37 90.85 1.36
CA ASN J 161 5.81 90.19 0.14
C ASN J 161 7.07 89.36 0.37
N GLY J 162 7.41 88.55 -0.63
CA GLY J 162 8.65 87.79 -0.63
C GLY J 162 8.69 86.73 0.46
N VAL J 163 7.54 86.34 0.99
CA VAL J 163 7.48 85.35 2.05
C VAL J 163 7.60 83.97 1.43
N LEU J 164 8.63 83.23 1.84
CA LEU J 164 8.88 81.88 1.34
C LEU J 164 9.01 80.96 2.54
N ASN J 165 7.93 80.24 2.85
CA ASN J 165 7.90 79.29 3.96
C ASN J 165 7.90 77.89 3.40
N SER J 166 8.85 77.07 3.83
CA SER J 166 9.00 75.70 3.37
C SER J 166 8.59 74.76 4.50
N TRP J 167 7.60 73.92 4.24
CA TRP J 167 7.16 72.94 5.23
C TRP J 167 8.09 71.73 5.21
N THR J 168 7.90 70.85 6.20
CA THR J 168 8.71 69.65 6.29
C THR J 168 7.89 68.56 6.97
N ASP J 169 8.34 67.32 6.77
CA ASP J 169 7.67 66.17 7.36
C ASP J 169 7.96 66.09 8.86
N GLN J 170 7.17 65.28 9.55
CA GLN J 170 7.40 65.04 10.97
C GLN J 170 8.63 64.17 11.15
N ASP J 171 9.44 64.51 12.16
CA ASP J 171 10.67 63.77 12.41
C ASP J 171 10.35 62.37 12.92
N SER J 172 11.20 61.42 12.55
CA SER J 172 11.01 60.01 12.90
C SER J 172 11.63 59.65 14.25
N LYS J 173 12.27 60.59 14.94
CA LYS J 173 12.89 60.34 16.22
C LYS J 173 12.21 61.08 17.37
N ASP J 174 12.03 62.40 17.24
CA ASP J 174 11.38 63.19 18.28
C ASP J 174 10.01 63.72 17.88
N SER J 175 9.62 63.56 16.62
CA SER J 175 8.30 63.96 16.13
C SER J 175 8.09 65.47 16.30
N THR J 176 8.97 66.25 15.68
CA THR J 176 8.88 67.70 15.69
C THR J 176 9.08 68.22 14.27
N TYR J 177 8.50 69.39 14.00
CA TYR J 177 8.56 70.02 12.70
C TYR J 177 9.67 71.06 12.65
N SER J 178 9.89 71.60 11.46
CA SER J 178 10.90 72.64 11.24
C SER J 178 10.37 73.63 10.21
N MET J 179 10.77 74.89 10.35
CA MET J 179 10.32 75.93 9.46
C MET J 179 11.51 76.79 9.02
N SER J 180 11.34 77.44 7.87
CA SER J 180 12.38 78.33 7.35
C SER J 180 11.68 79.42 6.52
N SER J 181 11.52 80.60 7.11
CA SER J 181 10.88 81.72 6.45
C SER J 181 11.94 82.54 5.74
N THR J 182 11.89 82.55 4.40
CA THR J 182 12.87 83.23 3.58
C THR J 182 12.24 84.47 2.95
N LEU J 183 12.93 85.61 3.06
CA LEU J 183 12.48 86.87 2.48
C LEU J 183 13.48 87.29 1.42
N THR J 184 13.13 87.11 0.14
CA THR J 184 13.99 87.55 -0.93
C THR J 184 14.03 89.08 -0.98
N LEU J 185 15.23 89.62 -1.16
CA LEU J 185 15.44 91.06 -1.16
C LEU J 185 16.51 91.39 -2.21
N THR J 186 16.72 92.67 -2.43
CA THR J 186 17.70 93.13 -3.41
C THR J 186 18.15 94.53 -3.02
N LYS J 187 18.81 95.21 -3.97
CA LYS J 187 19.60 96.39 -3.65
C LYS J 187 18.79 97.69 -3.66
N ASP J 188 17.48 97.65 -3.87
CA ASP J 188 16.69 98.88 -3.78
C ASP J 188 15.71 98.89 -2.61
N GLU J 189 15.75 97.91 -1.70
CA GLU J 189 15.00 98.00 -0.45
C GLU J 189 15.79 97.62 0.80
N TYR J 190 16.91 96.91 0.66
CA TYR J 190 17.68 96.51 1.84
C TYR J 190 18.40 97.70 2.47
N GLU J 191 18.94 98.62 1.65
CA GLU J 191 19.81 99.71 2.17
C GLU J 191 19.04 100.92 2.72
N ARG J 192 17.76 100.78 2.99
CA ARG J 192 16.99 101.86 3.60
C ARG J 192 16.27 101.42 4.86
N HIS J 193 16.62 100.26 5.40
CA HIS J 193 16.05 99.76 6.64
C HIS J 193 17.16 99.12 7.46
N ASN J 194 17.02 99.22 8.78
CA ASN J 194 18.05 98.76 9.69
C ASN J 194 17.64 97.58 10.55
N SER J 195 16.42 97.58 11.07
CA SER J 195 15.96 96.56 12.00
C SER J 195 15.15 95.50 11.26
N TYR J 196 15.57 94.24 11.39
CA TYR J 196 14.86 93.11 10.81
C TYR J 196 14.74 92.02 11.86
N THR J 197 13.55 91.44 11.97
CA THR J 197 13.32 90.41 12.99
C THR J 197 12.15 89.53 12.56
N CYS J 198 12.06 88.37 13.20
CA CYS J 198 10.97 87.42 12.99
C CYS J 198 10.35 87.07 14.34
N GLU J 199 9.04 87.15 14.43
CA GLU J 199 8.30 86.71 15.60
C GLU J 199 7.27 85.68 15.17
N ALA J 200 7.18 84.59 15.92
CA ALA J 200 6.28 83.49 15.61
C ALA J 200 5.36 83.25 16.80
N THR J 201 4.05 83.35 16.55
CA THR J 201 3.06 83.06 17.59
C THR J 201 2.79 81.57 17.63
N HIS J 202 2.64 81.04 18.85
CA HIS J 202 2.44 79.61 19.05
C HIS J 202 1.53 79.40 20.25
N LYS J 203 0.76 78.32 20.21
CA LYS J 203 -0.10 77.97 21.33
C LYS J 203 0.69 77.46 22.52
N THR J 204 1.93 77.01 22.32
CA THR J 204 2.75 76.55 23.42
C THR J 204 3.05 77.68 24.40
N SER J 205 3.37 78.86 23.89
CA SER J 205 3.69 80.03 24.69
C SER J 205 2.56 81.05 24.59
N THR J 206 2.78 82.21 25.22
CA THR J 206 1.82 83.31 25.21
C THR J 206 2.31 84.49 24.40
N SER J 207 3.56 84.90 24.58
CA SER J 207 4.09 86.02 23.81
C SER J 207 4.98 85.51 22.67
N PRO J 208 4.96 86.19 21.52
CA PRO J 208 5.81 85.75 20.40
C PRO J 208 7.28 86.01 20.71
N ILE J 209 8.10 84.97 20.57
CA ILE J 209 9.53 85.10 20.79
C ILE J 209 10.15 85.88 19.64
N VAL J 210 10.98 86.86 19.97
CA VAL J 210 11.50 87.82 18.99
C VAL J 210 13.03 87.72 18.99
N LYS J 211 13.60 87.54 17.80
CA LYS J 211 15.04 87.59 17.58
C LYS J 211 15.33 88.61 16.50
N SER J 212 16.19 89.58 16.80
CA SER J 212 16.43 90.71 15.93
C SER J 212 17.92 90.95 15.75
N PHE J 213 18.26 91.60 14.64
CA PHE J 213 19.62 92.00 14.34
C PHE J 213 19.59 93.37 13.67
N ASN J 214 20.76 94.01 13.62
CA ASN J 214 20.92 95.29 12.94
C ASN J 214 22.13 95.23 12.04
N ARG J 215 22.07 96.00 10.94
CA ARG J 215 23.20 96.05 10.01
C ARG J 215 24.44 96.64 10.68
N ASN J 216 24.29 97.74 11.40
CA ASN J 216 25.42 98.45 11.98
C ASN J 216 25.83 97.75 13.27
N GLU J 217 26.55 96.64 13.10
CA GLU J 217 27.02 95.84 14.23
C GLU J 217 28.48 95.44 14.05
N ASP K 17 -72.25 -5.92 -23.18
CA ASP K 17 -71.34 -6.41 -22.15
C ASP K 17 -69.88 -6.26 -22.57
N GLN K 18 -69.01 -6.06 -21.59
CA GLN K 18 -67.63 -5.64 -21.83
C GLN K 18 -66.66 -6.42 -20.96
N ILE K 19 -65.47 -6.69 -21.50
CA ILE K 19 -64.37 -7.28 -20.77
C ILE K 19 -63.09 -6.54 -21.16
N CYS K 20 -62.27 -6.21 -20.16
CA CYS K 20 -61.07 -5.41 -20.38
C CYS K 20 -59.90 -6.00 -19.60
N ILE K 21 -58.73 -5.40 -19.81
CA ILE K 21 -57.49 -5.83 -19.16
C ILE K 21 -57.07 -4.77 -18.15
N GLY K 22 -56.37 -5.19 -17.11
CA GLY K 22 -55.95 -4.26 -16.07
C GLY K 22 -54.85 -4.84 -15.21
N TYR K 23 -54.40 -4.01 -14.27
CA TYR K 23 -53.26 -4.32 -13.42
C TYR K 23 -53.54 -3.87 -11.99
N HIS K 24 -52.76 -4.42 -11.07
CA HIS K 24 -52.91 -4.10 -9.66
C HIS K 24 -52.58 -2.63 -9.40
N ALA K 25 -53.38 -1.99 -8.54
CA ALA K 25 -53.14 -0.62 -8.13
C ALA K 25 -53.31 -0.52 -6.62
N ASN K 26 -52.57 0.40 -6.02
CA ASN K 26 -52.59 0.58 -4.58
C ASN K 26 -52.53 2.06 -4.25
N ASN K 27 -52.96 2.39 -3.04
CA ASN K 27 -52.93 3.76 -2.53
C ASN K 27 -51.66 4.09 -1.78
N SER K 28 -50.69 3.18 -1.76
CA SER K 28 -49.43 3.42 -1.07
C SER K 28 -48.62 4.50 -1.78
N THR K 29 -47.74 5.14 -1.03
CA THR K 29 -46.92 6.24 -1.52
C THR K 29 -45.42 5.94 -1.40
N GLU K 30 -45.06 4.66 -1.47
CA GLU K 30 -43.66 4.28 -1.40
C GLU K 30 -42.88 4.86 -2.58
N GLN K 31 -41.73 5.44 -2.29
CA GLN K 31 -40.92 6.11 -3.30
C GLN K 31 -39.69 5.27 -3.63
N VAL K 32 -39.48 5.04 -4.92
CA VAL K 32 -38.32 4.31 -5.43
C VAL K 32 -37.64 5.21 -6.46
N ASP K 33 -36.35 5.00 -6.66
CA ASP K 33 -35.57 5.81 -7.57
C ASP K 33 -35.15 5.01 -8.81
N THR K 34 -34.96 5.74 -9.91
CA THR K 34 -34.46 5.16 -11.14
C THR K 34 -33.73 6.24 -11.92
N ILE K 35 -32.92 5.81 -12.89
CA ILE K 35 -32.02 6.73 -13.58
C ILE K 35 -32.80 7.73 -14.43
N MET K 36 -33.87 7.28 -15.08
CA MET K 36 -34.59 8.16 -15.99
C MET K 36 -35.25 9.32 -15.24
N GLU K 37 -35.89 9.04 -14.12
CA GLU K 37 -36.47 10.08 -13.28
C GLU K 37 -36.34 9.66 -11.83
N LYS K 38 -35.90 10.60 -10.99
CA LYS K 38 -35.49 10.26 -9.63
C LYS K 38 -36.67 9.86 -8.75
N ASN K 39 -37.87 10.32 -9.07
CA ASN K 39 -39.05 10.15 -8.21
C ASN K 39 -40.12 9.37 -8.97
N VAL K 40 -40.32 8.11 -8.58
CA VAL K 40 -41.41 7.29 -9.09
C VAL K 40 -42.04 6.53 -7.94
N THR K 41 -43.36 6.45 -7.93
CA THR K 41 -44.12 5.76 -6.90
C THR K 41 -44.51 4.37 -7.39
N VAL K 42 -44.37 3.37 -6.53
CA VAL K 42 -44.68 1.99 -6.87
C VAL K 42 -45.60 1.39 -5.82
N THR K 43 -46.31 0.34 -6.21
CA THR K 43 -47.22 -0.33 -5.28
C THR K 43 -46.49 -1.06 -4.17
N HIS K 44 -45.33 -1.64 -4.45
CA HIS K 44 -44.56 -2.37 -3.46
C HIS K 44 -43.09 -2.03 -3.63
N ALA K 45 -42.45 -1.59 -2.55
CA ALA K 45 -41.05 -1.24 -2.56
C ALA K 45 -40.33 -1.95 -1.42
N GLN K 46 -39.14 -2.48 -1.72
CA GLN K 46 -38.32 -3.16 -0.74
C GLN K 46 -37.05 -2.36 -0.50
N ASP K 47 -36.76 -2.08 0.76
CA ASP K 47 -35.58 -1.31 1.15
C ASP K 47 -34.52 -2.25 1.69
N ILE K 48 -33.30 -2.11 1.20
CA ILE K 48 -32.15 -2.87 1.71
C ILE K 48 -31.07 -1.86 2.09
N LEU K 49 -31.13 -1.38 3.33
CA LEU K 49 -30.11 -0.50 3.91
C LEU K 49 -30.40 -0.33 5.40
N GLU K 50 -29.40 -0.54 6.24
CA GLU K 50 -29.56 -0.39 7.68
C GLU K 50 -28.86 0.90 8.13
N LYS K 51 -29.65 1.84 8.66
CA LYS K 51 -29.13 3.11 9.13
C LYS K 51 -29.28 3.29 10.64
N LYS K 52 -29.84 2.30 11.34
CA LYS K 52 -30.09 2.40 12.77
C LYS K 52 -29.24 1.37 13.51
N HIS K 53 -28.73 1.78 14.67
CA HIS K 53 -27.95 0.92 15.54
C HIS K 53 -28.41 1.09 16.98
N ASN K 54 -28.23 0.04 17.78
CA ASN K 54 -28.67 0.08 19.17
C ASN K 54 -27.91 1.11 20.00
N GLY K 55 -26.71 1.49 19.57
CA GLY K 55 -25.92 2.48 20.27
C GLY K 55 -25.08 1.96 21.41
N LYS K 56 -25.14 0.66 21.71
CA LYS K 56 -24.36 0.06 22.77
C LYS K 56 -23.12 -0.61 22.18
N LEU K 57 -22.35 -1.26 23.06
CA LEU K 57 -21.14 -1.97 22.66
C LEU K 57 -21.06 -3.22 23.52
N CYS K 58 -21.57 -4.34 22.99
CA CYS K 58 -21.62 -5.59 23.73
C CYS K 58 -20.85 -6.67 22.98
N ASP K 59 -20.93 -7.89 23.52
CA ASP K 59 -20.06 -8.97 23.06
C ASP K 59 -20.52 -9.51 21.71
N LEU K 60 -19.60 -10.25 21.08
CA LEU K 60 -19.84 -10.88 19.78
C LEU K 60 -19.77 -12.38 19.95
N ASP K 61 -20.84 -13.08 19.57
CA ASP K 61 -20.92 -14.54 19.66
C ASP K 61 -20.72 -15.05 21.08
N GLY K 62 -21.17 -14.28 22.07
CA GLY K 62 -21.22 -14.75 23.44
C GLY K 62 -19.94 -14.59 24.25
N VAL K 63 -18.87 -14.06 23.67
CA VAL K 63 -17.61 -13.88 24.38
C VAL K 63 -17.38 -12.38 24.57
N LYS K 64 -17.21 -11.97 25.83
CA LYS K 64 -17.12 -10.55 26.15
C LYS K 64 -15.83 -9.95 25.59
N PRO K 65 -15.89 -8.78 24.98
CA PRO K 65 -14.66 -8.16 24.48
C PRO K 65 -13.83 -7.57 25.60
N LEU K 66 -12.55 -7.34 25.31
CA LEU K 66 -11.62 -6.71 26.24
C LEU K 66 -11.75 -5.20 26.07
N ILE K 67 -12.48 -4.57 26.99
CA ILE K 67 -12.75 -3.14 26.91
C ILE K 67 -11.70 -2.43 27.75
N LEU K 68 -10.68 -1.87 27.09
CA LEU K 68 -9.68 -1.05 27.76
C LEU K 68 -10.28 0.32 28.02
N ARG K 69 -10.48 0.67 29.30
CA ARG K 69 -11.15 1.92 29.61
C ARG K 69 -10.26 3.12 29.31
N ASP K 70 -9.13 3.22 30.00
CA ASP K 70 -8.25 4.37 29.86
C ASP K 70 -6.85 4.02 29.41
N CYS K 71 -6.28 2.93 29.94
CA CYS K 71 -4.98 2.51 29.47
C CYS K 71 -5.12 1.78 28.13
N SER K 72 -4.01 1.69 27.42
CA SER K 72 -3.98 1.18 26.06
C SER K 72 -3.13 -0.10 26.01
N VAL K 73 -2.88 -0.56 24.78
CA VAL K 73 -2.14 -1.81 24.60
C VAL K 73 -0.77 -1.73 25.27
N ALA K 74 -0.07 -0.61 25.08
CA ALA K 74 1.23 -0.45 25.73
C ALA K 74 1.09 -0.44 27.25
N GLY K 75 0.08 0.26 27.77
CA GLY K 75 -0.11 0.30 29.20
C GLY K 75 -0.54 -1.03 29.78
N TRP K 76 -1.43 -1.74 29.10
CA TRP K 76 -1.95 -2.99 29.64
C TRP K 76 -0.91 -4.10 29.60
N LEU K 77 -0.20 -4.23 28.48
CA LEU K 77 0.79 -5.29 28.35
C LEU K 77 1.96 -5.09 29.31
N LEU K 78 2.37 -3.83 29.51
CA LEU K 78 3.45 -3.53 30.44
C LEU K 78 2.98 -3.56 31.89
N GLY K 79 1.67 -3.50 32.13
CA GLY K 79 1.16 -3.50 33.49
C GLY K 79 1.24 -2.16 34.18
N ASN K 80 0.52 -1.18 33.64
CA ASN K 80 0.47 0.14 34.25
C ASN K 80 -0.18 0.05 35.62
N PRO K 81 0.40 0.65 36.66
CA PRO K 81 -0.20 0.57 37.99
C PRO K 81 -1.57 1.22 38.09
N MET K 82 -1.91 2.13 37.18
CA MET K 82 -3.24 2.75 37.22
C MET K 82 -4.34 1.73 36.95
N CYS K 83 -4.15 0.86 35.95
CA CYS K 83 -5.15 -0.16 35.61
C CYS K 83 -4.58 -1.55 35.94
N ASP K 84 -4.92 -2.04 37.12
CA ASP K 84 -4.60 -3.40 37.54
C ASP K 84 -5.82 -4.32 37.46
N GLU K 85 -6.90 -3.88 36.82
CA GLU K 85 -8.07 -4.71 36.60
C GLU K 85 -7.99 -5.50 35.30
N PHE K 86 -6.93 -5.32 34.53
CA PHE K 86 -6.73 -6.02 33.26
C PHE K 86 -5.63 -7.06 33.34
N ILE K 87 -5.30 -7.52 34.54
CA ILE K 87 -4.37 -8.62 34.73
C ILE K 87 -5.16 -9.92 34.78
N ASN K 88 -4.58 -10.98 34.22
CA ASN K 88 -5.22 -12.29 34.18
C ASN K 88 -6.57 -12.23 33.46
N VAL K 89 -6.62 -11.46 32.39
CA VAL K 89 -7.88 -11.26 31.65
C VAL K 89 -8.25 -12.54 30.91
N PRO K 90 -9.51 -12.97 30.93
CA PRO K 90 -9.89 -14.18 30.18
C PRO K 90 -10.02 -13.93 28.67
N GLU K 91 -10.51 -14.94 27.96
CA GLU K 91 -10.66 -14.85 26.51
C GLU K 91 -11.60 -13.71 26.14
N TRP K 92 -11.30 -13.03 25.03
CA TRP K 92 -12.08 -11.90 24.57
C TRP K 92 -12.38 -12.05 23.08
N SER K 93 -13.33 -11.24 22.61
CA SER K 93 -13.69 -11.22 21.20
C SER K 93 -12.92 -10.14 20.44
N TYR K 94 -12.84 -8.94 21.01
CA TYR K 94 -12.11 -7.85 20.38
C TYR K 94 -11.66 -6.88 21.48
N ILE K 95 -10.73 -6.00 21.12
CA ILE K 95 -10.15 -5.05 22.05
C ILE K 95 -10.69 -3.66 21.73
N VAL K 96 -11.24 -3.00 22.75
CA VAL K 96 -11.80 -1.66 22.61
C VAL K 96 -10.95 -0.71 23.43
N GLU K 97 -10.41 0.32 22.78
CA GLU K 97 -9.62 1.34 23.45
C GLU K 97 -9.99 2.70 22.90
N LYS K 98 -9.88 3.72 23.76
CA LYS K 98 -10.26 5.07 23.35
C LYS K 98 -9.25 5.62 22.35
N ALA K 99 -9.69 6.64 21.60
CA ALA K 99 -8.83 7.27 20.61
C ALA K 99 -7.62 7.93 21.28
N ASN K 100 -7.82 8.58 22.42
CA ASN K 100 -6.76 9.23 23.18
C ASN K 100 -6.71 8.61 24.56
N PRO K 101 -5.89 7.59 24.78
CA PRO K 101 -5.80 6.97 26.10
C PRO K 101 -5.23 7.92 27.14
N VAL K 102 -5.69 7.76 28.38
CA VAL K 102 -5.26 8.63 29.46
C VAL K 102 -3.98 8.12 30.11
N ASN K 103 -3.90 6.82 30.39
CA ASN K 103 -2.74 6.23 31.06
C ASN K 103 -2.03 5.31 30.06
N ASP K 104 -1.15 5.89 29.26
CA ASP K 104 -0.38 5.15 28.26
C ASP K 104 1.09 5.49 28.43
N LEU K 105 1.90 4.47 28.70
CA LEU K 105 3.33 4.63 28.92
C LEU K 105 3.61 5.68 29.99
N CYS K 106 3.21 5.32 31.21
CA CYS K 106 3.36 6.18 32.39
C CYS K 106 4.73 6.84 32.45
N TYR K 107 5.79 6.05 32.49
CA TYR K 107 7.12 6.61 32.39
C TYR K 107 7.39 7.05 30.95
N PRO K 108 8.04 8.18 30.75
CA PRO K 108 8.29 8.67 29.38
C PRO K 108 9.12 7.69 28.59
N GLY K 109 8.86 7.65 27.29
CA GLY K 109 9.65 6.83 26.40
C GLY K 109 8.85 6.41 25.18
N ASP K 110 9.37 5.41 24.49
CA ASP K 110 8.80 4.90 23.26
C ASP K 110 8.75 3.38 23.31
N PHE K 111 7.72 2.83 22.68
CA PHE K 111 7.57 1.37 22.54
C PHE K 111 8.06 0.99 21.15
N ASN K 112 9.18 0.26 21.11
CA ASN K 112 9.75 -0.14 19.83
C ASN K 112 8.82 -1.12 19.12
N ASP K 113 8.58 -0.86 17.83
CA ASP K 113 7.69 -1.68 17.02
C ASP K 113 6.32 -1.81 17.67
N TYR K 114 5.82 -0.68 18.20
CA TYR K 114 4.55 -0.69 18.91
C TYR K 114 3.40 -1.08 17.98
N GLU K 115 3.37 -0.52 16.77
CA GLU K 115 2.33 -0.89 15.82
C GLU K 115 2.48 -2.30 15.29
N GLU K 116 3.70 -2.84 15.30
CA GLU K 116 3.89 -4.23 14.94
C GLU K 116 3.23 -5.16 15.94
N LEU K 117 3.32 -4.83 17.23
CA LEU K 117 2.73 -5.68 18.25
C LEU K 117 1.21 -5.64 18.21
N LYS K 118 0.63 -4.45 17.99
CA LYS K 118 -0.82 -4.33 17.93
C LYS K 118 -1.41 -5.09 16.75
N HIS K 119 -0.64 -5.28 15.68
CA HIS K 119 -1.11 -6.13 14.58
C HIS K 119 -1.22 -7.57 15.02
N LEU K 120 -0.29 -8.05 15.85
CA LEU K 120 -0.36 -9.42 16.35
C LEU K 120 -1.54 -9.60 17.29
N LEU K 121 -1.87 -8.58 18.07
CA LEU K 121 -2.99 -8.68 18.99
C LEU K 121 -4.33 -8.82 18.27
N SER K 122 -4.41 -8.39 17.01
CA SER K 122 -5.64 -8.59 16.26
C SER K 122 -5.90 -10.06 16.00
N ARG K 123 -4.86 -10.88 16.06
CA ARG K 123 -5.06 -12.31 15.70
C ARG K 123 -4.94 -13.21 16.93
N ILE K 124 -4.85 -12.66 18.13
CA ILE K 124 -4.71 -13.42 19.37
C ILE K 124 -5.96 -13.20 20.21
N ASN K 125 -6.53 -14.29 20.72
CA ASN K 125 -7.75 -14.22 21.51
C ASN K 125 -7.57 -14.64 22.96
N HIS K 126 -6.34 -14.84 23.41
CA HIS K 126 -6.12 -15.26 24.79
C HIS K 126 -4.69 -14.94 25.20
N PHE K 127 -4.51 -14.48 26.44
CA PHE K 127 -3.20 -14.20 27.00
C PHE K 127 -3.14 -14.73 28.42
N GLU K 128 -1.98 -15.25 28.81
CA GLU K 128 -1.79 -15.79 30.14
C GLU K 128 -0.43 -15.34 30.68
N LYS K 129 -0.40 -15.01 31.97
CA LYS K 129 0.81 -14.57 32.65
C LYS K 129 1.53 -15.78 33.25
N ILE K 130 2.86 -15.79 33.15
CA ILE K 130 3.68 -16.81 33.78
C ILE K 130 4.90 -16.16 34.41
N GLN K 131 5.52 -16.90 35.33
CA GLN K 131 6.69 -16.44 36.06
C GLN K 131 7.93 -16.84 35.27
N ILE K 132 8.28 -16.04 34.27
CA ILE K 132 9.45 -16.33 33.45
C ILE K 132 10.73 -16.13 34.25
N ILE K 133 10.85 -14.99 34.92
CA ILE K 133 12.00 -14.71 35.78
C ILE K 133 11.47 -14.22 37.12
N PRO K 134 11.36 -15.09 38.13
CA PRO K 134 10.73 -14.69 39.39
C PRO K 134 11.52 -13.58 40.08
N LYS K 135 10.78 -12.68 40.74
CA LYS K 135 11.43 -11.66 41.55
C LYS K 135 11.97 -12.31 42.82
N SER K 136 12.79 -11.53 43.55
CA SER K 136 13.52 -11.98 44.74
C SER K 136 14.60 -12.97 44.34
N SER K 137 14.70 -13.30 43.05
CA SER K 137 15.82 -14.07 42.54
C SER K 137 17.02 -13.19 42.19
N TRP K 138 16.84 -11.87 42.18
CA TRP K 138 17.94 -10.94 41.97
C TRP K 138 18.59 -10.64 43.32
N SER K 139 19.50 -11.52 43.72
CA SER K 139 20.21 -11.35 44.98
C SER K 139 21.36 -10.37 44.87
N SER K 140 22.00 -10.29 43.71
CA SER K 140 23.06 -9.26 43.58
C SER K 140 22.47 -7.87 43.30
N HIS K 141 21.84 -7.64 42.14
CA HIS K 141 21.22 -6.36 41.81
C HIS K 141 20.03 -6.17 42.74
N GLU K 142 19.46 -4.97 42.86
CA GLU K 142 18.36 -4.68 43.81
C GLU K 142 17.12 -4.39 43.00
N ALA K 143 16.03 -5.11 43.19
CA ALA K 143 14.87 -4.96 42.32
C ALA K 143 13.76 -4.09 42.90
N SER K 144 13.54 -4.16 44.20
CA SER K 144 12.40 -3.43 44.83
C SER K 144 12.54 -1.91 44.73
N LEU K 145 13.73 -1.35 44.88
CA LEU K 145 13.86 0.12 44.95
C LEU K 145 13.72 0.77 43.59
N GLY K 146 13.58 -0.03 42.54
CA GLY K 146 13.51 0.54 41.19
C GLY K 146 12.12 1.05 40.96
N VAL K 147 11.83 2.22 41.51
CA VAL K 147 10.47 2.81 41.42
C VAL K 147 10.66 4.26 41.04
N SER K 148 9.73 4.82 40.30
CA SER K 148 9.83 6.20 39.85
C SER K 148 8.61 6.98 40.29
N SER K 149 8.79 8.28 40.51
CA SER K 149 7.71 9.16 40.92
C SER K 149 6.74 9.47 39.78
N ALA K 150 7.10 9.13 38.54
CA ALA K 150 6.20 9.37 37.42
C ALA K 150 4.96 8.50 37.45
N CYS K 151 5.01 7.37 38.18
CA CYS K 151 3.90 6.44 38.25
C CYS K 151 3.33 6.42 39.66
N PRO K 152 2.23 7.11 39.93
CA PRO K 152 1.66 7.12 41.27
C PRO K 152 0.71 5.95 41.49
N TYR K 153 0.65 5.50 42.74
CA TYR K 153 -0.24 4.40 43.11
C TYR K 153 -0.54 4.53 44.59
N GLN K 154 -1.74 5.01 44.92
CA GLN K 154 -2.13 5.40 46.27
C GLN K 154 -1.14 6.38 46.89
N GLY K 155 -0.58 7.27 46.08
CA GLY K 155 0.37 8.25 46.56
C GLY K 155 1.79 7.76 46.66
N LYS K 156 2.04 6.48 46.42
CA LYS K 156 3.38 5.93 46.39
C LYS K 156 3.95 6.03 44.97
N SER K 157 5.26 6.18 44.88
CA SER K 157 5.94 6.00 43.61
C SER K 157 6.03 4.51 43.30
N SER K 158 5.66 4.14 42.07
CA SER K 158 5.57 2.73 41.71
C SER K 158 6.10 2.56 40.28
N PHE K 159 6.01 1.32 39.78
CA PHE K 159 6.50 0.99 38.46
C PHE K 159 5.56 -0.01 37.79
N PHE K 160 5.93 -0.47 36.59
CA PHE K 160 5.11 -1.43 35.87
C PHE K 160 5.17 -2.80 36.55
N ARG K 161 4.10 -3.57 36.37
CA ARG K 161 4.03 -4.90 36.99
C ARG K 161 4.88 -5.92 36.26
N ASN K 162 4.87 -5.90 34.93
CA ASN K 162 5.49 -6.94 34.13
C ASN K 162 6.95 -6.69 33.83
N VAL K 163 7.52 -5.57 34.27
CA VAL K 163 8.95 -5.32 34.14
C VAL K 163 9.47 -4.85 35.50
N VAL K 164 10.75 -5.10 35.74
CA VAL K 164 11.39 -4.73 37.00
C VAL K 164 12.63 -3.91 36.68
N TRP K 165 12.84 -2.83 37.44
CA TRP K 165 13.95 -1.91 37.23
C TRP K 165 15.06 -2.28 38.21
N LEU K 166 16.15 -2.81 37.68
CA LEU K 166 17.28 -3.26 38.50
C LEU K 166 18.29 -2.14 38.65
N ILE K 167 18.71 -1.89 39.89
CA ILE K 167 19.72 -0.89 40.20
C ILE K 167 20.77 -1.53 41.08
N LYS K 168 21.87 -0.81 41.29
CA LYS K 168 22.96 -1.32 42.10
C LYS K 168 22.55 -1.42 43.57
N LYS K 169 23.21 -2.33 44.28
CA LYS K 169 22.91 -2.59 45.69
C LYS K 169 24.06 -2.16 46.60
N ASN K 170 25.27 -2.65 46.34
CA ASN K 170 26.41 -2.35 47.20
C ASN K 170 27.50 -1.63 46.41
N SER K 171 27.11 -0.64 45.62
CA SER K 171 28.00 0.12 44.75
C SER K 171 28.67 -0.76 43.70
N THR K 172 28.07 -1.91 43.39
CA THR K 172 28.57 -2.81 42.36
C THR K 172 27.40 -3.30 41.53
N TYR K 173 27.66 -3.49 40.24
CA TYR K 173 26.65 -3.98 39.29
C TYR K 173 27.25 -5.15 38.52
N PRO K 174 27.29 -6.34 39.13
CA PRO K 174 27.85 -7.50 38.43
C PRO K 174 27.06 -7.86 37.19
N THR K 175 27.77 -8.31 36.17
CA THR K 175 27.11 -8.72 34.93
C THR K 175 26.22 -9.92 35.17
N ILE K 176 25.05 -9.91 34.54
CA ILE K 176 24.06 -10.97 34.68
C ILE K 176 23.98 -11.76 33.38
N LYS K 177 23.87 -13.08 33.52
CA LYS K 177 23.69 -14.00 32.39
C LYS K 177 22.46 -14.83 32.69
N ARG K 178 21.29 -14.30 32.32
CA ARG K 178 20.01 -14.95 32.58
C ARG K 178 19.45 -15.49 31.27
N SER K 179 19.08 -16.77 31.27
CA SER K 179 18.51 -17.42 30.10
C SER K 179 17.24 -18.16 30.49
N TYR K 180 16.22 -18.06 29.65
CA TYR K 180 14.96 -18.76 29.85
C TYR K 180 14.69 -19.64 28.64
N ASN K 181 14.35 -20.90 28.89
CA ASN K 181 14.00 -21.85 27.84
C ASN K 181 12.50 -22.10 27.92
N ASN K 182 11.84 -21.98 26.77
CA ASN K 182 10.38 -22.10 26.70
C ASN K 182 10.01 -23.56 26.56
N THR K 183 9.57 -24.17 27.66
CA THR K 183 9.07 -25.54 27.63
C THR K 183 7.60 -25.61 27.27
N ASN K 184 6.89 -24.48 27.25
CA ASN K 184 5.48 -24.48 26.91
C ASN K 184 5.27 -24.76 25.43
N GLN K 185 4.18 -25.47 25.12
CA GLN K 185 3.91 -25.83 23.73
C GLN K 185 3.50 -24.63 22.89
N GLU K 186 2.71 -23.72 23.48
CA GLU K 186 2.23 -22.57 22.72
C GLU K 186 3.30 -21.48 22.64
N ASP K 187 3.13 -20.58 21.67
CA ASP K 187 4.06 -19.49 21.50
C ASP K 187 4.05 -18.58 22.71
N LEU K 188 5.22 -18.03 23.04
CA LEU K 188 5.41 -17.25 24.25
C LEU K 188 5.89 -15.86 23.88
N LEU K 189 5.38 -14.84 24.56
CA LEU K 189 5.71 -13.44 24.30
C LEU K 189 6.47 -12.87 25.48
N VAL K 190 7.59 -12.20 25.20
CA VAL K 190 8.39 -11.53 26.22
C VAL K 190 8.57 -10.07 25.82
N LEU K 191 8.90 -9.25 26.80
CA LEU K 191 9.14 -7.85 26.54
C LEU K 191 10.01 -7.28 27.66
N TRP K 192 10.98 -6.45 27.27
CA TRP K 192 11.91 -5.82 28.21
C TRP K 192 12.04 -4.35 27.82
N GLY K 193 13.01 -3.67 28.42
CA GLY K 193 13.18 -2.26 28.13
C GLY K 193 14.59 -1.79 28.42
N ILE K 194 14.86 -0.56 27.99
CA ILE K 194 16.16 0.09 28.16
C ILE K 194 15.92 1.44 28.81
N HIS K 195 16.74 1.78 29.79
CA HIS K 195 16.63 3.07 30.48
C HIS K 195 17.72 4.00 30.00
N HIS K 196 17.32 5.19 29.52
CA HIS K 196 18.27 6.19 29.06
C HIS K 196 18.40 7.27 30.13
N PRO K 197 19.54 7.37 30.81
CA PRO K 197 19.66 8.35 31.88
C PRO K 197 19.75 9.78 31.35
N ASN K 198 19.52 10.73 32.26
CA ASN K 198 19.55 12.17 31.87
C ASN K 198 20.99 12.57 31.57
N ASP K 199 21.92 12.22 32.45
CA ASP K 199 23.31 12.61 32.27
C ASP K 199 24.21 11.53 32.86
N ALA K 200 25.52 11.72 32.68
CA ALA K 200 26.49 10.75 33.18
C ALA K 200 26.49 10.65 34.70
N ALA K 201 26.09 11.74 35.37
CA ALA K 201 26.06 11.76 36.84
C ALA K 201 25.08 10.68 37.34
N GLU K 202 23.93 10.58 36.68
CA GLU K 202 22.91 9.58 37.09
C GLU K 202 23.41 8.18 36.75
N GLN K 203 24.05 8.01 35.59
CA GLN K 203 24.51 6.69 35.19
C GLN K 203 25.37 6.05 36.28
N THR K 204 26.28 6.84 36.85
CA THR K 204 27.14 6.31 37.95
C THR K 204 26.29 6.19 39.22
N LYS K 205 25.28 7.07 39.35
CA LYS K 205 24.43 7.09 40.57
C LYS K 205 23.59 5.81 40.67
N LEU K 206 23.05 5.31 39.57
CA LEU K 206 22.12 4.15 39.64
C LEU K 206 22.75 2.83 39.18
N TYR K 207 23.75 2.85 38.29
CA TYR K 207 24.27 1.61 37.74
C TYR K 207 25.76 1.40 37.95
N GLN K 208 26.51 2.44 38.31
CA GLN K 208 27.93 2.38 38.68
C GLN K 208 28.83 2.03 37.52
N ASN K 209 28.29 1.74 36.34
CA ASN K 209 29.11 1.39 35.18
C ASN K 209 29.10 2.54 34.19
N PRO K 210 30.24 3.15 33.89
CA PRO K 210 30.24 4.28 32.93
C PRO K 210 29.71 3.90 31.56
N THR K 211 30.16 2.77 31.00
CA THR K 211 29.69 2.27 29.72
C THR K 211 28.96 0.96 29.95
N THR K 212 27.70 0.89 29.50
CA THR K 212 26.86 -0.27 29.72
C THR K 212 26.31 -0.78 28.39
N TYR K 213 25.91 -2.04 28.40
CA TYR K 213 25.35 -2.67 27.21
C TYR K 213 24.24 -3.63 27.65
N ILE K 214 23.33 -3.91 26.72
CA ILE K 214 22.27 -4.89 26.91
C ILE K 214 22.24 -5.77 25.69
N SER K 215 22.49 -7.06 25.86
CA SER K 215 22.53 -8.02 24.76
C SER K 215 21.43 -9.04 24.94
N VAL K 216 20.55 -9.16 23.95
CA VAL K 216 19.45 -10.11 23.96
C VAL K 216 19.64 -11.04 22.77
N GLY K 217 19.70 -12.34 23.02
CA GLY K 217 19.93 -13.29 21.95
C GLY K 217 19.02 -14.50 21.99
N THR K 218 18.24 -14.68 20.93
CA THR K 218 17.45 -15.87 20.73
C THR K 218 17.86 -16.52 19.40
N SER K 219 17.09 -17.52 18.96
CA SER K 219 17.43 -18.24 17.74
C SER K 219 17.47 -17.32 16.53
N THR K 220 16.52 -16.38 16.43
CA THR K 220 16.41 -15.50 15.27
C THR K 220 16.46 -14.03 15.66
N LEU K 221 17.29 -13.67 16.63
CA LEU K 221 17.44 -12.28 17.03
C LEU K 221 18.75 -12.11 17.79
N ASN K 222 19.67 -11.31 17.24
CA ASN K 222 20.87 -10.87 17.92
C ASN K 222 20.81 -9.35 18.05
N GLN K 223 21.15 -8.83 19.22
CA GLN K 223 20.91 -7.42 19.48
C GLN K 223 21.81 -6.89 20.58
N ARG K 224 22.63 -5.89 20.23
CA ARG K 224 23.40 -5.09 21.18
C ARG K 224 22.71 -3.75 21.35
N LEU K 225 22.41 -3.38 22.59
CA LEU K 225 21.72 -2.13 22.90
C LEU K 225 22.61 -1.27 23.78
N VAL K 226 22.70 0.02 23.46
CA VAL K 226 23.51 0.95 24.22
C VAL K 226 22.65 2.12 24.69
N PRO K 227 22.88 2.65 25.89
CA PRO K 227 22.11 3.80 26.37
C PRO K 227 22.54 5.08 25.66
N ARG K 228 21.56 5.87 25.24
CA ARG K 228 21.79 7.05 24.40
C ARG K 228 21.58 8.32 25.23
N ILE K 229 22.64 8.70 25.95
CA ILE K 229 22.53 9.81 26.88
C ILE K 229 22.45 11.13 26.13
N ALA K 230 21.50 11.96 26.51
CA ALA K 230 21.29 13.26 25.88
C ALA K 230 20.57 14.17 26.87
N THR K 231 20.30 15.41 26.45
CA THR K 231 19.56 16.37 27.25
C THR K 231 18.19 16.55 26.63
N ARG K 232 17.16 16.15 27.34
CA ARG K 232 15.79 16.11 26.81
C ARG K 232 14.88 16.97 27.67
N SER K 233 13.67 17.19 27.15
CA SER K 233 12.67 17.95 27.87
C SER K 233 11.97 17.07 28.91
N LYS K 234 11.20 17.71 29.78
CA LYS K 234 10.59 16.96 30.88
C LYS K 234 9.11 16.72 30.64
N VAL K 235 8.72 15.51 30.29
CA VAL K 235 7.34 15.07 30.10
C VAL K 235 7.00 14.12 31.22
N ASN K 236 5.78 14.23 31.75
CA ASN K 236 5.31 13.50 32.93
C ASN K 236 6.20 13.74 34.14
N GLY K 237 7.03 14.78 34.13
CA GLY K 237 7.87 15.12 35.26
C GLY K 237 9.22 14.43 35.31
N GLN K 238 9.55 13.62 34.30
CA GLN K 238 10.80 12.86 34.32
C GLN K 238 11.51 13.07 33.00
N SER K 239 12.79 13.47 33.08
CA SER K 239 13.55 13.74 31.86
C SER K 239 14.01 12.46 31.17
N GLY K 240 14.34 11.43 31.94
CA GLY K 240 14.81 10.19 31.34
C GLY K 240 13.72 9.50 30.56
N ARG K 241 14.15 8.69 29.59
CA ARG K 241 13.24 7.99 28.69
C ARG K 241 13.51 6.50 28.72
N MET K 242 12.48 5.72 28.41
CA MET K 242 12.56 4.27 28.41
C MET K 242 12.08 3.75 27.06
N GLU K 243 12.92 2.96 26.39
CA GLU K 243 12.56 2.35 25.12
C GLU K 243 12.36 0.86 25.35
N PHE K 244 11.11 0.42 25.35
CA PHE K 244 10.78 -0.98 25.58
C PHE K 244 10.78 -1.74 24.27
N PHE K 245 11.19 -3.01 24.34
CA PHE K 245 11.24 -3.89 23.19
C PHE K 245 10.36 -5.11 23.42
N TRP K 246 10.21 -5.92 22.39
CA TRP K 246 9.40 -7.14 22.48
C TRP K 246 9.85 -8.10 21.40
N THR K 247 9.58 -9.39 21.64
CA THR K 247 9.83 -10.42 20.64
C THR K 247 8.97 -11.63 20.97
N ILE K 248 8.79 -12.48 19.97
CA ILE K 248 7.95 -13.67 20.09
C ILE K 248 8.88 -14.88 20.24
N LEU K 249 8.67 -15.65 21.30
CA LEU K 249 9.50 -16.82 21.60
C LEU K 249 8.72 -18.07 21.20
N LYS K 250 9.22 -18.77 20.19
CA LYS K 250 8.58 -20.01 19.75
C LYS K 250 8.82 -21.12 20.76
N PRO K 251 7.99 -22.16 20.75
CA PRO K 251 8.19 -23.27 21.69
C PRO K 251 9.52 -23.97 21.46
N ASN K 252 10.08 -24.49 22.55
CA ASN K 252 11.39 -25.17 22.55
C ASN K 252 12.48 -24.24 22.01
N ASP K 253 12.40 -22.96 22.38
CA ASP K 253 13.40 -21.98 22.03
C ASP K 253 13.75 -21.17 23.27
N ALA K 254 14.97 -20.65 23.30
CA ALA K 254 15.48 -19.94 24.47
C ALA K 254 15.89 -18.52 24.10
N ILE K 255 15.70 -17.61 25.05
CA ILE K 255 16.12 -16.22 24.93
C ILE K 255 17.10 -15.92 26.06
N ASN K 256 18.25 -15.37 25.71
CA ASN K 256 19.33 -15.13 26.66
C ASN K 256 19.51 -13.63 26.86
N PHE K 257 19.47 -13.20 28.13
CA PHE K 257 19.68 -11.82 28.49
C PHE K 257 21.05 -11.66 29.12
N GLU K 258 21.70 -10.52 28.86
CA GLU K 258 23.01 -10.25 29.42
C GLU K 258 23.24 -8.74 29.39
N SER K 259 23.54 -8.16 30.55
CA SER K 259 23.73 -6.72 30.64
C SER K 259 24.54 -6.40 31.88
N ASN K 260 25.09 -5.19 31.91
CA ASN K 260 25.80 -4.68 33.07
C ASN K 260 25.33 -3.27 33.42
N GLY K 261 24.08 -2.96 33.16
CA GLY K 261 23.52 -1.66 33.47
C GLY K 261 22.47 -1.26 32.46
N ASN K 262 21.59 -0.36 32.89
CA ASN K 262 20.51 0.17 32.04
C ASN K 262 19.61 -0.95 31.53
N PHE K 263 19.41 -1.99 32.34
CA PHE K 263 18.63 -3.14 31.94
C PHE K 263 17.29 -3.14 32.68
N ILE K 264 16.25 -3.61 31.99
CA ILE K 264 14.91 -3.73 32.56
C ILE K 264 14.48 -5.17 32.33
N ALA K 265 14.73 -6.04 33.30
CA ALA K 265 14.45 -7.45 33.14
C ALA K 265 12.94 -7.71 33.14
N PRO K 266 12.48 -8.63 32.30
CA PRO K 266 11.05 -8.99 32.31
C PRO K 266 10.68 -9.72 33.60
N GLU K 267 9.43 -9.55 34.00
CA GLU K 267 8.89 -10.17 35.21
C GLU K 267 7.82 -11.20 34.93
N TYR K 268 6.84 -10.88 34.08
CA TYR K 268 5.83 -11.83 33.64
C TYR K 268 5.88 -11.94 32.13
N ALA K 269 5.73 -13.16 31.62
CA ALA K 269 5.69 -13.42 30.19
C ALA K 269 4.27 -13.75 29.76
N TYR K 270 4.00 -13.56 28.47
CA TYR K 270 2.65 -13.66 27.93
C TYR K 270 2.54 -14.91 27.05
N LYS K 271 1.71 -15.86 27.48
CA LYS K 271 1.41 -17.02 26.66
C LYS K 271 0.42 -16.66 25.57
N ILE K 272 0.48 -17.39 24.47
CA ILE K 272 -0.50 -17.23 23.39
C ILE K 272 -1.29 -18.52 23.27
N VAL K 273 -2.42 -18.59 23.97
CA VAL K 273 -3.18 -19.84 24.04
C VAL K 273 -4.00 -20.05 22.77
N LYS K 274 -4.89 -19.11 22.46
CA LYS K 274 -5.81 -19.24 21.33
C LYS K 274 -5.53 -18.13 20.31
N LYS K 275 -5.48 -18.51 19.04
CA LYS K 275 -5.32 -17.56 17.95
C LYS K 275 -6.57 -17.59 17.09
N GLY K 276 -7.19 -16.42 16.89
CA GLY K 276 -8.41 -16.31 16.10
C GLY K 276 -8.42 -15.04 15.32
N ASP K 277 -9.59 -14.39 15.25
CA ASP K 277 -9.77 -13.13 14.55
C ASP K 277 -10.32 -12.09 15.50
N SER K 278 -9.70 -10.92 15.51
CA SER K 278 -10.15 -9.83 16.37
C SER K 278 -9.65 -8.52 15.78
N THR K 279 -10.25 -7.42 16.26
CA THR K 279 -9.86 -6.10 15.81
C THR K 279 -9.72 -5.17 17.00
N ILE K 280 -8.82 -4.22 16.89
CA ILE K 280 -8.60 -3.19 17.92
C ILE K 280 -9.33 -1.94 17.44
N MET K 281 -10.58 -1.81 17.85
CA MET K 281 -11.42 -0.69 17.44
C MET K 281 -11.23 0.48 18.38
N LYS K 282 -11.44 1.67 17.83
CA LYS K 282 -11.35 2.94 18.55
C LYS K 282 -12.76 3.48 18.76
N SER K 283 -13.20 3.54 20.01
CA SER K 283 -14.53 4.09 20.31
C SER K 283 -14.58 4.51 21.78
N GLU K 284 -15.46 5.45 22.07
CA GLU K 284 -15.67 5.92 23.43
C GLU K 284 -16.92 5.31 24.07
N LEU K 285 -17.52 4.32 23.43
CA LEU K 285 -18.71 3.70 23.95
C LEU K 285 -18.38 2.80 25.14
N GLU K 286 -19.41 2.40 25.87
CA GLU K 286 -19.27 1.55 27.04
C GLU K 286 -20.10 0.30 26.86
N TYR K 287 -19.91 -0.66 27.78
CA TYR K 287 -20.61 -1.92 27.70
C TYR K 287 -22.11 -1.72 27.85
N GLY K 288 -22.89 -2.49 27.10
CA GLY K 288 -24.32 -2.31 27.07
C GLY K 288 -25.15 -3.51 27.47
N ASN K 289 -24.48 -4.63 27.76
CA ASN K 289 -25.14 -5.86 28.22
C ASN K 289 -26.15 -6.36 27.19
N CYS K 290 -25.65 -6.62 26.00
CA CYS K 290 -26.45 -7.22 24.92
C CYS K 290 -25.62 -8.30 24.24
N ASN K 291 -26.10 -8.79 23.10
CA ASN K 291 -25.37 -9.79 22.33
C ASN K 291 -25.78 -9.65 20.87
N THR K 292 -24.84 -9.22 20.03
CA THR K 292 -25.12 -8.94 18.63
C THR K 292 -24.13 -9.68 17.75
N LYS K 293 -24.63 -10.23 16.63
CA LYS K 293 -23.78 -10.94 15.69
C LYS K 293 -22.76 -10.03 15.01
N CYS K 294 -23.07 -8.75 14.85
CA CYS K 294 -22.16 -7.78 14.26
C CYS K 294 -22.00 -6.60 15.20
N GLN K 295 -20.79 -6.05 15.26
CA GLN K 295 -20.51 -4.92 16.12
C GLN K 295 -19.70 -3.88 15.36
N THR K 296 -20.02 -2.61 15.57
CA THR K 296 -19.40 -1.48 14.92
C THR K 296 -18.97 -0.45 15.96
N PRO K 297 -18.01 0.41 15.64
CA PRO K 297 -17.54 1.39 16.64
C PRO K 297 -18.63 2.34 17.13
N MET K 298 -19.73 2.49 16.39
CA MET K 298 -20.84 3.35 16.79
C MET K 298 -21.99 2.58 17.41
N GLY K 299 -21.93 1.25 17.46
CA GLY K 299 -23.02 0.49 18.03
C GLY K 299 -22.97 -0.95 17.55
N ALA K 300 -24.14 -1.45 17.15
CA ALA K 300 -24.29 -2.82 16.69
C ALA K 300 -25.50 -2.90 15.76
N ILE K 301 -25.55 -3.98 14.99
CA ILE K 301 -26.57 -4.14 13.96
C ILE K 301 -27.37 -5.42 14.23
N ASN K 302 -28.68 -5.27 14.35
CA ASN K 302 -29.66 -6.35 14.23
C ASN K 302 -30.34 -6.21 12.87
N SER K 303 -29.98 -7.07 11.92
CA SER K 303 -30.70 -7.12 10.65
C SER K 303 -30.24 -8.32 9.85
N SER K 304 -30.96 -8.56 8.75
CA SER K 304 -30.56 -9.51 7.73
C SER K 304 -30.41 -8.85 6.37
N MET K 305 -30.55 -7.52 6.31
CA MET K 305 -30.38 -6.79 5.07
C MET K 305 -28.93 -6.85 4.62
N PRO K 306 -28.67 -6.77 3.31
CA PRO K 306 -27.30 -6.91 2.79
C PRO K 306 -26.50 -5.61 2.73
N PHE K 307 -27.00 -4.50 3.27
CA PHE K 307 -26.28 -3.24 3.17
C PHE K 307 -26.49 -2.42 4.44
N HIS K 308 -25.50 -1.58 4.75
CA HIS K 308 -25.58 -0.66 5.87
C HIS K 308 -24.60 0.48 5.63
N ASN K 309 -24.82 1.59 6.31
CA ASN K 309 -24.01 2.79 6.12
C ASN K 309 -23.62 3.38 7.48
N ILE K 310 -23.23 2.52 8.42
CA ILE K 310 -22.87 2.97 9.76
C ILE K 310 -21.38 3.22 9.85
N HIS K 311 -20.58 2.18 9.63
CA HIS K 311 -19.14 2.31 9.78
C HIS K 311 -18.45 1.21 8.98
N PRO K 312 -17.32 1.50 8.32
CA PRO K 312 -16.66 0.44 7.54
C PRO K 312 -15.95 -0.59 8.40
N LEU K 313 -15.36 -0.17 9.52
CA LEU K 313 -14.57 -1.06 10.37
C LEU K 313 -15.51 -1.86 11.26
N THR K 314 -16.14 -2.87 10.67
CA THR K 314 -17.06 -3.75 11.38
C THR K 314 -16.40 -5.10 11.63
N ILE K 315 -16.88 -5.80 12.66
CA ILE K 315 -16.38 -7.10 13.04
C ILE K 315 -17.55 -8.07 13.11
N GLY K 316 -17.36 -9.26 12.53
CA GLY K 316 -18.39 -10.28 12.50
C GLY K 316 -19.07 -10.36 11.14
N GLU K 317 -19.81 -11.45 10.97
CA GLU K 317 -20.54 -11.70 9.72
C GLU K 317 -21.82 -10.86 9.72
N CYS K 318 -21.85 -9.81 8.91
CA CYS K 318 -22.95 -8.87 8.92
C CYS K 318 -22.91 -8.07 7.62
N PRO K 319 -23.96 -7.31 7.31
CA PRO K 319 -24.02 -6.58 6.03
C PRO K 319 -22.76 -5.76 5.75
N LYS K 320 -22.49 -5.59 4.46
CA LYS K 320 -21.38 -4.79 3.99
C LYS K 320 -21.70 -3.31 4.06
N TYR K 321 -20.66 -2.48 3.93
CA TYR K 321 -20.78 -1.04 4.10
C TYR K 321 -20.76 -0.35 2.74
N VAL K 322 -21.78 0.48 2.49
CA VAL K 322 -21.85 1.35 1.33
C VAL K 322 -22.24 2.75 1.79
N LYS K 323 -21.56 3.76 1.28
CA LYS K 323 -21.82 5.15 1.70
C LYS K 323 -22.94 5.73 0.85
N SER K 324 -24.14 5.22 1.08
CA SER K 324 -25.34 5.68 0.40
C SER K 324 -26.44 5.96 1.42
N ASN K 325 -27.28 6.94 1.09
CA ASN K 325 -28.37 7.31 1.99
C ASN K 325 -29.59 6.43 1.78
N ARG K 326 -29.85 6.02 0.55
CA ARG K 326 -31.06 5.30 0.19
C ARG K 326 -30.75 4.28 -0.89
N LEU K 327 -31.18 3.04 -0.67
CA LEU K 327 -31.01 1.96 -1.65
C LEU K 327 -32.25 1.07 -1.55
N VAL K 328 -33.15 1.18 -2.52
CA VAL K 328 -34.41 0.46 -2.52
C VAL K 328 -34.56 -0.28 -3.84
N LEU K 329 -35.09 -1.50 -3.78
CA LEU K 329 -35.39 -2.30 -4.95
C LEU K 329 -36.89 -2.30 -5.18
N ALA K 330 -37.31 -1.92 -6.38
CA ALA K 330 -38.73 -1.88 -6.71
C ALA K 330 -39.22 -3.26 -7.06
N THR K 331 -40.30 -3.69 -6.41
CA THR K 331 -40.91 -5.00 -6.64
C THR K 331 -42.39 -4.86 -6.95
N GLY K 332 -42.75 -3.82 -7.71
CA GLY K 332 -44.15 -3.61 -8.02
C GLY K 332 -44.30 -2.60 -9.14
N LEU K 333 -45.55 -2.50 -9.61
CA LEU K 333 -45.88 -1.59 -10.71
C LEU K 333 -45.90 -0.15 -10.23
N ARG K 334 -45.65 0.78 -11.15
CA ARG K 334 -45.86 2.18 -10.87
C ARG K 334 -47.36 2.49 -10.89
N ASN K 335 -47.85 3.14 -9.84
CA ASN K 335 -49.27 3.32 -9.63
C ASN K 335 -49.68 4.75 -9.97
N SER K 336 -50.71 4.88 -10.80
CA SER K 336 -51.27 6.21 -11.09
C SER K 336 -51.86 6.89 -9.86
N PRO K 337 -52.65 6.21 -8.99
CA PRO K 337 -53.17 6.90 -7.80
C PRO K 337 -52.07 7.46 -6.90
N ASP L 17 -56.98 12.97 -48.76
CA ASP L 17 -56.11 13.66 -47.82
C ASP L 17 -55.51 12.70 -46.80
N GLN L 18 -54.31 13.03 -46.32
CA GLN L 18 -53.48 12.09 -45.57
C GLN L 18 -52.84 12.78 -44.37
N ILE L 19 -52.69 12.03 -43.28
CA ILE L 19 -51.97 12.45 -42.10
C ILE L 19 -51.11 11.30 -41.62
N CYS L 20 -49.85 11.59 -41.27
CA CYS L 20 -48.89 10.56 -40.90
C CYS L 20 -48.10 11.00 -39.68
N ILE L 21 -47.25 10.09 -39.19
CA ILE L 21 -46.42 10.32 -38.01
C ILE L 21 -44.96 10.42 -38.46
N GLY L 22 -44.17 11.17 -37.71
CA GLY L 22 -42.77 11.35 -38.06
C GLY L 22 -41.95 11.89 -36.91
N TYR L 23 -40.65 12.02 -37.17
CA TYR L 23 -39.69 12.40 -36.15
C TYR L 23 -38.70 13.40 -36.73
N HIS L 24 -38.01 14.09 -35.82
CA HIS L 24 -37.02 15.08 -36.22
C HIS L 24 -35.85 14.43 -36.97
N ALA L 25 -35.39 15.10 -38.02
CA ALA L 25 -34.23 14.65 -38.78
C ALA L 25 -33.33 15.84 -39.04
N ASN L 26 -32.03 15.57 -39.14
CA ASN L 26 -31.04 16.61 -39.34
C ASN L 26 -29.97 16.11 -40.31
N ASN L 27 -29.26 17.06 -40.90
CA ASN L 27 -28.17 16.77 -41.81
C ASN L 27 -26.81 16.69 -41.12
N SER L 28 -26.79 16.78 -39.80
CA SER L 28 -25.54 16.71 -39.05
C SER L 28 -24.94 15.30 -39.13
N THR L 29 -23.63 15.23 -38.94
CA THR L 29 -22.88 13.99 -39.03
C THR L 29 -22.16 13.65 -37.73
N GLU L 30 -22.72 14.09 -36.60
CA GLU L 30 -22.13 13.79 -35.30
C GLU L 30 -22.12 12.28 -35.06
N GLN L 31 -20.99 11.76 -34.60
CA GLN L 31 -20.80 10.33 -34.40
C GLN L 31 -20.82 10.02 -32.90
N VAL L 32 -21.65 9.04 -32.53
CA VAL L 32 -21.74 8.56 -31.16
C VAL L 32 -21.52 7.05 -31.19
N ASP L 33 -21.05 6.49 -30.08
CA ASP L 33 -20.76 5.08 -30.00
C ASP L 33 -21.74 4.35 -29.10
N THR L 34 -21.93 3.06 -29.38
CA THR L 34 -22.76 2.19 -28.56
C THR L 34 -22.24 0.77 -28.70
N ILE L 35 -22.65 -0.09 -27.76
CA ILE L 35 -22.08 -1.43 -27.67
C ILE L 35 -22.47 -2.28 -28.87
N MET L 36 -23.71 -2.15 -29.34
CA MET L 36 -24.18 -3.01 -30.42
C MET L 36 -23.42 -2.75 -31.72
N GLU L 37 -23.22 -1.48 -32.07
CA GLU L 37 -22.42 -1.11 -33.23
C GLU L 37 -21.67 0.17 -32.93
N LYS L 38 -20.38 0.18 -33.27
CA LYS L 38 -19.50 1.25 -32.79
C LYS L 38 -19.81 2.60 -33.46
N ASN L 39 -20.41 2.59 -34.64
CA ASN L 39 -20.61 3.80 -35.44
C ASN L 39 -22.10 4.00 -35.68
N VAL L 40 -22.67 5.01 -35.02
CA VAL L 40 -24.04 5.44 -35.27
C VAL L 40 -24.09 6.96 -35.27
N THR L 41 -24.85 7.52 -36.21
CA THR L 41 -25.00 8.96 -36.37
C THR L 41 -26.29 9.40 -35.71
N VAL L 42 -26.24 10.52 -34.99
CA VAL L 42 -27.40 11.05 -34.28
C VAL L 42 -27.56 12.53 -34.63
N THR L 43 -28.79 13.01 -34.42
CA THR L 43 -29.08 14.42 -34.71
C THR L 43 -28.39 15.36 -33.74
N HIS L 44 -28.28 14.98 -32.47
CA HIS L 44 -27.64 15.81 -31.46
C HIS L 44 -26.76 14.94 -30.58
N ALA L 45 -25.49 15.32 -30.44
CA ALA L 45 -24.54 14.59 -29.64
C ALA L 45 -23.84 15.54 -28.69
N GLN L 46 -23.68 15.12 -27.44
CA GLN L 46 -23.00 15.89 -26.41
C GLN L 46 -21.71 15.19 -26.02
N ASP L 47 -20.61 15.92 -26.04
CA ASP L 47 -19.30 15.37 -25.70
C ASP L 47 -18.91 15.86 -24.31
N ILE L 48 -18.47 14.93 -23.47
CA ILE L 48 -17.96 15.25 -22.13
C ILE L 48 -16.57 14.63 -22.01
N LEU L 49 -15.56 15.38 -22.45
CA LEU L 49 -14.15 15.01 -22.30
C LEU L 49 -13.28 16.19 -22.69
N GLU L 50 -12.33 16.56 -21.85
CA GLU L 50 -11.42 17.67 -22.15
C GLU L 50 -10.05 17.12 -22.50
N LYS L 51 -9.62 17.37 -23.74
CA LYS L 51 -8.33 16.92 -24.22
C LYS L 51 -7.37 18.06 -24.52
N LYS L 52 -7.79 19.30 -24.32
CA LYS L 52 -6.97 20.47 -24.63
C LYS L 52 -6.62 21.22 -23.37
N HIS L 53 -5.38 21.73 -23.32
CA HIS L 53 -4.90 22.51 -22.20
C HIS L 53 -4.16 23.73 -22.73
N ASN L 54 -4.15 24.80 -21.94
CA ASN L 54 -3.50 26.04 -22.35
C ASN L 54 -1.99 25.88 -22.51
N GLY L 55 -1.39 24.89 -21.85
CA GLY L 55 0.03 24.65 -21.96
C GLY L 55 0.91 25.46 -21.04
N LYS L 56 0.34 26.35 -20.24
CA LYS L 56 1.09 27.17 -19.31
C LYS L 56 1.01 26.56 -17.91
N LEU L 57 1.62 27.26 -16.95
CA LEU L 57 1.62 26.82 -15.55
C LEU L 57 1.50 28.09 -14.70
N CYS L 58 0.27 28.42 -14.32
CA CYS L 58 0.01 29.64 -13.55
C CYS L 58 -0.66 29.29 -12.22
N ASP L 59 -1.04 30.33 -11.50
CA ASP L 59 -1.46 30.18 -10.11
C ASP L 59 -2.87 29.58 -10.02
N LEU L 60 -3.18 29.09 -8.82
CA LEU L 60 -4.47 28.48 -8.52
C LEU L 60 -5.17 29.33 -7.47
N ASP L 61 -6.38 29.79 -7.79
CA ASP L 61 -7.19 30.61 -6.88
C ASP L 61 -6.48 31.89 -6.46
N GLY L 62 -5.67 32.45 -7.36
CA GLY L 62 -5.10 33.77 -7.15
C GLY L 62 -3.81 33.83 -6.34
N VAL L 63 -3.30 32.69 -5.87
CA VAL L 63 -2.07 32.66 -5.09
C VAL L 63 -0.99 31.99 -5.92
N LYS L 64 0.12 32.69 -6.14
CA LYS L 64 1.17 32.22 -7.02
C LYS L 64 1.86 30.99 -6.43
N PRO L 65 2.10 29.95 -7.22
CA PRO L 65 2.81 28.77 -6.70
C PRO L 65 4.29 29.04 -6.53
N LEU L 66 4.92 28.20 -5.70
CA LEU L 66 6.36 28.25 -5.48
C LEU L 66 7.03 27.44 -6.58
N ILE L 67 7.57 28.11 -7.58
CA ILE L 67 8.18 27.45 -8.74
C ILE L 67 9.67 27.35 -8.46
N LEU L 68 10.12 26.16 -8.04
CA LEU L 68 11.54 25.89 -7.87
C LEU L 68 12.15 25.65 -9.25
N ARG L 69 13.03 26.55 -9.69
CA ARG L 69 13.56 26.44 -11.04
C ARG L 69 14.53 25.27 -11.15
N ASP L 70 15.64 25.32 -10.42
CA ASP L 70 16.67 24.30 -10.53
C ASP L 70 16.95 23.59 -9.22
N CYS L 71 16.98 24.31 -8.11
CA CYS L 71 17.16 23.64 -6.82
C CYS L 71 15.84 23.01 -6.38
N SER L 72 15.94 22.07 -5.45
CA SER L 72 14.81 21.26 -5.03
C SER L 72 14.53 21.51 -3.55
N VAL L 73 13.64 20.69 -2.98
CA VAL L 73 13.23 20.87 -1.60
C VAL L 73 14.43 20.83 -0.66
N ALA L 74 15.32 19.86 -0.87
CA ALA L 74 16.52 19.78 -0.05
C ALA L 74 17.40 21.01 -0.23
N GLY L 75 17.57 21.46 -1.47
CA GLY L 75 18.39 22.63 -1.71
C GLY L 75 17.77 23.91 -1.18
N TRP L 76 16.46 24.08 -1.34
CA TRP L 76 15.82 25.32 -0.91
C TRP L 76 15.74 25.42 0.60
N LEU L 77 15.35 24.33 1.27
CA LEU L 77 15.21 24.37 2.72
C LEU L 77 16.55 24.56 3.41
N LEU L 78 17.61 23.94 2.87
CA LEU L 78 18.94 24.11 3.43
C LEU L 78 19.58 25.43 3.02
N GLY L 79 19.06 26.09 2.00
CA GLY L 79 19.63 27.35 1.55
C GLY L 79 20.85 27.20 0.68
N ASN L 80 20.67 26.57 -0.48
CA ASN L 80 21.77 26.41 -1.43
C ASN L 80 22.22 27.78 -1.92
N PRO L 81 23.53 28.06 -1.93
CA PRO L 81 23.99 29.38 -2.39
C PRO L 81 23.68 29.66 -3.85
N MET L 82 23.44 28.64 -4.67
CA MET L 82 23.08 28.88 -6.06
C MET L 82 21.74 29.60 -6.19
N CYS L 83 20.74 29.18 -5.43
CA CYS L 83 19.41 29.80 -5.47
C CYS L 83 19.15 30.52 -4.15
N ASP L 84 19.43 31.82 -4.13
CA ASP L 84 19.10 32.70 -3.01
C ASP L 84 17.87 33.55 -3.29
N GLU L 85 17.13 33.26 -4.37
CA GLU L 85 15.89 33.96 -4.67
C GLU L 85 14.68 33.30 -4.02
N PHE L 86 14.87 32.19 -3.32
CA PHE L 86 13.80 31.48 -2.64
C PHE L 86 13.85 31.62 -1.13
N ILE L 87 14.53 32.66 -0.64
CA ILE L 87 14.54 32.98 0.77
C ILE L 87 13.41 33.97 1.05
N ASN L 88 12.78 33.83 2.22
CA ASN L 88 11.67 34.69 2.60
C ASN L 88 10.53 34.63 1.59
N VAL L 89 10.26 33.44 1.10
CA VAL L 89 9.22 33.26 0.07
C VAL L 89 7.84 33.44 0.68
N PRO L 90 6.93 34.16 0.03
CA PRO L 90 5.58 34.32 0.59
C PRO L 90 4.70 33.09 0.39
N GLU L 91 3.42 33.21 0.74
CA GLU L 91 2.49 32.10 0.63
C GLU L 91 2.39 31.62 -0.81
N TRP L 92 2.24 30.31 -0.98
CA TRP L 92 2.16 29.69 -2.29
C TRP L 92 0.98 28.72 -2.34
N SER L 93 0.62 28.32 -3.56
CA SER L 93 -0.44 27.35 -3.78
C SER L 93 0.11 25.94 -3.88
N TYR L 94 1.17 25.75 -4.65
CA TYR L 94 1.79 24.44 -4.80
C TYR L 94 3.26 24.65 -5.16
N ILE L 95 4.03 23.57 -5.04
CA ILE L 95 5.47 23.60 -5.29
C ILE L 95 5.75 22.88 -6.60
N VAL L 96 6.47 23.56 -7.49
CA VAL L 96 6.83 23.01 -8.79
C VAL L 96 8.34 22.85 -8.84
N GLU L 97 8.79 21.63 -9.09
CA GLU L 97 10.22 21.34 -9.22
C GLU L 97 10.44 20.38 -10.37
N LYS L 98 11.60 20.50 -11.01
CA LYS L 98 11.90 19.67 -12.16
C LYS L 98 12.13 18.22 -11.73
N ALA L 99 12.00 17.31 -12.70
CA ALA L 99 12.20 15.90 -12.43
C ALA L 99 13.64 15.62 -11.99
N ASN L 100 14.61 16.27 -12.64
CA ASN L 100 16.02 16.12 -12.31
C ASN L 100 16.57 17.49 -11.93
N PRO L 101 16.58 17.84 -10.65
CA PRO L 101 17.10 19.14 -10.24
C PRO L 101 18.59 19.26 -10.50
N VAL L 102 19.03 20.48 -10.79
CA VAL L 102 20.43 20.73 -11.10
C VAL L 102 21.24 20.99 -9.84
N ASN L 103 20.73 21.81 -8.93
CA ASN L 103 21.45 22.18 -7.71
C ASN L 103 20.69 21.58 -6.52
N ASP L 104 21.00 20.32 -6.21
CA ASP L 104 20.38 19.61 -5.11
C ASP L 104 21.47 19.01 -4.24
N LEU L 105 21.50 19.40 -2.97
CA LEU L 105 22.50 18.93 -2.01
C LEU L 105 23.92 19.14 -2.57
N CYS L 106 24.26 20.44 -2.69
CA CYS L 106 25.55 20.86 -3.19
C CYS L 106 26.71 20.05 -2.62
N TYR L 107 26.86 20.07 -1.30
CA TYR L 107 27.84 19.19 -0.68
C TYR L 107 27.33 17.75 -0.70
N PRO L 108 28.20 16.78 -0.97
CA PRO L 108 27.75 15.38 -1.04
C PRO L 108 27.15 14.91 0.28
N GLY L 109 26.17 14.03 0.17
CA GLY L 109 25.57 13.44 1.36
C GLY L 109 24.15 13.00 1.09
N ASP L 110 23.44 12.75 2.19
CA ASP L 110 22.08 12.27 2.15
C ASP L 110 21.23 13.07 3.12
N PHE L 111 19.96 13.26 2.76
CA PHE L 111 18.98 13.93 3.62
C PHE L 111 18.16 12.84 4.31
N ASN L 112 18.33 12.74 5.63
CA ASN L 112 17.62 11.71 6.39
C ASN L 112 16.12 12.00 6.38
N ASP L 113 15.33 10.97 6.09
CA ASP L 113 13.88 11.09 6.01
C ASP L 113 13.47 12.20 5.05
N TYR L 114 14.16 12.23 3.90
CA TYR L 114 13.91 13.29 2.92
C TYR L 114 12.50 13.21 2.37
N GLU L 115 12.03 12.01 2.04
CA GLU L 115 10.67 11.85 1.54
C GLU L 115 9.63 12.08 2.62
N GLU L 116 9.99 11.88 3.90
CA GLU L 116 9.08 12.20 4.98
C GLU L 116 8.83 13.70 5.06
N LEU L 117 9.87 14.50 4.85
CA LEU L 117 9.72 15.96 4.91
C LEU L 117 8.89 16.49 3.75
N LYS L 118 9.11 15.96 2.54
CA LYS L 118 8.35 16.42 1.39
C LYS L 118 6.87 16.10 1.51
N HIS L 119 6.50 15.07 2.27
CA HIS L 119 5.09 14.80 2.54
C HIS L 119 4.48 15.91 3.39
N LEU L 120 5.24 16.42 4.36
CA LEU L 120 4.75 17.50 5.20
C LEU L 120 4.60 18.80 4.39
N LEU L 121 5.49 19.03 3.42
CA LEU L 121 5.40 20.23 2.61
C LEU L 121 4.14 20.25 1.75
N SER L 122 3.55 19.09 1.46
CA SER L 122 2.30 19.09 0.71
C SER L 122 1.17 19.71 1.51
N ARG L 123 1.31 19.75 2.83
CA ARG L 123 0.18 20.27 3.64
C ARG L 123 0.52 21.61 4.28
N ILE L 124 1.62 22.25 3.92
CA ILE L 124 2.05 23.53 4.47
C ILE L 124 2.01 24.56 3.35
N ASN L 125 1.41 25.72 3.62
CA ASN L 125 1.28 26.77 2.63
C ASN L 125 2.06 28.04 2.97
N HIS L 126 2.89 28.01 4.00
CA HIS L 126 3.64 29.20 4.37
C HIS L 126 4.85 28.81 5.21
N PHE L 127 5.99 29.47 4.97
CA PHE L 127 7.21 29.26 5.73
C PHE L 127 7.83 30.60 6.06
N GLU L 128 8.40 30.71 7.25
CA GLU L 128 9.04 31.95 7.70
C GLU L 128 10.37 31.62 8.39
N LYS L 129 11.37 32.45 8.12
CA LYS L 129 12.70 32.28 8.70
C LYS L 129 12.80 33.07 10.00
N ILE L 130 13.44 32.48 11.01
CA ILE L 130 13.71 33.15 12.27
C ILE L 130 15.13 32.85 12.71
N GLN L 131 15.63 33.69 13.62
CA GLN L 131 16.98 33.57 14.15
C GLN L 131 16.93 32.68 15.38
N ILE L 132 16.94 31.36 15.15
CA ILE L 132 16.90 30.42 16.26
C ILE L 132 18.21 30.45 17.04
N ILE L 133 19.33 30.37 16.34
CA ILE L 133 20.65 30.44 16.97
C ILE L 133 21.47 31.45 16.18
N PRO L 134 21.55 32.71 16.63
CA PRO L 134 22.23 33.73 15.84
C PRO L 134 23.71 33.41 15.65
N LYS L 135 24.23 33.77 14.48
CA LYS L 135 25.65 33.66 14.24
C LYS L 135 26.39 34.74 15.01
N SER L 136 27.72 34.61 15.06
CA SER L 136 28.61 35.47 15.85
C SER L 136 28.39 35.24 17.34
N SER L 137 27.46 34.36 17.68
CA SER L 137 27.31 33.89 19.06
C SER L 137 28.23 32.74 19.39
N TRP L 138 28.87 32.14 18.38
CA TRP L 138 29.86 31.08 18.58
C TRP L 138 31.22 31.74 18.80
N SER L 139 31.47 32.12 20.05
CA SER L 139 32.73 32.75 20.41
C SER L 139 33.85 31.73 20.61
N SER L 140 33.51 30.55 21.09
CA SER L 140 34.58 29.52 21.20
C SER L 140 34.86 28.85 19.85
N HIS L 141 33.93 28.08 19.29
CA HIS L 141 34.10 27.43 17.99
C HIS L 141 34.15 28.53 16.93
N GLU L 142 34.59 28.25 15.70
CA GLU L 142 34.74 29.27 14.65
C GLU L 142 33.73 28.97 13.57
N ALA L 143 32.86 29.92 13.22
CA ALA L 143 31.76 29.60 12.30
C ALA L 143 32.01 30.07 10.88
N SER L 144 32.67 31.20 10.68
CA SER L 144 32.86 31.77 9.32
C SER L 144 33.73 30.89 8.41
N LEU L 145 34.78 30.27 8.92
CA LEU L 145 35.72 29.55 8.04
C LEU L 145 35.15 28.22 7.58
N GLY L 146 33.97 27.85 8.05
CA GLY L 146 33.40 26.54 7.69
C GLY L 146 32.80 26.65 6.32
N VAL L 147 33.64 26.63 5.29
CA VAL L 147 33.18 26.79 3.90
C VAL L 147 33.85 25.70 3.10
N SER L 148 33.21 25.21 2.06
CA SER L 148 33.75 24.14 1.25
C SER L 148 33.80 24.58 -0.21
N SER L 149 34.77 24.04 -0.94
CA SER L 149 34.93 24.34 -2.35
C SER L 149 33.87 23.67 -3.23
N ALA L 150 33.08 22.75 -2.67
CA ALA L 150 32.04 22.09 -3.45
C ALA L 150 30.89 23.04 -3.80
N CYS L 151 30.75 24.14 -3.05
CA CYS L 151 29.66 25.10 -3.25
C CYS L 151 30.23 26.42 -3.74
N PRO L 152 30.20 26.71 -5.03
CA PRO L 152 30.72 27.98 -5.52
C PRO L 152 29.69 29.08 -5.46
N TYR L 153 30.18 30.31 -5.27
CA TYR L 153 29.32 31.49 -5.22
C TYR L 153 30.16 32.69 -5.61
N GLN L 154 29.98 33.17 -6.84
CA GLN L 154 30.84 34.20 -7.45
C GLN L 154 32.31 33.80 -7.39
N GLY L 155 32.61 32.51 -7.53
CA GLY L 155 33.97 32.03 -7.50
C GLY L 155 34.53 31.80 -6.12
N LYS L 156 33.80 32.15 -5.06
CA LYS L 156 34.20 31.87 -3.70
C LYS L 156 33.67 30.51 -3.28
N SER L 157 34.41 29.84 -2.39
CA SER L 157 33.88 28.68 -1.70
C SER L 157 32.89 29.14 -0.63
N SER L 158 31.73 28.51 -0.60
CA SER L 158 30.66 28.95 0.29
C SER L 158 29.95 27.73 0.86
N PHE L 159 28.90 27.98 1.64
CA PHE L 159 28.14 26.92 2.29
C PHE L 159 26.66 27.26 2.29
N PHE L 160 25.85 26.41 2.94
CA PHE L 160 24.42 26.65 3.00
C PHE L 160 24.11 27.82 3.92
N ARG L 161 22.98 28.48 3.65
CA ARG L 161 22.59 29.65 4.45
C ARG L 161 22.02 29.24 5.80
N ASN L 162 21.19 28.20 5.84
CA ASN L 162 20.44 27.86 7.03
C ASN L 162 21.18 26.93 7.98
N VAL L 163 22.40 26.50 7.62
CA VAL L 163 23.24 25.72 8.53
C VAL L 163 24.63 26.35 8.54
N VAL L 164 25.34 26.16 9.64
CA VAL L 164 26.67 26.71 9.82
C VAL L 164 27.61 25.57 10.21
N TRP L 165 28.80 25.55 9.62
CA TRP L 165 29.78 24.50 9.84
C TRP L 165 30.80 25.00 10.86
N LEU L 166 30.76 24.44 12.06
CA LEU L 166 31.63 24.86 13.15
C LEU L 166 32.91 24.03 13.16
N ILE L 167 34.05 24.71 13.23
CA ILE L 167 35.35 24.07 13.31
C ILE L 167 36.11 24.66 14.48
N LYS L 168 37.25 24.04 14.80
CA LYS L 168 38.06 24.49 15.92
C LYS L 168 38.69 25.85 15.61
N LYS L 169 38.99 26.60 16.67
CA LYS L 169 39.56 27.93 16.56
C LYS L 169 40.99 27.99 17.08
N ASN L 170 41.22 27.56 18.32
CA ASN L 170 42.54 27.63 18.93
C ASN L 170 43.03 26.24 19.30
N SER L 171 42.89 25.29 18.38
CA SER L 171 43.25 23.89 18.58
C SER L 171 42.46 23.25 19.72
N THR L 172 41.30 23.81 20.05
CA THR L 172 40.43 23.25 21.07
C THR L 172 38.99 23.31 20.58
N TYR L 173 38.21 22.29 20.96
CA TYR L 173 36.80 22.18 20.58
C TYR L 173 35.99 21.93 21.85
N PRO L 174 35.73 22.98 22.63
CA PRO L 174 34.95 22.79 23.86
C PRO L 174 33.54 22.31 23.56
N THR L 175 33.02 21.46 24.45
CA THR L 175 31.67 20.94 24.29
C THR L 175 30.65 22.07 24.41
N ILE L 176 29.63 22.03 23.56
CA ILE L 176 28.59 23.05 23.52
C ILE L 176 27.30 22.46 24.05
N LYS L 177 26.58 23.26 24.84
CA LYS L 177 25.27 22.90 25.37
C LYS L 177 24.31 24.03 24.99
N ARG L 178 23.75 23.94 23.79
CA ARG L 178 22.85 24.96 23.26
C ARG L 178 21.43 24.41 23.26
N SER L 179 20.50 25.19 23.84
CA SER L 179 19.10 24.82 23.90
C SER L 179 18.25 25.98 23.43
N TYR L 180 17.22 25.68 22.64
CA TYR L 180 16.26 26.67 22.16
C TYR L 180 14.87 26.27 22.60
N ASN L 181 14.14 27.22 23.17
CA ASN L 181 12.76 27.00 23.60
C ASN L 181 11.85 27.76 22.65
N ASN L 182 10.85 27.07 22.12
CA ASN L 182 9.94 27.64 21.13
C ASN L 182 8.83 28.40 21.83
N THR L 183 8.94 29.73 21.85
CA THR L 183 7.89 30.57 22.39
C THR L 183 6.82 30.90 21.36
N ASN L 184 7.06 30.60 20.08
CA ASN L 184 6.09 30.89 19.05
C ASN L 184 4.88 29.96 19.15
N GLN L 185 3.71 30.48 18.81
CA GLN L 185 2.49 29.69 18.93
C GLN L 185 2.41 28.60 17.86
N GLU L 186 2.87 28.91 16.64
CA GLU L 186 2.77 27.95 15.56
C GLU L 186 3.91 26.94 15.64
N ASP L 187 3.71 25.81 14.96
CA ASP L 187 4.72 24.76 14.94
C ASP L 187 5.99 25.27 14.26
N LEU L 188 7.14 24.80 14.75
CA LEU L 188 8.44 25.28 14.31
C LEU L 188 9.25 24.11 13.77
N LEU L 189 9.97 24.35 12.67
CA LEU L 189 10.77 23.33 12.01
C LEU L 189 12.24 23.67 12.13
N VAL L 190 13.04 22.68 12.53
CA VAL L 190 14.49 22.84 12.63
C VAL L 190 15.15 21.73 11.82
N LEU L 191 16.41 21.97 11.46
CA LEU L 191 17.17 20.97 10.72
C LEU L 191 18.66 21.22 10.94
N TRP L 192 19.41 20.15 11.13
CA TRP L 192 20.85 20.21 11.36
C TRP L 192 21.50 19.13 10.51
N GLY L 193 22.78 18.87 10.73
CA GLY L 193 23.49 17.89 9.93
C GLY L 193 24.70 17.33 10.66
N ILE L 194 25.26 16.29 10.07
CA ILE L 194 26.43 15.60 10.60
C ILE L 194 27.46 15.53 9.49
N HIS L 195 28.72 15.81 9.83
CA HIS L 195 29.81 15.75 8.85
C HIS L 195 30.62 14.49 9.07
N HIS L 196 30.78 13.69 8.01
CA HIS L 196 31.56 12.47 8.06
C HIS L 196 32.90 12.71 7.40
N PRO L 197 34.01 12.74 8.14
CA PRO L 197 35.30 13.05 7.53
C PRO L 197 35.81 11.91 6.67
N ASN L 198 36.79 12.23 5.82
CA ASN L 198 37.36 11.21 4.91
C ASN L 198 38.18 10.21 5.72
N ASP L 199 39.04 10.72 6.61
CA ASP L 199 39.91 9.84 7.39
C ASP L 199 40.16 10.49 8.75
N ALA L 200 40.86 9.74 9.61
CA ALA L 200 41.16 10.23 10.96
C ALA L 200 42.05 11.46 10.95
N ALA L 201 42.86 11.59 9.89
CA ALA L 201 43.78 12.76 9.79
C ALA L 201 42.96 14.04 9.75
N GLU L 202 41.86 14.04 8.99
CA GLU L 202 41.01 15.25 8.87
C GLU L 202 40.28 15.48 10.20
N GLN L 203 39.81 14.41 10.84
CA GLN L 203 39.06 14.56 12.08
C GLN L 203 39.85 15.39 13.10
N THR L 204 41.15 15.11 13.22
CA THR L 204 42.00 15.88 14.16
C THR L 204 42.26 17.26 13.55
N LYS L 205 42.30 17.32 12.20
CA LYS L 205 42.61 18.59 11.50
C LYS L 205 41.50 19.62 11.73
N LEU L 206 40.24 19.22 11.70
CA LEU L 206 39.12 20.21 11.78
C LEU L 206 38.44 20.26 13.15
N TYR L 207 38.44 19.16 13.92
CA TYR L 207 37.67 19.16 15.17
C TYR L 207 38.50 18.83 16.40
N GLN L 208 39.72 18.31 16.25
CA GLN L 208 40.69 18.08 17.32
C GLN L 208 40.24 16.99 18.30
N ASN L 209 39.05 16.43 18.15
CA ASN L 209 38.57 15.38 19.04
C ASN L 209 38.59 14.04 18.32
N PRO L 210 39.36 13.06 18.78
CA PRO L 210 39.40 11.77 18.07
C PRO L 210 38.04 11.09 17.99
N THR L 211 37.30 11.04 19.10
CA THR L 211 35.97 10.47 19.14
C THR L 211 34.98 11.58 19.47
N THR L 212 33.97 11.75 18.60
CA THR L 212 33.01 12.83 18.73
C THR L 212 31.60 12.26 18.72
N TYR L 213 30.67 13.04 19.27
CA TYR L 213 29.27 12.65 19.33
C TYR L 213 28.41 13.88 19.11
N ILE L 214 27.17 13.66 18.67
CA ILE L 214 26.17 14.70 18.53
C ILE L 214 24.89 14.20 19.15
N SER L 215 24.41 14.87 20.19
CA SER L 215 23.21 14.47 20.91
C SER L 215 22.16 15.55 20.75
N VAL L 216 21.00 15.17 20.22
CA VAL L 216 19.86 16.07 20.04
C VAL L 216 18.70 15.53 20.86
N GLY L 217 18.17 16.35 21.75
CA GLY L 217 17.09 15.90 22.61
C GLY L 217 15.94 16.87 22.74
N THR L 218 14.75 16.44 22.33
CA THR L 218 13.52 17.18 22.55
C THR L 218 12.56 16.30 23.34
N SER L 219 11.30 16.75 23.45
CA SER L 219 10.33 16.03 24.25
C SER L 219 10.10 14.62 23.72
N THR L 220 10.05 14.45 22.40
CA THR L 220 9.76 13.16 21.79
C THR L 220 10.86 12.70 20.83
N LEU L 221 12.11 12.96 21.17
CA LEU L 221 13.23 12.52 20.32
C LEU L 221 14.51 12.53 21.16
N ASN L 222 15.10 11.35 21.33
CA ASN L 222 16.43 11.20 21.90
C ASN L 222 17.33 10.57 20.83
N GLN L 223 18.54 11.09 20.69
CA GLN L 223 19.36 10.68 19.56
C GLN L 223 20.84 10.93 19.83
N ARG L 224 21.62 9.86 19.78
CA ARG L 224 23.08 9.90 19.78
C ARG L 224 23.57 9.64 18.36
N LEU L 225 24.39 10.55 17.83
CA LEU L 225 24.91 10.44 16.48
C LEU L 225 26.43 10.35 16.52
N VAL L 226 26.99 9.42 15.76
CA VAL L 226 28.44 9.25 15.70
C VAL L 226 28.92 9.37 14.26
N PRO L 227 30.09 9.96 14.02
CA PRO L 227 30.61 10.06 12.65
C PRO L 227 31.12 8.70 12.16
N ARG L 228 30.78 8.38 10.92
CA ARG L 228 31.04 7.05 10.35
C ARG L 228 32.15 7.15 9.31
N ILE L 229 33.39 7.11 9.81
CA ILE L 229 34.54 7.34 8.94
C ILE L 229 34.76 6.13 8.04
N ALA L 230 34.95 6.39 6.76
CA ALA L 230 35.17 5.33 5.78
C ALA L 230 35.91 5.93 4.58
N THR L 231 36.20 5.10 3.58
CA THR L 231 36.84 5.55 2.34
C THR L 231 35.81 5.49 1.24
N ARG L 232 35.47 6.66 0.69
CA ARG L 232 34.38 6.79 -0.26
C ARG L 232 34.90 7.39 -1.56
N SER L 233 34.04 7.36 -2.58
CA SER L 233 34.38 7.93 -3.87
C SER L 233 34.16 9.44 -3.85
N LYS L 234 34.64 10.10 -4.89
CA LYS L 234 34.58 11.57 -4.91
C LYS L 234 33.49 12.07 -5.84
N VAL L 235 32.38 12.55 -5.31
CA VAL L 235 31.28 13.15 -6.03
C VAL L 235 31.25 14.63 -5.71
N ASN L 236 30.99 15.46 -6.72
CA ASN L 236 31.06 16.91 -6.64
C ASN L 236 32.44 17.40 -6.20
N GLY L 237 33.47 16.55 -6.27
CA GLY L 237 34.82 16.94 -5.92
C GLY L 237 35.19 16.79 -4.46
N GLN L 238 34.28 16.29 -3.62
CA GLN L 238 34.55 16.18 -2.19
C GLN L 238 34.23 14.77 -1.73
N SER L 239 35.19 14.13 -1.05
CA SER L 239 34.99 12.76 -0.61
C SER L 239 34.09 12.68 0.61
N GLY L 240 34.17 13.65 1.52
CA GLY L 240 33.36 13.62 2.71
C GLY L 240 31.89 13.78 2.41
N ARG L 241 31.06 13.25 3.31
CA ARG L 241 29.62 13.25 3.13
C ARG L 241 28.94 13.90 4.33
N MET L 242 27.75 14.45 4.10
CA MET L 242 26.98 15.14 5.13
C MET L 242 25.59 14.53 5.18
N GLU L 243 25.18 14.07 6.36
CA GLU L 243 23.85 13.52 6.56
C GLU L 243 23.05 14.51 7.40
N PHE L 244 22.13 15.22 6.75
CA PHE L 244 21.30 16.21 7.43
C PHE L 244 20.06 15.56 8.00
N PHE L 245 19.61 16.08 9.14
CA PHE L 245 18.42 15.60 9.83
C PHE L 245 17.41 16.73 9.96
N TRP L 246 16.22 16.38 10.44
CA TRP L 246 15.17 17.36 10.65
C TRP L 246 14.19 16.82 11.68
N THR L 247 13.47 17.74 12.32
CA THR L 247 12.40 17.38 13.24
C THR L 247 11.46 18.57 13.39
N ILE L 248 10.26 18.28 13.87
CA ILE L 248 9.21 19.29 14.04
C ILE L 248 9.14 19.64 15.51
N LEU L 249 9.26 20.92 15.83
CA LEU L 249 9.24 21.41 17.20
C LEU L 249 7.87 22.03 17.47
N LYS L 250 7.10 21.39 18.37
CA LYS L 250 5.79 21.90 18.73
C LYS L 250 5.93 23.15 19.60
N PRO L 251 4.89 23.98 19.67
CA PRO L 251 4.96 25.17 20.51
C PRO L 251 5.15 24.82 21.98
N ASN L 252 5.85 25.71 22.69
CA ASN L 252 6.17 25.53 24.11
C ASN L 252 6.95 24.23 24.34
N ASP L 253 7.84 23.92 23.42
CA ASP L 253 8.72 22.77 23.52
C ASP L 253 10.15 23.20 23.18
N ALA L 254 11.11 22.49 23.75
CA ALA L 254 12.52 22.86 23.60
C ALA L 254 13.31 21.72 22.98
N ILE L 255 14.31 22.08 22.18
CA ILE L 255 15.24 21.14 21.57
C ILE L 255 16.64 21.49 22.05
N ASN L 256 17.36 20.50 22.56
CA ASN L 256 18.68 20.69 23.15
C ASN L 256 19.74 20.05 22.29
N PHE L 257 20.75 20.84 21.91
CA PHE L 257 21.88 20.36 21.12
C PHE L 257 23.10 20.23 22.01
N GLU L 258 23.92 19.21 21.75
CA GLU L 258 25.14 19.00 22.51
C GLU L 258 26.09 18.14 21.69
N SER L 259 27.30 18.65 21.47
CA SER L 259 28.27 17.94 20.65
C SER L 259 29.66 18.43 20.98
N ASN L 260 30.66 17.65 20.58
CA ASN L 260 32.06 18.02 20.71
C ASN L 260 32.81 17.77 19.41
N GLY L 261 32.15 17.91 18.28
CA GLY L 261 32.77 17.73 16.99
C GLY L 261 31.78 17.15 15.99
N ASN L 262 32.09 17.39 14.71
CA ASN L 262 31.27 16.89 13.59
C ASN L 262 29.83 17.39 13.69
N PHE L 263 29.65 18.60 14.19
CA PHE L 263 28.33 19.17 14.40
C PHE L 263 28.06 20.27 13.37
N ILE L 264 26.80 20.37 12.94
CA ILE L 264 26.37 21.39 11.99
C ILE L 264 25.18 22.09 12.65
N ALA L 265 25.44 23.18 13.36
CA ALA L 265 24.39 23.86 14.10
C ALA L 265 23.43 24.56 13.14
N PRO L 266 22.14 24.54 13.45
CA PRO L 266 21.18 25.28 12.63
C PRO L 266 21.36 26.79 12.78
N GLU L 267 21.03 27.50 11.71
CA GLU L 267 21.15 28.96 11.65
C GLU L 267 19.82 29.67 11.56
N TYR L 268 18.94 29.24 10.66
CA TYR L 268 17.58 29.76 10.57
C TYR L 268 16.60 28.61 10.75
N ALA L 269 15.52 28.87 11.47
CA ALA L 269 14.45 27.90 11.68
C ALA L 269 13.22 28.29 10.88
N TYR L 270 12.38 27.29 10.61
CA TYR L 270 11.26 27.44 9.69
C TYR L 270 9.95 27.42 10.48
N LYS L 271 9.24 28.54 10.47
CA LYS L 271 7.90 28.59 11.07
C LYS L 271 6.89 27.96 10.13
N ILE L 272 5.82 27.43 10.73
CA ILE L 272 4.71 26.90 9.94
C ILE L 272 3.48 27.75 10.22
N VAL L 273 3.26 28.77 9.38
CA VAL L 273 2.20 29.73 9.64
C VAL L 273 0.84 29.16 9.24
N LYS L 274 0.69 28.81 7.97
CA LYS L 274 -0.58 28.35 7.42
C LYS L 274 -0.45 26.91 6.94
N LYS L 275 -1.43 26.08 7.30
CA LYS L 275 -1.49 24.70 6.84
C LYS L 275 -2.73 24.53 5.96
N GLY L 276 -2.53 24.04 4.74
CA GLY L 276 -3.62 23.85 3.79
C GLY L 276 -3.41 22.61 2.97
N ASP L 277 -3.72 22.70 1.68
CA ASP L 277 -3.55 21.60 0.75
C ASP L 277 -2.68 22.05 -0.41
N SER L 278 -1.67 21.24 -0.72
CA SER L 278 -0.76 21.54 -1.83
C SER L 278 -0.12 20.24 -2.31
N THR L 279 0.46 20.31 -3.49
CA THR L 279 1.14 19.15 -4.07
C THR L 279 2.48 19.57 -4.65
N ILE L 280 3.43 18.66 -4.60
CA ILE L 280 4.76 18.87 -5.17
C ILE L 280 4.77 18.16 -6.51
N MET L 281 4.43 18.91 -7.56
CA MET L 281 4.33 18.36 -8.90
C MET L 281 5.70 18.44 -9.60
N LYS L 282 5.90 17.51 -10.52
CA LYS L 282 7.11 17.41 -11.33
C LYS L 282 6.78 17.86 -12.75
N SER L 283 7.35 18.97 -13.17
CA SER L 283 7.14 19.44 -14.54
C SER L 283 8.26 20.40 -14.93
N GLU L 284 8.50 20.51 -16.23
CA GLU L 284 9.50 21.42 -16.77
C GLU L 284 8.88 22.70 -17.32
N LEU L 285 7.59 22.92 -17.07
CA LEU L 285 6.93 24.11 -17.58
C LEU L 285 7.35 25.34 -16.78
N GLU L 286 7.02 26.51 -17.33
CA GLU L 286 7.35 27.78 -16.72
C GLU L 286 6.08 28.58 -16.49
N TYR L 287 6.23 29.69 -15.76
CA TYR L 287 5.09 30.52 -15.43
C TYR L 287 4.48 31.14 -16.69
N GLY L 288 3.16 31.23 -16.72
CA GLY L 288 2.47 31.66 -17.91
C GLY L 288 1.60 32.89 -17.75
N ASN L 289 1.52 33.43 -16.52
CA ASN L 289 0.76 34.63 -16.22
C ASN L 289 -0.71 34.47 -16.59
N CYS L 290 -1.35 33.47 -15.97
CA CYS L 290 -2.78 33.25 -16.13
C CYS L 290 -3.36 32.92 -14.75
N ASN L 291 -4.61 32.46 -14.73
CA ASN L 291 -5.26 32.07 -13.49
C ASN L 291 -6.32 31.03 -13.81
N THR L 292 -6.09 29.79 -13.37
CA THR L 292 -6.97 28.68 -13.68
C THR L 292 -7.40 27.97 -12.41
N LYS L 293 -8.67 27.57 -12.36
CA LYS L 293 -9.20 26.86 -11.21
C LYS L 293 -8.56 25.48 -11.02
N CYS L 294 -8.11 24.85 -12.10
CA CYS L 294 -7.45 23.56 -12.04
C CYS L 294 -6.11 23.64 -12.75
N GLN L 295 -5.11 22.95 -12.22
CA GLN L 295 -3.78 22.95 -12.80
C GLN L 295 -3.24 21.53 -12.85
N THR L 296 -2.57 21.20 -13.94
CA THR L 296 -2.00 19.89 -14.20
C THR L 296 -0.54 20.03 -14.62
N PRO L 297 0.26 18.97 -14.46
CA PRO L 297 1.69 19.09 -14.81
C PRO L 297 1.93 19.43 -16.28
N MET L 298 0.96 19.21 -17.16
CA MET L 298 1.10 19.53 -18.57
C MET L 298 0.43 20.84 -18.96
N GLY L 299 -0.25 21.50 -18.03
CA GLY L 299 -0.92 22.75 -18.36
C GLY L 299 -2.00 23.06 -17.34
N ALA L 300 -3.16 23.45 -17.86
CA ALA L 300 -4.30 23.83 -17.04
C ALA L 300 -5.58 23.61 -17.84
N ILE L 301 -6.69 23.57 -17.13
CA ILE L 301 -7.99 23.25 -17.72
C ILE L 301 -8.97 24.40 -17.48
N ASN L 302 -9.52 24.93 -18.56
CA ASN L 302 -10.73 25.75 -18.58
C ASN L 302 -11.87 24.88 -19.11
N SER L 303 -12.75 24.42 -18.22
CA SER L 303 -13.96 23.75 -18.66
C SER L 303 -14.89 23.53 -17.49
N SER L 304 -16.11 23.08 -17.80
CA SER L 304 -17.06 22.59 -16.82
C SER L 304 -17.45 21.14 -17.08
N MET L 305 -16.82 20.51 -18.07
CA MET L 305 -17.10 19.11 -18.37
C MET L 305 -16.63 18.23 -17.22
N PRO L 306 -17.26 17.07 -17.02
CA PRO L 306 -16.92 16.21 -15.89
C PRO L 306 -15.80 15.19 -16.15
N PHE L 307 -15.11 15.27 -17.28
CA PHE L 307 -14.07 14.29 -17.59
C PHE L 307 -12.93 14.97 -18.34
N HIS L 308 -11.73 14.40 -18.18
CA HIS L 308 -10.55 14.85 -18.92
C HIS L 308 -9.55 13.71 -18.92
N ASN L 309 -8.61 13.78 -19.87
CA ASN L 309 -7.61 12.73 -20.04
C ASN L 309 -6.22 13.35 -20.22
N ILE L 310 -5.90 14.35 -19.40
CA ILE L 310 -4.62 15.03 -19.50
C ILE L 310 -3.61 14.40 -18.56
N HIS L 311 -3.90 14.44 -17.25
CA HIS L 311 -2.96 13.92 -16.27
C HIS L 311 -3.69 13.57 -14.99
N PRO L 312 -3.33 12.49 -14.31
CA PRO L 312 -4.06 12.14 -13.07
C PRO L 312 -3.71 13.03 -11.91
N LEU L 313 -2.46 13.47 -11.80
CA LEU L 313 -2.00 14.27 -10.66
C LEU L 313 -2.40 15.72 -10.87
N THR L 314 -3.67 16.01 -10.65
CA THR L 314 -4.22 17.34 -10.78
C THR L 314 -4.47 17.95 -9.39
N ILE L 315 -4.48 19.28 -9.34
CA ILE L 315 -4.70 20.02 -8.11
C ILE L 315 -5.83 21.02 -8.34
N GLY L 316 -6.76 21.08 -7.40
CA GLY L 316 -7.90 21.95 -7.48
C GLY L 316 -9.17 21.21 -7.87
N GLU L 317 -10.29 21.89 -7.68
CA GLU L 317 -11.61 21.32 -8.00
C GLU L 317 -11.82 21.41 -9.51
N CYS L 318 -11.76 20.27 -10.19
CA CYS L 318 -11.83 20.24 -11.64
C CYS L 318 -12.17 18.81 -12.08
N PRO L 319 -12.51 18.62 -13.35
CA PRO L 319 -12.93 17.29 -13.82
C PRO L 319 -11.97 16.17 -13.41
N LYS L 320 -12.53 14.97 -13.26
CA LYS L 320 -11.77 13.78 -12.94
C LYS L 320 -11.07 13.24 -14.17
N TYR L 321 -10.13 12.32 -13.94
CA TYR L 321 -9.28 11.79 -15.00
C TYR L 321 -9.73 10.38 -15.38
N VAL L 322 -9.97 10.18 -16.68
CA VAL L 322 -10.25 8.87 -17.24
C VAL L 322 -9.39 8.70 -18.49
N LYS L 323 -8.77 7.53 -18.63
CA LYS L 323 -7.87 7.27 -19.76
C LYS L 323 -8.68 6.76 -20.95
N SER L 324 -9.48 7.67 -21.51
CA SER L 324 -10.29 7.36 -22.68
C SER L 324 -10.10 8.44 -23.73
N ASN L 325 -10.20 8.05 -25.00
CA ASN L 325 -10.02 8.99 -26.10
C ASN L 325 -11.31 9.73 -26.41
N ARG L 326 -12.46 9.07 -26.28
CA ARG L 326 -13.74 9.62 -26.68
C ARG L 326 -14.81 9.16 -25.72
N LEU L 327 -15.61 10.11 -25.22
CA LEU L 327 -16.74 9.82 -24.33
C LEU L 327 -17.85 10.81 -24.67
N VAL L 328 -18.87 10.35 -25.37
CA VAL L 328 -19.97 11.20 -25.82
C VAL L 328 -21.29 10.59 -25.38
N LEU L 329 -22.22 11.45 -24.96
CA LEU L 329 -23.57 11.04 -24.60
C LEU L 329 -24.53 11.46 -25.70
N ALA L 330 -25.28 10.49 -26.22
CA ALA L 330 -26.24 10.77 -27.28
C ALA L 330 -27.51 11.37 -26.71
N THR L 331 -27.92 12.51 -27.25
CA THR L 331 -29.13 13.21 -26.83
C THR L 331 -30.05 13.47 -28.02
N GLY L 332 -30.13 12.52 -28.93
CA GLY L 332 -30.97 12.71 -30.10
C GLY L 332 -31.19 11.40 -30.84
N LEU L 333 -32.10 11.46 -31.81
CA LEU L 333 -32.45 10.30 -32.60
C LEU L 333 -31.36 9.97 -33.61
N ARG L 334 -31.28 8.69 -33.98
CA ARG L 334 -30.43 8.30 -35.09
C ARG L 334 -31.09 8.72 -36.40
N ASN L 335 -30.33 9.40 -37.26
CA ASN L 335 -30.87 10.03 -38.45
C ASN L 335 -30.50 9.22 -39.69
N SER L 336 -31.50 8.91 -40.50
CA SER L 336 -31.25 8.26 -41.79
C SER L 336 -30.41 9.11 -42.74
N PRO L 337 -30.68 10.42 -42.92
CA PRO L 337 -29.83 11.21 -43.83
C PRO L 337 -28.35 11.21 -43.42
C1 NAG M . -29.26 -24.47 -13.14
C2 NAG M . -29.92 -25.66 -12.41
C3 NAG M . -29.05 -26.12 -11.25
C4 NAG M . -27.63 -26.40 -11.71
C5 NAG M . -27.06 -25.18 -12.45
C6 NAG M . -25.70 -25.42 -13.04
C7 NAG M . -31.57 -24.40 -11.07
C8 NAG M . -33.02 -24.24 -10.75
N2 NAG M . -31.27 -25.34 -11.97
O3 NAG M . -29.61 -27.29 -10.67
O4 NAG M . -26.79 -26.69 -10.60
O5 NAG M . -27.94 -24.83 -13.54
O6 NAG M . -25.60 -26.72 -13.60
O7 NAG M . -30.70 -23.69 -10.54
C1 NAG M . -26.45 -28.09 -10.61
C2 NAG M . -25.17 -28.28 -9.80
C3 NAG M . -24.79 -29.75 -9.76
C4 NAG M . -25.95 -30.59 -9.25
C5 NAG M . -27.21 -30.31 -10.08
C6 NAG M . -28.44 -31.01 -9.56
C7 NAG M . -23.77 -26.27 -9.88
C8 NAG M . -22.62 -25.58 -10.55
N2 NAG M . -24.08 -27.48 -10.33
O3 NAG M . -23.66 -29.92 -8.90
O4 NAG M . -25.64 -31.97 -9.34
O5 NAG M . -27.50 -28.91 -10.06
O6 NAG M . -28.49 -30.98 -8.13
O7 NAG M . -24.38 -25.73 -8.96
C1 NAG N . 37.78 4.04 -12.45
C2 NAG N . 37.66 5.43 -11.82
C3 NAG N . 37.31 6.46 -12.88
C4 NAG N . 38.29 6.39 -14.04
C5 NAG N . 38.33 4.97 -14.59
C6 NAG N . 39.35 4.78 -15.69
C7 NAG N . 36.81 6.18 -9.65
C8 NAG N . 35.70 6.08 -8.65
N2 NAG N . 36.68 5.43 -10.75
O3 NAG N . 37.34 7.76 -12.29
O4 NAG N . 37.90 7.25 -15.12
O5 NAG N . 38.71 4.07 -13.53
O6 NAG N . 40.54 4.18 -15.20
O7 NAG N . 37.78 6.92 -9.48
C1 NAG N . 38.44 8.59 -15.04
C2 NAG N . 39.85 8.70 -15.64
C3 NAG N . 40.29 10.17 -15.68
C4 NAG N . 39.26 11.01 -16.42
C5 NAG N . 37.90 10.84 -15.75
C6 NAG N . 36.79 11.59 -16.47
C7 NAG N . 41.76 7.16 -15.49
C8 NAG N . 41.77 7.15 -16.98
N2 NAG N . 40.82 7.91 -14.90
O3 NAG N . 41.56 10.28 -16.32
O4 NAG N . 39.64 12.38 -16.41
O5 NAG N . 37.53 9.46 -15.75
O6 NAG N . 36.70 11.19 -17.82
O7 NAG N . 42.56 6.50 -14.83
C1 BMA N . 40.06 12.77 -17.73
C2 BMA N . 40.55 14.24 -17.68
C3 BMA N . 41.19 14.62 -19.01
C4 BMA N . 42.22 13.58 -19.49
C5 BMA N . 41.54 12.20 -19.53
C6 BMA N . 42.50 11.09 -19.95
O2 BMA N . 41.55 14.39 -16.69
O3 BMA N . 41.82 15.91 -18.94
O4 BMA N . 42.71 13.91 -20.77
O5 BMA N . 41.07 11.89 -18.21
O6 BMA N . 43.38 10.82 -18.87
C1 NAG O . -2.21 -25.49 -28.49
C2 NAG O . -3.33 -24.75 -29.23
C3 NAG O . -3.37 -25.14 -30.70
C4 NAG O . -1.99 -25.00 -31.33
C5 NAG O . -0.93 -25.72 -30.49
C6 NAG O . 0.47 -25.53 -31.01
C7 NAG O . -5.22 -26.15 -28.46
C8 NAG O . -6.56 -26.14 -27.77
N2 NAG O . -4.63 -24.96 -28.60
O3 NAG O . -4.29 -24.28 -31.35
O4 NAG O . -1.98 -25.49 -32.66
O5 NAG O . -0.96 -25.23 -29.14
O6 NAG O . 1.38 -26.40 -30.36
O7 NAG O . -4.70 -27.19 -28.86
C1 NAG O . -2.88 -26.61 -32.87
C2 NAG O . -3.44 -26.54 -34.31
C3 NAG O . -4.33 -27.75 -34.60
C4 NAG O . -3.56 -29.04 -34.30
C5 NAG O . -3.03 -29.01 -32.87
C6 NAG O . -2.19 -30.21 -32.53
C7 NAG O . -5.32 -24.97 -33.93
C8 NAG O . -5.91 -23.66 -34.32
N2 NAG O . -4.18 -25.31 -34.54
O3 NAG O . -4.74 -27.73 -35.96
O4 NAG O . -4.42 -30.17 -34.46
O5 NAG O . -2.20 -27.86 -32.69
O6 NAG O . -1.26 -30.51 -33.56
O7 NAG O . -5.86 -25.69 -33.08
C1 BMA O . -4.08 -30.82 -35.70
C2 BMA O . -4.36 -32.33 -35.56
C3 BMA O . -4.15 -33.03 -36.90
C4 BMA O . -4.89 -32.30 -38.04
C5 BMA O . -4.49 -30.82 -38.06
C6 BMA O . -5.23 -30.03 -39.13
O2 BMA O . -5.71 -32.56 -35.18
O3 BMA O . -4.56 -34.40 -36.85
O4 BMA O . -4.57 -32.90 -39.29
O5 BMA O . -4.82 -30.26 -36.78
O6 BMA O . -4.62 -28.74 -39.23
C1 NAG P . -37.80 13.21 -4.89
C2 NAG P . -38.37 14.61 -4.62
C3 NAG P . -37.42 15.41 -3.72
C4 NAG P . -37.10 14.63 -2.45
C5 NAG P . -36.58 13.24 -2.81
C6 NAG P . -36.34 12.37 -1.60
C7 NAG P . -37.71 15.68 -6.75
C8 NAG P . -38.21 16.42 -7.95
N2 NAG P . -38.64 15.33 -5.86
O3 NAG P . -38.03 16.65 -3.39
O4 NAG P . -36.12 15.32 -1.70
O5 NAG P . -37.53 12.56 -3.64
O6 NAG P . -37.38 12.54 -0.64
O7 NAG P . -36.52 15.41 -6.60
C1 NAG P . -36.72 15.86 -0.50
C2 NAG P . -35.63 16.10 0.53
C3 NAG P . -36.21 16.71 1.80
C4 NAG P . -37.01 17.97 1.46
C5 NAG P . -38.05 17.67 0.37
C6 NAG P . -38.78 18.91 -0.09
C7 NAG P . -33.79 14.50 0.24
C8 NAG P . -33.21 13.18 0.68
N2 NAG P . -34.93 14.86 0.84
O3 NAG P . -35.17 17.03 2.71
O4 NAG P . -37.67 18.46 2.62
O5 NAG P . -37.41 17.10 -0.78
O6 NAG P . -37.90 20.01 -0.23
O7 NAG P . -33.25 15.19 -0.62
C1 NAG Q . 14.94 -26.37 26.07
C2 NAG Q . 16.06 -26.53 25.03
C3 NAG Q . 15.79 -27.73 24.13
C4 NAG Q . 15.55 -28.98 24.96
C5 NAG Q . 14.44 -28.71 25.98
C6 NAG Q . 14.18 -29.88 26.91
C7 NAG Q . 17.39 -24.88 23.79
C8 NAG Q . 17.35 -23.62 22.99
N2 NAG Q . 16.20 -25.32 24.24
O3 NAG Q . 16.89 -27.91 23.26
O4 NAG Q . 15.15 -30.08 24.16
O5 NAG Q . 14.79 -27.59 26.80
O6 NAG Q . 14.80 -29.67 28.17
O7 NAG Q . 18.43 -25.48 24.01
C1 NAG Q . 16.24 -30.90 23.66
C2 NAG Q . 16.70 -31.97 24.67
C3 NAG Q . 17.73 -32.89 24.02
C4 NAG Q . 17.18 -33.48 22.74
C5 NAG Q . 16.77 -32.35 21.80
C6 NAG Q . 16.14 -32.84 20.52
C7 NAG Q . 16.95 -31.82 27.11
C8 NAG Q . 16.02 -33.00 27.20
N2 NAG Q . 17.23 -31.38 25.88
O3 NAG Q . 18.08 -33.93 24.93
O4 NAG Q . 18.16 -34.29 22.10
O5 NAG Q . 15.79 -31.52 22.45
O6 NAG Q . 15.01 -33.67 20.77
O7 NAG Q . 17.42 -31.29 28.12
C1 BMA Q . 17.77 -35.68 22.22
C2 BMA Q . 18.90 -36.55 21.62
C3 BMA Q . 18.63 -38.04 21.90
C4 BMA Q . 18.31 -38.28 23.38
C5 BMA Q . 17.14 -37.37 23.80
C6 BMA Q . 16.77 -37.54 25.26
O2 BMA Q . 20.15 -36.24 22.21
O3 BMA Q . 19.73 -38.85 21.51
O4 BMA Q . 17.95 -39.64 23.58
O5 BMA Q . 17.53 -36.01 23.59
O6 BMA Q . 17.77 -36.90 26.05
C1 NAG R . -33.33 -8.76 16.71
C2 NAG R . -33.98 -9.26 15.41
C3 NAG R . -35.15 -10.19 15.71
C4 NAG R . -34.70 -11.29 16.68
C5 NAG R . -34.02 -10.69 17.91
C6 NAG R . -33.47 -11.74 18.85
C7 NAG R . -35.31 -7.23 14.89
C8 NAG R . -35.59 -6.19 13.87
N2 NAG R . -34.41 -8.16 14.55
O3 NAG R . -35.56 -10.77 14.48
O4 NAG R . -35.82 -12.10 17.08
O5 NAG R . -32.91 -9.88 17.49
O6 NAG R . -33.06 -11.16 20.08
O7 NAG R . -35.86 -7.23 15.99
C1 NAG R . -37.06 -11.37 17.16
C2 NAG R . -38.22 -12.29 16.76
C3 NAG R . -39.56 -11.57 16.93
C4 NAG R . -39.69 -11.01 18.34
C5 NAG R . -38.48 -10.11 18.64
C6 NAG R . -38.49 -9.58 20.06
C7 NAG R . -38.12 -12.04 14.30
C8 NAG R . -37.95 -12.76 13.00
N2 NAG R . -38.08 -12.80 15.41
O3 NAG R . -40.62 -12.48 16.66
O4 NAG R . -40.89 -10.24 18.46
O5 NAG R . -37.27 -10.87 18.48
O6 NAG R . -38.81 -10.60 21.00
O7 NAG R . -38.29 -10.81 14.35
C1 BMA R . -41.84 -11.02 19.20
C2 BMA R . -42.75 -10.05 20.00
C3 BMA R . -43.87 -10.83 20.68
C4 BMA R . -44.58 -11.78 19.69
C5 BMA R . -43.54 -12.69 19.02
C6 BMA R . -44.16 -13.63 17.99
O2 BMA R . -43.37 -9.11 19.12
O3 BMA R . -44.83 -9.97 21.28
O4 BMA R . -45.52 -12.59 20.39
O5 BMA R . -42.60 -11.85 18.33
O6 BMA R . -43.17 -14.57 17.59
C1 NAG S . -16.13 4.40 -36.72
C2 NAG S . -15.49 4.13 -38.08
C3 NAG S . -13.96 4.06 -37.95
C4 NAG S . -13.43 5.31 -37.25
C5 NAG S . -14.15 5.51 -35.93
C6 NAG S . -13.76 6.79 -35.23
C7 NAG S . -15.86 1.68 -38.20
C8 NAG S . -16.47 0.57 -39.00
N2 NAG S . -16.01 2.91 -38.71
O3 NAG S . -13.39 3.94 -39.25
O4 NAG S . -12.04 5.17 -37.02
O5 NAG S . -15.57 5.58 -36.14
O6 NAG S . -13.62 7.86 -36.16
O7 NAG S . -15.27 1.46 -37.15
C1 NAG S . -11.32 6.07 -37.89
C2 NAG S . -9.95 6.34 -37.28
C3 NAG S . -9.12 7.25 -38.19
C4 NAG S . -9.06 6.67 -39.60
C5 NAG S . -10.47 6.38 -40.12
C6 NAG S . -10.47 5.70 -41.46
C7 NAG S . -10.03 6.19 -34.83
C8 NAG S . -10.18 6.95 -33.55
N2 NAG S . -10.07 6.92 -35.95
O3 NAG S . -7.82 7.40 -37.66
O4 NAG S . -8.42 7.59 -40.47
O5 NAG S . -11.17 5.52 -39.21
O6 NAG S . -9.46 4.70 -41.54
O7 NAG S . -9.89 4.96 -34.85
C1 NAG T . 9.62 27.49 27.40
C2 NAG T . 9.50 26.32 28.37
C3 NAG T . 8.11 26.32 29.02
C4 NAG T . 7.80 27.67 29.63
C5 NAG T . 7.98 28.76 28.58
C6 NAG T . 7.77 30.16 29.12
C7 NAG T . 10.36 24.03 28.33
C8 NAG T . 10.55 22.79 27.51
N2 NAG T . 9.75 25.06 27.72
O3 NAG T . 8.07 25.30 30.01
O4 NAG T . 6.46 27.75 30.11
O5 NAG T . 9.31 28.71 28.06
O6 NAG T . 9.01 30.80 29.39
O7 NAG T . 10.73 24.09 29.50
C1 NAG T . 6.29 27.34 31.48
C2 NAG T . 6.56 28.47 32.50
C3 NAG T . 6.20 28.02 33.90
C4 NAG T . 4.76 27.51 33.96
C5 NAG T . 4.59 26.39 32.95
C6 NAG T . 3.17 25.88 32.87
C7 NAG T . 8.31 30.20 32.46
C8 NAG T . 7.20 31.21 32.55
N2 NAG T . 7.94 28.91 32.44
O3 NAG T . 6.37 29.10 34.82
O4 NAG T . 4.44 27.05 35.26
O5 NAG T . 4.93 26.87 31.63
O6 NAG T . 2.26 26.93 32.55
O7 NAG T . 9.49 30.54 32.42
C1 BMA T . 3.53 27.98 35.88
C2 BMA T . 3.27 27.50 37.34
C3 BMA T . 2.48 28.55 38.11
C4 BMA T . 3.09 29.95 37.95
C5 BMA T . 3.22 30.29 36.46
C6 BMA T . 3.85 31.65 36.22
O2 BMA T . 4.50 27.32 38.03
O3 BMA T . 2.37 28.23 39.48
O4 BMA T . 2.26 30.91 38.58
O5 BMA T . 4.07 29.30 35.86
O6 BMA T . 5.24 31.56 36.50
C1 NAG U . -12.52 30.29 -19.82
C2 NAG U . -13.96 29.78 -19.92
C3 NAG U . -14.93 30.92 -20.18
C4 NAG U . -14.70 32.05 -19.16
C5 NAG U . -13.22 32.44 -19.11
C6 NAG U . -12.92 33.47 -18.06
C7 NAG U . -13.86 28.89 -22.23
C8 NAG U . -14.08 27.68 -23.09
N2 NAG U . -14.12 28.74 -20.92
O3 NAG U . -16.25 30.42 -20.04
O4 NAG U . -15.50 33.18 -19.47
O5 NAG U . -12.43 31.29 -18.80
O6 NAG U . -11.60 33.99 -18.19
O7 NAG U . -13.48 29.96 -22.69
C1 NAG U . -15.71 33.37 -20.89
C2 NAG U . -17.11 33.97 -21.13
C3 NAG U . -17.33 34.27 -22.61
C4 NAG U . -16.20 35.13 -23.15
C5 NAG U . -14.86 34.47 -22.86
C6 NAG U . -13.68 35.31 -23.29
C7 NAG U . -18.46 31.90 -21.10
C8 NAG U . -19.58 31.17 -20.42
N2 NAG U . -18.17 33.11 -20.61
O3 NAG U . -18.58 34.93 -22.79
O4 NAG U . -16.35 35.31 -24.55
O5 NAG U . -14.72 34.24 -21.45
O6 NAG U . -13.83 36.67 -22.89
O7 NAG U . -17.84 31.39 -22.03
C1 BMA U . -16.83 36.65 -24.79
C2 BMA U . -16.29 37.15 -26.15
C3 BMA U . -16.90 38.50 -26.49
C4 BMA U . -18.44 38.48 -26.34
C5 BMA U . -18.81 37.99 -24.94
C6 BMA U . -20.31 37.90 -24.72
O2 BMA U . -16.65 36.25 -27.19
O3 BMA U . -16.56 38.91 -27.81
O4 BMA U . -18.97 39.78 -26.54
O5 BMA U . -18.26 36.68 -24.76
O6 BMA U . -20.56 37.66 -23.33
C1 NAG V . 46.42 17.09 -2.54
C2 NAG V . 44.99 16.64 -2.34
C3 NAG V . 44.09 17.85 -2.12
C4 NAG V . 44.62 18.58 -0.90
C5 NAG V . 46.03 19.04 -1.20
C6 NAG V . 46.59 19.83 -0.04
C7 NAG V . 43.28 15.62 -3.76
C8 NAG V . 42.83 15.98 -5.14
N2 NAG V . 44.56 15.86 -3.49
O1 NAG V . 47.27 15.94 -2.64
O3 NAG V . 42.72 17.48 -1.91
O4 NAG V . 43.77 19.68 -0.60
O5 NAG V . 46.87 17.90 -1.45
O6 NAG V . 46.70 18.97 1.10
O7 NAG V . 42.52 15.15 -2.92
C1 GAL V . 42.77 19.40 0.40
C2 GAL V . 41.66 20.41 0.10
C3 GAL V . 40.39 20.11 0.87
C4 GAL V . 40.01 18.66 0.75
C5 GAL V . 41.14 17.86 1.30
C6 GAL V . 40.76 16.39 1.38
O2 GAL V . 42.10 21.71 0.48
O3 GAL V . 39.31 20.84 0.30
O4 GAL V . 39.83 18.35 -0.63
O5 GAL V . 42.23 18.07 0.41
O6 GAL V . 39.88 16.08 0.29
C1 SIA V . 37.32 21.91 0.38
C2 SIA V . 38.46 21.50 1.29
C3 SIA V . 38.92 22.78 1.98
C4 SIA V . 37.87 23.30 2.93
C5 SIA V . 37.49 22.18 3.88
C6 SIA V . 36.89 21.05 3.07
C7 SIA V . 36.46 19.91 3.99
C8 SIA V . 36.22 18.62 3.22
C9 SIA V . 35.70 17.49 4.08
C10 SIA V . 37.04 23.23 6.03
C11 SIA V . 36.21 23.04 7.27
N5 SIA V . 36.60 22.64 4.93
O1A SIA V . 37.52 22.80 -0.40
O1B SIA V . 36.28 21.33 0.40
O4 SIA V . 38.37 24.43 3.65
O6 SIA V . 37.94 20.54 2.23
O7 SIA V . 37.48 19.71 4.95
O8 SIA V . 35.29 18.87 2.20
O9 SIA V . 36.40 16.28 3.81
O10 SIA V . 38.07 23.89 6.03
C1 NAG W . 16.62 19.31 42.48
C2 NAG W . 16.17 18.59 41.22
C3 NAG W . 15.38 17.34 41.59
C4 NAG W . 16.29 16.47 42.43
C5 NAG W . 16.65 17.24 43.68
C6 NAG W . 17.51 16.38 44.59
C7 NAG W . 14.58 19.08 39.43
C8 NAG W . 13.17 19.56 39.49
N2 NAG W . 15.39 19.50 40.39
O1 NAG W . 17.46 20.41 42.11
O3 NAG W . 14.93 16.62 40.44
O4 NAG W . 15.62 15.25 42.74
O5 NAG W . 17.35 18.43 43.34
O6 NAG W . 18.76 16.11 43.94
O7 NAG W . 14.97 18.33 38.54
C1 GAL W . 15.94 14.16 41.85
C2 GAL W . 14.72 13.25 41.95
C3 GAL W . 14.72 12.16 40.88
C4 GAL W . 14.99 12.74 39.53
C5 GAL W . 16.32 13.41 39.59
C6 GAL W . 16.75 13.86 38.20
O2 GAL W . 14.73 12.60 43.22
O3 GAL W . 13.42 11.58 40.82
O4 GAL W . 13.99 13.72 39.23
O5 GAL W . 16.16 14.51 40.48
O6 GAL W . 15.58 14.25 37.46
C1 SIA W . 11.99 9.88 40.39
C2 SIA W . 13.44 10.11 40.75
C3 SIA W . 13.72 9.29 41.99
C4 SIA W . 13.65 7.81 41.70
C5 SIA W . 14.59 7.51 40.54
C6 SIA W . 14.10 8.27 39.31
C7 SIA W . 14.98 7.99 38.13
C8 SIA W . 14.79 9.00 37.00
C9 SIA W . 15.58 8.69 35.76
C10 SIA W . 15.53 5.31 40.97
C11 SIA W . 16.08 4.12 40.25
N5 SIA W . 14.71 6.09 40.28
O1A SIA W . 11.17 10.07 41.25
O1B SIA W . 11.67 9.55 39.29
O4 SIA W . 14.02 7.06 42.84
O6 SIA W . 14.23 9.67 39.62
O7 SIA W . 16.34 8.02 38.56
O8 SIA W . 13.43 9.03 36.66
O9 SIA W . 16.23 9.85 35.26
O10 SIA W . 15.84 5.57 42.12
C1 NAG X . 33.14 -28.46 23.34
C2 NAG X . 32.23 -27.51 22.57
C3 NAG X . 32.56 -27.59 21.09
C4 NAG X . 34.02 -27.20 20.94
C5 NAG X . 34.86 -28.22 21.71
C6 NAG X . 36.34 -27.91 21.53
C7 NAG X . 29.85 -27.44 22.04
C8 NAG X . 28.94 -28.52 21.53
N2 NAG X . 30.84 -27.85 22.84
O1 NAG X . 32.88 -28.32 24.74
O3 NAG X . 31.75 -26.72 20.30
O4 NAG X . 34.37 -27.19 19.56
O5 NAG X . 34.52 -28.17 23.09
O6 NAG X . 36.64 -26.65 22.13
O7 NAG X . 29.69 -26.28 21.75
C1 GAL X . 34.31 -25.87 18.95
C2 GAL X . 34.07 -26.18 17.47
C3 GAL X . 33.70 -24.93 16.68
C4 GAL X . 32.61 -24.17 17.36
C5 GAL X . 33.12 -23.78 18.73
C6 GAL X . 32.14 -22.85 19.41
O2 GAL X . 35.27 -26.70 16.91
O3 GAL X . 33.18 -25.33 15.42
O4 GAL X . 31.47 -25.01 17.51
O5 GAL X . 33.26 -25.01 19.43
O6 GAL X . 30.81 -23.20 19.01
C1 SIA X . 32.75 -25.01 13.22
C2 SIA X . 33.69 -24.55 14.30
C3 SIA X . 35.10 -24.81 13.76
C4 SIA X . 35.41 -23.93 12.57
C5 SIA X . 35.18 -22.48 12.99
C6 SIA X . 33.71 -22.32 13.34
C7 SIA X . 33.41 -20.89 13.74
C8 SIA X . 32.08 -20.75 14.45
C9 SIA X . 31.71 -19.32 14.77
C10 SIA X . 36.87 -21.15 11.86
C11 SIA X . 37.09 -19.78 11.30
N5 SIA X . 35.61 -21.55 11.97
O1A SIA X . 32.87 -26.13 12.82
O1B SIA X . 31.87 -24.30 12.83
O4 SIA X . 36.77 -24.12 12.18
O6 SIA X . 33.47 -23.14 14.49
O7 SIA X . 34.46 -20.43 14.59
O8 SIA X . 31.06 -21.31 13.64
O9 SIA X . 31.23 -19.21 16.11
O10 SIA X . 37.80 -21.88 12.19
C1 NAG Y . -31.93 -33.79 -31.82
C2 NAG Y . -32.47 -34.36 -33.13
C3 NAG Y . -33.60 -35.36 -32.85
C4 NAG Y . -33.13 -36.43 -31.88
C5 NAG Y . -32.55 -35.78 -30.62
C6 NAG Y . -31.95 -36.79 -29.67
C7 NAG Y . -32.32 -32.95 -35.14
C8 NAG Y . -32.95 -31.83 -35.92
N2 NAG Y . -32.95 -33.29 -34.01
O3 NAG Y . -34.02 -35.95 -34.07
O4 NAG Y . -34.22 -37.27 -31.52
O5 NAG Y . -31.50 -34.87 -30.98
O6 NAG Y . -32.79 -37.92 -29.51
O7 NAG Y . -31.31 -33.53 -35.52
C1 NAG Z . 55.33 -15.30 12.43
C2 NAG Z . 55.96 -16.44 11.63
C3 NAG Z . 57.32 -16.82 12.22
C4 NAG Z . 58.21 -15.60 12.35
C5 NAG Z . 57.49 -14.51 13.13
C6 NAG Z . 58.27 -13.21 13.19
C7 NAG Z . 54.98 -18.38 10.50
C8 NAG Z . 54.01 -19.53 10.62
N2 NAG Z . 55.08 -17.59 11.58
O3 NAG Z . 57.94 -17.79 11.38
O4 NAG Z . 59.42 -15.95 13.02
O5 NAG Z . 56.24 -14.20 12.50
O6 NAG Z . 57.73 -12.32 14.16
O7 NAG Z . 55.62 -18.18 9.48
C1 NAG AA . -36.20 -9.60 -54.62
C2 NAG AA . -36.84 -9.79 -55.99
C3 NAG AA . -36.19 -8.84 -56.98
C4 NAG AA . -36.21 -7.40 -56.46
C5 NAG AA . -35.73 -7.31 -55.00
C6 NAG AA . -35.95 -5.95 -54.39
C7 NAG AA . -37.57 -11.69 -57.34
C8 NAG AA . -37.33 -13.12 -57.71
N2 NAG AA . -36.74 -11.17 -56.44
O3 NAG AA . -36.85 -8.91 -58.24
O4 NAG AA . -35.37 -6.59 -57.26
O5 NAG AA . -36.42 -8.26 -54.18
O6 NAG AA . -35.49 -4.92 -55.23
O7 NAG AA . -38.50 -11.05 -57.84
C1 NAG BA . 28.62 -7.02 -32.61
C2 NAG BA . 28.45 -6.03 -31.44
C3 NAG BA . 27.20 -5.19 -31.64
C4 NAG BA . 27.15 -4.57 -33.04
C5 NAG BA . 27.36 -5.66 -34.08
C6 NAG BA . 27.40 -5.14 -35.51
C7 NAG BA . 29.26 -6.70 -29.21
C8 NAG BA . 28.98 -7.54 -27.99
N2 NAG BA . 28.36 -6.76 -30.19
O3 NAG BA . 27.14 -4.17 -30.65
O4 NAG BA . 25.88 -3.98 -33.27
O5 NAG BA . 28.61 -6.30 -33.84
O6 NAG BA . 28.27 -5.91 -36.33
O7 NAG BA . 30.27 -6.01 -29.29
C1 NAG CA . -59.18 -23.71 -17.91
C2 NAG CA . -60.50 -24.42 -18.20
C3 NAG CA . -60.22 -25.92 -18.30
C4 NAG CA . -59.11 -26.21 -19.30
C5 NAG CA . -57.88 -25.31 -19.06
C6 NAG CA . -56.86 -25.42 -20.17
C7 NAG CA . -62.81 -24.26 -17.41
C8 NAG CA . -63.71 -23.94 -16.25
N2 NAG CA . -61.50 -24.15 -17.18
O3 NAG CA . -61.42 -26.62 -18.67
O4 NAG CA . -58.70 -27.57 -19.17
O5 NAG CA . -58.28 -23.94 -18.99
O6 NAG CA . -56.55 -26.77 -20.47
O7 NAG CA . -63.25 -24.60 -18.51
C1 NAG DA . -56.58 20.76 -27.45
C2 NAG DA . -57.87 21.40 -27.94
C3 NAG DA . -58.63 21.96 -26.73
C4 NAG DA . -58.81 20.89 -25.66
C5 NAG DA . -57.50 20.15 -25.36
C6 NAG DA . -57.69 18.95 -24.47
C7 NAG DA . -58.53 22.83 -29.81
C8 NAG DA . -58.13 23.93 -30.75
N2 NAG DA . -57.62 22.45 -28.92
O3 NAG DA . -59.90 22.48 -27.14
O4 NAG DA . -59.27 21.50 -24.46
O5 NAG DA . -56.89 19.69 -26.57
O6 NAG DA . -58.47 19.26 -23.33
O7 NAG DA . -59.66 22.33 -29.86
C1 NAG EA . -8.83 -33.05 27.59
C2 NAG EA . -7.65 -32.56 26.75
C3 NAG EA . -7.97 -32.65 25.26
C4 NAG EA . -8.52 -34.03 24.89
C5 NAG EA . -9.68 -34.39 25.82
C6 NAG EA . -10.26 -35.77 25.57
C7 NAG EA . -6.18 -30.82 27.69
C8 NAG EA . -6.04 -29.35 27.97
N2 NAG EA . -7.32 -31.19 27.11
O3 NAG EA . -6.80 -32.36 24.49
O4 NAG EA . -9.03 -34.00 23.56
O5 NAG EA . -9.22 -34.37 27.17
O6 NAG EA . -10.73 -36.36 26.77
O7 NAG EA . -5.30 -31.62 27.99
C1 NAG FA . -6.06 41.21 14.05
C2 NAG FA . -5.66 39.84 14.65
C3 NAG FA . -6.82 38.86 14.54
C4 NAG FA . -8.13 39.47 15.06
C5 NAG FA . -8.37 40.81 14.39
C6 NAG FA . -9.61 41.52 14.90
C7 NAG FA . -3.30 39.14 14.53
C8 NAG FA . -2.23 38.59 13.65
N2 NAG FA . -4.49 39.32 13.96
O3 NAG FA . -6.51 37.66 15.25
O4 NAG FA . -9.22 38.61 14.73
O5 NAG FA . -7.26 41.67 14.66
O6 NAG FA . -9.46 42.94 14.88
O7 NAG FA . -3.09 39.43 15.71
C1 NAG GA . -56.17 4.30 0.24
C2 NAG GA . -57.60 3.77 0.28
C3 NAG GA . -58.59 4.91 0.09
C4 NAG GA . -58.33 6.02 1.10
C5 NAG GA . -56.87 6.46 1.05
C6 NAG GA . -56.51 7.46 2.11
C7 NAG GA . -57.99 1.46 -0.45
C8 NAG GA . -58.19 0.54 -1.62
N2 NAG GA . -57.81 2.75 -0.74
O3 NAG GA . -59.92 4.42 0.24
O4 NAG GA . -59.17 7.14 0.83
O5 NAG GA . -56.01 5.32 1.24
O6 NAG GA . -57.50 8.47 2.23
O7 NAG GA . -58.00 1.04 0.70
C1 NAG HA . 29.19 -4.30 50.81
C2 NAG HA . 28.38 -4.62 52.07
C3 NAG HA . 29.27 -4.50 53.31
C4 NAG HA . 30.52 -5.35 53.15
C5 NAG HA . 31.24 -5.00 51.85
C6 NAG HA . 32.42 -5.88 51.57
C7 NAG HA . 26.05 -4.16 52.68
C8 NAG HA . 24.96 -3.12 52.72
N2 NAG HA . 27.22 -3.75 52.18
O3 NAG HA . 28.54 -4.91 54.45
O4 NAG HA . 31.40 -5.12 54.25
O5 NAG HA . 30.34 -5.15 50.74
O6 NAG HA . 33.23 -5.37 50.53
O7 NAG HA . 25.87 -5.30 53.08
C1 NAG IA . -27.87 19.91 -44.73
C2 NAG IA . -28.92 20.76 -45.44
C3 NAG IA . -28.94 20.44 -46.93
C4 NAG IA . -27.54 20.59 -47.52
C5 NAG IA . -26.54 19.76 -46.71
C6 NAG IA . -25.12 19.94 -47.17
C7 NAG IA . -30.89 21.49 -44.15
C8 NAG IA . -32.24 21.10 -43.64
N2 NAG IA . -30.25 20.55 -44.87
O3 NAG IA . -29.84 21.31 -47.60
O4 NAG IA . -27.54 20.14 -48.88
O5 NAG IA . -26.59 20.12 -45.33
O6 NAG IA . -25.01 19.94 -48.59
O7 NAG IA . -30.40 22.60 -43.95
C1 NAG JA . 45.21 30.32 22.12
C2 NAG JA . 45.38 31.78 21.66
C3 NAG JA . 46.70 32.33 22.19
C4 NAG JA . 46.81 32.15 23.69
C5 NAG JA . 46.58 30.68 24.06
C6 NAG JA . 46.55 30.44 25.54
C7 NAG JA . 44.76 32.92 19.59
C8 NAG JA . 44.77 32.88 18.08
N2 NAG JA . 45.31 31.88 20.22
O3 NAG JA . 46.80 33.72 21.85
O4 NAG JA . 48.10 32.54 24.14
O5 NAG JA . 45.31 30.24 23.54
O6 NAG JA . 46.63 29.06 25.85
O7 NAG JA . 44.27 33.87 20.20
#